data_9JGI
#
_entry.id   9JGI
#
_entity_poly.entity_id   1
_entity_poly.type   'polypeptide(L)'
_entity_poly.pdbx_seq_one_letter_code
;MKTVIQDTADVYFKRKSDGKLVFTAEAQTASFSQAISEEKLRGGIGNKPLYILKSEKEINLTVKNAFFDLEWLAMTQGET
IQEETKVKVFDREHGLIVDDTNKVTLKGKPVSDVTFYNKKGLTYKIAVSTDGTYTIPTAFAAAKDKLTAVYQIEKVGRRL
AIKASKFSERYEVEYRTIAYNPDTEEVYSDIYIQFPNVSPSGEFEMSLENGNALAPEIKFEALADTDTDEMAVVIEASRD
ENTAAPVEDTTGSTQSSDLGGTTEHHHHHH
;
_entity_poly.pdbx_strand_id   A,B,C,D,E,F,G,H,I,J,K,L,M,N,O
#
# COMPACT_ATOMS: atom_id res chain seq x y z
N MET A 1 5.37 -58.24 12.53
CA MET A 1 5.44 -58.92 11.25
C MET A 1 4.26 -58.53 10.38
N LYS A 2 4.36 -58.80 9.08
CA LYS A 2 3.27 -58.48 8.16
C LYS A 2 2.11 -59.45 8.36
N THR A 3 0.90 -58.91 8.48
CA THR A 3 -0.30 -59.70 8.70
C THR A 3 -1.41 -59.19 7.79
N VAL A 4 -2.43 -60.03 7.60
CA VAL A 4 -3.54 -59.72 6.70
C VAL A 4 -4.81 -59.53 7.50
N ILE A 5 -5.56 -58.48 7.17
CA ILE A 5 -6.79 -58.14 7.87
C ILE A 5 -7.95 -58.18 6.88
N GLN A 6 -9.02 -58.88 7.25
CA GLN A 6 -10.21 -58.95 6.42
C GLN A 6 -11.51 -58.62 7.15
N ASP A 7 -11.56 -58.74 8.47
CA ASP A 7 -12.78 -58.49 9.22
C ASP A 7 -12.84 -57.02 9.63
N THR A 8 -13.78 -56.69 10.50
CA THR A 8 -14.02 -55.30 10.90
C THR A 8 -14.73 -55.30 12.25
N ALA A 9 -15.31 -54.15 12.61
CA ALA A 9 -16.28 -54.04 13.68
C ALA A 9 -15.69 -54.28 15.06
N ASP A 10 -16.51 -54.79 15.98
CA ASP A 10 -16.18 -54.88 17.40
C ASP A 10 -15.84 -53.51 17.96
N VAL A 11 -16.82 -52.61 17.89
CA VAL A 11 -16.65 -51.22 18.30
C VAL A 11 -17.36 -51.02 19.64
N TYR A 12 -16.65 -50.42 20.59
CA TYR A 12 -17.16 -50.18 21.93
C TYR A 12 -17.10 -48.69 22.25
N PHE A 13 -18.22 -48.15 22.74
CA PHE A 13 -18.32 -46.78 23.24
C PHE A 13 -18.60 -46.82 24.72
N LYS A 14 -17.96 -45.94 25.48
CA LYS A 14 -18.20 -45.82 26.91
C LYS A 14 -18.36 -44.37 27.29
N ARG A 15 -19.37 -44.07 28.09
CA ARG A 15 -19.64 -42.70 28.51
C ARG A 15 -18.72 -42.32 29.66
N LYS A 16 -18.36 -41.03 29.71
CA LYS A 16 -17.44 -40.57 30.76
C LYS A 16 -18.19 -40.18 32.02
N SER A 17 -19.36 -39.55 31.89
CA SER A 17 -20.10 -39.10 33.07
C SER A 17 -20.61 -40.29 33.88
N ASP A 18 -21.40 -41.15 33.26
CA ASP A 18 -21.89 -42.37 33.87
C ASP A 18 -21.34 -43.58 33.11
N GLY A 19 -21.44 -44.75 33.73
CA GLY A 19 -20.96 -45.95 33.12
C GLY A 19 -21.99 -46.62 32.24
N LYS A 20 -21.93 -46.39 30.94
CA LYS A 20 -22.84 -46.98 29.97
C LYS A 20 -22.04 -47.46 28.78
N LEU A 21 -21.93 -48.78 28.64
CA LEU A 21 -21.15 -49.40 27.57
C LEU A 21 -22.12 -49.90 26.52
N VAL A 22 -22.07 -49.31 25.33
CA VAL A 22 -23.11 -49.49 24.34
C VAL A 22 -22.59 -50.33 23.17
N PHE A 23 -23.50 -51.12 22.61
CA PHE A 23 -23.30 -51.90 21.38
C PHE A 23 -21.98 -52.67 21.39
N THR A 24 -21.93 -53.66 22.27
CA THR A 24 -21.00 -54.76 22.10
C THR A 24 -21.46 -55.64 20.93
N ALA A 25 -21.37 -55.08 19.73
CA ALA A 25 -22.12 -55.55 18.57
C ALA A 25 -21.20 -55.74 17.38
N GLU A 26 -21.77 -56.27 16.30
CA GLU A 26 -21.08 -56.45 15.02
C GLU A 26 -21.61 -55.40 14.04
N ALA A 27 -20.71 -54.57 13.52
CA ALA A 27 -21.06 -53.46 12.66
C ALA A 27 -20.62 -53.74 11.22
N GLN A 28 -20.85 -52.75 10.36
CA GLN A 28 -20.45 -52.84 8.95
C GLN A 28 -19.14 -52.11 8.68
N THR A 29 -19.07 -50.82 9.00
CA THR A 29 -17.85 -50.06 8.77
C THR A 29 -17.45 -49.31 10.04
N ALA A 30 -16.14 -49.20 10.24
CA ALA A 30 -15.60 -48.45 11.38
C ALA A 30 -14.24 -47.91 10.95
N SER A 31 -14.21 -46.63 10.59
CA SER A 31 -13.02 -46.00 10.04
C SER A 31 -12.35 -45.11 11.08
N PHE A 32 -11.21 -44.54 10.68
CA PHE A 32 -10.39 -43.71 11.57
C PHE A 32 -9.47 -42.89 10.69
N SER A 33 -9.56 -41.56 10.80
CA SER A 33 -8.89 -40.66 9.88
C SER A 33 -7.89 -39.77 10.62
N GLN A 34 -7.17 -38.95 9.84
CA GLN A 34 -6.20 -38.02 10.37
C GLN A 34 -5.97 -36.93 9.34
N ALA A 35 -5.89 -35.68 9.81
CA ALA A 35 -5.69 -34.55 8.92
C ALA A 35 -4.68 -33.59 9.54
N ILE A 36 -3.81 -33.03 8.68
CA ILE A 36 -2.79 -32.09 9.11
C ILE A 36 -2.71 -30.98 8.07
N SER A 37 -2.67 -29.73 8.52
CA SER A 37 -2.56 -28.59 7.63
C SER A 37 -1.09 -28.34 7.32
N GLU A 38 -0.71 -28.51 6.05
CA GLU A 38 0.67 -28.35 5.62
C GLU A 38 0.77 -27.24 4.59
N GLU A 39 1.70 -26.31 4.81
CA GLU A 39 2.02 -25.27 3.84
C GLU A 39 3.53 -25.28 3.61
N LYS A 40 3.93 -24.78 2.45
CA LYS A 40 5.30 -24.90 1.97
C LYS A 40 5.99 -23.55 2.00
N LEU A 41 7.23 -23.55 2.50
CA LEU A 41 8.07 -22.37 2.51
C LEU A 41 9.00 -22.44 1.30
N ARG A 42 9.02 -21.38 0.50
CA ARG A 42 9.75 -21.38 -0.76
C ARG A 42 10.65 -20.15 -0.84
N GLY A 43 11.76 -20.30 -1.55
CA GLY A 43 12.69 -19.21 -1.75
C GLY A 43 13.74 -19.58 -2.77
N GLY A 44 14.50 -18.58 -3.18
CA GLY A 44 15.58 -18.76 -4.12
C GLY A 44 15.13 -18.65 -5.55
N ILE A 45 16.05 -18.98 -6.46
CA ILE A 45 15.77 -18.97 -7.88
C ILE A 45 14.86 -20.15 -8.21
N GLY A 46 13.72 -19.85 -8.85
CA GLY A 46 12.76 -20.86 -9.22
C GLY A 46 11.73 -21.18 -8.17
N ASN A 47 11.79 -20.55 -7.00
CA ASN A 47 10.86 -20.78 -5.90
C ASN A 47 10.84 -22.26 -5.50
N LYS A 48 12.03 -22.73 -5.10
CA LYS A 48 12.20 -24.13 -4.80
C LYS A 48 11.54 -24.49 -3.47
N PRO A 49 10.94 -25.67 -3.35
CA PRO A 49 10.43 -26.12 -2.05
C PRO A 49 11.58 -26.51 -1.13
N LEU A 50 11.54 -26.01 0.10
CA LEU A 50 12.63 -26.26 1.03
C LEU A 50 12.22 -26.59 2.45
N TYR A 51 10.96 -26.38 2.85
CA TYR A 51 10.51 -26.74 4.19
C TYR A 51 9.00 -26.87 4.17
N ILE A 52 8.47 -27.68 5.08
CA ILE A 52 7.04 -27.91 5.22
C ILE A 52 6.62 -27.45 6.61
N LEU A 53 5.66 -26.53 6.67
CA LEU A 53 5.14 -26.03 7.92
C LEU A 53 3.89 -26.82 8.28
N LYS A 54 3.91 -27.51 9.42
CA LYS A 54 2.85 -28.42 9.82
C LYS A 54 2.26 -28.00 11.15
N SER A 55 0.94 -28.08 11.25
CA SER A 55 0.22 -27.81 12.48
C SER A 55 -1.21 -28.32 12.33
N GLU A 56 -2.00 -28.16 13.39
CA GLU A 56 -3.44 -28.46 13.37
C GLU A 56 -3.70 -29.92 13.00
N LYS A 57 -3.24 -30.79 13.89
CA LYS A 57 -3.41 -32.24 13.72
C LYS A 57 -4.75 -32.65 14.31
N GLU A 58 -5.61 -33.25 13.48
CA GLU A 58 -6.95 -33.64 13.88
C GLU A 58 -7.22 -35.10 13.53
N ILE A 59 -8.14 -35.72 14.27
CA ILE A 59 -8.51 -37.11 14.08
C ILE A 59 -10.03 -37.23 14.18
N ASN A 60 -10.63 -37.94 13.22
CA ASN A 60 -12.08 -38.14 13.20
C ASN A 60 -12.39 -39.63 13.26
N LEU A 61 -13.67 -39.93 13.45
CA LEU A 61 -14.15 -41.31 13.61
C LEU A 61 -15.47 -41.47 12.88
N THR A 62 -15.66 -42.65 12.28
CA THR A 62 -16.85 -42.93 11.50
C THR A 62 -17.31 -44.36 11.79
N VAL A 63 -18.60 -44.54 12.08
CA VAL A 63 -19.17 -45.84 12.36
C VAL A 63 -20.47 -45.98 11.60
N LYS A 64 -20.65 -47.13 10.94
CA LYS A 64 -21.85 -47.45 10.18
C LYS A 64 -22.27 -48.86 10.53
N ASN A 65 -23.48 -48.99 11.09
CA ASN A 65 -24.03 -50.24 11.58
C ASN A 65 -24.80 -50.95 10.47
N ALA A 66 -25.55 -51.98 10.86
CA ALA A 66 -26.37 -52.75 9.93
C ALA A 66 -27.85 -52.68 10.24
N PHE A 67 -28.24 -52.01 11.32
CA PHE A 67 -29.64 -51.86 11.69
C PHE A 67 -29.88 -50.41 12.12
N PHE A 68 -31.15 -49.99 12.01
CA PHE A 68 -31.55 -48.64 12.36
C PHE A 68 -32.13 -48.62 13.76
N ASP A 69 -31.54 -47.82 14.64
CA ASP A 69 -32.00 -47.69 16.02
C ASP A 69 -31.99 -46.22 16.40
N LEU A 70 -33.08 -45.77 17.05
CA LEU A 70 -33.14 -44.40 17.50
C LEU A 70 -32.19 -44.11 18.65
N GLU A 71 -31.67 -45.15 19.32
CA GLU A 71 -30.68 -44.94 20.36
C GLU A 71 -29.35 -44.46 19.79
N TRP A 72 -29.15 -44.59 18.47
CA TRP A 72 -27.94 -44.15 17.81
C TRP A 72 -28.10 -42.78 17.16
N LEU A 73 -29.33 -42.29 17.02
CA LEU A 73 -29.53 -40.90 16.64
C LEU A 73 -29.33 -39.99 17.83
N ALA A 74 -29.49 -40.51 19.05
CA ALA A 74 -29.37 -39.70 20.25
C ALA A 74 -27.93 -39.37 20.62
N MET A 75 -26.95 -40.02 19.99
CA MET A 75 -25.55 -39.73 20.26
C MET A 75 -24.98 -38.70 19.32
N THR A 76 -25.77 -38.14 18.41
CA THR A 76 -25.32 -37.09 17.51
C THR A 76 -25.92 -35.73 17.86
N GLN A 77 -27.23 -35.66 18.06
CA GLN A 77 -27.88 -34.50 18.65
C GLN A 77 -28.27 -34.86 20.08
N GLY A 78 -27.90 -34.00 21.02
CA GLY A 78 -28.33 -34.24 22.39
C GLY A 78 -29.77 -33.79 22.57
N GLU A 79 -30.69 -34.76 22.62
CA GLU A 79 -32.11 -34.46 22.73
C GLU A 79 -32.80 -35.77 23.08
N THR A 80 -33.55 -35.78 24.17
CA THR A 80 -34.09 -37.04 24.68
C THR A 80 -35.31 -37.49 23.88
N ILE A 81 -35.45 -38.79 23.73
CA ILE A 81 -36.54 -39.36 22.94
C ILE A 81 -37.85 -39.10 23.67
N GLN A 82 -38.68 -38.21 23.12
CA GLN A 82 -39.97 -37.88 23.70
C GLN A 82 -40.93 -39.02 23.39
N GLU A 83 -40.90 -40.05 24.24
CA GLU A 83 -41.67 -41.25 24.00
C GLU A 83 -43.17 -40.98 24.16
N GLU A 84 -43.96 -41.68 23.35
CA GLU A 84 -45.42 -41.64 23.40
C GLU A 84 -45.94 -40.21 23.25
N THR A 85 -45.66 -39.65 22.08
CA THR A 85 -46.13 -38.32 21.71
C THR A 85 -47.04 -38.44 20.49
N LYS A 86 -48.27 -37.96 20.62
CA LYS A 86 -49.21 -38.01 19.51
C LYS A 86 -48.74 -37.08 18.39
N VAL A 87 -48.75 -37.59 17.16
CA VAL A 87 -48.16 -36.89 16.03
C VAL A 87 -49.16 -36.84 14.88
N LYS A 88 -48.95 -35.88 14.00
CA LYS A 88 -49.80 -35.64 12.83
C LYS A 88 -49.07 -36.14 11.58
N VAL A 89 -49.65 -37.12 10.90
CA VAL A 89 -49.03 -37.73 9.74
C VAL A 89 -50.04 -37.74 8.59
N PHE A 90 -49.60 -38.29 7.46
CA PHE A 90 -50.37 -38.30 6.23
C PHE A 90 -50.89 -39.70 5.94
N ASP A 91 -51.91 -39.77 5.10
CA ASP A 91 -52.42 -41.06 4.63
C ASP A 91 -53.21 -40.86 3.35
N ARG A 92 -53.00 -41.76 2.40
CA ARG A 92 -53.72 -41.79 1.14
C ARG A 92 -54.49 -43.10 1.00
N GLU A 93 -55.57 -43.04 0.22
CA GLU A 93 -56.35 -44.22 -0.09
C GLU A 93 -56.66 -44.24 -1.57
N HIS A 94 -56.65 -45.43 -2.14
CA HIS A 94 -56.81 -45.64 -3.57
C HIS A 94 -58.05 -46.50 -3.83
N GLY A 95 -58.42 -46.60 -5.10
CA GLY A 95 -59.52 -47.47 -5.49
C GLY A 95 -60.90 -47.00 -5.10
N LEU A 96 -61.15 -45.69 -5.17
CA LEU A 96 -62.48 -45.16 -4.93
C LEU A 96 -63.25 -45.09 -6.25
N ILE A 97 -64.49 -45.55 -6.22
CA ILE A 97 -65.33 -45.67 -7.41
C ILE A 97 -66.51 -44.72 -7.27
N VAL A 98 -66.76 -43.93 -8.33
CA VAL A 98 -67.88 -43.00 -8.33
C VAL A 98 -69.17 -43.77 -8.58
N ASP A 99 -70.20 -43.43 -7.82
CA ASP A 99 -71.52 -44.03 -7.97
C ASP A 99 -72.36 -43.20 -8.94
N ASP A 100 -73.66 -43.50 -9.01
CA ASP A 100 -74.57 -42.79 -9.89
C ASP A 100 -75.27 -41.62 -9.21
N THR A 101 -74.91 -41.30 -7.96
CA THR A 101 -75.51 -40.18 -7.25
C THR A 101 -74.46 -39.17 -6.77
N ASN A 102 -73.27 -39.19 -7.38
CA ASN A 102 -72.19 -38.25 -7.05
C ASN A 102 -71.86 -38.30 -5.55
N LYS A 103 -71.70 -39.51 -5.03
CA LYS A 103 -71.42 -39.73 -3.62
C LYS A 103 -70.20 -40.61 -3.46
N VAL A 104 -69.28 -40.20 -2.59
CA VAL A 104 -68.09 -40.96 -2.26
C VAL A 104 -68.03 -41.11 -0.74
N THR A 105 -67.87 -42.35 -0.27
CA THR A 105 -67.86 -42.66 1.15
C THR A 105 -66.45 -42.98 1.58
N LEU A 106 -66.00 -42.35 2.67
CA LEU A 106 -64.66 -42.56 3.21
C LEU A 106 -64.76 -43.41 4.47
N LYS A 107 -63.94 -44.46 4.53
CA LYS A 107 -63.91 -45.35 5.68
C LYS A 107 -62.89 -44.94 6.73
N GLY A 108 -62.10 -43.90 6.48
CA GLY A 108 -61.06 -43.46 7.39
C GLY A 108 -61.56 -42.47 8.42
N LYS A 109 -60.60 -41.78 9.04
CA LYS A 109 -60.86 -40.78 10.07
C LYS A 109 -60.13 -39.50 9.70
N PRO A 110 -60.65 -38.74 8.74
CA PRO A 110 -59.99 -37.48 8.36
C PRO A 110 -60.01 -36.47 9.48
N VAL A 111 -58.97 -35.64 9.53
CA VAL A 111 -58.85 -34.60 10.55
C VAL A 111 -58.50 -33.28 9.89
N SER A 112 -58.21 -33.31 8.60
CA SER A 112 -57.87 -32.10 7.87
C SER A 112 -58.60 -32.06 6.53
N ASP A 113 -58.33 -31.05 5.72
CA ASP A 113 -58.94 -30.96 4.39
C ASP A 113 -58.43 -32.10 3.52
N VAL A 114 -59.34 -32.70 2.74
CA VAL A 114 -59.01 -33.84 1.91
C VAL A 114 -58.80 -33.36 0.47
N THR A 115 -57.92 -34.06 -0.24
CA THR A 115 -57.60 -33.77 -1.63
C THR A 115 -57.90 -34.99 -2.47
N PHE A 116 -58.66 -34.80 -3.55
CA PHE A 116 -59.05 -35.86 -4.46
C PHE A 116 -58.32 -35.69 -5.78
N TYR A 117 -57.75 -36.79 -6.27
CA TYR A 117 -57.08 -36.85 -7.56
C TYR A 117 -57.82 -37.81 -8.47
N ASN A 118 -58.07 -37.35 -9.70
CA ASN A 118 -58.76 -38.13 -10.72
C ASN A 118 -57.73 -38.90 -11.57
N LYS A 119 -58.20 -39.44 -12.69
CA LYS A 119 -57.34 -40.20 -13.59
C LYS A 119 -56.54 -39.33 -14.55
N LYS A 120 -56.91 -38.05 -14.70
CA LYS A 120 -56.26 -37.18 -15.67
C LYS A 120 -55.33 -36.15 -15.05
N GLY A 121 -55.57 -35.75 -13.81
CA GLY A 121 -54.73 -34.74 -13.18
C GLY A 121 -55.48 -33.53 -12.68
N LEU A 122 -56.77 -33.70 -12.38
CA LEU A 122 -57.57 -32.65 -11.76
C LEU A 122 -57.57 -32.85 -10.25
N THR A 123 -57.27 -31.78 -9.52
CA THR A 123 -57.17 -31.81 -8.07
C THR A 123 -58.37 -31.09 -7.46
N TYR A 124 -59.10 -31.79 -6.59
CA TYR A 124 -60.28 -31.24 -5.94
C TYR A 124 -60.05 -31.21 -4.44
N LYS A 125 -59.94 -30.02 -3.86
CA LYS A 125 -59.71 -29.86 -2.44
C LYS A 125 -61.02 -29.53 -1.75
N ILE A 126 -61.43 -30.37 -0.81
CA ILE A 126 -62.69 -30.17 -0.10
C ILE A 126 -62.47 -30.38 1.39
N ALA A 127 -63.38 -29.81 2.18
CA ALA A 127 -63.29 -29.87 3.63
C ALA A 127 -63.74 -31.24 4.14
N VAL A 128 -63.58 -31.43 5.45
CA VAL A 128 -63.93 -32.69 6.08
C VAL A 128 -65.44 -32.84 6.10
N SER A 129 -65.93 -34.00 5.66
CA SER A 129 -67.35 -34.32 5.68
C SER A 129 -67.63 -35.24 6.86
N THR A 130 -68.45 -34.76 7.80
CA THR A 130 -68.73 -35.53 9.01
C THR A 130 -69.79 -36.60 8.81
N ASP A 131 -70.52 -36.57 7.68
CA ASP A 131 -71.55 -37.55 7.41
C ASP A 131 -71.01 -38.83 6.79
N GLY A 132 -69.72 -38.90 6.51
CA GLY A 132 -69.14 -40.07 5.88
C GLY A 132 -69.40 -40.16 4.39
N THR A 133 -70.00 -39.13 3.79
CA THR A 133 -70.29 -39.12 2.36
C THR A 133 -69.85 -37.79 1.77
N TYR A 134 -69.33 -37.82 0.55
CA TYR A 134 -68.80 -36.65 -0.12
C TYR A 134 -69.54 -36.40 -1.42
N THR A 135 -69.85 -35.12 -1.68
CA THR A 135 -70.50 -34.73 -2.92
C THR A 135 -69.47 -34.55 -4.02
N ILE A 136 -69.76 -35.11 -5.19
CA ILE A 136 -68.84 -35.12 -6.33
C ILE A 136 -69.27 -34.02 -7.29
N PRO A 137 -68.43 -33.03 -7.57
CA PRO A 137 -68.77 -32.03 -8.58
C PRO A 137 -68.85 -32.64 -9.96
N THR A 138 -69.71 -32.04 -10.80
CA THR A 138 -69.95 -32.57 -12.14
C THR A 138 -68.71 -32.49 -13.02
N ALA A 139 -67.97 -31.39 -12.94
CA ALA A 139 -66.83 -31.17 -13.83
C ALA A 139 -65.60 -31.99 -13.44
N PHE A 140 -65.58 -32.58 -12.24
CA PHE A 140 -64.40 -33.32 -11.82
C PHE A 140 -64.20 -34.58 -12.65
N ALA A 141 -65.23 -35.40 -12.79
CA ALA A 141 -65.13 -36.67 -13.49
C ALA A 141 -66.54 -37.15 -13.83
N ALA A 142 -66.63 -38.40 -14.28
CA ALA A 142 -67.89 -39.04 -14.62
C ALA A 142 -68.09 -40.26 -13.72
N ALA A 143 -69.15 -41.01 -13.99
CA ALA A 143 -69.48 -42.16 -13.17
C ALA A 143 -68.54 -43.33 -13.46
N LYS A 144 -68.45 -44.24 -12.48
CA LYS A 144 -67.68 -45.48 -12.61
C LYS A 144 -66.20 -45.20 -12.92
N ASP A 145 -65.62 -44.27 -12.18
CA ASP A 145 -64.22 -43.91 -12.34
C ASP A 145 -63.40 -44.48 -11.17
N LYS A 146 -62.10 -44.18 -11.16
CA LYS A 146 -61.23 -44.52 -10.04
C LYS A 146 -60.62 -43.22 -9.51
N LEU A 147 -60.79 -42.97 -8.23
CA LEU A 147 -60.35 -41.73 -7.60
C LEU A 147 -59.45 -42.05 -6.41
N THR A 148 -58.53 -41.13 -6.12
CA THR A 148 -57.64 -41.28 -4.99
C THR A 148 -57.83 -40.12 -4.02
N ALA A 149 -57.71 -40.41 -2.72
CA ALA A 149 -57.91 -39.42 -1.69
C ALA A 149 -56.67 -39.31 -0.81
N VAL A 150 -56.37 -38.10 -0.35
CA VAL A 150 -55.23 -37.85 0.53
C VAL A 150 -55.67 -36.94 1.66
N TYR A 151 -55.29 -37.29 2.89
CA TYR A 151 -55.69 -36.52 4.05
C TYR A 151 -54.69 -36.74 5.19
N GLN A 152 -54.93 -36.06 6.30
CA GLN A 152 -54.08 -36.16 7.47
C GLN A 152 -54.77 -36.98 8.56
N ILE A 153 -53.97 -37.69 9.36
CA ILE A 153 -54.45 -38.43 10.50
C ILE A 153 -53.50 -38.18 11.68
N GLU A 154 -53.87 -38.73 12.83
CA GLU A 154 -53.05 -38.69 14.03
C GLU A 154 -52.64 -40.10 14.42
N LYS A 155 -51.46 -40.22 14.99
CA LYS A 155 -50.92 -41.52 15.39
C LYS A 155 -50.13 -41.37 16.68
N VAL A 156 -49.77 -42.49 17.28
CA VAL A 156 -49.07 -42.52 18.56
C VAL A 156 -47.77 -43.28 18.39
N GLY A 157 -46.69 -42.71 18.92
CA GLY A 157 -45.39 -43.35 18.83
C GLY A 157 -44.32 -42.45 19.40
N ARG A 158 -43.07 -42.85 19.16
CA ARG A 158 -41.92 -42.11 19.64
C ARG A 158 -41.62 -40.93 18.73
N ARG A 159 -40.80 -40.01 19.24
CA ARG A 159 -40.49 -38.78 18.53
C ARG A 159 -39.14 -38.26 18.99
N LEU A 160 -38.29 -37.89 18.04
CA LEU A 160 -37.02 -37.25 18.30
C LEU A 160 -36.96 -35.94 17.53
N ALA A 161 -36.47 -34.91 18.18
CA ALA A 161 -36.41 -33.57 17.60
C ALA A 161 -34.97 -33.19 17.30
N ILE A 162 -34.75 -32.57 16.15
CA ILE A 162 -33.43 -32.11 15.74
C ILE A 162 -33.41 -30.60 15.92
N LYS A 163 -32.53 -30.12 16.80
CA LYS A 163 -32.37 -28.71 17.09
C LYS A 163 -30.98 -28.26 16.63
N ALA A 164 -30.65 -27.01 16.94
CA ALA A 164 -29.35 -26.44 16.59
C ALA A 164 -28.68 -25.86 17.83
N SER A 165 -28.67 -26.61 18.93
CA SER A 165 -28.18 -26.10 20.20
C SER A 165 -27.44 -27.17 20.97
N LYS A 166 -26.15 -26.92 21.22
CA LYS A 166 -25.36 -27.59 22.26
C LYS A 166 -25.02 -29.05 21.95
N PHE A 167 -23.82 -29.45 22.40
CA PHE A 167 -23.43 -30.86 22.46
C PHE A 167 -22.29 -30.95 23.46
N SER A 168 -22.53 -31.56 24.62
CA SER A 168 -21.58 -31.52 25.72
C SER A 168 -21.45 -32.89 26.37
N GLU A 169 -21.32 -33.93 25.56
CA GLU A 169 -21.25 -35.30 26.07
C GLU A 169 -19.97 -35.93 25.54
N ARG A 170 -19.30 -36.73 26.36
CA ARG A 170 -17.99 -37.26 26.01
C ARG A 170 -17.97 -38.78 26.15
N TYR A 171 -17.14 -39.42 25.33
CA TYR A 171 -17.02 -40.88 25.31
C TYR A 171 -15.56 -41.28 25.15
N GLU A 172 -15.31 -42.58 25.36
CA GLU A 172 -14.07 -43.24 25.00
C GLU A 172 -14.40 -44.43 24.12
N VAL A 173 -13.63 -44.61 23.03
CA VAL A 173 -13.98 -45.58 22.01
C VAL A 173 -12.85 -46.59 21.84
N GLU A 174 -13.22 -47.80 21.47
CA GLU A 174 -12.25 -48.86 21.20
C GLU A 174 -12.69 -49.71 20.03
N TYR A 175 -11.75 -50.06 19.16
CA TYR A 175 -11.98 -50.95 18.04
C TYR A 175 -11.15 -52.21 18.23
N ARG A 176 -11.74 -53.37 17.91
CA ARG A 176 -11.05 -54.65 17.99
C ARG A 176 -11.17 -55.36 16.65
N THR A 177 -10.04 -55.85 16.12
CA THR A 177 -10.03 -56.58 14.86
C THR A 177 -9.02 -57.71 14.93
N ILE A 178 -9.03 -58.55 13.90
CA ILE A 178 -8.26 -59.80 13.86
C ILE A 178 -7.37 -59.77 12.63
N ALA A 179 -6.10 -60.16 12.82
CA ALA A 179 -5.14 -60.25 11.73
C ALA A 179 -4.53 -61.65 11.67
N TYR A 180 -4.49 -62.22 10.47
CA TYR A 180 -3.96 -63.54 10.22
C TYR A 180 -2.51 -63.48 9.75
N ASN A 181 -1.78 -64.55 10.05
CA ASN A 181 -0.45 -64.78 9.52
C ASN A 181 -0.55 -65.15 8.04
N PRO A 182 0.28 -64.57 7.17
CA PRO A 182 0.11 -64.81 5.73
C PRO A 182 0.51 -66.22 5.29
N ASP A 183 1.54 -66.78 5.91
CA ASP A 183 2.03 -68.08 5.48
C ASP A 183 1.18 -69.24 5.94
N THR A 184 0.33 -69.05 6.96
CA THR A 184 -0.50 -70.13 7.48
C THR A 184 -1.99 -69.88 7.35
N GLU A 185 -2.42 -68.65 7.12
CA GLU A 185 -3.84 -68.29 7.08
C GLU A 185 -4.55 -68.73 8.36
N GLU A 186 -3.88 -68.55 9.49
CA GLU A 186 -4.43 -68.80 10.81
C GLU A 186 -4.33 -67.54 11.64
N VAL A 187 -5.15 -67.47 12.68
CA VAL A 187 -5.27 -66.25 13.49
C VAL A 187 -3.96 -66.01 14.22
N TYR A 188 -3.46 -64.78 14.11
CA TYR A 188 -2.19 -64.41 14.73
C TYR A 188 -2.34 -63.30 15.76
N SER A 189 -2.97 -62.18 15.40
CA SER A 189 -2.95 -60.99 16.25
C SER A 189 -4.34 -60.42 16.43
N ASP A 190 -4.55 -59.82 17.59
CA ASP A 190 -5.73 -59.01 17.89
C ASP A 190 -5.28 -57.56 17.98
N ILE A 191 -5.91 -56.70 17.18
CA ILE A 191 -5.51 -55.30 17.07
C ILE A 191 -6.57 -54.45 17.74
N TYR A 192 -6.17 -53.65 18.71
CA TYR A 192 -7.06 -52.75 19.44
C TYR A 192 -6.63 -51.31 19.18
N ILE A 193 -7.58 -50.49 18.72
CA ILE A 193 -7.33 -49.08 18.50
C ILE A 193 -8.21 -48.30 19.49
N GLN A 194 -7.58 -47.59 20.41
CA GLN A 194 -8.30 -46.93 21.49
C GLN A 194 -8.18 -45.41 21.36
N PHE A 195 -9.32 -44.73 21.35
CA PHE A 195 -9.37 -43.28 21.34
C PHE A 195 -9.96 -42.78 22.65
N PRO A 196 -9.20 -42.09 23.48
CA PRO A 196 -9.77 -41.43 24.66
C PRO A 196 -10.16 -39.99 24.37
N ASN A 197 -11.17 -39.53 25.11
CA ASN A 197 -11.68 -38.16 25.02
C ASN A 197 -12.17 -37.82 23.61
N VAL A 198 -13.22 -38.52 23.18
CA VAL A 198 -13.85 -38.27 21.90
C VAL A 198 -15.08 -37.38 22.15
N SER A 199 -15.54 -36.73 21.09
CA SER A 199 -16.68 -35.83 21.18
C SER A 199 -17.56 -36.00 19.94
N PRO A 200 -18.88 -36.14 20.11
CA PRO A 200 -19.75 -36.30 18.95
C PRO A 200 -19.96 -35.00 18.20
N SER A 201 -19.93 -35.10 16.87
CA SER A 201 -20.23 -33.99 15.99
C SER A 201 -21.39 -34.37 15.06
N GLY A 202 -22.05 -33.35 14.52
CA GLY A 202 -23.19 -33.58 13.66
C GLY A 202 -22.86 -33.61 12.18
N GLU A 203 -22.73 -34.80 11.62
CA GLU A 203 -22.50 -34.98 10.19
C GLU A 203 -23.37 -36.13 9.68
N PHE A 204 -24.62 -36.15 10.11
CA PHE A 204 -25.53 -37.23 9.75
C PHE A 204 -25.85 -37.23 8.27
N GLU A 205 -26.08 -38.43 7.73
CA GLU A 205 -26.50 -38.58 6.34
C GLU A 205 -27.12 -39.96 6.17
N MET A 206 -28.39 -40.01 5.79
CA MET A 206 -29.06 -41.27 5.47
C MET A 206 -29.88 -41.11 4.22
N SER A 207 -29.61 -41.94 3.22
CA SER A 207 -30.30 -41.90 1.93
C SER A 207 -31.14 -43.16 1.81
N LEU A 208 -32.46 -42.98 1.69
CA LEU A 208 -33.38 -44.09 1.53
C LEU A 208 -33.51 -44.38 0.03
N GLU A 209 -32.87 -45.45 -0.43
CA GLU A 209 -32.88 -45.84 -1.82
C GLU A 209 -33.69 -47.12 -1.99
N ASN A 210 -34.12 -47.36 -3.23
CA ASN A 210 -34.98 -48.50 -3.53
C ASN A 210 -34.15 -49.77 -3.63
N GLY A 211 -34.55 -50.80 -2.87
CA GLY A 211 -33.88 -52.07 -2.93
C GLY A 211 -32.56 -52.15 -2.21
N ASN A 212 -32.19 -51.13 -1.45
CA ASN A 212 -30.93 -51.10 -0.74
C ASN A 212 -31.18 -50.89 0.75
N ALA A 213 -30.64 -51.79 1.56
CA ALA A 213 -30.66 -51.60 3.01
C ALA A 213 -29.66 -50.53 3.40
N LEU A 214 -30.10 -49.57 4.20
CA LEU A 214 -29.25 -48.43 4.50
C LEU A 214 -28.20 -48.81 5.52
N ALA A 215 -27.21 -47.95 5.67
CA ALA A 215 -26.24 -48.04 6.74
C ALA A 215 -26.21 -46.69 7.45
N PRO A 216 -26.86 -46.57 8.61
CA PRO A 216 -26.81 -45.30 9.35
C PRO A 216 -25.37 -44.90 9.66
N GLU A 217 -25.08 -43.63 9.43
CA GLU A 217 -23.71 -43.12 9.49
C GLU A 217 -23.59 -42.18 10.69
N ILE A 218 -22.59 -42.42 11.54
CA ILE A 218 -22.40 -41.65 12.76
C ILE A 218 -20.93 -41.24 12.86
N LYS A 219 -20.68 -39.96 13.13
CA LYS A 219 -19.34 -39.39 13.12
C LYS A 219 -18.98 -38.83 14.49
N PHE A 220 -17.68 -38.86 14.79
CA PHE A 220 -17.12 -38.34 16.03
C PHE A 220 -15.80 -37.66 15.73
N GLU A 221 -15.28 -36.90 16.70
CA GLU A 221 -14.00 -36.23 16.56
C GLU A 221 -13.19 -36.45 17.83
N ALA A 222 -11.95 -36.91 17.68
CA ALA A 222 -11.10 -37.17 18.82
C ALA A 222 -10.38 -35.89 19.24
N LEU A 223 -10.14 -35.77 20.54
CA LEU A 223 -9.50 -34.59 21.10
C LEU A 223 -8.35 -35.02 22.00
N ALA A 224 -7.41 -34.10 22.19
CA ALA A 224 -6.21 -34.40 22.97
C ALA A 224 -6.55 -34.64 24.44
N ASP A 225 -5.84 -35.59 25.04
CA ASP A 225 -6.03 -35.90 26.45
C ASP A 225 -5.44 -34.79 27.32
N THR A 226 -6.00 -34.65 28.52
CA THR A 226 -5.59 -33.57 29.41
C THR A 226 -4.22 -33.81 30.01
N ASP A 227 -3.95 -35.04 30.47
CA ASP A 227 -2.73 -35.33 31.20
C ASP A 227 -1.69 -36.09 30.40
N THR A 228 -2.10 -36.83 29.36
CA THR A 228 -1.17 -37.64 28.59
C THR A 228 -0.85 -37.07 27.21
N ASP A 229 -1.66 -36.12 26.71
CA ASP A 229 -1.44 -35.51 25.40
C ASP A 229 -1.37 -36.55 24.29
N GLU A 230 -2.27 -37.53 24.36
CA GLU A 230 -2.37 -38.59 23.37
C GLU A 230 -3.75 -38.58 22.74
N MET A 231 -3.79 -38.74 21.42
CA MET A 231 -5.04 -38.72 20.67
C MET A 231 -5.57 -40.12 20.39
N ALA A 232 -4.73 -41.01 19.87
CA ALA A 232 -5.12 -42.39 19.61
C ALA A 232 -3.96 -43.31 19.97
N VAL A 233 -4.30 -44.53 20.40
CA VAL A 233 -3.30 -45.54 20.73
C VAL A 233 -3.59 -46.78 19.91
N VAL A 234 -2.56 -47.32 19.25
CA VAL A 234 -2.67 -48.53 18.45
C VAL A 234 -1.93 -49.64 19.19
N ILE A 235 -2.60 -50.78 19.37
CA ILE A 235 -2.10 -51.86 20.20
C ILE A 235 -2.22 -53.14 19.42
N GLU A 236 -1.12 -53.90 19.34
CA GLU A 236 -1.09 -55.16 18.63
C GLU A 236 -0.77 -56.27 19.62
N ALA A 237 -1.62 -57.29 19.67
CA ALA A 237 -1.46 -58.40 20.59
C ALA A 237 -0.99 -59.64 19.84
N SER A 238 -0.71 -60.70 20.58
CA SER A 238 -0.27 -61.97 20.02
C SER A 238 -1.02 -63.10 20.69
N ARG A 239 -1.48 -64.05 19.88
CA ARG A 239 -2.25 -65.16 20.41
C ARG A 239 -1.39 -66.22 21.08
N ASP A 240 -0.07 -66.17 20.87
CA ASP A 240 0.84 -67.16 21.44
C ASP A 240 1.24 -66.84 22.87
N GLU A 241 0.97 -65.63 23.35
CA GLU A 241 1.30 -65.26 24.72
C GLU A 241 0.08 -65.34 25.62
N MET B 1 -37.14 -53.50 17.55
CA MET B 1 -35.94 -53.80 18.31
C MET B 1 -34.66 -53.52 17.50
N LYS B 2 -34.50 -54.11 16.31
CA LYS B 2 -33.42 -53.73 15.39
C LYS B 2 -33.95 -53.58 13.97
N THR B 3 -34.70 -52.50 13.73
CA THR B 3 -35.50 -52.37 12.52
C THR B 3 -34.61 -52.40 11.29
N VAL B 4 -35.04 -53.16 10.26
CA VAL B 4 -34.38 -53.16 8.96
C VAL B 4 -35.24 -52.38 7.99
N ILE B 5 -34.59 -51.57 7.17
CA ILE B 5 -35.27 -50.69 6.21
C ILE B 5 -34.65 -50.91 4.83
N GLN B 6 -35.49 -51.15 3.84
CA GLN B 6 -35.00 -51.51 2.51
C GLN B 6 -35.80 -50.88 1.37
N ASP B 7 -36.58 -49.84 1.64
CA ASP B 7 -37.41 -49.21 0.62
C ASP B 7 -37.08 -47.73 0.49
N THR B 8 -37.81 -47.06 -0.40
CA THR B 8 -37.67 -45.63 -0.66
C THR B 8 -38.91 -44.91 -0.13
N ALA B 9 -38.68 -43.77 0.52
CA ALA B 9 -39.76 -43.05 1.16
C ALA B 9 -40.74 -42.50 0.15
N ASP B 10 -42.04 -42.61 0.46
CA ASP B 10 -43.07 -41.93 -0.30
C ASP B 10 -43.18 -40.49 0.19
N VAL B 11 -42.99 -39.54 -0.70
CA VAL B 11 -42.82 -38.14 -0.33
C VAL B 11 -44.13 -37.39 -0.51
N TYR B 12 -44.34 -36.39 0.34
CA TYR B 12 -45.45 -35.46 0.21
C TYR B 12 -44.94 -34.04 0.41
N PHE B 13 -45.35 -33.13 -0.48
CA PHE B 13 -45.02 -31.72 -0.39
C PHE B 13 -46.28 -30.90 -0.17
N LYS B 14 -46.20 -29.91 0.71
CA LYS B 14 -47.33 -29.03 1.02
C LYS B 14 -46.85 -27.59 1.05
N ARG B 15 -47.72 -26.66 0.65
CA ARG B 15 -47.36 -25.26 0.61
C ARG B 15 -48.13 -24.47 1.66
N LYS B 16 -47.50 -23.41 2.18
CA LYS B 16 -48.17 -22.54 3.15
C LYS B 16 -49.23 -21.66 2.50
N SER B 17 -48.93 -21.11 1.31
CA SER B 17 -49.76 -20.05 0.76
C SER B 17 -51.20 -20.50 0.52
N ASP B 18 -51.38 -21.65 -0.12
CA ASP B 18 -52.72 -22.17 -0.39
C ASP B 18 -52.93 -23.58 0.11
N GLY B 19 -51.92 -24.44 0.10
CA GLY B 19 -52.03 -25.75 0.70
C GLY B 19 -52.26 -26.90 -0.25
N LYS B 20 -51.81 -26.82 -1.50
CA LYS B 20 -51.95 -27.95 -2.40
C LYS B 20 -50.93 -29.03 -2.08
N LEU B 21 -51.31 -30.26 -2.34
CA LEU B 21 -50.50 -31.44 -2.04
C LEU B 21 -50.09 -32.14 -3.33
N VAL B 22 -48.86 -32.63 -3.35
CA VAL B 22 -48.33 -33.31 -4.54
C VAL B 22 -47.70 -34.64 -4.15
N PHE B 23 -47.17 -35.34 -5.17
CA PHE B 23 -46.43 -36.59 -5.03
C PHE B 23 -47.27 -37.67 -4.34
N THR B 24 -48.34 -38.04 -5.04
CA THR B 24 -49.05 -39.28 -4.73
C THR B 24 -48.54 -40.41 -5.62
N ALA B 25 -47.24 -40.63 -5.56
CA ALA B 25 -46.55 -41.50 -6.51
C ALA B 25 -45.39 -42.20 -5.82
N GLU B 26 -44.51 -42.78 -6.63
CA GLU B 26 -43.39 -43.60 -6.15
C GLU B 26 -42.07 -42.92 -6.50
N ALA B 27 -41.18 -42.83 -5.52
CA ALA B 27 -39.92 -42.11 -5.64
C ALA B 27 -38.76 -43.08 -5.86
N GLN B 28 -37.54 -42.55 -5.82
CA GLN B 28 -36.35 -43.39 -5.98
C GLN B 28 -35.26 -43.08 -4.96
N THR B 29 -35.26 -41.88 -4.39
CA THR B 29 -34.16 -41.46 -3.51
C THR B 29 -34.62 -40.31 -2.63
N ALA B 30 -34.19 -40.34 -1.36
CA ALA B 30 -34.47 -39.25 -0.43
C ALA B 30 -33.34 -39.16 0.59
N SER B 31 -32.90 -37.95 0.90
CA SER B 31 -31.85 -37.73 1.89
C SER B 31 -32.08 -36.41 2.60
N PHE B 32 -31.48 -36.28 3.79
CA PHE B 32 -31.63 -35.08 4.61
C PHE B 32 -30.31 -34.65 5.25
N SER B 33 -29.23 -34.74 4.48
CA SER B 33 -27.87 -34.58 4.99
C SER B 33 -27.72 -33.32 5.84
N GLN B 34 -26.99 -33.46 6.94
CA GLN B 34 -26.83 -32.43 7.96
C GLN B 34 -25.36 -32.07 8.11
N ALA B 35 -25.08 -30.77 8.27
CA ALA B 35 -23.71 -30.28 8.37
C ALA B 35 -23.59 -29.17 9.39
N ILE B 36 -22.39 -29.05 9.96
CA ILE B 36 -22.04 -28.02 10.93
C ILE B 36 -20.72 -27.38 10.49
N SER B 37 -20.69 -26.06 10.45
CA SER B 37 -19.49 -25.32 10.09
C SER B 37 -18.93 -24.61 11.31
N GLU B 38 -17.63 -24.80 11.56
CA GLU B 38 -17.00 -24.31 12.77
C GLU B 38 -15.88 -23.32 12.45
N GLU B 39 -15.67 -22.38 13.36
CA GLU B 39 -14.60 -21.40 13.28
C GLU B 39 -13.78 -21.46 14.56
N LYS B 40 -12.46 -21.34 14.42
CA LYS B 40 -11.53 -21.52 15.51
C LYS B 40 -10.98 -20.16 15.98
N LEU B 41 -10.26 -20.21 17.09
CA LEU B 41 -9.47 -19.06 17.56
C LEU B 41 -8.17 -19.61 18.11
N ARG B 42 -7.05 -19.27 17.48
CA ARG B 42 -5.77 -19.87 17.78
C ARG B 42 -4.82 -18.84 18.39
N GLY B 43 -3.93 -19.34 19.25
CA GLY B 43 -2.92 -18.47 19.85
C GLY B 43 -1.87 -19.30 20.54
N GLY B 44 -0.72 -18.66 20.77
CA GLY B 44 0.38 -19.31 21.46
C GLY B 44 1.25 -20.15 20.56
N ILE B 45 2.21 -20.82 21.18
CA ILE B 45 3.13 -21.68 20.45
C ILE B 45 2.41 -22.96 20.06
N GLY B 46 2.46 -23.30 18.78
CA GLY B 46 1.81 -24.49 18.26
C GLY B 46 0.40 -24.27 17.76
N ASN B 47 -0.16 -23.07 17.92
CA ASN B 47 -1.49 -22.72 17.43
C ASN B 47 -2.55 -23.66 18.01
N LYS B 48 -2.50 -23.82 19.34
CA LYS B 48 -3.49 -24.65 20.00
C LYS B 48 -4.86 -23.98 19.92
N PRO B 49 -5.93 -24.75 19.70
CA PRO B 49 -7.26 -24.14 19.57
C PRO B 49 -7.81 -23.70 20.91
N LEU B 50 -8.31 -22.46 20.95
CA LEU B 50 -8.92 -21.90 22.16
C LEU B 50 -10.25 -21.27 21.77
N TYR B 51 -11.35 -21.86 22.26
CA TYR B 51 -12.70 -21.33 22.08
C TYR B 51 -13.17 -21.35 20.62
N ILE B 52 -14.49 -21.35 20.42
CA ILE B 52 -15.09 -21.44 19.09
C ILE B 52 -16.13 -20.33 18.94
N LEU B 53 -16.42 -19.97 17.69
CA LEU B 53 -17.28 -18.82 17.38
C LEU B 53 -18.24 -19.14 16.24
N LYS B 54 -18.86 -20.32 16.26
CA LYS B 54 -19.63 -20.76 15.09
C LYS B 54 -21.13 -20.86 15.35
N SER B 55 -21.58 -21.67 16.31
CA SER B 55 -22.99 -21.86 16.64
C SER B 55 -23.89 -21.91 15.40
N GLU B 56 -23.63 -22.87 14.51
CA GLU B 56 -24.37 -22.94 13.25
C GLU B 56 -24.70 -24.39 12.92
N LYS B 57 -25.73 -24.55 12.10
CA LYS B 57 -26.21 -25.86 11.64
C LYS B 57 -26.90 -25.67 10.31
N GLU B 58 -26.94 -26.75 9.51
CA GLU B 58 -27.70 -26.71 8.26
C GLU B 58 -28.16 -28.12 7.89
N ILE B 59 -29.31 -28.19 7.22
CA ILE B 59 -29.91 -29.45 6.80
C ILE B 59 -30.38 -29.29 5.36
N ASN B 60 -30.05 -30.28 4.52
CA ASN B 60 -30.38 -30.26 3.10
C ASN B 60 -31.10 -31.54 2.70
N LEU B 61 -31.97 -31.43 1.71
CA LEU B 61 -32.81 -32.51 1.26
C LEU B 61 -32.70 -32.68 -0.25
N THR B 62 -32.82 -33.92 -0.71
CA THR B 62 -32.76 -34.25 -2.12
C THR B 62 -33.77 -35.34 -2.42
N VAL B 63 -34.65 -35.11 -3.39
CA VAL B 63 -35.68 -36.06 -3.77
C VAL B 63 -35.56 -36.32 -5.27
N LYS B 64 -35.59 -37.59 -5.65
CA LYS B 64 -35.47 -38.01 -7.03
C LYS B 64 -36.68 -38.87 -7.41
N ASN B 65 -37.30 -38.56 -8.53
CA ASN B 65 -38.50 -39.24 -8.97
C ASN B 65 -38.24 -39.99 -10.28
N ALA B 66 -38.99 -41.08 -10.47
CA ALA B 66 -38.83 -41.92 -11.65
C ALA B 66 -39.77 -41.55 -12.78
N PHE B 67 -40.63 -40.56 -12.58
CA PHE B 67 -41.56 -40.08 -13.59
C PHE B 67 -41.25 -38.63 -13.92
N PHE B 68 -42.11 -38.01 -14.73
CA PHE B 68 -41.95 -36.62 -15.10
C PHE B 68 -43.28 -35.90 -14.95
N ASP B 69 -43.25 -34.75 -14.30
CA ASP B 69 -44.42 -33.88 -14.22
C ASP B 69 -43.94 -32.44 -14.21
N LEU B 70 -44.70 -31.57 -14.88
CA LEU B 70 -44.27 -30.19 -15.03
C LEU B 70 -44.29 -29.43 -13.71
N GLU B 71 -45.01 -29.92 -12.71
CA GLU B 71 -45.00 -29.25 -11.42
C GLU B 71 -43.67 -29.37 -10.69
N TRP B 72 -42.89 -30.42 -10.99
CA TRP B 72 -41.58 -30.56 -10.36
C TRP B 72 -40.58 -29.51 -10.83
N LEU B 73 -40.85 -28.84 -11.94
CA LEU B 73 -40.07 -27.68 -12.33
C LEU B 73 -40.71 -26.38 -11.86
N ALA B 74 -41.98 -26.40 -11.48
CA ALA B 74 -42.65 -25.21 -10.97
C ALA B 74 -42.25 -24.89 -9.54
N MET B 75 -41.78 -25.88 -8.78
CA MET B 75 -41.30 -25.63 -7.43
C MET B 75 -39.86 -25.18 -7.37
N THR B 76 -39.09 -25.39 -8.44
CA THR B 76 -37.73 -24.86 -8.52
C THR B 76 -37.68 -23.47 -9.11
N GLN B 77 -38.83 -22.88 -9.46
CA GLN B 77 -38.89 -21.56 -10.06
C GLN B 77 -40.00 -20.76 -9.37
N GLY B 78 -39.86 -19.45 -9.41
CA GLY B 78 -40.86 -18.57 -8.85
C GLY B 78 -41.90 -18.12 -9.84
N GLU B 79 -42.58 -19.08 -10.48
CA GLU B 79 -43.57 -18.75 -11.49
C GLU B 79 -44.61 -19.87 -11.55
N THR B 80 -45.75 -19.53 -12.14
CA THR B 80 -46.88 -20.46 -12.26
C THR B 80 -47.02 -20.92 -13.71
N ILE B 81 -47.61 -22.09 -13.87
CA ILE B 81 -47.77 -22.69 -15.19
C ILE B 81 -48.93 -22.01 -15.90
N GLN B 82 -48.63 -21.34 -17.01
CA GLN B 82 -49.66 -20.75 -17.84
C GLN B 82 -50.27 -21.80 -18.76
N GLU B 83 -51.57 -21.72 -18.96
CA GLU B 83 -52.32 -22.74 -19.68
C GLU B 83 -52.97 -22.16 -20.94
N GLU B 84 -53.17 -23.03 -21.93
CA GLU B 84 -53.64 -22.65 -23.27
C GLU B 84 -52.92 -21.41 -23.79
N THR B 85 -51.62 -21.55 -23.99
CA THR B 85 -50.80 -20.51 -24.60
C THR B 85 -50.33 -20.98 -25.97
N LYS B 86 -50.67 -20.22 -27.00
CA LYS B 86 -50.21 -20.54 -28.35
C LYS B 86 -48.74 -20.16 -28.50
N VAL B 87 -47.93 -21.11 -28.97
CA VAL B 87 -46.49 -20.94 -29.02
C VAL B 87 -45.96 -21.38 -30.39
N LYS B 88 -44.75 -20.92 -30.70
CA LYS B 88 -44.11 -21.17 -31.98
C LYS B 88 -43.01 -22.20 -31.81
N VAL B 89 -43.01 -23.21 -32.68
CA VAL B 89 -42.03 -24.29 -32.62
C VAL B 89 -41.43 -24.50 -34.00
N PHE B 90 -40.58 -25.51 -34.13
CA PHE B 90 -39.93 -25.86 -35.39
C PHE B 90 -40.42 -27.23 -35.86
N ASP B 91 -40.74 -27.33 -37.15
CA ASP B 91 -41.14 -28.58 -37.76
C ASP B 91 -40.15 -28.95 -38.85
N ARG B 92 -40.43 -30.07 -39.54
CA ARG B 92 -39.52 -30.57 -40.55
C ARG B 92 -40.29 -31.37 -41.59
N GLU B 93 -39.74 -31.41 -42.80
CA GLU B 93 -40.25 -32.24 -43.88
C GLU B 93 -39.04 -32.76 -44.65
N HIS B 94 -38.68 -34.03 -44.42
CA HIS B 94 -37.47 -34.60 -44.97
C HIS B 94 -37.80 -35.42 -46.21
N GLY B 95 -37.08 -35.15 -47.30
CA GLY B 95 -37.26 -35.86 -48.55
C GLY B 95 -37.83 -35.00 -49.66
N LEU B 96 -36.97 -34.51 -50.53
CA LEU B 96 -37.40 -33.72 -51.68
C LEU B 96 -36.56 -34.11 -52.88
N ILE B 97 -37.20 -34.26 -54.04
CA ILE B 97 -36.52 -34.65 -55.28
C ILE B 97 -36.67 -33.52 -56.29
N VAL B 98 -35.54 -33.04 -56.82
CA VAL B 98 -35.58 -31.95 -57.78
C VAL B 98 -35.88 -32.53 -59.16
N ASP B 99 -36.94 -32.02 -59.79
CA ASP B 99 -37.34 -32.46 -61.12
C ASP B 99 -36.77 -31.52 -62.17
N ASP B 100 -37.18 -31.71 -63.43
CA ASP B 100 -36.65 -30.88 -64.51
C ASP B 100 -37.10 -29.43 -64.37
N THR B 101 -38.36 -29.21 -64.03
CA THR B 101 -38.91 -27.86 -63.87
C THR B 101 -38.88 -27.38 -62.43
N ASN B 102 -38.31 -28.16 -61.51
CA ASN B 102 -38.13 -27.77 -60.10
C ASN B 102 -39.47 -27.41 -59.46
N LYS B 103 -40.34 -28.42 -59.36
CA LYS B 103 -41.70 -28.22 -58.85
C LYS B 103 -42.02 -29.31 -57.84
N VAL B 104 -41.90 -28.99 -56.54
CA VAL B 104 -42.23 -29.92 -55.47
C VAL B 104 -42.98 -29.17 -54.37
N THR B 105 -43.81 -29.91 -53.65
CA THR B 105 -44.80 -29.35 -52.73
C THR B 105 -44.48 -29.74 -51.29
N LEU B 106 -44.85 -28.86 -50.36
CA LEU B 106 -44.77 -29.11 -48.93
C LEU B 106 -46.17 -29.12 -48.33
N LYS B 107 -46.36 -29.97 -47.33
CA LYS B 107 -47.63 -30.08 -46.63
C LYS B 107 -47.54 -29.41 -45.26
N GLY B 108 -48.71 -29.10 -44.71
CA GLY B 108 -48.81 -28.44 -43.42
C GLY B 108 -49.38 -27.05 -43.52
N LYS B 109 -49.21 -26.29 -42.44
CA LYS B 109 -49.70 -24.92 -42.35
C LYS B 109 -48.57 -24.02 -41.84
N PRO B 110 -47.55 -23.78 -42.67
CA PRO B 110 -46.38 -23.04 -42.21
C PRO B 110 -46.68 -21.56 -42.00
N VAL B 111 -45.85 -20.94 -41.16
CA VAL B 111 -45.93 -19.51 -40.88
C VAL B 111 -44.66 -18.80 -41.31
N SER B 112 -43.50 -19.32 -40.92
CA SER B 112 -42.22 -18.71 -41.24
C SER B 112 -41.68 -19.29 -42.55
N ASP B 113 -40.43 -18.98 -42.85
CA ASP B 113 -39.80 -19.40 -44.09
C ASP B 113 -39.36 -20.86 -44.03
N VAL B 114 -38.94 -21.38 -45.17
CA VAL B 114 -38.51 -22.77 -45.31
C VAL B 114 -37.07 -22.79 -45.81
N THR B 115 -36.24 -23.61 -45.19
CA THR B 115 -34.84 -23.75 -45.53
C THR B 115 -34.60 -25.13 -46.13
N PHE B 116 -33.85 -25.18 -47.23
CA PHE B 116 -33.58 -26.41 -47.95
C PHE B 116 -32.08 -26.72 -47.92
N TYR B 117 -31.75 -27.97 -47.61
CA TYR B 117 -30.37 -28.42 -47.52
C TYR B 117 -30.12 -29.57 -48.49
N ASN B 118 -29.01 -29.48 -49.21
CA ASN B 118 -28.56 -30.48 -50.16
C ASN B 118 -27.24 -31.08 -49.67
N LYS B 119 -26.62 -31.90 -50.53
CA LYS B 119 -25.35 -32.56 -50.18
C LYS B 119 -24.24 -31.54 -49.92
N LYS B 120 -24.15 -30.50 -50.74
CA LYS B 120 -23.16 -29.46 -50.51
C LYS B 120 -23.57 -28.49 -49.42
N GLY B 121 -24.73 -28.68 -48.81
CA GLY B 121 -25.15 -27.86 -47.69
C GLY B 121 -25.41 -26.41 -48.05
N LEU B 122 -25.94 -26.15 -49.24
CA LEU B 122 -26.28 -24.80 -49.63
C LEU B 122 -27.65 -24.43 -49.07
N THR B 123 -27.78 -23.19 -48.59
CA THR B 123 -29.00 -22.79 -47.90
C THR B 123 -30.11 -22.45 -48.88
N TYR B 124 -29.89 -21.42 -49.71
CA TYR B 124 -30.88 -20.92 -50.67
C TYR B 124 -32.21 -20.60 -49.96
N LYS B 125 -32.13 -19.62 -49.07
CA LYS B 125 -33.30 -19.15 -48.35
C LYS B 125 -34.35 -18.62 -49.31
N ILE B 126 -35.61 -19.00 -49.08
CA ILE B 126 -36.73 -18.50 -49.86
C ILE B 126 -37.78 -17.96 -48.89
N ALA B 127 -38.67 -17.12 -49.41
CA ALA B 127 -39.76 -16.57 -48.63
C ALA B 127 -40.87 -17.60 -48.51
N VAL B 128 -42.04 -17.18 -48.02
CA VAL B 128 -43.15 -18.10 -47.84
C VAL B 128 -43.58 -18.63 -49.21
N SER B 129 -43.56 -19.95 -49.35
CA SER B 129 -44.02 -20.61 -50.57
C SER B 129 -45.54 -20.71 -50.49
N THR B 130 -46.22 -19.68 -50.99
CA THR B 130 -47.68 -19.65 -50.90
C THR B 130 -48.30 -20.83 -51.63
N ASP B 131 -47.80 -21.15 -52.82
CA ASP B 131 -48.22 -22.35 -53.53
C ASP B 131 -47.26 -23.49 -53.17
N GLY B 132 -47.35 -24.60 -53.89
CA GLY B 132 -46.49 -25.73 -53.64
C GLY B 132 -45.36 -25.84 -54.65
N THR B 133 -44.75 -24.70 -54.97
CA THR B 133 -43.68 -24.64 -55.96
C THR B 133 -42.55 -23.77 -55.46
N TYR B 134 -41.31 -24.18 -55.73
CA TYR B 134 -40.15 -23.32 -55.54
C TYR B 134 -39.04 -23.81 -56.46
N THR B 135 -38.27 -22.86 -57.00
CA THR B 135 -37.25 -23.19 -57.99
C THR B 135 -35.97 -23.67 -57.31
N ILE B 136 -35.09 -24.23 -58.12
CA ILE B 136 -33.78 -24.69 -57.66
C ILE B 136 -32.72 -24.25 -58.67
N PRO B 137 -31.67 -23.57 -58.25
CA PRO B 137 -30.61 -23.18 -59.18
C PRO B 137 -29.63 -24.31 -59.45
N THR B 138 -28.91 -24.18 -60.57
CA THR B 138 -28.09 -25.28 -61.09
C THR B 138 -26.95 -25.63 -60.15
N ALA B 139 -26.25 -24.64 -59.60
CA ALA B 139 -25.13 -24.91 -58.71
C ALA B 139 -25.56 -25.56 -57.40
N PHE B 140 -26.86 -25.52 -57.09
CA PHE B 140 -27.36 -26.15 -55.87
C PHE B 140 -27.27 -27.68 -55.97
N ALA B 141 -27.97 -28.26 -56.94
CA ALA B 141 -27.95 -29.70 -57.15
C ALA B 141 -28.40 -29.97 -58.58
N ALA B 142 -28.12 -31.18 -59.04
CA ALA B 142 -28.50 -31.60 -60.39
C ALA B 142 -29.91 -32.18 -60.37
N ALA B 143 -30.34 -32.71 -61.50
CA ALA B 143 -31.66 -33.33 -61.58
C ALA B 143 -31.69 -34.62 -60.76
N LYS B 144 -32.83 -34.86 -60.12
CA LYS B 144 -33.05 -36.05 -59.30
C LYS B 144 -32.01 -36.17 -58.18
N ASP B 145 -32.02 -35.16 -57.31
CA ASP B 145 -31.22 -35.15 -56.09
C ASP B 145 -32.16 -35.16 -54.89
N LYS B 146 -31.58 -35.18 -53.69
CA LYS B 146 -32.34 -35.28 -52.46
C LYS B 146 -32.09 -34.04 -51.61
N LEU B 147 -33.18 -33.42 -51.14
CA LEU B 147 -33.11 -32.21 -50.33
C LEU B 147 -33.93 -32.43 -49.07
N THR B 148 -33.61 -31.66 -48.03
CA THR B 148 -34.38 -31.67 -46.80
C THR B 148 -34.85 -30.26 -46.47
N ALA B 149 -36.05 -30.17 -45.90
CA ALA B 149 -36.71 -28.89 -45.67
C ALA B 149 -37.03 -28.71 -44.19
N VAL B 150 -36.83 -27.48 -43.69
CA VAL B 150 -37.10 -27.13 -42.30
C VAL B 150 -37.91 -25.84 -42.27
N TYR B 151 -38.85 -25.76 -41.32
CA TYR B 151 -39.66 -24.56 -41.17
C TYR B 151 -40.26 -24.53 -39.76
N GLN B 152 -41.06 -23.49 -39.50
CA GLN B 152 -41.63 -23.24 -38.18
C GLN B 152 -43.15 -23.21 -38.27
N ILE B 153 -43.80 -23.81 -37.27
CA ILE B 153 -45.25 -23.83 -37.16
C ILE B 153 -45.66 -23.34 -35.78
N GLU B 154 -46.97 -23.25 -35.55
CA GLU B 154 -47.51 -22.83 -34.28
C GLU B 154 -48.19 -24.00 -33.58
N LYS B 155 -48.13 -23.99 -32.24
CA LYS B 155 -48.73 -25.03 -31.42
C LYS B 155 -49.30 -24.41 -30.16
N VAL B 156 -50.24 -25.12 -29.54
CA VAL B 156 -50.94 -24.65 -28.36
C VAL B 156 -50.71 -25.65 -27.24
N GLY B 157 -50.31 -25.16 -26.07
CA GLY B 157 -50.08 -26.05 -24.95
C GLY B 157 -49.69 -25.27 -23.70
N ARG B 158 -49.33 -26.03 -22.66
CA ARG B 158 -48.90 -25.44 -21.40
C ARG B 158 -47.53 -24.79 -21.55
N ARG B 159 -47.27 -23.81 -20.69
CA ARG B 159 -46.03 -23.05 -20.76
C ARG B 159 -45.52 -22.78 -19.34
N LEU B 160 -44.21 -22.55 -19.24
CA LEU B 160 -43.57 -22.28 -17.95
C LEU B 160 -42.34 -21.45 -18.23
N ALA B 161 -42.40 -20.15 -17.93
CA ALA B 161 -41.27 -19.27 -18.16
C ALA B 161 -40.28 -19.37 -17.02
N ILE B 162 -39.02 -19.05 -17.32
CA ILE B 162 -37.94 -19.03 -16.33
C ILE B 162 -37.35 -17.64 -16.30
N LYS B 163 -37.50 -16.96 -15.17
CA LYS B 163 -36.97 -15.62 -14.97
C LYS B 163 -35.80 -15.67 -14.00
N ALA B 164 -35.22 -14.51 -13.72
CA ALA B 164 -33.94 -14.41 -13.04
C ALA B 164 -34.03 -13.71 -11.68
N SER B 165 -35.15 -13.83 -10.98
CA SER B 165 -35.25 -13.21 -9.67
C SER B 165 -36.41 -13.82 -8.89
N LYS B 166 -36.38 -13.60 -7.57
CA LYS B 166 -37.50 -13.81 -6.66
C LYS B 166 -37.77 -15.28 -6.37
N PHE B 167 -37.99 -15.60 -5.09
CA PHE B 167 -38.39 -16.93 -4.67
C PHE B 167 -39.17 -16.82 -3.37
N SER B 168 -40.21 -17.63 -3.24
CA SER B 168 -41.10 -17.57 -2.09
C SER B 168 -41.68 -18.97 -1.87
N GLU B 169 -42.79 -19.04 -1.13
CA GLU B 169 -43.59 -20.25 -0.99
C GLU B 169 -42.79 -21.38 -0.34
N ARG B 170 -42.46 -21.16 0.93
CA ARG B 170 -41.82 -22.20 1.72
C ARG B 170 -42.73 -23.42 1.84
N TYR B 171 -42.12 -24.60 1.85
CA TYR B 171 -42.84 -25.87 1.78
C TYR B 171 -42.69 -26.66 3.06
N GLU B 172 -43.37 -27.82 3.11
CA GLU B 172 -43.25 -28.74 4.27
C GLU B 172 -42.99 -30.15 3.70
N VAL B 173 -41.89 -30.79 4.09
CA VAL B 173 -41.53 -32.11 3.50
C VAL B 173 -41.76 -33.23 4.53
N GLU B 174 -42.32 -34.35 4.11
CA GLU B 174 -42.50 -35.51 5.04
C GLU B 174 -41.97 -36.79 4.35
N TYR B 175 -40.90 -37.38 4.88
CA TYR B 175 -40.38 -38.65 4.32
C TYR B 175 -41.14 -39.81 4.97
N ARG B 176 -42.12 -40.35 4.25
CA ARG B 176 -42.92 -41.49 4.79
C ARG B 176 -42.16 -42.80 4.54
N THR B 177 -41.39 -43.25 5.52
CA THR B 177 -40.58 -44.48 5.37
C THR B 177 -41.24 -45.60 6.14
N ILE B 178 -40.83 -46.85 5.88
CA ILE B 178 -41.43 -48.03 6.56
C ILE B 178 -40.31 -48.89 7.16
N ALA B 179 -40.41 -49.22 8.45
CA ALA B 179 -39.39 -50.06 9.11
C ALA B 179 -39.89 -51.50 9.24
N TYR B 180 -38.99 -52.47 9.16
CA TYR B 180 -39.42 -53.90 9.20
C TYR B 180 -38.73 -54.60 10.37
N ASN B 181 -39.45 -55.55 10.99
CA ASN B 181 -38.86 -56.32 12.13
C ASN B 181 -37.63 -57.08 11.63
N PRO B 182 -36.49 -57.07 12.35
CA PRO B 182 -35.29 -57.86 11.96
C PRO B 182 -35.59 -59.36 12.01
N ASP B 183 -36.40 -59.79 12.98
CA ASP B 183 -36.68 -61.24 13.16
C ASP B 183 -37.82 -61.66 12.22
N THR B 184 -39.01 -61.08 12.38
CA THR B 184 -40.18 -61.50 11.57
C THR B 184 -39.98 -61.08 10.13
N GLU B 185 -39.27 -59.97 9.89
CA GLU B 185 -39.06 -59.44 8.51
C GLU B 185 -40.39 -58.83 8.02
N GLU B 186 -41.25 -58.40 8.94
CA GLU B 186 -42.52 -57.73 8.56
C GLU B 186 -42.54 -56.32 9.17
N VAL B 187 -43.41 -55.44 8.67
CA VAL B 187 -43.44 -54.03 9.17
C VAL B 187 -43.42 -54.04 10.71
N TYR B 188 -42.43 -53.38 11.30
CA TYR B 188 -42.36 -53.28 12.79
C TYR B 188 -42.71 -51.85 13.19
N SER B 189 -42.17 -50.87 12.46
CA SER B 189 -42.41 -49.44 12.81
C SER B 189 -42.68 -48.64 11.54
N ASP B 190 -43.20 -47.41 11.71
CA ASP B 190 -43.46 -46.52 10.54
C ASP B 190 -42.67 -45.22 10.74
N ILE B 191 -41.61 -45.01 9.94
CA ILE B 191 -40.75 -43.81 10.14
C ILE B 191 -41.35 -42.63 9.36
N TYR B 192 -41.54 -41.49 10.04
CA TYR B 192 -42.11 -40.28 9.37
C TYR B 192 -41.18 -39.10 9.61
N ILE B 193 -40.15 -38.98 8.77
CA ILE B 193 -39.21 -37.82 8.90
C ILE B 193 -39.94 -36.57 8.37
N GLN B 194 -40.50 -35.75 9.26
CA GLN B 194 -41.24 -34.54 8.84
C GLN B 194 -40.27 -33.35 8.84
N PHE B 195 -40.50 -32.35 7.98
CA PHE B 195 -39.56 -31.23 7.88
C PHE B 195 -40.31 -29.97 7.55
N PRO B 196 -40.53 -29.09 8.53
CA PRO B 196 -41.31 -27.84 8.43
C PRO B 196 -40.43 -26.69 7.97
N ASN B 197 -41.01 -25.85 7.11
CA ASN B 197 -40.37 -24.63 6.61
C ASN B 197 -39.06 -24.95 5.87
N VAL B 198 -39.21 -25.66 4.76
CA VAL B 198 -38.11 -25.87 3.83
C VAL B 198 -38.23 -24.86 2.70
N SER B 199 -37.11 -24.59 2.05
CA SER B 199 -37.05 -23.62 0.98
C SER B 199 -36.40 -24.25 -0.24
N PRO B 200 -36.97 -24.10 -1.43
CA PRO B 200 -36.34 -24.64 -2.64
C PRO B 200 -35.08 -23.86 -2.99
N SER B 201 -34.09 -24.60 -3.48
CA SER B 201 -32.82 -24.01 -3.90
C SER B 201 -32.59 -24.41 -5.35
N GLY B 202 -32.10 -23.46 -6.16
CA GLY B 202 -31.98 -23.72 -7.57
C GLY B 202 -30.65 -24.33 -7.98
N GLU B 203 -30.61 -25.66 -8.02
CA GLU B 203 -29.45 -26.44 -8.47
C GLU B 203 -29.91 -27.50 -9.46
N PHE B 204 -30.77 -27.10 -10.37
CA PHE B 204 -31.43 -28.03 -11.28
C PHE B 204 -30.46 -28.59 -12.31
N GLU B 205 -30.77 -29.79 -12.79
CA GLU B 205 -30.02 -30.44 -13.85
C GLU B 205 -30.99 -31.28 -14.66
N MET B 206 -30.92 -31.16 -15.98
CA MET B 206 -31.80 -31.87 -16.90
C MET B 206 -30.97 -32.36 -18.08
N SER B 207 -30.69 -33.66 -18.12
CA SER B 207 -29.88 -34.25 -19.17
C SER B 207 -30.59 -35.48 -19.72
N LEU B 208 -30.58 -35.63 -21.05
CA LEU B 208 -31.11 -36.79 -21.72
C LEU B 208 -29.96 -37.57 -22.35
N GLU B 209 -29.91 -38.87 -22.10
CA GLU B 209 -28.73 -39.69 -22.34
C GLU B 209 -29.07 -40.96 -23.11
N ASN B 210 -29.81 -40.82 -24.21
CA ASN B 210 -30.01 -41.88 -25.21
C ASN B 210 -30.69 -43.11 -24.60
N GLY B 211 -31.95 -42.92 -24.21
CA GLY B 211 -32.82 -44.00 -23.87
C GLY B 211 -33.05 -44.22 -22.39
N ASN B 212 -32.17 -43.71 -21.54
CA ASN B 212 -32.38 -43.82 -20.11
C ASN B 212 -33.36 -42.77 -19.63
N ALA B 213 -34.04 -43.06 -18.53
CA ALA B 213 -34.99 -42.13 -17.96
C ALA B 213 -34.29 -40.88 -17.47
N LEU B 214 -35.00 -39.75 -17.58
CA LEU B 214 -34.44 -38.48 -17.14
C LEU B 214 -34.20 -38.48 -15.63
N ALA B 215 -35.15 -38.98 -14.85
CA ALA B 215 -35.06 -39.07 -13.40
C ALA B 215 -34.72 -37.72 -12.79
N PRO B 216 -35.66 -36.77 -12.77
CA PRO B 216 -35.34 -35.44 -12.25
C PRO B 216 -35.11 -35.46 -10.75
N GLU B 217 -34.26 -34.52 -10.30
CA GLU B 217 -33.90 -34.40 -8.90
C GLU B 217 -34.16 -32.97 -8.42
N ILE B 218 -34.69 -32.85 -7.20
CA ILE B 218 -35.05 -31.57 -6.61
C ILE B 218 -34.35 -31.45 -5.27
N LYS B 219 -33.86 -30.25 -4.96
CA LYS B 219 -33.12 -30.00 -3.74
C LYS B 219 -33.82 -28.96 -2.89
N PHE B 220 -33.66 -29.08 -1.57
CA PHE B 220 -34.30 -28.19 -0.61
C PHE B 220 -33.34 -27.91 0.55
N GLU B 221 -33.56 -26.79 1.23
CA GLU B 221 -32.80 -26.44 2.42
C GLU B 221 -33.76 -26.19 3.56
N ALA B 222 -33.51 -26.80 4.72
CA ALA B 222 -34.44 -26.77 5.84
C ALA B 222 -34.03 -25.72 6.86
N LEU B 223 -35.01 -24.97 7.36
CA LEU B 223 -34.79 -23.91 8.33
C LEU B 223 -35.70 -24.12 9.54
N ALA B 224 -35.37 -23.45 10.64
CA ALA B 224 -36.20 -23.51 11.83
C ALA B 224 -37.58 -22.94 11.54
N ASP B 225 -38.61 -23.55 12.12
CA ASP B 225 -39.97 -23.28 11.67
C ASP B 225 -40.40 -21.83 11.87
N THR B 226 -40.73 -21.45 13.11
CA THR B 226 -40.80 -20.03 13.44
C THR B 226 -40.19 -19.74 14.81
N ASP B 227 -40.54 -20.55 15.80
CA ASP B 227 -40.07 -20.39 17.17
C ASP B 227 -39.63 -21.71 17.80
N THR B 228 -40.21 -22.83 17.38
CA THR B 228 -39.94 -24.10 18.03
C THR B 228 -38.56 -24.65 17.73
N ASP B 229 -37.95 -24.24 16.62
CA ASP B 229 -36.65 -24.74 16.19
C ASP B 229 -36.68 -26.27 16.06
N GLU B 230 -37.52 -26.73 15.15
CA GLU B 230 -37.77 -28.15 14.90
C GLU B 230 -37.55 -28.47 13.42
N MET B 231 -36.39 -28.06 12.90
CA MET B 231 -36.13 -28.13 11.47
C MET B 231 -36.32 -29.53 10.90
N ALA B 232 -36.09 -30.56 11.71
CA ALA B 232 -36.30 -31.94 11.27
C ALA B 232 -36.82 -32.75 12.44
N VAL B 233 -37.86 -33.53 12.20
CA VAL B 233 -38.45 -34.39 13.22
C VAL B 233 -38.48 -35.81 12.69
N VAL B 234 -38.01 -36.75 13.51
CA VAL B 234 -38.04 -38.18 13.17
C VAL B 234 -39.07 -38.85 14.09
N ILE B 235 -40.01 -39.56 13.48
CA ILE B 235 -41.11 -40.18 14.20
C ILE B 235 -41.10 -41.67 13.92
N GLU B 236 -41.24 -42.47 14.96
CA GLU B 236 -41.36 -43.92 14.86
C GLU B 236 -42.71 -44.33 15.41
N ALA B 237 -43.41 -45.19 14.69
CA ALA B 237 -44.76 -45.63 15.05
C ALA B 237 -44.72 -47.14 15.32
N SER B 238 -45.91 -47.72 15.49
CA SER B 238 -46.01 -49.15 15.72
C SER B 238 -47.27 -49.69 15.06
N ARG B 239 -47.25 -50.98 14.77
CA ARG B 239 -48.38 -51.69 14.20
C ARG B 239 -49.28 -52.30 15.27
N ASP B 240 -48.96 -52.09 16.55
CA ASP B 240 -49.76 -52.63 17.64
C ASP B 240 -51.11 -51.93 17.79
N GLU B 241 -51.31 -50.80 17.11
CA GLU B 241 -52.57 -50.07 17.21
C GLU B 241 -53.69 -50.81 16.49
N MET C 1 15.25 -47.04 -25.84
CA MET C 1 14.29 -47.42 -26.86
C MET C 1 12.91 -47.68 -26.25
N LYS C 2 12.01 -48.24 -27.06
CA LYS C 2 10.63 -48.42 -26.65
C LYS C 2 10.51 -49.65 -25.77
N THR C 3 9.93 -49.48 -24.58
CA THR C 3 9.71 -50.56 -23.63
C THR C 3 8.24 -50.59 -23.21
N VAL C 4 7.82 -51.76 -22.72
CA VAL C 4 6.46 -51.96 -22.23
C VAL C 4 6.53 -52.26 -20.74
N ILE C 5 5.74 -51.54 -19.94
CA ILE C 5 5.72 -51.69 -18.49
C ILE C 5 4.34 -52.16 -18.09
N GLN C 6 4.28 -53.24 -17.30
CA GLN C 6 3.00 -53.80 -16.85
C GLN C 6 3.03 -54.26 -15.41
N ASP C 7 4.10 -53.97 -14.66
CA ASP C 7 4.25 -54.45 -13.29
C ASP C 7 4.25 -53.28 -12.31
N THR C 8 4.15 -53.62 -11.03
CA THR C 8 4.28 -52.67 -9.95
C THR C 8 5.75 -52.49 -9.61
N ALA C 9 6.04 -51.85 -8.48
CA ALA C 9 7.40 -51.54 -8.10
C ALA C 9 7.68 -52.01 -6.68
N ASP C 10 8.90 -52.48 -6.46
CA ASP C 10 9.40 -52.75 -5.13
C ASP C 10 9.86 -51.44 -4.50
N VAL C 11 9.49 -51.23 -3.24
CA VAL C 11 9.66 -49.93 -2.60
C VAL C 11 10.61 -50.10 -1.42
N TYR C 12 11.60 -49.20 -1.32
CA TYR C 12 12.54 -49.19 -0.22
C TYR C 12 12.57 -47.83 0.45
N PHE C 13 12.51 -47.83 1.78
CA PHE C 13 12.55 -46.62 2.59
C PHE C 13 13.79 -46.63 3.47
N LYS C 14 14.41 -45.46 3.62
CA LYS C 14 15.57 -45.33 4.49
C LYS C 14 15.52 -43.99 5.21
N ARG C 15 15.78 -44.00 6.51
CA ARG C 15 15.80 -42.77 7.28
C ARG C 15 17.17 -42.12 7.17
N LYS C 16 17.19 -40.79 7.06
CA LYS C 16 18.40 -40.05 6.78
C LYS C 16 19.28 -39.84 8.01
N SER C 17 19.01 -40.55 9.09
CA SER C 17 19.82 -40.49 10.31
C SER C 17 19.50 -41.73 11.12
N ASP C 18 20.53 -42.54 11.43
CA ASP C 18 20.31 -43.85 12.01
C ASP C 18 19.46 -44.62 10.99
N GLY C 19 20.08 -44.99 9.87
CA GLY C 19 19.33 -45.34 8.68
C GLY C 19 18.55 -46.63 8.77
N LYS C 20 17.47 -46.60 9.56
CA LYS C 20 16.52 -47.70 9.61
C LYS C 20 15.99 -47.98 8.21
N LEU C 21 15.96 -49.25 7.83
CA LEU C 21 15.53 -49.67 6.50
C LEU C 21 14.26 -50.48 6.61
N VAL C 22 13.22 -50.05 5.91
CA VAL C 22 11.94 -50.74 5.86
C VAL C 22 11.58 -50.91 4.40
N PHE C 23 11.42 -52.15 3.95
CA PHE C 23 11.09 -52.44 2.57
C PHE C 23 9.83 -53.28 2.48
N THR C 24 9.20 -53.21 1.30
CA THR C 24 8.02 -54.02 1.01
C THR C 24 8.19 -54.66 -0.36
N ALA C 25 7.87 -55.94 -0.45
CA ALA C 25 7.96 -56.68 -1.69
C ALA C 25 6.61 -57.14 -2.21
N GLU C 26 5.52 -56.79 -1.52
CA GLU C 26 4.16 -57.14 -1.93
C GLU C 26 3.35 -55.85 -1.96
N ALA C 27 3.42 -55.15 -3.07
CA ALA C 27 2.78 -53.85 -3.24
C ALA C 27 1.66 -53.94 -4.26
N GLN C 28 0.86 -52.87 -4.30
CA GLN C 28 -0.28 -52.83 -5.20
C GLN C 28 -0.27 -51.57 -6.06
N THR C 29 0.34 -50.50 -5.56
CA THR C 29 0.37 -49.25 -6.31
C THR C 29 1.56 -48.42 -5.86
N ALA C 30 2.30 -47.87 -6.81
CA ALA C 30 3.40 -46.95 -6.54
C ALA C 30 3.34 -45.84 -7.59
N SER C 31 2.98 -44.63 -7.17
CA SER C 31 2.77 -43.54 -8.10
C SER C 31 3.43 -42.27 -7.58
N PHE C 32 3.74 -41.36 -8.51
CA PHE C 32 4.21 -40.04 -8.15
C PHE C 32 3.77 -39.05 -9.21
N SER C 33 3.45 -37.83 -8.76
CA SER C 33 2.87 -36.80 -9.60
C SER C 33 3.63 -35.50 -9.44
N GLN C 34 3.67 -34.72 -10.53
CA GLN C 34 4.37 -33.45 -10.59
C GLN C 34 3.40 -32.35 -10.97
N ALA C 35 3.57 -31.18 -10.35
CA ALA C 35 2.74 -30.02 -10.63
C ALA C 35 3.61 -28.76 -10.69
N ILE C 36 3.21 -27.81 -11.53
CA ILE C 36 3.86 -26.51 -11.63
C ILE C 36 2.79 -25.44 -11.68
N SER C 37 3.22 -24.20 -11.48
CA SER C 37 2.33 -23.05 -11.51
C SER C 37 2.51 -22.30 -12.82
N GLU C 38 1.40 -22.02 -13.51
CA GLU C 38 1.42 -21.42 -14.82
C GLU C 38 0.73 -20.05 -14.78
N GLU C 39 1.18 -19.15 -15.65
CA GLU C 39 0.59 -17.84 -15.81
C GLU C 39 0.77 -17.42 -17.26
N LYS C 40 0.58 -16.13 -17.53
CA LYS C 40 0.76 -15.58 -18.87
C LYS C 40 1.33 -14.18 -18.77
N LEU C 41 2.15 -13.83 -19.76
CA LEU C 41 2.71 -12.48 -19.89
C LEU C 41 2.07 -11.84 -21.12
N ARG C 42 1.40 -10.72 -20.92
CA ARG C 42 0.62 -10.07 -21.96
C ARG C 42 1.01 -8.60 -22.09
N GLY C 43 0.70 -8.03 -23.24
CA GLY C 43 0.97 -6.62 -23.47
C GLY C 43 0.71 -6.24 -24.90
N GLY C 44 0.90 -4.96 -25.16
CA GLY C 44 0.75 -4.41 -26.50
C GLY C 44 -0.70 -4.09 -26.84
N ILE C 45 -0.90 -3.74 -28.11
CA ILE C 45 -2.25 -3.52 -28.61
C ILE C 45 -2.99 -4.85 -28.61
N GLY C 46 -4.19 -4.84 -28.04
CA GLY C 46 -4.82 -6.10 -27.70
C GLY C 46 -4.23 -6.64 -26.41
N ASN C 47 -4.37 -7.94 -26.23
CA ASN C 47 -3.82 -8.62 -25.05
C ASN C 47 -3.19 -9.93 -25.47
N LYS C 48 -2.41 -9.90 -26.52
CA LYS C 48 -1.82 -11.11 -27.07
C LYS C 48 -0.88 -11.74 -26.05
N PRO C 49 -1.08 -13.00 -25.67
CA PRO C 49 -0.18 -13.66 -24.71
C PRO C 49 1.20 -13.84 -25.31
N LEU C 50 2.22 -13.35 -24.61
CA LEU C 50 3.58 -13.42 -25.10
C LEU C 50 4.28 -14.71 -24.69
N TYR C 51 4.44 -14.94 -23.39
CA TYR C 51 5.15 -16.11 -22.90
C TYR C 51 4.50 -16.72 -21.67
N ILE C 52 5.11 -17.78 -21.13
CA ILE C 52 4.43 -18.70 -20.23
C ILE C 52 4.68 -18.36 -18.76
N LEU C 53 5.92 -18.03 -18.40
CA LEU C 53 6.26 -17.61 -17.03
C LEU C 53 5.96 -18.73 -16.02
N LYS C 54 6.70 -19.83 -16.18
CA LYS C 54 6.57 -20.96 -15.28
C LYS C 54 7.11 -20.62 -13.89
N SER C 55 6.76 -21.48 -12.92
CA SER C 55 6.89 -21.16 -11.51
C SER C 55 7.14 -22.41 -10.67
N GLU C 56 6.82 -22.32 -9.37
CA GLU C 56 7.11 -23.34 -8.38
C GLU C 56 6.76 -24.74 -8.86
N LYS C 57 7.46 -25.73 -8.31
CA LYS C 57 7.30 -27.13 -8.69
C LYS C 57 6.97 -27.96 -7.45
N GLU C 58 6.28 -29.07 -7.68
CA GLU C 58 5.85 -29.95 -6.59
C GLU C 58 5.87 -31.40 -7.07
N ILE C 59 6.33 -32.30 -6.19
CA ILE C 59 6.30 -33.74 -6.46
C ILE C 59 5.71 -34.45 -5.25
N ASN C 60 4.74 -35.31 -5.49
CA ASN C 60 4.06 -36.08 -4.46
C ASN C 60 4.14 -37.56 -4.78
N LEU C 61 4.23 -38.39 -3.73
CA LEU C 61 4.37 -39.83 -3.87
C LEU C 61 3.26 -40.53 -3.11
N THR C 62 2.76 -41.62 -3.68
CA THR C 62 1.72 -42.44 -3.06
C THR C 62 2.09 -43.90 -3.19
N VAL C 63 2.01 -44.64 -2.08
CA VAL C 63 2.29 -46.08 -2.05
C VAL C 63 1.10 -46.78 -1.41
N LYS C 64 0.68 -47.87 -2.04
CA LYS C 64 -0.49 -48.65 -1.62
C LYS C 64 -0.10 -50.12 -1.57
N ASN C 65 -0.18 -50.71 -0.38
CA ASN C 65 0.32 -52.04 -0.10
C ASN C 65 -0.84 -53.03 -0.06
N ALA C 66 -0.54 -54.27 0.32
CA ALA C 66 -1.54 -55.31 0.45
C ALA C 66 -1.49 -56.03 1.78
N PHE C 67 -0.48 -55.77 2.61
CA PHE C 67 -0.36 -56.30 3.96
C PHE C 67 -0.44 -55.15 4.96
N PHE C 68 -0.46 -55.50 6.24
CA PHE C 68 -0.47 -54.51 7.32
C PHE C 68 0.83 -54.61 8.09
N ASP C 69 1.55 -53.49 8.19
CA ASP C 69 2.76 -53.39 8.99
C ASP C 69 2.63 -52.17 9.89
N LEU C 70 2.89 -52.36 11.18
CA LEU C 70 2.75 -51.26 12.13
C LEU C 70 3.80 -50.19 11.94
N GLU C 71 4.86 -50.46 11.17
CA GLU C 71 5.90 -49.47 10.96
C GLU C 71 5.45 -48.31 10.08
N TRP C 72 4.42 -48.53 9.25
CA TRP C 72 3.94 -47.46 8.38
C TRP C 72 3.26 -46.37 9.19
N LEU C 73 2.44 -46.74 10.16
CA LEU C 73 1.93 -45.76 11.12
C LEU C 73 3.05 -45.17 11.97
N ALA C 74 4.14 -45.91 12.15
CA ALA C 74 5.25 -45.40 12.94
C ALA C 74 6.16 -44.47 12.16
N MET C 75 6.01 -44.40 10.84
CA MET C 75 6.67 -43.36 10.08
C MET C 75 5.74 -42.22 9.70
N THR C 76 4.43 -42.47 9.65
CA THR C 76 3.48 -41.37 9.51
C THR C 76 3.57 -40.43 10.70
N GLN C 77 3.71 -40.98 11.91
CA GLN C 77 3.96 -40.22 13.13
C GLN C 77 5.39 -40.50 13.57
N GLY C 78 6.16 -39.44 13.80
CA GLY C 78 7.57 -39.62 14.11
C GLY C 78 7.81 -40.15 15.51
N GLU C 79 7.42 -41.40 15.72
CA GLU C 79 7.50 -42.04 17.03
C GLU C 79 8.22 -43.37 16.90
N THR C 80 8.37 -44.06 18.04
CA THR C 80 9.03 -45.34 18.10
C THR C 80 8.11 -46.39 18.70
N ILE C 81 8.25 -47.63 18.24
CA ILE C 81 7.47 -48.73 18.80
C ILE C 81 7.99 -49.06 20.20
N GLN C 82 7.08 -49.12 21.16
CA GLN C 82 7.41 -49.54 22.52
C GLN C 82 6.94 -50.98 22.69
N GLU C 83 7.89 -51.90 22.78
CA GLU C 83 7.57 -53.32 22.84
C GLU C 83 7.42 -53.77 24.29
N GLU C 84 6.62 -54.83 24.47
CA GLU C 84 6.38 -55.45 25.77
C GLU C 84 5.81 -54.44 26.76
N THR C 85 4.60 -53.97 26.45
CA THR C 85 3.86 -53.06 27.31
C THR C 85 2.53 -53.70 27.67
N LYS C 86 2.12 -53.56 28.93
CA LYS C 86 0.88 -54.15 29.43
C LYS C 86 -0.22 -53.09 29.43
N VAL C 87 -1.38 -53.45 28.91
CA VAL C 87 -2.51 -52.54 28.74
C VAL C 87 -3.79 -53.27 29.10
N LYS C 88 -4.89 -52.52 29.11
CA LYS C 88 -6.21 -53.05 29.42
C LYS C 88 -7.07 -53.02 28.17
N VAL C 89 -7.78 -54.11 27.92
CA VAL C 89 -8.63 -54.26 26.75
C VAL C 89 -9.99 -54.78 27.20
N PHE C 90 -10.94 -54.83 26.26
CA PHE C 90 -12.32 -55.18 26.52
C PHE C 90 -12.58 -56.64 26.15
N ASP C 91 -13.63 -57.21 26.74
CA ASP C 91 -13.99 -58.59 26.47
C ASP C 91 -15.48 -58.77 26.67
N ARG C 92 -16.05 -59.73 25.94
CA ARG C 92 -17.48 -59.98 25.88
C ARG C 92 -17.74 -61.48 25.94
N GLU C 93 -18.89 -61.85 26.49
CA GLU C 93 -19.24 -63.26 26.62
C GLU C 93 -20.74 -63.43 26.51
N HIS C 94 -21.17 -64.28 25.58
CA HIS C 94 -22.55 -64.68 25.40
C HIS C 94 -22.74 -66.12 25.89
N GLY C 95 -23.93 -66.66 25.68
CA GLY C 95 -24.19 -68.04 26.01
C GLY C 95 -24.11 -68.37 27.49
N LEU C 96 -24.48 -67.43 28.35
CA LEU C 96 -24.42 -67.65 29.80
C LEU C 96 -25.78 -68.16 30.26
N ILE C 97 -25.85 -69.45 30.56
CA ILE C 97 -27.07 -70.04 31.09
C ILE C 97 -27.17 -69.71 32.57
N VAL C 98 -28.29 -69.13 32.98
CA VAL C 98 -28.45 -68.70 34.36
C VAL C 98 -28.63 -69.93 35.24
N ASP C 99 -27.66 -70.17 36.11
CA ASP C 99 -27.75 -71.30 37.03
C ASP C 99 -28.75 -71.00 38.14
N ASP C 100 -29.27 -72.08 38.74
CA ASP C 100 -30.26 -71.94 39.78
C ASP C 100 -29.65 -71.33 41.04
N THR C 101 -30.53 -71.07 42.02
CA THR C 101 -30.15 -70.46 43.29
C THR C 101 -29.46 -69.11 43.09
N ASN C 102 -29.90 -68.39 42.05
CA ASN C 102 -29.49 -67.02 41.80
C ASN C 102 -27.97 -66.90 41.57
N LYS C 103 -27.42 -67.79 40.76
CA LYS C 103 -26.00 -67.82 40.46
C LYS C 103 -25.78 -67.87 38.95
N VAL C 104 -24.70 -67.24 38.49
CA VAL C 104 -24.24 -67.33 37.12
C VAL C 104 -22.73 -67.52 37.15
N THR C 105 -22.26 -68.61 36.56
CA THR C 105 -20.83 -68.94 36.60
C THR C 105 -20.08 -68.17 35.52
N LEU C 106 -18.94 -67.60 35.89
CA LEU C 106 -18.07 -66.88 34.98
C LEU C 106 -16.94 -67.78 34.48
N LYS C 107 -16.18 -67.26 33.53
CA LYS C 107 -15.08 -68.03 32.95
C LYS C 107 -13.78 -67.25 32.78
N GLY C 108 -13.76 -65.94 32.97
CA GLY C 108 -12.60 -65.13 32.70
C GLY C 108 -12.02 -64.51 33.96
N LYS C 109 -11.27 -63.44 33.77
CA LYS C 109 -10.59 -62.72 34.84
C LYS C 109 -10.94 -61.24 34.74
N PRO C 110 -12.12 -60.85 35.19
CA PRO C 110 -12.49 -59.43 35.15
C PRO C 110 -11.55 -58.58 35.99
N VAL C 111 -11.24 -57.38 35.50
CA VAL C 111 -10.36 -56.45 36.21
C VAL C 111 -11.10 -55.17 36.58
N SER C 112 -12.17 -54.83 35.89
CA SER C 112 -12.93 -53.62 36.14
C SER C 112 -14.40 -53.99 36.38
N ASP C 113 -15.26 -52.97 36.37
CA ASP C 113 -16.69 -53.19 36.58
C ASP C 113 -17.24 -54.12 35.52
N VAL C 114 -18.00 -55.12 35.94
CA VAL C 114 -18.62 -56.07 35.03
C VAL C 114 -20.04 -55.62 34.74
N THR C 115 -20.40 -55.58 33.47
CA THR C 115 -21.71 -55.10 33.04
C THR C 115 -22.49 -56.23 32.40
N PHE C 116 -23.75 -56.38 32.79
CA PHE C 116 -24.58 -57.49 32.32
C PHE C 116 -25.75 -56.99 31.49
N TYR C 117 -26.13 -57.76 30.48
CA TYR C 117 -27.24 -57.44 29.59
C TYR C 117 -28.16 -58.65 29.45
N ASN C 118 -29.46 -58.39 29.51
CA ASN C 118 -30.49 -59.41 29.49
C ASN C 118 -31.07 -59.57 28.09
N LYS C 119 -32.17 -60.32 27.99
CA LYS C 119 -32.76 -60.64 26.69
C LYS C 119 -33.33 -59.41 26.00
N LYS C 120 -34.27 -58.72 26.66
CA LYS C 120 -34.89 -57.54 26.05
C LYS C 120 -33.87 -56.42 25.87
N GLY C 121 -32.83 -56.41 26.69
CA GLY C 121 -31.77 -55.43 26.58
C GLY C 121 -31.87 -54.34 27.63
N LEU C 122 -31.16 -54.57 28.75
CA LEU C 122 -31.12 -53.58 29.84
C LEU C 122 -29.77 -53.77 30.56
N THR C 123 -29.29 -52.78 31.32
CA THR C 123 -27.97 -52.86 31.98
C THR C 123 -28.09 -53.29 33.43
N TYR C 124 -26.96 -53.45 34.14
CA TYR C 124 -26.95 -53.79 35.58
C TYR C 124 -25.52 -53.72 36.05
N LYS C 125 -25.05 -52.57 36.49
CA LYS C 125 -23.60 -52.43 36.79
C LYS C 125 -23.24 -53.01 38.14
N ILE C 126 -22.79 -54.26 38.18
CA ILE C 126 -22.34 -54.86 39.47
C ILE C 126 -20.91 -54.40 39.73
N ALA C 127 -20.21 -54.98 40.70
CA ALA C 127 -18.78 -54.61 40.93
C ALA C 127 -17.89 -55.84 40.78
N VAL C 128 -16.84 -55.99 41.61
CA VAL C 128 -15.87 -57.11 41.40
C VAL C 128 -15.68 -58.01 42.64
N SER C 129 -15.35 -59.29 42.45
CA SER C 129 -15.09 -60.24 43.57
C SER C 129 -14.69 -61.61 43.01
N THR C 130 -14.27 -62.54 43.88
CA THR C 130 -13.81 -63.86 43.42
C THR C 130 -15.01 -64.76 43.25
N ASP C 131 -16.10 -64.21 42.72
CA ASP C 131 -17.35 -64.99 42.63
C ASP C 131 -17.47 -65.70 41.30
N GLY C 132 -16.92 -66.90 41.21
CA GLY C 132 -17.06 -67.70 39.98
C GLY C 132 -18.48 -67.52 39.55
N THR C 133 -19.39 -67.37 40.51
CA THR C 133 -20.78 -67.07 40.16
C THR C 133 -21.12 -65.77 40.83
N TYR C 134 -21.65 -64.80 40.09
CA TYR C 134 -22.09 -63.58 40.79
C TYR C 134 -23.45 -63.87 41.45
N THR C 135 -24.28 -62.84 41.69
CA THR C 135 -25.64 -63.02 42.26
C THR C 135 -26.61 -62.24 41.41
N ILE C 136 -27.55 -62.91 40.75
CA ILE C 136 -28.47 -62.22 39.79
C ILE C 136 -29.58 -61.50 40.54
N PRO C 137 -30.06 -60.34 40.07
CA PRO C 137 -31.22 -59.70 40.69
C PRO C 137 -32.43 -60.23 39.95
N THR C 138 -33.19 -61.14 40.57
CA THR C 138 -34.34 -61.75 39.90
C THR C 138 -35.11 -60.63 39.28
N ALA C 139 -34.94 -59.43 39.79
CA ALA C 139 -35.58 -58.28 39.14
C ALA C 139 -35.24 -58.33 37.65
N PHE C 140 -33.99 -58.63 37.31
CA PHE C 140 -33.54 -58.67 35.90
C PHE C 140 -34.02 -59.94 35.26
N ALA C 141 -33.34 -61.03 35.50
CA ALA C 141 -33.69 -62.27 34.76
C ALA C 141 -34.11 -63.41 35.68
N ALA C 142 -34.36 -64.58 35.09
CA ALA C 142 -34.79 -65.75 35.87
C ALA C 142 -33.82 -66.92 35.63
N ALA C 143 -34.02 -68.02 36.37
CA ALA C 143 -33.15 -69.18 36.17
C ALA C 143 -33.46 -69.85 34.85
N LYS C 144 -32.47 -70.59 34.34
CA LYS C 144 -32.58 -71.27 33.05
C LYS C 144 -32.92 -70.28 31.93
N ASP C 145 -32.33 -69.09 32.00
CA ASP C 145 -32.54 -68.07 30.99
C ASP C 145 -31.20 -67.61 30.44
N LYS C 146 -31.21 -66.54 29.65
CA LYS C 146 -30.02 -66.09 28.95
C LYS C 146 -29.45 -64.84 29.60
N LEU C 147 -28.16 -64.62 29.37
CA LEU C 147 -27.46 -63.46 29.93
C LEU C 147 -26.18 -63.26 29.13
N THR C 148 -25.74 -62.01 29.03
CA THR C 148 -24.43 -61.73 28.43
C THR C 148 -23.69 -60.75 29.32
N ALA C 149 -22.36 -60.84 29.26
CA ALA C 149 -21.52 -60.05 30.16
C ALA C 149 -20.40 -59.38 29.37
N VAL C 150 -19.96 -58.23 29.86
CA VAL C 150 -18.85 -57.51 29.25
C VAL C 150 -18.00 -56.90 30.35
N TYR C 151 -16.68 -56.98 30.18
CA TYR C 151 -15.74 -56.54 31.20
C TYR C 151 -14.39 -56.25 30.54
N GLN C 152 -13.34 -56.16 31.35
CA GLN C 152 -12.00 -55.82 30.89
C GLN C 152 -11.01 -56.89 31.32
N ILE C 153 -9.93 -57.01 30.54
CA ILE C 153 -8.80 -57.86 30.89
C ILE C 153 -7.51 -57.08 30.67
N GLU C 154 -6.39 -57.70 31.04
CA GLU C 154 -5.06 -57.14 30.85
C GLU C 154 -4.29 -58.00 29.86
N LYS C 155 -3.65 -57.35 28.90
CA LYS C 155 -2.86 -58.05 27.88
C LYS C 155 -1.60 -57.27 27.58
N VAL C 156 -0.54 -57.99 27.22
CA VAL C 156 0.76 -57.40 26.93
C VAL C 156 1.03 -57.49 25.44
N GLY C 157 1.72 -56.48 24.92
CA GLY C 157 2.01 -56.42 23.50
C GLY C 157 2.65 -55.09 23.14
N ARG C 158 2.74 -54.86 21.83
CA ARG C 158 3.32 -53.63 21.31
C ARG C 158 2.31 -52.50 21.33
N ARG C 159 2.82 -51.27 21.31
CA ARG C 159 1.96 -50.10 21.33
C ARG C 159 2.64 -48.95 20.61
N LEU C 160 1.82 -48.04 20.09
CA LEU C 160 2.24 -46.78 19.50
C LEU C 160 1.69 -45.63 20.33
N ALA C 161 1.94 -44.41 19.87
CA ALA C 161 1.45 -43.22 20.56
C ALA C 161 1.30 -42.10 19.55
N ILE C 162 0.06 -41.69 19.28
CA ILE C 162 -0.22 -40.56 18.40
C ILE C 162 -0.34 -39.33 19.28
N LYS C 163 0.64 -38.44 19.19
CA LYS C 163 0.68 -37.25 20.02
C LYS C 163 0.22 -36.02 19.22
N ALA C 164 -0.18 -34.99 19.96
CA ALA C 164 -0.71 -33.78 19.35
C ALA C 164 0.36 -32.94 18.68
N SER C 165 1.63 -33.10 19.06
CA SER C 165 2.72 -32.33 18.47
C SER C 165 3.86 -33.29 18.13
N LYS C 166 3.82 -33.83 16.92
CA LYS C 166 4.84 -34.75 16.45
C LYS C 166 5.16 -34.45 14.98
N PHE C 167 6.42 -34.66 14.62
CA PHE C 167 6.89 -34.45 13.26
C PHE C 167 6.83 -35.77 12.49
N SER C 168 7.44 -35.79 11.31
CA SER C 168 7.44 -37.00 10.49
C SER C 168 8.83 -37.35 9.96
N GLU C 169 9.87 -36.62 10.36
CA GLU C 169 11.24 -36.89 9.95
C GLU C 169 11.40 -36.80 8.43
N ARG C 170 12.55 -37.23 7.91
CA ARG C 170 12.84 -37.19 6.48
C ARG C 170 13.36 -38.55 6.03
N TYR C 171 13.18 -38.84 4.75
CA TYR C 171 13.40 -40.18 4.23
C TYR C 171 13.98 -40.13 2.83
N GLU C 172 14.55 -41.25 2.41
CA GLU C 172 14.92 -41.54 1.03
C GLU C 172 14.12 -42.73 0.56
N VAL C 173 13.52 -42.62 -0.61
CA VAL C 173 12.63 -43.66 -1.14
C VAL C 173 13.16 -44.12 -2.49
N GLU C 174 13.01 -45.41 -2.77
CA GLU C 174 13.41 -45.97 -4.05
C GLU C 174 12.33 -46.90 -4.59
N TYR C 175 12.01 -46.73 -5.86
CA TYR C 175 11.08 -47.61 -6.58
C TYR C 175 11.86 -48.40 -7.62
N ARG C 176 11.57 -49.69 -7.73
CA ARG C 176 12.19 -50.55 -8.73
C ARG C 176 11.11 -51.25 -9.55
N THR C 177 11.26 -51.21 -10.87
CA THR C 177 10.33 -51.87 -11.77
C THR C 177 11.09 -52.44 -12.96
N ILE C 178 10.42 -53.33 -13.70
CA ILE C 178 11.04 -53.99 -14.84
C ILE C 178 10.35 -53.53 -16.13
N ALA C 179 11.09 -53.66 -17.23
CA ALA C 179 10.62 -53.26 -18.55
C ALA C 179 10.86 -54.40 -19.53
N TYR C 180 10.12 -54.38 -20.63
CA TYR C 180 10.08 -55.49 -21.56
C TYR C 180 10.37 -55.03 -22.98
N ASN C 181 10.93 -55.94 -23.77
CA ASN C 181 11.11 -55.71 -25.20
C ASN C 181 9.81 -55.99 -25.93
N PRO C 182 9.25 -55.03 -26.68
CA PRO C 182 7.94 -55.24 -27.29
C PRO C 182 7.92 -56.24 -28.44
N ASP C 183 9.07 -56.57 -29.02
CA ASP C 183 9.10 -57.44 -30.18
C ASP C 183 9.30 -58.91 -29.83
N THR C 184 9.84 -59.21 -28.66
CA THR C 184 10.13 -60.59 -28.29
C THR C 184 9.73 -60.98 -26.87
N GLU C 185 9.33 -60.02 -26.04
CA GLU C 185 8.89 -60.29 -24.66
C GLU C 185 9.98 -61.01 -23.85
N GLU C 186 11.11 -60.33 -23.70
CA GLU C 186 12.11 -60.71 -22.73
C GLU C 186 12.55 -59.48 -21.97
N VAL C 187 12.97 -59.67 -20.72
CA VAL C 187 13.28 -58.54 -19.85
C VAL C 187 14.50 -57.82 -20.40
N TYR C 188 14.38 -56.51 -20.58
CA TYR C 188 15.43 -55.70 -21.18
C TYR C 188 16.16 -54.82 -20.17
N SER C 189 15.42 -54.04 -19.39
CA SER C 189 16.04 -53.08 -18.49
C SER C 189 15.26 -53.00 -17.19
N ASP C 190 15.93 -52.48 -16.17
CA ASP C 190 15.33 -52.21 -14.87
C ASP C 190 15.31 -50.72 -14.64
N ILE C 191 14.17 -50.20 -14.19
CA ILE C 191 13.96 -48.77 -14.02
C ILE C 191 13.96 -48.47 -12.53
N TYR C 192 14.84 -47.57 -12.10
CA TYR C 192 14.93 -47.13 -10.72
C TYR C 192 14.50 -45.68 -10.62
N ILE C 193 13.67 -45.37 -9.63
CA ILE C 193 13.25 -44.00 -9.32
C ILE C 193 13.66 -43.71 -7.89
N GLN C 194 14.56 -42.73 -7.72
CA GLN C 194 15.12 -42.39 -6.42
C GLN C 194 14.63 -41.01 -6.00
N PHE C 195 13.99 -40.94 -4.84
CA PHE C 195 13.53 -39.68 -4.25
C PHE C 195 14.33 -39.41 -2.98
N PRO C 196 15.29 -38.48 -3.01
CA PRO C 196 15.96 -38.06 -1.79
C PRO C 196 15.28 -36.86 -1.16
N ASN C 197 15.40 -36.78 0.17
CA ASN C 197 14.85 -35.67 0.96
C ASN C 197 13.34 -35.55 0.77
N VAL C 198 12.62 -36.58 1.21
CA VAL C 198 11.17 -36.57 1.19
C VAL C 198 10.66 -36.54 2.63
N SER C 199 9.40 -36.13 2.78
CA SER C 199 8.79 -36.06 4.10
C SER C 199 7.42 -36.72 4.06
N PRO C 200 7.13 -37.59 5.02
CA PRO C 200 5.78 -38.19 5.08
C PRO C 200 4.73 -37.13 5.37
N SER C 201 3.55 -37.33 4.81
CA SER C 201 2.46 -36.38 4.95
C SER C 201 1.27 -37.11 5.58
N GLY C 202 0.65 -36.45 6.56
CA GLY C 202 -0.41 -37.10 7.29
C GLY C 202 -1.80 -36.88 6.72
N GLU C 203 -2.24 -37.81 5.88
CA GLU C 203 -3.65 -37.96 5.49
C GLU C 203 -3.88 -39.46 5.47
N PHE C 204 -4.28 -40.02 6.61
CA PHE C 204 -4.43 -41.45 6.77
C PHE C 204 -5.91 -41.80 6.83
N GLU C 205 -6.34 -42.69 5.94
CA GLU C 205 -7.69 -43.24 5.95
C GLU C 205 -7.57 -44.74 6.20
N MET C 206 -8.19 -45.22 7.26
CA MET C 206 -8.15 -46.63 7.63
C MET C 206 -9.58 -47.12 7.82
N SER C 207 -10.17 -47.64 6.76
CA SER C 207 -11.53 -48.15 6.78
C SER C 207 -11.52 -49.66 6.81
N LEU C 208 -12.21 -50.24 7.79
CA LEU C 208 -12.37 -51.68 7.89
C LEU C 208 -13.83 -52.02 7.63
N GLU C 209 -14.07 -52.88 6.64
CA GLU C 209 -15.43 -53.23 6.26
C GLU C 209 -15.63 -54.75 6.20
N ASN C 210 -16.80 -55.19 5.74
CA ASN C 210 -17.15 -56.60 5.73
C ASN C 210 -16.51 -57.28 4.52
N GLY C 211 -15.28 -57.76 4.71
CA GLY C 211 -14.59 -58.49 3.67
C GLY C 211 -14.10 -57.63 2.52
N ASN C 212 -13.17 -56.71 2.81
CA ASN C 212 -12.65 -55.82 1.78
C ASN C 212 -11.14 -55.65 1.92
N ALA C 213 -10.48 -56.55 2.63
CA ALA C 213 -9.05 -56.43 2.97
C ALA C 213 -8.83 -55.08 3.65
N LEU C 214 -7.61 -54.57 3.64
CA LEU C 214 -7.43 -53.25 4.23
C LEU C 214 -6.70 -52.29 3.31
N ALA C 215 -5.69 -52.76 2.58
CA ALA C 215 -5.03 -51.98 1.53
C ALA C 215 -4.53 -50.64 2.05
N PRO C 216 -3.47 -50.61 2.86
CA PRO C 216 -2.98 -49.34 3.41
C PRO C 216 -2.51 -48.38 2.31
N GLU C 217 -2.32 -47.13 2.72
CA GLU C 217 -1.96 -46.05 1.80
C GLU C 217 -1.10 -45.05 2.54
N ILE C 218 0.07 -44.74 1.99
CA ILE C 218 1.00 -43.78 2.60
C ILE C 218 1.41 -42.76 1.55
N LYS C 219 1.55 -41.51 1.97
CA LYS C 219 1.81 -40.40 1.06
C LYS C 219 3.02 -39.60 1.52
N PHE C 220 3.82 -39.16 0.56
CA PHE C 220 5.03 -38.38 0.81
C PHE C 220 5.04 -37.14 -0.05
N GLU C 221 5.75 -36.12 0.39
CA GLU C 221 5.98 -34.91 -0.39
C GLU C 221 7.49 -34.69 -0.52
N ALA C 222 7.94 -34.37 -1.73
CA ALA C 222 9.37 -34.30 -2.02
C ALA C 222 9.87 -32.86 -1.99
N LEU C 223 11.03 -32.67 -1.38
CA LEU C 223 11.69 -31.37 -1.30
C LEU C 223 13.08 -31.48 -1.91
N ALA C 224 13.56 -30.35 -2.42
CA ALA C 224 14.82 -30.33 -3.16
C ALA C 224 16.01 -30.47 -2.24
N ASP C 225 17.02 -31.20 -2.71
CA ASP C 225 18.27 -31.33 -1.97
C ASP C 225 19.07 -30.04 -2.02
N THR C 226 19.86 -29.81 -0.98
CA THR C 226 20.62 -28.57 -0.89
C THR C 226 21.84 -28.58 -1.80
N ASP C 227 22.44 -29.74 -2.03
CA ASP C 227 23.69 -29.79 -2.78
C ASP C 227 23.46 -29.77 -4.29
N THR C 228 22.64 -30.68 -4.80
CA THR C 228 22.48 -30.86 -6.23
C THR C 228 21.19 -30.28 -6.79
N ASP C 229 20.32 -29.73 -5.94
CA ASP C 229 19.04 -29.19 -6.36
C ASP C 229 18.22 -30.23 -7.13
N GLU C 230 18.23 -31.45 -6.65
CA GLU C 230 17.59 -32.58 -7.32
C GLU C 230 16.39 -33.04 -6.50
N MET C 231 15.27 -33.28 -7.18
CA MET C 231 14.04 -33.69 -6.53
C MET C 231 13.62 -35.11 -6.86
N ALA C 232 14.16 -35.69 -7.94
CA ALA C 232 13.90 -37.07 -8.32
C ALA C 232 14.93 -37.47 -9.36
N VAL C 233 15.41 -38.71 -9.27
CA VAL C 233 16.36 -39.26 -10.23
C VAL C 233 15.74 -40.48 -10.87
N VAL C 234 15.63 -40.47 -12.20
CA VAL C 234 15.08 -41.58 -12.95
C VAL C 234 16.21 -42.20 -13.76
N ILE C 235 16.49 -43.48 -13.50
CA ILE C 235 17.56 -44.26 -14.09
C ILE C 235 16.97 -45.49 -14.78
N GLU C 236 17.47 -45.76 -15.98
CA GLU C 236 17.15 -46.99 -16.70
C GLU C 236 18.47 -47.73 -16.87
N ALA C 237 18.65 -48.78 -16.08
CA ALA C 237 19.95 -49.43 -15.98
C ALA C 237 19.71 -50.90 -15.66
N SER C 238 20.74 -51.58 -15.18
CA SER C 238 20.67 -53.01 -14.87
C SER C 238 20.23 -53.81 -16.09
N ARG C 239 20.46 -53.24 -17.27
CA ARG C 239 20.14 -53.93 -18.51
C ARG C 239 21.01 -55.17 -18.63
N ASP C 240 20.39 -56.30 -18.96
CA ASP C 240 21.08 -57.58 -18.95
C ASP C 240 22.02 -57.66 -20.15
N GLU C 241 23.01 -56.78 -20.14
CA GLU C 241 23.98 -56.65 -21.23
C GLU C 241 25.13 -55.78 -20.77
N MET D 1 -19.10 -32.75 -45.56
CA MET D 1 -20.35 -33.24 -44.97
C MET D 1 -20.10 -33.90 -43.62
N LYS D 2 -21.08 -34.67 -43.16
CA LYS D 2 -20.99 -35.34 -41.87
C LYS D 2 -20.12 -36.59 -42.01
N THR D 3 -18.99 -36.61 -41.31
CA THR D 3 -18.08 -37.73 -41.32
C THR D 3 -18.02 -38.35 -39.94
N VAL D 4 -17.63 -39.63 -39.90
CA VAL D 4 -17.50 -40.39 -38.67
C VAL D 4 -16.03 -40.70 -38.44
N ILE D 5 -15.52 -40.31 -37.28
CA ILE D 5 -14.13 -40.56 -36.90
C ILE D 5 -14.12 -41.67 -35.85
N GLN D 6 -13.38 -42.74 -36.15
CA GLN D 6 -13.25 -43.85 -35.22
C GLN D 6 -11.80 -44.22 -34.96
N ASP D 7 -10.86 -43.37 -35.35
CA ASP D 7 -9.44 -43.66 -35.24
C ASP D 7 -8.76 -42.65 -34.32
N THR D 8 -7.53 -42.99 -33.93
CA THR D 8 -6.69 -42.10 -33.15
C THR D 8 -5.90 -41.20 -34.08
N ALA D 9 -4.90 -40.50 -33.56
CA ALA D 9 -4.12 -39.56 -34.33
C ALA D 9 -2.63 -39.84 -34.19
N ASP D 10 -1.89 -39.62 -35.28
CA ASP D 10 -0.44 -39.67 -35.26
C ASP D 10 0.09 -38.28 -34.94
N VAL D 11 1.12 -38.22 -34.09
CA VAL D 11 1.58 -36.98 -33.49
C VAL D 11 3.03 -36.73 -33.91
N TYR D 12 3.32 -35.48 -34.26
CA TYR D 12 4.67 -35.06 -34.61
C TYR D 12 5.05 -33.85 -33.76
N PHE D 13 6.23 -33.92 -33.13
CA PHE D 13 6.79 -32.86 -32.30
C PHE D 13 8.07 -32.33 -32.94
N LYS D 14 8.27 -31.02 -32.86
CA LYS D 14 9.37 -30.34 -33.51
C LYS D 14 9.94 -29.30 -32.56
N ARG D 15 11.20 -29.42 -32.20
CA ARG D 15 11.83 -28.49 -31.25
C ARG D 15 12.45 -27.33 -32.02
N LYS D 16 12.03 -26.11 -31.68
CA LYS D 16 12.54 -24.92 -32.37
C LYS D 16 13.74 -24.31 -31.66
N SER D 17 14.71 -25.15 -31.32
CA SER D 17 16.00 -24.66 -30.85
C SER D 17 17.19 -25.38 -31.47
N ASP D 18 17.06 -26.63 -31.89
CA ASP D 18 18.15 -27.38 -32.49
C ASP D 18 17.74 -28.17 -33.72
N GLY D 19 16.44 -28.35 -33.98
CA GLY D 19 16.01 -29.07 -35.15
C GLY D 19 15.83 -30.56 -34.91
N LYS D 20 15.16 -30.92 -33.83
CA LYS D 20 14.94 -32.31 -33.46
C LYS D 20 13.48 -32.66 -33.69
N LEU D 21 13.26 -33.79 -34.37
CA LEU D 21 11.91 -34.26 -34.68
C LEU D 21 11.63 -35.53 -33.88
N VAL D 22 10.45 -35.57 -33.25
CA VAL D 22 9.98 -36.74 -32.52
C VAL D 22 8.66 -37.17 -33.13
N PHE D 23 8.52 -38.46 -33.41
CA PHE D 23 7.40 -38.97 -34.18
C PHE D 23 6.74 -40.12 -33.43
N THR D 24 5.42 -40.11 -33.40
CA THR D 24 4.64 -41.15 -32.73
C THR D 24 3.80 -41.89 -33.76
N ALA D 25 3.86 -43.22 -33.73
CA ALA D 25 3.01 -44.05 -34.56
C ALA D 25 2.08 -44.94 -33.76
N GLU D 26 2.33 -45.10 -32.46
CA GLU D 26 1.53 -45.94 -31.58
C GLU D 26 0.97 -45.05 -30.48
N ALA D 27 -0.17 -44.43 -30.75
CA ALA D 27 -0.80 -43.51 -29.81
C ALA D 27 -2.17 -44.03 -29.41
N GLN D 28 -2.69 -43.51 -28.30
CA GLN D 28 -3.96 -43.93 -27.77
C GLN D 28 -4.95 -42.80 -27.58
N THR D 29 -4.48 -41.57 -27.37
CA THR D 29 -5.38 -40.44 -27.13
C THR D 29 -4.68 -39.17 -27.56
N ALA D 30 -5.34 -38.38 -28.42
CA ALA D 30 -4.87 -37.07 -28.84
C ALA D 30 -6.04 -36.11 -28.71
N SER D 31 -6.05 -35.33 -27.63
CA SER D 31 -7.15 -34.44 -27.29
C SER D 31 -6.74 -32.99 -27.44
N PHE D 32 -7.70 -32.16 -27.83
CA PHE D 32 -7.47 -30.73 -28.04
C PHE D 32 -8.69 -29.98 -27.53
N SER D 33 -8.49 -29.07 -26.59
CA SER D 33 -9.58 -28.38 -25.92
C SER D 33 -9.38 -26.88 -26.00
N GLN D 34 -10.49 -26.15 -25.88
CA GLN D 34 -10.50 -24.71 -26.09
C GLN D 34 -11.48 -24.05 -25.15
N ALA D 35 -11.11 -22.90 -24.59
CA ALA D 35 -11.97 -22.14 -23.69
C ALA D 35 -11.89 -20.66 -24.02
N ILE D 36 -13.00 -19.96 -23.80
CA ILE D 36 -13.12 -18.53 -24.06
C ILE D 36 -13.59 -17.83 -22.79
N SER D 37 -12.90 -16.77 -22.41
CA SER D 37 -13.24 -15.96 -21.25
C SER D 37 -13.60 -14.56 -21.69
N GLU D 38 -14.72 -14.04 -21.17
CA GLU D 38 -15.19 -12.71 -21.52
C GLU D 38 -15.69 -12.01 -20.27
N GLU D 39 -15.28 -10.75 -20.10
CA GLU D 39 -15.75 -9.90 -19.02
C GLU D 39 -16.49 -8.71 -19.61
N LYS D 40 -17.37 -8.11 -18.80
CA LYS D 40 -18.35 -7.17 -19.31
C LYS D 40 -18.31 -5.89 -18.49
N LEU D 41 -18.38 -4.76 -19.18
CA LEU D 41 -18.30 -3.44 -18.55
C LEU D 41 -19.69 -2.98 -18.14
N ARG D 42 -19.79 -2.45 -16.92
CA ARG D 42 -21.08 -2.17 -16.28
C ARG D 42 -21.17 -0.70 -15.92
N GLY D 43 -22.35 -0.11 -16.15
CA GLY D 43 -22.61 1.28 -15.84
C GLY D 43 -23.30 1.45 -14.51
N GLY D 44 -23.90 2.62 -14.33
CA GLY D 44 -24.44 3.04 -13.06
C GLY D 44 -25.94 3.28 -13.06
N ILE D 45 -26.42 3.83 -11.95
CA ILE D 45 -27.82 4.13 -11.63
C ILE D 45 -28.70 2.90 -11.67
N GLY D 46 -29.54 2.75 -10.64
CA GLY D 46 -30.46 1.63 -10.55
C GLY D 46 -29.77 0.29 -10.52
N ASN D 47 -29.92 -0.46 -11.60
CA ASN D 47 -29.17 -1.70 -11.78
C ASN D 47 -27.77 -1.34 -12.25
N LYS D 48 -27.02 -2.31 -12.75
CA LYS D 48 -25.69 -2.02 -13.28
C LYS D 48 -25.65 -2.59 -14.69
N PRO D 49 -26.13 -1.85 -15.69
CA PRO D 49 -26.32 -2.43 -17.03
C PRO D 49 -25.01 -2.83 -17.69
N LEU D 50 -25.10 -3.35 -18.92
CA LEU D 50 -24.04 -4.16 -19.49
C LEU D 50 -23.37 -3.49 -20.68
N TYR D 51 -22.18 -4.00 -21.01
CA TYR D 51 -21.52 -3.78 -22.30
C TYR D 51 -20.50 -4.88 -22.49
N ILE D 52 -20.47 -5.48 -23.67
CA ILE D 52 -19.62 -6.65 -23.93
C ILE D 52 -18.25 -6.18 -24.37
N LEU D 53 -17.22 -6.75 -23.74
CA LEU D 53 -15.85 -6.37 -23.98
C LEU D 53 -15.15 -7.46 -24.80
N LYS D 54 -13.87 -7.29 -25.04
CA LYS D 54 -13.10 -8.26 -25.80
C LYS D 54 -12.86 -9.52 -24.97
N SER D 55 -12.80 -10.64 -25.66
CA SER D 55 -12.66 -11.96 -25.04
C SER D 55 -11.29 -12.56 -25.37
N GLU D 56 -10.93 -13.59 -24.60
CA GLU D 56 -9.64 -14.24 -24.75
C GLU D 56 -9.84 -15.74 -24.86
N LYS D 57 -8.89 -16.40 -25.52
CA LYS D 57 -8.97 -17.82 -25.82
C LYS D 57 -7.76 -18.55 -25.26
N GLU D 58 -8.00 -19.77 -24.76
CA GLU D 58 -6.93 -20.65 -24.29
C GLU D 58 -7.13 -22.02 -24.92
N ILE D 59 -6.03 -22.64 -25.36
CA ILE D 59 -6.06 -23.92 -26.07
C ILE D 59 -5.10 -24.87 -25.39
N ASN D 60 -5.55 -26.10 -25.14
CA ASN D 60 -4.75 -27.12 -24.49
C ASN D 60 -4.67 -28.38 -25.35
N LEU D 61 -3.51 -29.04 -25.29
CA LEU D 61 -3.25 -30.26 -26.03
C LEU D 61 -2.90 -31.36 -25.04
N THR D 62 -3.32 -32.59 -25.34
CA THR D 62 -3.03 -33.75 -24.50
C THR D 62 -2.71 -34.93 -25.40
N VAL D 63 -1.60 -35.63 -25.12
CA VAL D 63 -1.20 -36.80 -25.88
C VAL D 63 -0.91 -37.94 -24.91
N LYS D 64 -1.28 -39.15 -25.31
CA LYS D 64 -0.99 -40.35 -24.53
C LYS D 64 -0.43 -41.42 -25.45
N ASN D 65 0.67 -42.04 -25.03
CA ASN D 65 1.34 -43.06 -25.81
C ASN D 65 0.99 -44.45 -25.28
N ALA D 66 1.50 -45.48 -25.96
CA ALA D 66 1.33 -46.86 -25.53
C ALA D 66 2.62 -47.53 -25.09
N PHE D 67 3.76 -46.95 -25.39
CA PHE D 67 5.06 -47.47 -24.99
C PHE D 67 5.77 -46.45 -24.12
N PHE D 68 6.55 -46.93 -23.16
CA PHE D 68 7.34 -46.06 -22.32
C PHE D 68 8.66 -45.73 -22.99
N ASP D 69 9.04 -44.47 -22.94
CA ASP D 69 10.29 -44.01 -23.53
C ASP D 69 10.82 -42.86 -22.68
N LEU D 70 12.11 -42.91 -22.36
CA LEU D 70 12.70 -41.89 -21.50
C LEU D 70 12.76 -40.53 -22.16
N GLU D 71 12.56 -40.45 -23.48
CA GLU D 71 12.52 -39.15 -24.15
C GLU D 71 11.23 -38.39 -23.86
N TRP D 72 10.15 -39.09 -23.52
CA TRP D 72 8.87 -38.42 -23.31
C TRP D 72 8.92 -37.50 -22.11
N LEU D 73 9.40 -37.99 -20.98
CA LEU D 73 9.52 -37.17 -19.79
C LEU D 73 10.84 -36.41 -19.72
N ALA D 74 11.69 -36.57 -20.73
CA ALA D 74 12.86 -35.71 -20.89
C ALA D 74 12.50 -34.37 -21.54
N MET D 75 11.28 -34.23 -22.05
CA MET D 75 10.80 -32.97 -22.59
C MET D 75 9.98 -32.16 -21.60
N THR D 76 9.29 -32.84 -20.67
CA THR D 76 8.58 -32.12 -19.61
C THR D 76 9.56 -31.32 -18.76
N GLN D 77 10.67 -31.95 -18.37
CA GLN D 77 11.77 -31.26 -17.72
C GLN D 77 12.93 -31.20 -18.71
N GLY D 78 13.20 -30.00 -19.23
CA GLY D 78 14.26 -29.87 -20.21
C GLY D 78 15.60 -30.18 -19.60
N GLU D 79 16.15 -31.34 -19.92
CA GLU D 79 17.37 -31.82 -19.30
C GLU D 79 17.85 -33.04 -20.07
N THR D 80 19.13 -33.07 -20.41
CA THR D 80 19.68 -34.14 -21.22
C THR D 80 19.87 -35.41 -20.39
N ILE D 81 20.01 -36.53 -21.08
CA ILE D 81 20.24 -37.82 -20.44
C ILE D 81 21.71 -38.19 -20.62
N GLN D 82 22.44 -38.27 -19.51
CA GLN D 82 23.83 -38.68 -19.55
C GLN D 82 23.91 -40.20 -19.54
N GLU D 83 24.76 -40.74 -20.42
CA GLU D 83 24.86 -42.18 -20.61
C GLU D 83 26.09 -42.73 -19.92
N GLU D 84 25.99 -44.00 -19.51
CA GLU D 84 27.07 -44.73 -18.84
C GLU D 84 27.57 -43.97 -17.62
N THR D 85 26.65 -43.77 -16.68
CA THR D 85 26.98 -43.13 -15.41
C THR D 85 26.78 -44.12 -14.27
N LYS D 86 27.55 -43.91 -13.21
CA LYS D 86 27.56 -44.79 -12.04
C LYS D 86 26.48 -44.35 -11.06
N VAL D 87 25.73 -45.31 -10.53
CA VAL D 87 24.63 -45.03 -9.64
C VAL D 87 24.60 -46.08 -8.54
N LYS D 88 23.94 -45.74 -7.44
CA LYS D 88 23.82 -46.62 -6.28
C LYS D 88 22.37 -47.07 -6.17
N VAL D 89 22.16 -48.38 -6.08
CA VAL D 89 20.82 -48.96 -6.10
C VAL D 89 20.72 -49.97 -4.95
N PHE D 90 19.47 -50.31 -4.61
CA PHE D 90 19.20 -51.28 -3.56
C PHE D 90 19.07 -52.69 -4.13
N ASP D 91 19.41 -53.68 -3.31
CA ASP D 91 19.33 -55.07 -3.69
C ASP D 91 19.10 -55.91 -2.45
N ARG D 92 18.67 -57.15 -2.66
CA ARG D 92 18.27 -58.01 -1.56
C ARG D 92 18.31 -59.47 -1.99
N GLU D 93 18.76 -60.35 -1.10
CA GLU D 93 18.60 -61.78 -1.29
C GLU D 93 17.75 -62.39 -0.20
N HIS D 94 16.98 -63.39 -0.60
CA HIS D 94 16.10 -64.16 0.27
C HIS D 94 16.60 -65.61 0.35
N GLY D 95 16.29 -66.27 1.45
CA GLY D 95 16.61 -67.68 1.57
C GLY D 95 18.05 -67.97 1.92
N LEU D 96 18.56 -67.33 2.96
CA LEU D 96 19.91 -67.56 3.43
C LEU D 96 19.88 -68.54 4.60
N ILE D 97 20.62 -69.64 4.47
CA ILE D 97 20.67 -70.67 5.50
C ILE D 97 21.87 -70.39 6.39
N VAL D 98 21.61 -70.24 7.70
CA VAL D 98 22.69 -70.01 8.65
C VAL D 98 23.55 -71.27 8.77
N ASP D 99 24.83 -71.08 9.04
CA ASP D 99 25.76 -72.21 9.11
C ASP D 99 25.65 -72.90 10.47
N ASP D 100 26.49 -73.92 10.67
CA ASP D 100 26.47 -74.67 11.92
C ASP D 100 26.93 -73.80 13.09
N THR D 101 27.94 -72.96 12.88
CA THR D 101 28.46 -72.15 13.98
C THR D 101 27.45 -71.08 14.38
N ASN D 102 27.18 -70.14 13.47
CA ASN D 102 26.33 -68.96 13.65
C ASN D 102 26.76 -67.86 12.69
N LYS D 103 27.14 -68.22 11.48
CA LYS D 103 27.61 -67.26 10.49
C LYS D 103 26.87 -67.45 9.17
N VAL D 104 26.85 -66.38 8.37
CA VAL D 104 26.23 -66.40 7.05
C VAL D 104 27.18 -65.76 6.05
N THR D 105 27.02 -66.14 4.78
CA THR D 105 27.80 -65.58 3.69
C THR D 105 26.89 -64.84 2.73
N LEU D 106 27.50 -63.97 1.92
CA LEU D 106 26.77 -63.16 0.95
C LEU D 106 27.54 -63.17 -0.37
N LYS D 107 26.87 -63.60 -1.44
CA LYS D 107 27.47 -63.62 -2.76
C LYS D 107 27.13 -62.34 -3.54
N GLY D 108 27.63 -61.23 -3.01
CA GLY D 108 27.40 -59.93 -3.60
C GLY D 108 28.52 -58.98 -3.25
N LYS D 109 28.36 -57.73 -3.65
CA LYS D 109 29.33 -56.67 -3.40
C LYS D 109 28.64 -55.51 -2.70
N PRO D 110 28.42 -55.61 -1.39
CA PRO D 110 27.75 -54.51 -0.67
C PRO D 110 28.61 -53.26 -0.64
N VAL D 111 27.95 -52.14 -0.38
CA VAL D 111 28.57 -50.82 -0.40
C VAL D 111 28.44 -50.12 0.94
N SER D 112 27.23 -50.10 1.51
CA SER D 112 26.96 -49.26 2.67
C SER D 112 26.75 -50.05 3.96
N ASP D 113 25.77 -50.94 3.99
CA ASP D 113 25.43 -51.66 5.22
C ASP D 113 24.51 -52.82 4.89
N VAL D 114 24.49 -53.80 5.78
CA VAL D 114 23.63 -54.97 5.66
C VAL D 114 22.66 -54.98 6.83
N THR D 115 21.37 -55.09 6.51
CA THR D 115 20.30 -55.06 7.52
C THR D 115 19.55 -56.39 7.45
N PHE D 116 19.90 -57.31 8.34
CA PHE D 116 19.30 -58.63 8.33
C PHE D 116 17.91 -58.61 8.97
N TYR D 117 16.97 -59.30 8.33
CA TYR D 117 15.62 -59.48 8.86
C TYR D 117 15.33 -60.97 9.00
N ASN D 118 14.58 -61.32 10.04
CA ASN D 118 14.29 -62.71 10.37
C ASN D 118 12.83 -63.02 10.08
N LYS D 119 12.43 -64.26 10.37
CA LYS D 119 11.08 -64.72 10.04
C LYS D 119 10.03 -64.12 10.96
N LYS D 120 10.43 -63.63 12.14
CA LYS D 120 9.48 -63.00 13.04
C LYS D 120 9.45 -61.49 12.94
N GLY D 121 10.49 -60.88 12.38
CA GLY D 121 10.55 -59.44 12.24
C GLY D 121 11.43 -58.75 13.25
N LEU D 122 12.65 -58.42 12.84
CA LEU D 122 13.61 -57.72 13.69
C LEU D 122 14.65 -57.08 12.78
N THR D 123 15.74 -56.58 13.39
CA THR D 123 16.75 -55.85 12.63
C THR D 123 18.09 -55.97 13.34
N TYR D 124 19.14 -56.25 12.57
CA TYR D 124 20.51 -56.28 13.07
C TYR D 124 21.42 -55.71 12.00
N LYS D 125 21.91 -54.48 12.22
CA LYS D 125 22.81 -53.84 11.28
C LYS D 125 24.26 -54.19 11.61
N ILE D 126 25.09 -54.23 10.56
CA ILE D 126 26.51 -54.50 10.72
C ILE D 126 27.25 -53.93 9.51
N ALA D 127 28.42 -53.36 9.75
CA ALA D 127 29.21 -52.78 8.69
C ALA D 127 29.71 -53.87 7.74
N VAL D 128 30.22 -53.43 6.58
CA VAL D 128 30.64 -54.37 5.55
C VAL D 128 31.86 -55.15 6.04
N SER D 129 31.83 -56.46 5.84
CA SER D 129 32.92 -57.35 6.25
C SER D 129 33.72 -57.74 5.02
N THR D 130 35.05 -57.61 5.12
CA THR D 130 35.91 -57.89 3.98
C THR D 130 36.01 -59.37 3.66
N ASP D 131 35.78 -60.25 4.63
CA ASP D 131 35.95 -61.68 4.44
C ASP D 131 34.74 -62.34 3.79
N GLY D 132 33.66 -61.60 3.57
CA GLY D 132 32.46 -62.18 3.01
C GLY D 132 31.64 -63.01 3.96
N THR D 133 31.96 -62.99 5.25
CA THR D 133 31.24 -63.74 6.26
C THR D 133 30.72 -62.78 7.33
N TYR D 134 29.51 -63.03 7.80
CA TYR D 134 28.88 -62.18 8.80
C TYR D 134 28.40 -63.04 9.95
N THR D 135 28.63 -62.56 11.18
CA THR D 135 28.25 -63.27 12.39
C THR D 135 27.01 -62.63 12.99
N ILE D 136 26.06 -63.47 13.40
CA ILE D 136 24.78 -63.03 13.95
C ILE D 136 24.74 -63.38 15.43
N PRO D 137 24.25 -62.51 16.30
CA PRO D 137 24.01 -62.91 17.69
C PRO D 137 22.95 -64.00 17.76
N THR D 138 23.14 -64.91 18.72
CA THR D 138 22.24 -66.05 18.86
C THR D 138 20.87 -65.66 19.38
N ALA D 139 20.74 -64.50 20.05
CA ALA D 139 19.43 -64.06 20.49
C ALA D 139 18.57 -63.54 19.34
N PHE D 140 19.20 -62.96 18.31
CA PHE D 140 18.46 -62.51 17.14
C PHE D 140 17.84 -63.69 16.41
N ALA D 141 18.64 -64.70 16.10
CA ALA D 141 18.15 -65.89 15.44
C ALA D 141 19.09 -67.05 15.76
N ALA D 142 18.59 -68.26 15.55
CA ALA D 142 19.33 -69.48 15.85
C ALA D 142 19.74 -70.18 14.56
N ALA D 143 20.49 -71.26 14.70
CA ALA D 143 20.93 -72.03 13.55
C ALA D 143 19.76 -72.84 12.99
N LYS D 144 19.98 -73.39 11.79
CA LYS D 144 18.94 -74.08 11.02
C LYS D 144 17.72 -73.19 10.81
N ASP D 145 17.95 -71.92 10.49
CA ASP D 145 16.88 -70.96 10.23
C ASP D 145 17.15 -70.25 8.91
N LYS D 146 16.20 -69.41 8.50
CA LYS D 146 16.26 -68.67 7.25
C LYS D 146 16.21 -67.18 7.53
N LEU D 147 17.06 -66.42 6.86
CA LEU D 147 17.14 -64.98 7.00
C LEU D 147 17.16 -64.33 5.62
N THR D 148 17.05 -63.00 5.61
CA THR D 148 17.09 -62.22 4.37
C THR D 148 18.01 -61.04 4.55
N ALA D 149 18.56 -60.56 3.44
CA ALA D 149 19.53 -59.47 3.49
C ALA D 149 19.21 -58.40 2.46
N VAL D 150 19.34 -57.14 2.86
CA VAL D 150 19.09 -55.99 2.00
C VAL D 150 20.25 -55.02 2.15
N TYR D 151 20.75 -54.50 1.03
CA TYR D 151 21.88 -53.57 1.03
C TYR D 151 21.87 -52.77 -0.27
N GLN D 152 22.98 -52.11 -0.55
CA GLN D 152 23.15 -51.32 -1.77
C GLN D 152 24.34 -51.81 -2.57
N ILE D 153 24.25 -51.67 -3.90
CA ILE D 153 25.33 -51.96 -4.82
C ILE D 153 25.46 -50.81 -5.81
N GLU D 154 26.47 -50.89 -6.67
CA GLU D 154 26.72 -49.88 -7.68
C GLU D 154 26.48 -50.47 -9.07
N LYS D 155 25.94 -49.65 -9.96
CA LYS D 155 25.58 -50.08 -11.31
C LYS D 155 25.87 -48.94 -12.28
N VAL D 156 25.80 -49.26 -13.57
CA VAL D 156 26.09 -48.29 -14.63
C VAL D 156 24.90 -48.25 -15.57
N GLY D 157 24.43 -47.04 -15.89
CA GLY D 157 23.30 -46.90 -16.79
C GLY D 157 23.06 -45.46 -17.19
N ARG D 158 21.89 -45.23 -17.79
CA ARG D 158 21.43 -43.89 -18.16
C ARG D 158 20.78 -43.21 -16.99
N ARG D 159 20.69 -41.88 -17.03
CA ARG D 159 20.22 -41.16 -15.85
C ARG D 159 19.54 -39.86 -16.24
N LEU D 160 18.39 -39.58 -15.64
CA LEU D 160 17.69 -38.32 -15.80
C LEU D 160 17.50 -37.67 -14.44
N ALA D 161 17.76 -36.37 -14.36
CA ALA D 161 17.66 -35.62 -13.12
C ALA D 161 16.50 -34.65 -13.19
N ILE D 162 15.51 -34.85 -12.33
CA ILE D 162 14.35 -33.96 -12.26
C ILE D 162 14.69 -32.87 -11.24
N LYS D 163 15.08 -31.70 -11.74
CA LYS D 163 15.54 -30.61 -10.90
C LYS D 163 14.42 -29.59 -10.69
N ALA D 164 14.56 -28.81 -9.62
CA ALA D 164 13.53 -27.88 -9.20
C ALA D 164 13.68 -26.50 -9.81
N SER D 165 14.63 -26.31 -10.72
CA SER D 165 14.84 -25.00 -11.34
C SER D 165 15.01 -25.11 -12.84
N LYS D 166 14.31 -26.04 -13.48
CA LYS D 166 14.42 -26.24 -14.92
C LYS D 166 13.03 -26.53 -15.49
N PHE D 167 12.61 -25.73 -16.46
CA PHE D 167 11.36 -25.93 -17.18
C PHE D 167 11.67 -26.31 -18.64
N SER D 168 10.61 -26.48 -19.42
CA SER D 168 10.73 -27.05 -20.75
C SER D 168 11.14 -25.98 -21.76
N GLU D 169 11.12 -26.34 -23.05
CA GLU D 169 11.43 -25.44 -24.15
C GLU D 169 10.18 -25.27 -25.01
N ARG D 170 10.33 -24.64 -26.18
CA ARG D 170 9.23 -24.41 -27.08
C ARG D 170 9.21 -25.45 -28.19
N TYR D 171 8.00 -25.79 -28.64
CA TYR D 171 7.80 -26.88 -29.57
C TYR D 171 6.74 -26.51 -30.61
N GLU D 172 6.61 -27.39 -31.61
CA GLU D 172 5.57 -27.31 -32.63
C GLU D 172 4.97 -28.70 -32.78
N VAL D 173 3.65 -28.79 -32.90
CA VAL D 173 2.96 -30.07 -32.86
C VAL D 173 2.03 -30.20 -34.06
N GLU D 174 1.84 -31.43 -34.55
CA GLU D 174 0.78 -31.69 -35.51
C GLU D 174 0.16 -33.06 -35.27
N TYR D 175 -1.17 -33.10 -35.34
CA TYR D 175 -1.95 -34.32 -35.29
C TYR D 175 -2.49 -34.64 -36.68
N ARG D 176 -2.49 -35.93 -37.03
CA ARG D 176 -3.09 -36.41 -38.26
C ARG D 176 -4.09 -37.52 -37.93
N THR D 177 -5.25 -37.50 -38.58
CA THR D 177 -6.27 -38.52 -38.38
C THR D 177 -7.06 -38.72 -39.66
N ILE D 178 -7.86 -39.78 -39.69
CA ILE D 178 -8.59 -40.20 -40.88
C ILE D 178 -10.07 -40.24 -40.58
N ALA D 179 -10.87 -39.67 -41.47
CA ALA D 179 -12.32 -39.68 -41.36
C ALA D 179 -12.92 -40.71 -42.30
N TYR D 180 -14.23 -40.93 -42.16
CA TYR D 180 -14.97 -41.91 -42.93
C TYR D 180 -16.20 -41.27 -43.57
N ASN D 181 -17.04 -42.12 -44.16
CA ASN D 181 -18.30 -41.76 -44.76
C ASN D 181 -19.42 -42.65 -44.21
N PRO D 182 -20.59 -42.11 -43.90
CA PRO D 182 -21.64 -42.91 -43.26
C PRO D 182 -22.52 -43.72 -44.21
N ASP D 183 -22.31 -43.62 -45.52
CA ASP D 183 -23.09 -44.40 -46.48
C ASP D 183 -22.24 -45.42 -47.23
N THR D 184 -21.18 -44.97 -47.91
CA THR D 184 -20.31 -45.86 -48.65
C THR D 184 -19.18 -46.42 -47.80
N GLU D 185 -18.93 -45.85 -46.63
CA GLU D 185 -17.98 -46.35 -45.64
C GLU D 185 -16.57 -46.54 -46.17
N GLU D 186 -16.17 -45.87 -47.25
CA GLU D 186 -14.82 -46.14 -47.73
C GLU D 186 -13.79 -45.34 -46.96
N VAL D 187 -13.70 -44.04 -47.29
CA VAL D 187 -12.87 -43.03 -46.64
C VAL D 187 -13.34 -41.71 -47.22
N TYR D 188 -13.34 -40.65 -46.41
CA TYR D 188 -13.69 -39.34 -46.94
C TYR D 188 -12.52 -38.37 -46.95
N SER D 189 -11.85 -38.15 -45.82
CA SER D 189 -10.87 -37.08 -45.75
C SER D 189 -9.82 -37.39 -44.70
N ASP D 190 -8.71 -36.67 -44.80
CA ASP D 190 -7.67 -36.66 -43.79
C ASP D 190 -7.74 -35.34 -43.03
N ILE D 191 -7.81 -35.41 -41.71
CA ILE D 191 -7.95 -34.22 -40.87
C ILE D 191 -6.61 -33.97 -40.18
N TYR D 192 -6.08 -32.77 -40.38
CA TYR D 192 -4.82 -32.36 -39.78
C TYR D 192 -5.08 -31.20 -38.82
N ILE D 193 -4.41 -31.22 -37.68
CA ILE D 193 -4.47 -30.11 -36.72
C ILE D 193 -3.05 -29.67 -36.43
N GLN D 194 -2.76 -28.40 -36.67
CA GLN D 194 -1.42 -27.87 -36.54
C GLN D 194 -1.36 -26.85 -35.42
N PHE D 195 -0.36 -26.98 -34.55
CA PHE D 195 -0.17 -26.10 -33.41
C PHE D 195 1.23 -25.51 -33.46
N PRO D 196 1.38 -24.24 -33.81
CA PRO D 196 2.67 -23.57 -33.65
C PRO D 196 2.80 -22.87 -32.32
N ASN D 197 4.04 -22.80 -31.84
CA ASN D 197 4.40 -22.10 -30.60
C ASN D 197 3.62 -22.64 -29.40
N VAL D 198 3.92 -23.90 -29.09
CA VAL D 198 3.37 -24.55 -27.90
C VAL D 198 4.46 -24.67 -26.84
N SER D 199 4.05 -24.95 -25.60
CA SER D 199 4.96 -25.10 -24.49
C SER D 199 4.47 -26.22 -23.59
N PRO D 200 5.32 -27.19 -23.25
CA PRO D 200 4.88 -28.31 -22.41
C PRO D 200 4.75 -27.90 -20.95
N SER D 201 3.51 -27.77 -20.50
CA SER D 201 3.26 -27.51 -19.09
C SER D 201 3.48 -28.78 -18.28
N GLY D 202 3.90 -28.60 -17.04
CA GLY D 202 4.15 -29.75 -16.20
C GLY D 202 2.93 -30.20 -15.41
N GLU D 203 2.20 -31.17 -15.97
CA GLU D 203 1.11 -31.86 -15.29
C GLU D 203 1.40 -33.34 -15.53
N PHE D 204 2.23 -33.90 -14.66
CA PHE D 204 2.77 -35.24 -14.84
C PHE D 204 2.17 -36.19 -13.82
N GLU D 205 1.82 -37.39 -14.29
CA GLU D 205 1.26 -38.42 -13.41
C GLU D 205 1.53 -39.78 -14.04
N MET D 206 2.54 -40.48 -13.55
CA MET D 206 2.83 -41.85 -13.98
C MET D 206 2.58 -42.77 -12.78
N SER D 207 1.65 -43.71 -12.96
CA SER D 207 1.28 -44.62 -11.89
C SER D 207 1.49 -46.05 -12.35
N LEU D 208 1.85 -46.91 -11.40
CA LEU D 208 2.23 -48.28 -11.69
C LEU D 208 1.25 -49.21 -10.96
N GLU D 209 0.15 -49.54 -11.63
CA GLU D 209 -0.84 -50.45 -11.06
C GLU D 209 -0.39 -51.90 -11.23
N ASN D 210 -1.13 -52.81 -10.59
CA ASN D 210 -0.84 -54.23 -10.66
C ASN D 210 -1.61 -54.82 -11.84
N GLY D 211 -0.89 -55.38 -12.81
CA GLY D 211 -1.51 -55.96 -13.97
C GLY D 211 -2.24 -54.98 -14.86
N ASN D 212 -1.73 -53.75 -14.95
CA ASN D 212 -2.33 -52.72 -15.78
C ASN D 212 -1.23 -52.02 -16.55
N ALA D 213 -1.46 -51.79 -17.84
CA ALA D 213 -0.44 -51.18 -18.69
C ALA D 213 -0.21 -49.73 -18.30
N LEU D 214 1.01 -49.25 -18.57
CA LEU D 214 1.41 -47.89 -18.26
C LEU D 214 1.39 -47.07 -19.54
N ALA D 215 0.65 -45.97 -19.53
CA ALA D 215 0.58 -45.07 -20.68
C ALA D 215 1.04 -43.69 -20.26
N PRO D 216 2.24 -43.26 -20.62
CA PRO D 216 2.69 -41.91 -20.25
C PRO D 216 1.84 -40.85 -20.91
N GLU D 217 1.69 -39.72 -20.20
CA GLU D 217 0.80 -38.65 -20.60
C GLU D 217 1.60 -37.35 -20.71
N ILE D 218 1.35 -36.59 -21.78
CA ILE D 218 2.02 -35.32 -22.01
C ILE D 218 0.98 -34.25 -22.28
N LYS D 219 1.25 -33.04 -21.78
CA LYS D 219 0.33 -31.92 -21.89
C LYS D 219 1.05 -30.75 -22.54
N PHE D 220 0.26 -29.85 -23.12
CA PHE D 220 0.81 -28.66 -23.77
C PHE D 220 -0.13 -27.49 -23.53
N GLU D 221 0.26 -26.33 -24.04
CA GLU D 221 -0.54 -25.11 -23.91
C GLU D 221 -0.20 -24.19 -25.08
N ALA D 222 -1.19 -23.89 -25.91
CA ALA D 222 -0.94 -23.19 -27.17
C ALA D 222 -0.71 -21.71 -26.93
N LEU D 223 0.22 -21.15 -27.71
CA LEU D 223 0.52 -19.73 -27.70
C LEU D 223 0.49 -19.19 -29.13
N ALA D 224 -0.05 -17.99 -29.29
CA ALA D 224 -0.22 -17.42 -30.60
C ALA D 224 1.12 -17.12 -31.25
N ASP D 225 1.18 -17.33 -32.57
CA ASP D 225 2.41 -17.09 -33.30
C ASP D 225 2.66 -15.58 -33.44
N THR D 226 3.93 -15.24 -33.68
CA THR D 226 4.33 -13.85 -33.78
C THR D 226 4.12 -13.27 -35.18
N ASP D 227 3.69 -14.08 -36.14
CA ASP D 227 3.49 -13.62 -37.51
C ASP D 227 2.05 -13.68 -37.96
N THR D 228 1.41 -14.84 -37.84
CA THR D 228 0.06 -15.05 -38.35
C THR D 228 -1.03 -14.83 -37.31
N ASP D 229 -0.66 -14.54 -36.06
CA ASP D 229 -1.63 -14.32 -34.98
C ASP D 229 -2.60 -15.50 -34.86
N GLU D 230 -2.05 -16.72 -34.92
CA GLU D 230 -2.84 -17.93 -34.96
C GLU D 230 -2.40 -18.87 -33.85
N MET D 231 -3.33 -19.67 -33.34
CA MET D 231 -3.06 -20.63 -32.29
C MET D 231 -3.04 -22.06 -32.80
N ALA D 232 -4.04 -22.46 -33.57
CA ALA D 232 -4.11 -23.79 -34.15
C ALA D 232 -4.98 -23.75 -35.39
N VAL D 233 -4.63 -24.57 -36.38
CA VAL D 233 -5.36 -24.58 -37.65
C VAL D 233 -5.83 -25.99 -37.93
N VAL D 234 -7.09 -26.11 -38.33
CA VAL D 234 -7.70 -27.38 -38.71
C VAL D 234 -7.77 -27.43 -40.22
N ILE D 235 -7.23 -28.49 -40.80
CA ILE D 235 -7.16 -28.67 -42.24
C ILE D 235 -7.95 -29.90 -42.62
N GLU D 236 -8.97 -29.71 -43.46
CA GLU D 236 -9.70 -30.81 -44.06
C GLU D 236 -8.98 -31.28 -45.32
N ALA D 237 -9.45 -32.40 -45.86
CA ALA D 237 -8.86 -32.93 -47.09
C ALA D 237 -9.93 -33.73 -47.82
N SER D 238 -9.50 -34.56 -48.76
CA SER D 238 -10.39 -35.50 -49.43
C SER D 238 -9.55 -36.58 -50.08
N ARG D 239 -10.17 -37.74 -50.29
CA ARG D 239 -9.54 -38.79 -51.08
C ARG D 239 -9.73 -38.58 -52.58
N ASP D 240 -10.55 -37.61 -52.97
CA ASP D 240 -10.76 -37.26 -54.38
C ASP D 240 -9.81 -36.16 -54.82
N GLU D 241 -8.52 -36.37 -54.58
CA GLU D 241 -7.50 -35.40 -54.98
C GLU D 241 -6.11 -36.04 -54.96
N MET E 1 -50.09 -34.78 -16.93
CA MET E 1 -50.04 -36.21 -16.66
C MET E 1 -48.61 -36.66 -16.39
N LYS E 2 -48.46 -37.63 -15.48
CA LYS E 2 -47.16 -38.19 -15.19
C LYS E 2 -46.65 -38.98 -16.39
N THR E 3 -45.45 -38.64 -16.85
CA THR E 3 -44.93 -39.18 -18.10
C THR E 3 -43.52 -39.72 -17.90
N VAL E 4 -43.03 -40.41 -18.93
CA VAL E 4 -41.70 -41.01 -18.93
C VAL E 4 -40.96 -40.53 -20.16
N ILE E 5 -39.70 -40.14 -19.98
CA ILE E 5 -38.86 -39.61 -21.06
C ILE E 5 -37.70 -40.57 -21.28
N GLN E 6 -37.47 -40.94 -22.54
CA GLN E 6 -36.37 -41.82 -22.91
C GLN E 6 -35.38 -41.19 -23.87
N ASP E 7 -35.86 -40.61 -24.97
CA ASP E 7 -35.00 -40.28 -26.10
C ASP E 7 -34.17 -39.04 -25.81
N THR E 8 -33.45 -38.57 -26.83
CA THR E 8 -32.60 -37.40 -26.75
C THR E 8 -33.10 -36.35 -27.72
N ALA E 9 -32.92 -35.08 -27.36
CA ALA E 9 -33.57 -33.99 -28.06
C ALA E 9 -32.93 -33.76 -29.43
N ASP E 10 -33.52 -32.81 -30.17
CA ASP E 10 -33.03 -32.40 -31.48
C ASP E 10 -32.79 -30.89 -31.42
N VAL E 11 -31.55 -30.48 -31.65
CA VAL E 11 -31.13 -29.10 -31.40
C VAL E 11 -31.01 -28.35 -32.73
N TYR E 12 -31.55 -27.14 -32.77
CA TYR E 12 -31.82 -26.40 -34.01
C TYR E 12 -31.17 -25.01 -33.96
N PHE E 13 -29.87 -24.95 -33.69
CA PHE E 13 -29.16 -23.69 -33.53
C PHE E 13 -29.43 -22.74 -34.71
N LYS E 14 -29.23 -21.45 -34.45
CA LYS E 14 -29.49 -20.38 -35.40
C LYS E 14 -28.36 -19.36 -35.28
N ARG E 15 -28.55 -18.18 -35.87
CA ARG E 15 -27.60 -17.08 -35.77
C ARG E 15 -28.37 -15.77 -35.88
N LYS E 16 -27.69 -14.66 -35.54
CA LYS E 16 -28.32 -13.34 -35.53
C LYS E 16 -27.51 -12.35 -36.35
N SER E 17 -27.09 -12.77 -37.55
CA SER E 17 -26.61 -11.84 -38.56
C SER E 17 -27.51 -11.95 -39.78
N ASP E 18 -27.90 -13.18 -40.09
CA ASP E 18 -29.00 -13.46 -41.00
C ASP E 18 -29.84 -14.57 -40.38
N GLY E 19 -30.76 -15.12 -41.16
CA GLY E 19 -31.67 -16.11 -40.62
C GLY E 19 -31.36 -17.54 -41.01
N LYS E 20 -30.08 -17.88 -41.20
CA LYS E 20 -29.74 -19.22 -41.66
C LYS E 20 -30.05 -20.25 -40.59
N LEU E 21 -30.18 -21.50 -41.02
CA LEU E 21 -30.58 -22.59 -40.14
C LEU E 21 -29.54 -23.68 -40.15
N VAL E 22 -29.21 -24.20 -38.96
CA VAL E 22 -28.45 -25.42 -38.82
C VAL E 22 -29.28 -26.37 -37.95
N PHE E 23 -29.04 -27.67 -38.13
CA PHE E 23 -29.93 -28.67 -37.57
C PHE E 23 -29.23 -30.02 -37.56
N THR E 24 -29.41 -30.76 -36.46
CA THR E 24 -28.96 -32.14 -36.38
C THR E 24 -30.05 -33.00 -35.74
N ALA E 25 -30.12 -34.25 -36.20
CA ALA E 25 -31.07 -35.22 -35.66
C ALA E 25 -30.37 -36.45 -35.09
N GLU E 26 -29.07 -36.36 -34.85
CA GLU E 26 -28.27 -37.45 -34.31
C GLU E 26 -27.52 -36.99 -33.07
N ALA E 27 -28.24 -36.35 -32.16
CA ALA E 27 -27.65 -35.86 -30.92
C ALA E 27 -27.62 -36.96 -29.88
N GLN E 28 -26.56 -36.98 -29.08
CA GLN E 28 -26.43 -37.95 -28.00
C GLN E 28 -26.84 -37.40 -26.64
N THR E 29 -26.75 -36.09 -26.43
CA THR E 29 -27.11 -35.51 -25.14
C THR E 29 -27.34 -34.01 -25.29
N ALA E 30 -28.51 -33.56 -24.84
CA ALA E 30 -28.79 -32.14 -24.66
C ALA E 30 -29.01 -31.88 -23.18
N SER E 31 -28.30 -30.90 -22.63
CA SER E 31 -28.31 -30.64 -21.20
C SER E 31 -28.80 -29.23 -20.94
N PHE E 32 -29.18 -28.99 -19.68
CA PHE E 32 -29.82 -27.73 -19.29
C PHE E 32 -29.60 -27.58 -17.79
N SER E 33 -28.80 -26.60 -17.39
CA SER E 33 -28.38 -26.41 -16.01
C SER E 33 -28.93 -25.10 -15.46
N GLN E 34 -28.65 -24.87 -14.18
CA GLN E 34 -29.10 -23.65 -13.50
C GLN E 34 -28.25 -23.44 -12.26
N ALA E 35 -27.99 -22.18 -11.94
CA ALA E 35 -27.25 -21.83 -10.73
C ALA E 35 -27.72 -20.47 -10.25
N ILE E 36 -27.75 -20.28 -8.93
CA ILE E 36 -28.21 -19.05 -8.31
C ILE E 36 -27.17 -18.58 -7.30
N SER E 37 -26.85 -17.29 -7.36
CA SER E 37 -25.92 -16.65 -6.43
C SER E 37 -26.57 -15.44 -5.79
N GLU E 38 -26.10 -15.10 -4.59
CA GLU E 38 -26.67 -13.98 -3.84
C GLU E 38 -25.61 -13.45 -2.87
N GLU E 39 -25.86 -12.23 -2.38
CA GLU E 39 -24.93 -11.61 -1.44
C GLU E 39 -25.70 -10.72 -0.46
N LYS E 40 -25.31 -10.77 0.82
CA LYS E 40 -25.98 -10.05 1.89
C LYS E 40 -25.15 -8.86 2.39
N LEU E 41 -25.67 -8.19 3.41
CA LEU E 41 -25.03 -7.02 4.01
C LEU E 41 -24.35 -7.35 5.34
N ARG E 42 -25.09 -7.95 6.27
CA ARG E 42 -24.54 -8.52 7.50
C ARG E 42 -23.85 -7.46 8.36
N GLY E 43 -24.66 -6.55 8.89
CA GLY E 43 -24.17 -5.59 9.87
C GLY E 43 -24.87 -5.69 11.22
N GLY E 44 -24.19 -5.29 12.28
CA GLY E 44 -24.76 -5.23 13.61
C GLY E 44 -24.16 -6.27 14.53
N ILE E 45 -24.69 -6.31 15.76
CA ILE E 45 -24.28 -7.31 16.73
C ILE E 45 -24.76 -8.68 16.28
N GLY E 46 -23.86 -9.67 16.29
CA GLY E 46 -24.17 -10.99 15.84
C GLY E 46 -24.00 -11.20 14.35
N ASN E 47 -23.69 -10.15 13.59
CA ASN E 47 -23.54 -10.21 12.14
C ASN E 47 -24.79 -10.80 11.48
N LYS E 48 -25.96 -10.42 11.98
CA LYS E 48 -27.20 -10.88 11.41
C LYS E 48 -27.42 -10.23 10.04
N PRO E 49 -28.16 -10.88 9.15
CA PRO E 49 -28.34 -10.32 7.81
C PRO E 49 -29.46 -9.29 7.71
N LEU E 50 -29.15 -8.16 7.08
CA LEU E 50 -30.03 -7.01 7.05
C LEU E 50 -30.68 -6.73 5.70
N TYR E 51 -29.99 -7.02 4.59
CA TYR E 51 -30.52 -6.71 3.27
C TYR E 51 -29.92 -7.69 2.27
N ILE E 52 -30.64 -7.88 1.16
CA ILE E 52 -30.21 -8.78 0.09
C ILE E 52 -29.84 -7.92 -1.11
N LEU E 53 -28.54 -7.68 -1.30
CA LEU E 53 -28.11 -6.73 -2.31
C LEU E 53 -28.24 -7.32 -3.72
N LYS E 54 -27.50 -8.39 -4.00
CA LYS E 54 -27.45 -8.98 -5.33
C LYS E 54 -28.02 -10.38 -5.30
N SER E 55 -28.84 -10.70 -6.30
CA SER E 55 -29.41 -12.04 -6.47
C SER E 55 -29.47 -12.32 -7.97
N GLU E 56 -28.53 -13.13 -8.46
CA GLU E 56 -28.39 -13.40 -9.88
C GLU E 56 -28.49 -14.90 -10.15
N LYS E 57 -28.69 -15.25 -11.42
CA LYS E 57 -28.75 -16.65 -11.81
C LYS E 57 -28.16 -16.83 -13.20
N GLU E 58 -27.66 -18.03 -13.46
CA GLU E 58 -27.03 -18.39 -14.72
C GLU E 58 -27.54 -19.74 -15.20
N ILE E 59 -27.51 -19.93 -16.53
CA ILE E 59 -27.96 -21.16 -17.16
C ILE E 59 -26.96 -21.55 -18.25
N ASN E 60 -26.59 -22.82 -18.30
CA ASN E 60 -25.67 -23.33 -19.30
C ASN E 60 -26.35 -24.37 -20.19
N LEU E 61 -25.77 -24.57 -21.38
CA LEU E 61 -26.32 -25.47 -22.39
C LEU E 61 -25.22 -26.39 -22.89
N THR E 62 -25.53 -27.68 -23.01
CA THR E 62 -24.58 -28.68 -23.49
C THR E 62 -25.23 -29.52 -24.57
N VAL E 63 -24.54 -29.69 -25.70
CA VAL E 63 -25.01 -30.48 -26.83
C VAL E 63 -23.84 -31.27 -27.39
N LYS E 64 -24.07 -32.55 -27.70
CA LYS E 64 -23.10 -33.39 -28.37
C LYS E 64 -23.79 -34.17 -29.48
N ASN E 65 -23.00 -34.57 -30.48
CA ASN E 65 -23.54 -35.34 -31.61
C ASN E 65 -22.70 -36.58 -31.88
N ALA E 66 -23.08 -37.33 -32.92
CA ALA E 66 -22.38 -38.54 -33.33
C ALA E 66 -21.81 -38.43 -34.74
N PHE E 67 -21.87 -37.25 -35.35
CA PHE E 67 -21.38 -37.04 -36.70
C PHE E 67 -20.55 -35.77 -36.70
N PHE E 68 -19.26 -35.89 -37.01
CA PHE E 68 -18.38 -34.73 -37.03
C PHE E 68 -18.62 -33.92 -38.30
N ASP E 69 -18.99 -32.66 -38.13
CA ASP E 69 -19.15 -31.73 -39.24
C ASP E 69 -18.43 -30.44 -38.89
N LEU E 70 -17.72 -29.87 -39.87
CA LEU E 70 -16.88 -28.71 -39.63
C LEU E 70 -17.69 -27.44 -39.37
N GLU E 71 -18.96 -27.41 -39.76
CA GLU E 71 -19.81 -26.26 -39.45
C GLU E 71 -20.15 -26.18 -37.97
N TRP E 72 -20.21 -27.33 -37.28
CA TRP E 72 -20.45 -27.32 -35.85
C TRP E 72 -19.32 -26.59 -35.11
N LEU E 73 -18.07 -26.87 -35.47
CA LEU E 73 -16.94 -26.18 -34.88
C LEU E 73 -16.85 -24.72 -35.32
N ALA E 74 -17.44 -24.39 -36.47
CA ALA E 74 -17.35 -23.03 -37.01
C ALA E 74 -18.19 -22.04 -36.21
N MET E 75 -19.03 -22.50 -35.28
CA MET E 75 -19.91 -21.61 -34.54
C MET E 75 -19.25 -20.96 -33.34
N THR E 76 -18.24 -21.62 -32.74
CA THR E 76 -17.70 -21.14 -31.47
C THR E 76 -16.66 -20.04 -31.65
N GLN E 77 -16.19 -19.78 -32.87
CA GLN E 77 -15.22 -18.73 -33.11
C GLN E 77 -15.66 -17.91 -34.31
N GLY E 78 -15.24 -16.65 -34.34
CA GLY E 78 -15.60 -15.78 -35.44
C GLY E 78 -14.60 -15.84 -36.57
N GLU E 79 -14.88 -16.67 -37.57
CA GLU E 79 -14.06 -16.81 -38.76
C GLU E 79 -14.86 -17.59 -39.79
N THR E 80 -14.46 -17.45 -41.05
CA THR E 80 -15.10 -18.15 -42.15
C THR E 80 -14.25 -19.36 -42.53
N ILE E 81 -14.92 -20.47 -42.84
CA ILE E 81 -14.21 -21.67 -43.27
C ILE E 81 -13.65 -21.40 -44.66
N GLN E 82 -12.36 -21.13 -44.74
CA GLN E 82 -11.72 -20.75 -46.00
C GLN E 82 -11.53 -21.98 -46.86
N GLU E 83 -12.00 -21.92 -48.10
CA GLU E 83 -12.07 -23.08 -48.98
C GLU E 83 -11.02 -23.01 -50.08
N GLU E 84 -10.54 -24.18 -50.48
CA GLU E 84 -9.64 -24.34 -51.63
C GLU E 84 -8.36 -23.52 -51.48
N THR E 85 -7.58 -23.89 -50.47
CA THR E 85 -6.27 -23.30 -50.24
C THR E 85 -5.21 -24.38 -50.18
N LYS E 86 -4.02 -24.06 -50.69
CA LYS E 86 -2.91 -25.00 -50.68
C LYS E 86 -2.19 -24.95 -49.34
N VAL E 87 -2.01 -26.11 -48.73
CA VAL E 87 -1.36 -26.22 -47.42
C VAL E 87 -0.37 -27.38 -47.46
N LYS E 88 0.54 -27.39 -46.48
CA LYS E 88 1.57 -28.40 -46.38
C LYS E 88 1.50 -29.09 -45.02
N VAL E 89 1.61 -30.42 -45.03
CA VAL E 89 1.52 -31.23 -43.82
C VAL E 89 2.58 -32.33 -43.88
N PHE E 90 2.81 -32.97 -42.74
CA PHE E 90 3.80 -34.03 -42.64
C PHE E 90 3.31 -35.31 -43.32
N ASP E 91 4.26 -36.12 -43.76
CA ASP E 91 3.99 -37.45 -44.29
C ASP E 91 5.25 -38.28 -44.12
N ARG E 92 5.08 -39.60 -44.08
CA ARG E 92 6.19 -40.49 -43.79
C ARG E 92 6.15 -41.71 -44.69
N GLU E 93 7.31 -42.33 -44.87
CA GLU E 93 7.46 -43.56 -45.65
C GLU E 93 8.33 -44.51 -44.85
N HIS E 94 7.79 -45.68 -44.53
CA HIS E 94 8.44 -46.64 -43.67
C HIS E 94 8.95 -47.83 -44.48
N GLY E 95 9.96 -48.50 -43.93
CA GLY E 95 10.44 -49.74 -44.51
C GLY E 95 11.33 -49.59 -45.72
N LEU E 96 12.07 -48.50 -45.83
CA LEU E 96 13.00 -48.33 -46.92
C LEU E 96 14.16 -49.31 -46.80
N ILE E 97 14.58 -49.87 -47.94
CA ILE E 97 15.65 -50.85 -48.01
C ILE E 97 16.92 -50.17 -48.49
N VAL E 98 18.02 -50.40 -47.78
CA VAL E 98 19.30 -49.78 -48.13
C VAL E 98 19.91 -50.55 -49.30
N ASP E 99 20.25 -49.83 -50.36
CA ASP E 99 20.85 -50.43 -51.55
C ASP E 99 22.33 -50.71 -51.32
N ASP E 100 22.91 -51.50 -52.23
CA ASP E 100 24.31 -51.86 -52.11
C ASP E 100 25.24 -50.67 -52.27
N THR E 101 24.78 -49.60 -52.93
CA THR E 101 25.57 -48.41 -53.15
C THR E 101 25.35 -47.38 -52.04
N ASN E 102 24.55 -47.74 -51.02
CA ASN E 102 24.13 -46.81 -49.97
C ASN E 102 23.35 -45.64 -50.56
N LYS E 103 22.26 -45.97 -51.25
CA LYS E 103 21.44 -45.00 -51.95
C LYS E 103 19.98 -45.40 -51.75
N VAL E 104 19.25 -44.58 -51.01
CA VAL E 104 17.82 -44.83 -50.79
C VAL E 104 17.02 -44.07 -51.83
N THR E 105 15.81 -44.55 -52.08
CA THR E 105 14.90 -43.94 -53.04
C THR E 105 13.57 -43.68 -52.35
N LEU E 106 13.17 -42.41 -52.30
CA LEU E 106 11.86 -42.02 -51.79
C LEU E 106 10.87 -42.00 -52.94
N LYS E 107 9.90 -42.92 -52.92
CA LYS E 107 8.87 -42.97 -53.96
C LYS E 107 7.77 -41.96 -53.62
N GLY E 108 8.14 -40.70 -53.69
CA GLY E 108 7.24 -39.61 -53.39
C GLY E 108 7.88 -38.29 -53.73
N LYS E 109 7.08 -37.23 -53.62
CA LYS E 109 7.53 -35.88 -53.96
C LYS E 109 7.60 -35.03 -52.71
N PRO E 110 8.77 -34.83 -52.12
CA PRO E 110 8.89 -34.02 -50.91
C PRO E 110 8.91 -32.53 -51.25
N VAL E 111 8.95 -31.71 -50.20
CA VAL E 111 8.99 -30.27 -50.33
C VAL E 111 10.20 -29.67 -49.62
N SER E 112 10.47 -30.11 -48.40
CA SER E 112 11.55 -29.58 -47.59
C SER E 112 12.47 -30.72 -47.16
N ASP E 113 13.37 -30.42 -46.23
CA ASP E 113 14.35 -31.42 -45.78
C ASP E 113 13.65 -32.63 -45.18
N VAL E 114 14.14 -33.81 -45.56
CA VAL E 114 13.61 -35.09 -45.11
C VAL E 114 14.45 -35.59 -43.95
N THR E 115 13.80 -36.22 -42.98
CA THR E 115 14.52 -36.79 -41.84
C THR E 115 14.41 -38.31 -41.88
N PHE E 116 15.55 -38.96 -41.64
CA PHE E 116 15.69 -40.42 -41.70
C PHE E 116 15.90 -40.97 -40.29
N TYR E 117 15.36 -42.17 -40.05
CA TYR E 117 15.47 -42.84 -38.76
C TYR E 117 15.92 -44.27 -38.97
N ASN E 118 16.84 -44.71 -38.11
CA ASN E 118 17.43 -46.05 -38.16
C ASN E 118 16.70 -46.98 -37.20
N LYS E 119 17.26 -48.18 -37.00
CA LYS E 119 16.63 -49.21 -36.19
C LYS E 119 16.85 -49.03 -34.70
N LYS E 120 17.81 -48.19 -34.29
CA LYS E 120 18.10 -47.98 -32.88
C LYS E 120 17.80 -46.57 -32.40
N GLY E 121 17.59 -45.62 -33.30
CA GLY E 121 17.24 -44.26 -32.90
C GLY E 121 18.31 -43.24 -33.19
N LEU E 122 18.14 -42.50 -34.28
CA LEU E 122 19.01 -41.39 -34.65
C LEU E 122 18.31 -40.59 -35.73
N THR E 123 19.02 -39.62 -36.31
CA THR E 123 18.42 -38.76 -37.32
C THR E 123 19.44 -38.46 -38.40
N TYR E 124 18.92 -38.13 -39.59
CA TYR E 124 19.76 -37.70 -40.71
C TYR E 124 18.93 -36.76 -41.57
N LYS E 125 19.28 -35.47 -41.56
CA LYS E 125 18.58 -34.46 -42.34
C LYS E 125 19.20 -34.37 -43.72
N ILE E 126 18.40 -34.66 -44.75
CA ILE E 126 18.87 -34.65 -46.12
C ILE E 126 18.48 -33.35 -46.79
N ALA E 127 19.10 -33.07 -47.93
CA ALA E 127 18.88 -31.82 -48.64
C ALA E 127 17.58 -31.84 -49.43
N VAL E 128 17.40 -30.85 -50.30
CA VAL E 128 16.19 -30.77 -51.13
C VAL E 128 16.13 -31.99 -52.04
N SER E 129 14.92 -32.28 -52.54
CA SER E 129 14.70 -33.43 -53.40
C SER E 129 15.61 -33.37 -54.64
N THR E 130 15.80 -34.54 -55.24
CA THR E 130 16.76 -34.71 -56.33
C THR E 130 16.09 -35.63 -57.35
N ASP E 131 16.90 -36.20 -58.25
CA ASP E 131 16.37 -37.10 -59.28
C ASP E 131 15.67 -38.32 -58.67
N GLY E 132 15.95 -38.65 -57.41
CA GLY E 132 15.26 -39.74 -56.76
C GLY E 132 16.13 -40.55 -55.83
N THR E 133 17.44 -40.29 -55.85
CA THR E 133 18.41 -41.05 -55.08
C THR E 133 19.02 -40.18 -53.99
N TYR E 134 19.21 -40.78 -52.81
CA TYR E 134 19.82 -40.10 -51.67
C TYR E 134 20.98 -40.95 -51.16
N THR E 135 22.14 -40.31 -50.98
CA THR E 135 23.35 -40.99 -50.55
C THR E 135 23.47 -40.92 -49.04
N ILE E 136 23.68 -42.07 -48.40
CA ILE E 136 23.77 -42.16 -46.95
C ILE E 136 25.19 -42.56 -46.57
N PRO E 137 25.79 -41.93 -45.58
CA PRO E 137 27.14 -42.32 -45.15
C PRO E 137 27.13 -43.71 -44.53
N THR E 138 28.30 -44.35 -44.60
CA THR E 138 28.45 -45.71 -44.08
C THR E 138 28.28 -45.74 -42.57
N ALA E 139 28.71 -44.67 -41.88
CA ALA E 139 28.62 -44.64 -40.43
C ALA E 139 27.18 -44.69 -39.93
N PHE E 140 26.22 -44.29 -40.76
CA PHE E 140 24.82 -44.35 -40.36
C PHE E 140 24.23 -45.73 -40.62
N ALA E 141 24.29 -46.18 -41.87
CA ALA E 141 23.82 -47.51 -42.27
C ALA E 141 24.87 -48.16 -43.16
N ALA E 142 24.90 -49.49 -43.15
CA ALA E 142 25.95 -50.22 -43.84
C ALA E 142 25.44 -51.00 -45.04
N ALA E 143 24.51 -51.93 -44.85
CA ALA E 143 24.02 -52.77 -45.95
C ALA E 143 22.77 -53.50 -45.51
N LYS E 144 21.69 -53.33 -46.28
CA LYS E 144 20.43 -54.03 -46.05
C LYS E 144 19.88 -53.74 -44.65
N ASP E 145 19.70 -52.44 -44.38
CA ASP E 145 19.12 -51.97 -43.14
C ASP E 145 17.79 -51.29 -43.42
N LYS E 146 16.80 -51.57 -42.57
CA LYS E 146 15.48 -50.98 -42.69
C LYS E 146 15.52 -49.55 -42.16
N LEU E 147 15.14 -48.60 -43.00
CA LEU E 147 15.14 -47.19 -42.65
C LEU E 147 13.71 -46.66 -42.69
N THR E 148 13.47 -45.55 -42.00
CA THR E 148 12.20 -44.85 -42.10
C THR E 148 12.47 -43.39 -42.46
N ALA E 149 11.50 -42.77 -43.14
CA ALA E 149 11.63 -41.39 -43.60
C ALA E 149 10.37 -40.63 -43.29
N VAL E 150 10.52 -39.37 -42.89
CA VAL E 150 9.38 -38.47 -42.72
C VAL E 150 9.78 -37.08 -43.22
N TYR E 151 8.88 -36.44 -43.97
CA TYR E 151 9.12 -35.15 -44.58
C TYR E 151 7.79 -34.41 -44.68
N GLN E 152 7.75 -33.35 -45.49
CA GLN E 152 6.56 -32.54 -45.68
C GLN E 152 6.14 -32.54 -47.14
N ILE E 153 4.83 -32.65 -47.38
CA ILE E 153 4.27 -32.65 -48.72
C ILE E 153 3.28 -31.50 -48.84
N GLU E 154 2.65 -31.37 -50.01
CA GLU E 154 1.68 -30.32 -50.27
C GLU E 154 0.29 -30.90 -50.44
N LYS E 155 -0.72 -30.08 -50.16
CA LYS E 155 -2.11 -30.52 -50.24
C LYS E 155 -3.01 -29.32 -50.45
N VAL E 156 -4.14 -29.54 -51.10
CA VAL E 156 -5.15 -28.51 -51.33
C VAL E 156 -6.44 -28.95 -50.66
N GLY E 157 -6.94 -28.11 -49.76
CA GLY E 157 -8.16 -28.46 -49.05
C GLY E 157 -8.67 -27.29 -48.24
N ARG E 158 -9.71 -27.58 -47.46
CA ARG E 158 -10.32 -26.57 -46.60
C ARG E 158 -9.38 -26.18 -45.46
N ARG E 159 -9.64 -25.01 -44.89
CA ARG E 159 -8.79 -24.50 -43.82
C ARG E 159 -9.64 -23.63 -42.89
N LEU E 160 -9.49 -23.84 -41.59
CA LEU E 160 -10.17 -23.06 -40.57
C LEU E 160 -9.13 -22.48 -39.63
N ALA E 161 -9.26 -21.20 -39.33
CA ALA E 161 -8.32 -20.48 -38.48
C ALA E 161 -8.98 -20.15 -37.15
N ILE E 162 -8.27 -20.42 -36.06
CA ILE E 162 -8.73 -20.10 -34.72
C ILE E 162 -7.93 -18.90 -34.24
N LYS E 163 -8.61 -17.76 -34.06
CA LYS E 163 -7.94 -16.52 -33.69
C LYS E 163 -8.64 -15.86 -32.51
N ALA E 164 -8.27 -14.62 -32.18
CA ALA E 164 -8.76 -13.95 -30.99
C ALA E 164 -10.15 -13.37 -31.25
N SER E 165 -11.19 -14.18 -30.95
CA SER E 165 -12.59 -13.76 -30.92
C SER E 165 -13.10 -13.25 -32.25
N LYS E 166 -12.78 -11.99 -32.56
CA LYS E 166 -13.29 -11.30 -33.75
C LYS E 166 -14.82 -11.23 -33.70
N PHE E 167 -15.30 -10.42 -32.76
CA PHE E 167 -16.71 -10.08 -32.57
C PHE E 167 -17.49 -11.21 -31.89
N SER E 168 -18.72 -10.91 -31.48
CA SER E 168 -19.59 -11.86 -30.80
C SER E 168 -20.84 -12.10 -31.65
N GLU E 169 -21.57 -13.16 -31.30
CA GLU E 169 -22.77 -13.55 -32.02
C GLU E 169 -23.78 -14.14 -31.05
N ARG E 170 -25.06 -14.01 -31.40
CA ARG E 170 -26.15 -14.52 -30.58
C ARG E 170 -27.02 -15.45 -31.39
N TYR E 171 -27.48 -16.54 -30.77
CA TYR E 171 -28.23 -17.56 -31.47
C TYR E 171 -29.55 -17.82 -30.76
N GLU E 172 -30.30 -18.79 -31.28
CA GLU E 172 -31.51 -19.31 -30.65
C GLU E 172 -31.45 -20.83 -30.69
N VAL E 173 -31.81 -21.48 -29.60
CA VAL E 173 -31.69 -22.93 -29.47
C VAL E 173 -33.07 -23.52 -29.17
N GLU E 174 -33.28 -24.76 -29.60
CA GLU E 174 -34.53 -25.45 -29.36
C GLU E 174 -34.30 -26.95 -29.23
N TYR E 175 -34.93 -27.56 -28.22
CA TYR E 175 -34.89 -28.99 -27.98
C TYR E 175 -36.30 -29.55 -28.10
N ARG E 176 -36.43 -30.67 -28.82
CA ARG E 176 -37.69 -31.38 -28.96
C ARG E 176 -37.49 -32.82 -28.51
N THR E 177 -38.37 -33.29 -27.63
CA THR E 177 -38.29 -34.65 -27.11
C THR E 177 -39.69 -35.19 -26.88
N ILE E 178 -39.88 -36.48 -27.13
CA ILE E 178 -41.19 -37.10 -26.98
C ILE E 178 -41.37 -37.58 -25.53
N ALA E 179 -42.62 -37.68 -25.12
CA ALA E 179 -42.98 -38.13 -23.78
C ALA E 179 -44.14 -39.11 -23.88
N TYR E 180 -43.93 -40.32 -23.35
CA TYR E 180 -44.87 -41.43 -23.44
C TYR E 180 -45.89 -41.37 -22.30
N ASN E 181 -46.98 -42.12 -22.48
CA ASN E 181 -48.00 -42.27 -21.46
C ASN E 181 -47.84 -43.62 -20.79
N PRO E 182 -47.51 -43.69 -19.51
CA PRO E 182 -47.17 -44.96 -18.85
C PRO E 182 -48.39 -45.81 -18.49
N ASP E 183 -49.33 -45.92 -19.42
CA ASP E 183 -50.47 -46.81 -19.26
C ASP E 183 -50.78 -47.62 -20.51
N THR E 184 -50.36 -47.18 -21.69
CA THR E 184 -50.58 -47.90 -22.92
C THR E 184 -49.34 -47.97 -23.81
N GLU E 185 -48.28 -47.24 -23.47
CA GLU E 185 -47.08 -47.11 -24.30
C GLU E 185 -47.41 -46.43 -25.62
N GLU E 186 -48.30 -45.46 -25.58
CA GLU E 186 -48.54 -44.53 -26.68
C GLU E 186 -47.80 -43.22 -26.44
N VAL E 187 -47.44 -42.56 -27.53
CA VAL E 187 -46.79 -41.26 -27.45
C VAL E 187 -47.84 -40.25 -26.99
N TYR E 188 -47.59 -39.61 -25.86
CA TYR E 188 -48.59 -38.75 -25.23
C TYR E 188 -48.37 -37.28 -25.56
N SER E 189 -47.20 -36.74 -25.25
CA SER E 189 -46.97 -35.31 -25.36
C SER E 189 -45.60 -35.05 -25.95
N ASP E 190 -45.40 -33.80 -26.39
CA ASP E 190 -44.13 -33.34 -26.88
C ASP E 190 -43.62 -32.22 -25.97
N ILE E 191 -42.35 -32.31 -25.59
CA ILE E 191 -41.73 -31.36 -24.67
C ILE E 191 -40.73 -30.53 -25.45
N TYR E 192 -40.94 -29.22 -25.46
CA TYR E 192 -40.09 -28.27 -26.15
C TYR E 192 -39.35 -27.42 -25.13
N ILE E 193 -38.08 -27.13 -25.30
CA ILE E 193 -37.34 -26.37 -24.25
C ILE E 193 -36.56 -25.22 -24.90
N GLN E 194 -37.25 -24.25 -25.48
CA GLN E 194 -36.66 -23.13 -26.25
C GLN E 194 -35.83 -22.14 -25.48
N PHE E 195 -34.73 -21.67 -26.05
CA PHE E 195 -33.81 -20.76 -25.33
C PHE E 195 -33.53 -19.48 -26.09
N PRO E 196 -34.33 -18.41 -25.98
CA PRO E 196 -34.00 -17.12 -26.62
C PRO E 196 -32.66 -16.57 -26.16
N ASN E 197 -32.08 -15.64 -26.87
CA ASN E 197 -30.74 -15.03 -26.64
C ASN E 197 -29.62 -15.92 -26.09
N VAL E 198 -29.08 -16.89 -26.84
CA VAL E 198 -27.91 -17.68 -26.35
C VAL E 198 -26.58 -17.14 -26.88
N SER E 199 -25.50 -17.46 -26.20
CA SER E 199 -24.17 -16.90 -26.52
C SER E 199 -23.20 -18.03 -26.84
N PRO E 200 -21.90 -17.79 -27.18
CA PRO E 200 -20.97 -18.88 -27.58
C PRO E 200 -20.04 -19.27 -26.43
N SER E 201 -20.11 -18.53 -25.32
CA SER E 201 -19.19 -18.80 -24.17
C SER E 201 -19.28 -20.28 -23.77
N GLY E 202 -18.14 -20.97 -23.74
CA GLY E 202 -18.13 -22.41 -23.40
C GLY E 202 -16.87 -23.09 -23.89
N GLU E 203 -16.95 -24.41 -24.15
CA GLU E 203 -15.74 -25.17 -24.58
C GLU E 203 -16.10 -26.11 -25.74
N PHE E 204 -15.11 -26.53 -26.53
CA PHE E 204 -15.34 -27.50 -27.63
C PHE E 204 -14.26 -28.57 -27.56
N GLU E 205 -14.38 -29.49 -26.60
CA GLU E 205 -13.34 -30.55 -26.41
C GLU E 205 -13.52 -31.64 -27.48
N MET E 206 -12.41 -32.18 -28.00
CA MET E 206 -12.49 -33.27 -29.01
C MET E 206 -11.52 -34.39 -28.59
N SER E 207 -12.05 -35.54 -28.14
CA SER E 207 -11.19 -36.63 -27.65
C SER E 207 -11.02 -37.73 -28.69
N LEU E 208 -9.93 -37.73 -29.43
CA LEU E 208 -9.62 -38.74 -30.43
C LEU E 208 -9.09 -39.99 -29.76
N GLU E 209 -9.99 -40.92 -29.44
CA GLU E 209 -9.65 -42.11 -28.69
C GLU E 209 -9.14 -43.20 -29.63
N ASN E 210 -9.07 -44.43 -29.12
CA ASN E 210 -8.40 -45.52 -29.81
C ASN E 210 -9.42 -46.57 -30.25
N GLY E 211 -10.53 -46.12 -30.82
CA GLY E 211 -11.59 -47.02 -31.23
C GLY E 211 -12.97 -46.63 -30.75
N ASN E 212 -13.13 -45.35 -30.39
CA ASN E 212 -14.40 -44.80 -29.96
C ASN E 212 -14.83 -43.69 -30.90
N ALA E 213 -16.15 -43.59 -31.11
CA ALA E 213 -16.68 -42.55 -31.98
C ALA E 213 -16.50 -41.18 -31.34
N LEU E 214 -16.23 -40.18 -32.20
CA LEU E 214 -16.05 -38.82 -31.71
C LEU E 214 -17.34 -38.26 -31.16
N ALA E 215 -17.25 -37.56 -30.04
CA ALA E 215 -18.38 -36.87 -29.43
C ALA E 215 -18.05 -35.39 -29.33
N PRO E 216 -18.45 -34.58 -30.29
CA PRO E 216 -18.14 -33.15 -30.22
C PRO E 216 -18.91 -32.43 -29.12
N GLU E 217 -18.21 -32.09 -28.04
CA GLU E 217 -18.84 -31.41 -26.92
C GLU E 217 -18.94 -29.91 -27.22
N ILE E 218 -20.16 -29.39 -27.14
CA ILE E 218 -20.38 -27.95 -27.28
C ILE E 218 -21.18 -27.47 -26.07
N LYS E 219 -20.76 -26.35 -25.50
CA LYS E 219 -21.47 -25.72 -24.39
C LYS E 219 -21.56 -24.22 -24.61
N PHE E 220 -22.76 -23.68 -24.44
CA PHE E 220 -23.05 -22.26 -24.53
C PHE E 220 -23.63 -21.78 -23.21
N GLU E 221 -23.87 -20.48 -23.11
CA GLU E 221 -24.43 -19.90 -21.89
C GLU E 221 -25.57 -18.96 -22.26
N ALA E 222 -26.65 -19.02 -21.47
CA ALA E 222 -27.89 -18.31 -21.77
C ALA E 222 -27.95 -17.00 -21.02
N LEU E 223 -28.13 -15.91 -21.76
CA LEU E 223 -28.38 -14.59 -21.21
C LEU E 223 -29.87 -14.28 -21.21
N ALA E 224 -30.27 -13.44 -20.28
CA ALA E 224 -31.67 -13.06 -20.18
C ALA E 224 -32.06 -12.19 -21.37
N ASP E 225 -33.28 -12.40 -21.85
CA ASP E 225 -33.75 -11.61 -22.98
C ASP E 225 -33.86 -10.14 -22.58
N THR E 226 -33.41 -9.27 -23.48
CA THR E 226 -33.39 -7.84 -23.19
C THR E 226 -34.78 -7.22 -23.19
N ASP E 227 -35.78 -7.90 -23.76
CA ASP E 227 -37.12 -7.34 -23.87
C ASP E 227 -38.16 -8.10 -23.06
N THR E 228 -38.28 -9.42 -23.26
CA THR E 228 -39.36 -10.19 -22.65
C THR E 228 -39.01 -10.77 -21.29
N ASP E 229 -37.76 -10.63 -20.84
CA ASP E 229 -37.32 -11.12 -19.54
C ASP E 229 -37.56 -12.62 -19.41
N GLU E 230 -36.86 -13.37 -20.27
CA GLU E 230 -36.93 -14.82 -20.22
C GLU E 230 -35.60 -15.40 -20.65
N MET E 231 -35.12 -16.38 -19.87
CA MET E 231 -33.91 -17.13 -20.15
C MET E 231 -34.17 -18.40 -20.95
N ALA E 232 -35.21 -19.16 -20.57
CA ALA E 232 -35.57 -20.38 -21.25
C ALA E 232 -37.06 -20.63 -21.01
N VAL E 233 -37.70 -21.27 -21.98
CA VAL E 233 -39.13 -21.56 -21.92
C VAL E 233 -39.32 -23.06 -22.07
N VAL E 234 -40.12 -23.65 -21.18
CA VAL E 234 -40.44 -25.07 -21.22
C VAL E 234 -41.91 -25.20 -21.59
N ILE E 235 -42.19 -26.00 -22.62
CA ILE E 235 -43.52 -26.09 -23.20
C ILE E 235 -43.91 -27.56 -23.29
N GLU E 236 -45.10 -27.88 -22.82
CA GLU E 236 -45.66 -29.23 -22.98
C GLU E 236 -46.87 -29.13 -23.90
N ALA E 237 -46.84 -29.85 -25.01
CA ALA E 237 -47.93 -29.84 -25.98
C ALA E 237 -48.52 -31.24 -26.05
N SER E 238 -49.80 -31.35 -25.73
CA SER E 238 -50.49 -32.64 -25.81
C SER E 238 -50.97 -32.88 -27.23
N ARG E 239 -50.86 -34.14 -27.67
CA ARG E 239 -51.26 -34.51 -29.02
C ARG E 239 -52.74 -34.85 -29.12
N ASP E 240 -53.48 -34.77 -28.01
CA ASP E 240 -54.93 -34.92 -28.06
C ASP E 240 -55.62 -33.71 -28.67
N GLU E 241 -54.91 -32.60 -28.84
CA GLU E 241 -55.48 -31.39 -29.44
C GLU E 241 -54.39 -30.49 -29.99
N MET F 1 23.21 -21.98 13.44
CA MET F 1 23.09 -21.94 11.99
C MET F 1 21.81 -21.27 11.54
N LYS F 2 21.41 -21.53 10.29
CA LYS F 2 20.22 -20.93 9.71
C LYS F 2 19.00 -21.71 10.19
N THR F 3 18.25 -21.11 11.10
CA THR F 3 17.08 -21.74 11.69
C THR F 3 15.80 -21.20 11.07
N VAL F 4 14.69 -21.85 11.40
CA VAL F 4 13.37 -21.49 10.90
C VAL F 4 12.47 -21.19 12.10
N ILE F 5 11.78 -20.05 12.04
CA ILE F 5 10.86 -19.63 13.09
C ILE F 5 9.45 -19.61 12.49
N GLN F 6 8.55 -20.36 13.09
CA GLN F 6 7.18 -20.47 12.58
C GLN F 6 6.17 -20.42 13.71
N ASP F 7 6.43 -19.60 14.73
CA ASP F 7 5.52 -19.51 15.87
C ASP F 7 5.71 -18.17 16.55
N THR F 8 4.74 -17.83 17.39
CA THR F 8 4.80 -16.59 18.16
C THR F 8 5.69 -16.79 19.38
N ALA F 9 5.66 -15.85 20.32
CA ALA F 9 6.57 -15.85 21.45
C ALA F 9 5.78 -15.71 22.75
N ASP F 10 6.27 -16.38 23.79
CA ASP F 10 5.75 -16.21 25.13
C ASP F 10 6.45 -15.01 25.78
N VAL F 11 5.67 -14.14 26.41
CA VAL F 11 6.19 -12.90 26.95
C VAL F 11 6.11 -12.94 28.48
N TYR F 12 7.03 -12.21 29.10
CA TYR F 12 7.06 -12.07 30.56
C TYR F 12 7.35 -10.62 30.90
N PHE F 13 6.53 -10.06 31.80
CA PHE F 13 6.70 -8.71 32.32
C PHE F 13 6.95 -8.79 33.81
N LYS F 14 7.98 -8.09 34.29
CA LYS F 14 8.26 -8.00 35.72
C LYS F 14 8.35 -6.54 36.11
N ARG F 15 7.54 -6.13 37.09
CA ARG F 15 7.57 -4.75 37.55
C ARG F 15 8.72 -4.57 38.53
N LYS F 16 9.52 -3.53 38.30
CA LYS F 16 10.65 -3.23 39.17
C LYS F 16 10.26 -2.40 40.37
N SER F 17 8.98 -2.07 40.53
CA SER F 17 8.58 -1.29 41.69
C SER F 17 8.43 -2.16 42.93
N ASP F 18 7.46 -3.09 42.92
CA ASP F 18 7.39 -3.98 44.07
C ASP F 18 7.85 -5.42 43.83
N GLY F 19 7.08 -6.25 43.12
CA GLY F 19 7.56 -7.57 42.75
C GLY F 19 6.86 -8.26 41.59
N LYS F 20 5.91 -7.61 40.94
CA LYS F 20 4.89 -8.35 40.21
C LYS F 20 5.41 -8.95 38.91
N LEU F 21 4.79 -10.05 38.51
CA LEU F 21 5.16 -10.78 37.30
C LEU F 21 3.89 -11.22 36.59
N VAL F 22 3.79 -10.93 35.30
CA VAL F 22 2.66 -11.34 34.48
C VAL F 22 3.18 -11.92 33.17
N PHE F 23 2.64 -13.08 32.79
CA PHE F 23 3.11 -13.80 31.62
C PHE F 23 1.94 -14.11 30.69
N THR F 24 2.28 -14.55 29.48
CA THR F 24 1.28 -14.94 28.50
C THR F 24 1.73 -16.20 27.79
N ALA F 25 0.80 -17.13 27.62
CA ALA F 25 1.03 -18.34 26.81
C ALA F 25 0.04 -18.42 25.66
N GLU F 26 -0.60 -17.31 25.32
CA GLU F 26 -1.64 -17.29 24.31
C GLU F 26 -1.54 -16.07 23.40
N ALA F 27 -0.38 -15.42 23.34
CA ALA F 27 -0.24 -14.18 22.60
C ALA F 27 -0.43 -14.43 21.09
N GLN F 28 -0.92 -13.40 20.41
CA GLN F 28 -1.11 -13.46 18.97
C GLN F 28 -0.10 -12.65 18.18
N THR F 29 0.57 -11.68 18.80
CA THR F 29 1.60 -10.92 18.11
C THR F 29 2.60 -10.39 19.13
N ALA F 30 3.88 -10.62 18.86
CA ALA F 30 4.97 -10.04 19.64
C ALA F 30 5.97 -9.42 18.68
N SER F 31 6.13 -8.10 18.74
CA SER F 31 6.93 -7.38 17.78
C SER F 31 7.88 -6.43 18.48
N PHE F 32 9.03 -6.21 17.84
CA PHE F 32 10.12 -5.42 18.40
C PHE F 32 10.78 -4.65 17.27
N SER F 33 10.76 -3.33 17.34
CA SER F 33 11.22 -2.48 16.25
C SER F 33 12.24 -1.47 16.74
N GLN F 34 13.10 -1.03 15.82
CA GLN F 34 14.16 -0.06 16.09
C GLN F 34 14.13 1.03 15.04
N ALA F 35 14.24 2.28 15.49
CA ALA F 35 14.25 3.44 14.61
C ALA F 35 15.42 4.34 14.98
N ILE F 36 16.14 4.80 13.95
CA ILE F 36 17.33 5.64 14.14
C ILE F 36 17.26 6.79 13.15
N SER F 37 17.52 8.01 13.63
CA SER F 37 17.50 9.19 12.79
C SER F 37 18.80 9.28 12.00
N GLU F 38 18.68 9.29 10.67
CA GLU F 38 19.82 9.33 9.77
C GLU F 38 19.65 10.47 8.77
N GLU F 39 20.68 11.28 8.64
CA GLU F 39 20.77 12.32 7.62
C GLU F 39 22.06 12.14 6.83
N LYS F 40 22.26 12.97 5.82
CA LYS F 40 23.39 12.82 4.92
C LYS F 40 24.18 14.12 4.81
N LEU F 41 25.47 13.96 4.56
CA LEU F 41 26.35 15.08 4.26
C LEU F 41 26.54 15.16 2.76
N ARG F 42 26.29 16.33 2.18
CA ARG F 42 26.32 16.53 0.75
C ARG F 42 27.50 17.41 0.37
N GLY F 43 28.12 17.12 -0.76
CA GLY F 43 29.38 17.74 -1.11
C GLY F 43 29.39 18.58 -2.36
N GLY F 44 30.28 18.25 -3.30
CA GLY F 44 30.58 19.13 -4.40
C GLY F 44 29.69 18.99 -5.61
N ILE F 45 30.29 18.78 -6.78
CA ILE F 45 29.55 18.76 -8.04
C ILE F 45 28.59 17.59 -8.04
N GLY F 46 27.31 17.87 -8.30
CA GLY F 46 26.29 16.85 -8.31
C GLY F 46 25.64 16.58 -6.97
N ASN F 47 26.10 17.24 -5.90
CA ASN F 47 25.57 17.05 -4.56
C ASN F 47 25.66 15.58 -4.14
N LYS F 48 26.88 15.05 -4.23
CA LYS F 48 27.13 13.65 -3.92
C LYS F 48 26.95 13.38 -2.43
N PRO F 49 26.35 12.25 -2.06
CA PRO F 49 26.34 11.85 -0.65
C PRO F 49 27.66 11.18 -0.29
N LEU F 50 28.30 11.68 0.78
CA LEU F 50 29.59 11.17 1.20
C LEU F 50 29.55 10.48 2.54
N TYR F 51 29.05 11.15 3.58
CA TYR F 51 28.99 10.58 4.92
C TYR F 51 27.55 10.59 5.41
N ILE F 52 27.26 9.73 6.37
CA ILE F 52 25.94 9.59 6.95
C ILE F 52 26.03 9.95 8.43
N LEU F 53 25.07 10.74 8.91
CA LEU F 53 25.03 11.15 10.29
C LEU F 53 23.89 10.40 10.98
N LYS F 54 24.21 9.73 12.08
CA LYS F 54 23.26 8.90 12.79
C LYS F 54 23.11 9.41 14.21
N SER F 55 21.89 9.37 14.72
CA SER F 55 21.63 9.67 16.12
C SER F 55 20.26 9.15 16.47
N GLU F 56 19.91 9.28 17.75
CA GLU F 56 18.57 8.98 18.22
C GLU F 56 18.18 7.53 17.90
N LYS F 57 18.83 6.61 18.61
CA LYS F 57 18.50 5.20 18.55
C LYS F 57 17.38 4.88 19.53
N GLU F 58 16.20 4.54 19.01
CA GLU F 58 15.03 4.17 19.79
C GLU F 58 14.50 2.77 19.49
N ILE F 59 13.93 2.14 20.52
CA ILE F 59 13.43 0.79 20.44
C ILE F 59 12.00 0.76 21.01
N ASN F 60 11.09 0.16 20.26
CA ASN F 60 9.69 0.06 20.63
C ASN F 60 9.24 -1.39 20.61
N LEU F 61 8.25 -1.68 21.45
CA LEU F 61 7.74 -3.02 21.68
C LEU F 61 6.23 -3.02 21.46
N THR F 62 5.70 -4.12 20.94
CA THR F 62 4.29 -4.23 20.58
C THR F 62 3.79 -5.62 20.95
N VAL F 63 2.82 -5.70 21.85
CA VAL F 63 2.28 -6.96 22.32
C VAL F 63 0.78 -6.99 22.07
N LYS F 64 0.31 -8.04 21.41
CA LYS F 64 -1.10 -8.21 21.05
C LYS F 64 -1.54 -9.59 21.54
N ASN F 65 -2.47 -9.62 22.50
CA ASN F 65 -2.96 -10.86 23.06
C ASN F 65 -4.21 -11.33 22.33
N ALA F 66 -4.74 -12.48 22.77
CA ALA F 66 -5.94 -13.05 22.19
C ALA F 66 -7.17 -12.91 23.07
N PHE F 67 -7.01 -12.44 24.30
CA PHE F 67 -8.11 -12.25 25.22
C PHE F 67 -8.18 -10.78 25.65
N PHE F 68 -9.30 -10.40 26.24
CA PHE F 68 -9.50 -9.06 26.78
C PHE F 68 -9.42 -9.12 28.30
N ASP F 69 -8.49 -8.36 28.87
CA ASP F 69 -8.27 -8.34 30.31
C ASP F 69 -8.06 -6.89 30.75
N LEU F 70 -8.86 -6.45 31.72
CA LEU F 70 -8.79 -5.06 32.15
C LEU F 70 -7.52 -4.73 32.90
N GLU F 71 -6.88 -5.72 33.54
CA GLU F 71 -5.61 -5.47 34.22
C GLU F 71 -4.48 -5.18 33.25
N TRP F 72 -4.60 -5.60 32.00
CA TRP F 72 -3.51 -5.44 31.05
C TRP F 72 -3.52 -4.08 30.37
N LEU F 73 -4.69 -3.55 30.06
CA LEU F 73 -4.77 -2.20 29.49
C LEU F 73 -4.73 -1.12 30.56
N ALA F 74 -4.74 -1.50 31.84
CA ALA F 74 -4.44 -0.56 32.90
C ALA F 74 -2.95 -0.31 33.07
N MET F 75 -2.11 -1.10 32.41
CA MET F 75 -0.67 -0.84 32.41
C MET F 75 -0.31 0.33 31.50
N THR F 76 -0.94 0.43 30.34
CA THR F 76 -0.64 1.50 29.40
C THR F 76 -1.23 2.83 29.80
N GLN F 77 -2.15 2.85 30.76
CA GLN F 77 -2.73 4.08 31.27
C GLN F 77 -2.63 4.05 32.79
N GLY F 78 -1.81 4.94 33.35
CA GLY F 78 -1.55 4.87 34.77
C GLY F 78 -2.69 5.38 35.62
N GLU F 79 -3.44 4.44 36.19
CA GLU F 79 -4.57 4.71 37.07
C GLU F 79 -4.88 3.44 37.84
N THR F 80 -6.01 3.44 38.54
CA THR F 80 -6.46 2.27 39.28
C THR F 80 -7.94 2.05 38.99
N ILE F 81 -8.33 0.79 38.81
CA ILE F 81 -9.72 0.47 38.52
C ILE F 81 -10.51 0.45 39.81
N GLN F 82 -11.52 1.30 39.90
CA GLN F 82 -12.35 1.41 41.09
C GLN F 82 -13.43 0.34 41.03
N GLU F 83 -13.24 -0.73 41.78
CA GLU F 83 -14.17 -1.84 41.77
C GLU F 83 -15.45 -1.49 42.53
N GLU F 84 -16.57 -2.06 42.07
CA GLU F 84 -17.86 -1.96 42.73
C GLU F 84 -18.30 -0.49 42.86
N THR F 85 -18.54 0.13 41.70
CA THR F 85 -19.05 1.48 41.64
C THR F 85 -20.34 1.51 40.82
N LYS F 86 -21.22 2.45 41.17
CA LYS F 86 -22.47 2.64 40.45
C LYS F 86 -22.28 3.67 39.35
N VAL F 87 -22.94 3.44 38.21
CA VAL F 87 -22.80 4.31 37.05
C VAL F 87 -24.11 4.30 36.26
N LYS F 88 -24.22 5.25 35.32
CA LYS F 88 -25.40 5.44 34.49
C LYS F 88 -25.09 4.98 33.08
N VAL F 89 -25.90 4.06 32.56
CA VAL F 89 -25.73 3.52 31.22
C VAL F 89 -27.02 3.72 30.43
N PHE F 90 -26.93 3.48 29.13
CA PHE F 90 -28.05 3.65 28.22
C PHE F 90 -28.83 2.35 28.08
N ASP F 91 -30.12 2.47 27.75
CA ASP F 91 -30.97 1.30 27.59
C ASP F 91 -32.01 1.57 26.53
N ARG F 92 -32.40 0.50 25.83
CA ARG F 92 -33.30 0.58 24.69
C ARG F 92 -34.33 -0.52 24.78
N GLU F 93 -35.60 -0.17 24.55
CA GLU F 93 -36.72 -1.10 24.60
C GLU F 93 -37.40 -1.14 23.25
N HIS F 94 -37.69 -2.35 22.77
CA HIS F 94 -38.23 -2.56 21.44
C HIS F 94 -39.58 -3.26 21.52
N GLY F 95 -40.41 -3.02 20.52
CA GLY F 95 -41.69 -3.71 20.41
C GLY F 95 -42.71 -3.33 21.46
N LEU F 96 -43.21 -2.10 21.39
CA LEU F 96 -44.24 -1.62 22.31
C LEU F 96 -45.58 -1.50 21.57
N ILE F 97 -46.64 -1.99 22.21
CA ILE F 97 -47.99 -2.00 21.63
C ILE F 97 -48.80 -0.89 22.28
N VAL F 98 -49.48 -0.10 21.47
CA VAL F 98 -50.27 1.01 21.96
C VAL F 98 -51.75 0.64 21.87
N ASP F 99 -52.50 0.91 22.93
CA ASP F 99 -53.92 0.61 22.97
C ASP F 99 -54.70 1.69 22.21
N ASP F 100 -56.02 1.64 22.31
CA ASP F 100 -56.87 2.60 21.60
C ASP F 100 -56.95 3.95 22.31
N THR F 101 -56.44 4.06 23.53
CA THR F 101 -56.48 5.30 24.29
C THR F 101 -55.20 6.11 24.15
N ASN F 102 -54.37 5.81 23.14
CA ASN F 102 -53.09 6.47 22.94
C ASN F 102 -52.22 6.36 24.18
N LYS F 103 -52.20 5.18 24.79
CA LYS F 103 -51.49 4.93 26.04
C LYS F 103 -50.46 3.83 25.82
N VAL F 104 -49.27 4.02 26.40
CA VAL F 104 -48.18 3.04 26.30
C VAL F 104 -47.65 2.77 27.70
N THR F 105 -47.19 1.53 27.90
CA THR F 105 -46.71 1.07 29.19
C THR F 105 -45.27 0.58 29.03
N LEU F 106 -44.37 1.10 29.86
CA LEU F 106 -42.97 0.73 29.83
C LEU F 106 -42.64 -0.18 31.01
N LYS F 107 -41.56 -0.96 30.85
CA LYS F 107 -41.03 -1.80 31.91
C LYS F 107 -39.57 -1.45 32.12
N GLY F 108 -39.19 -1.21 33.37
CA GLY F 108 -37.84 -0.82 33.73
C GLY F 108 -37.87 0.35 34.68
N LYS F 109 -36.69 0.95 34.89
CA LYS F 109 -36.53 2.07 35.81
C LYS F 109 -35.72 3.17 35.14
N PRO F 110 -36.36 4.01 34.32
CA PRO F 110 -35.66 5.15 33.73
C PRO F 110 -35.23 6.16 34.78
N VAL F 111 -34.13 6.86 34.49
CA VAL F 111 -33.57 7.84 35.42
C VAL F 111 -33.45 9.17 34.69
N SER F 112 -33.55 9.14 33.36
CA SER F 112 -33.41 10.34 32.55
C SER F 112 -34.65 10.50 31.64
N ASP F 113 -34.55 11.45 30.71
CA ASP F 113 -35.64 11.72 29.79
C ASP F 113 -35.86 10.54 28.85
N VAL F 114 -37.13 10.30 28.49
CA VAL F 114 -37.52 9.18 27.66
C VAL F 114 -37.75 9.68 26.24
N THR F 115 -37.11 9.00 25.27
CA THR F 115 -37.24 9.37 23.87
C THR F 115 -37.90 8.22 23.12
N PHE F 116 -38.92 8.54 22.34
CA PHE F 116 -39.70 7.56 21.60
C PHE F 116 -39.47 7.71 20.11
N TYR F 117 -39.32 6.60 19.42
CA TYR F 117 -39.18 6.56 17.96
C TYR F 117 -40.31 5.75 17.36
N ASN F 118 -40.86 6.24 16.26
CA ASN F 118 -41.94 5.59 15.54
C ASN F 118 -41.37 4.83 14.34
N LYS F 119 -42.26 4.31 13.49
CA LYS F 119 -41.86 3.50 12.36
C LYS F 119 -41.34 4.33 11.19
N LYS F 120 -41.48 5.65 11.22
CA LYS F 120 -41.01 6.48 10.13
C LYS F 120 -39.72 7.21 10.43
N GLY F 121 -39.38 7.41 11.70
CA GLY F 121 -38.14 8.06 12.06
C GLY F 121 -38.33 9.43 12.71
N LEU F 122 -39.41 9.58 13.46
CA LEU F 122 -39.70 10.80 14.19
C LEU F 122 -39.43 10.61 15.67
N THR F 123 -39.23 11.73 16.37
CA THR F 123 -38.80 11.71 17.76
C THR F 123 -39.88 12.30 18.67
N TYR F 124 -40.09 11.66 19.82
CA TYR F 124 -40.88 12.20 20.91
C TYR F 124 -40.03 12.27 22.17
N LYS F 125 -40.29 13.26 23.01
CA LYS F 125 -39.37 13.68 24.07
C LYS F 125 -40.09 13.77 25.42
N ILE F 126 -40.70 12.68 25.84
CA ILE F 126 -41.47 12.75 27.07
C ILE F 126 -40.54 12.63 28.26
N ALA F 127 -40.92 13.28 29.37
CA ALA F 127 -40.16 13.20 30.60
C ALA F 127 -40.56 11.93 31.35
N VAL F 128 -39.99 11.73 32.53
CA VAL F 128 -40.25 10.52 33.30
C VAL F 128 -41.66 10.58 33.88
N SER F 129 -42.36 9.46 33.85
CA SER F 129 -43.67 9.33 34.46
C SER F 129 -43.56 8.47 35.71
N THR F 130 -44.33 8.84 36.73
CA THR F 130 -44.21 8.17 38.03
C THR F 130 -44.63 6.71 37.95
N ASP F 131 -45.73 6.41 37.29
CA ASP F 131 -46.29 5.06 37.25
C ASP F 131 -45.94 4.29 35.99
N GLY F 132 -45.02 4.82 35.17
CA GLY F 132 -44.63 4.12 33.96
C GLY F 132 -45.71 4.02 32.91
N THR F 133 -46.50 5.07 32.73
CA THR F 133 -47.55 5.12 31.72
C THR F 133 -47.46 6.43 30.97
N TYR F 134 -47.44 6.37 29.65
CA TYR F 134 -47.25 7.56 28.83
C TYR F 134 -48.38 7.69 27.82
N THR F 135 -48.64 8.94 27.41
CA THR F 135 -49.71 9.27 26.47
C THR F 135 -49.08 9.86 25.21
N ILE F 136 -48.96 9.02 24.18
CA ILE F 136 -48.35 9.46 22.92
C ILE F 136 -49.33 10.38 22.19
N PRO F 137 -48.86 11.47 21.59
CA PRO F 137 -49.75 12.35 20.84
C PRO F 137 -50.41 11.62 19.68
N THR F 138 -51.63 12.08 19.34
CA THR F 138 -52.42 11.41 18.31
C THR F 138 -51.74 11.47 16.94
N ALA F 139 -51.13 12.60 16.60
CA ALA F 139 -50.48 12.73 15.30
C ALA F 139 -49.24 11.85 15.19
N PHE F 140 -48.57 11.57 16.30
CA PHE F 140 -47.36 10.75 16.25
C PHE F 140 -47.66 9.33 15.80
N ALA F 141 -48.71 8.73 16.36
CA ALA F 141 -49.07 7.36 16.02
C ALA F 141 -50.53 7.14 16.39
N ALA F 142 -51.07 6.03 15.90
CA ALA F 142 -52.46 5.65 16.14
C ALA F 142 -52.49 4.29 16.86
N ALA F 143 -53.69 3.76 17.03
CA ALA F 143 -53.86 2.49 17.70
C ALA F 143 -53.27 1.36 16.87
N LYS F 144 -52.87 0.29 17.56
CA LYS F 144 -52.26 -0.89 16.94
C LYS F 144 -51.04 -0.52 16.10
N ASP F 145 -50.19 0.35 16.66
CA ASP F 145 -48.93 0.70 16.06
C ASP F 145 -47.80 0.26 16.99
N LYS F 146 -46.56 0.40 16.52
CA LYS F 146 -45.40 -0.06 17.26
C LYS F 146 -44.37 1.05 17.37
N LEU F 147 -43.84 1.23 18.58
CA LEU F 147 -42.87 2.28 18.88
C LEU F 147 -41.73 1.68 19.70
N THR F 148 -40.58 2.34 19.66
CA THR F 148 -39.42 1.94 20.46
C THR F 148 -39.01 3.09 21.37
N ALA F 149 -38.32 2.75 22.46
CA ALA F 149 -38.00 3.72 23.50
C ALA F 149 -36.53 3.67 23.86
N VAL F 150 -35.97 4.82 24.22
CA VAL F 150 -34.59 4.94 24.68
C VAL F 150 -34.60 5.73 25.97
N TYR F 151 -33.84 5.26 26.97
CA TYR F 151 -33.74 5.91 28.26
C TYR F 151 -32.40 5.54 28.91
N GLN F 152 -32.26 5.87 30.19
CA GLN F 152 -31.04 5.60 30.94
C GLN F 152 -31.38 4.80 32.20
N ILE F 153 -30.47 3.92 32.60
CA ILE F 153 -30.60 3.11 33.80
C ILE F 153 -29.29 3.17 34.58
N GLU F 154 -29.28 2.54 35.75
CA GLU F 154 -28.10 2.50 36.60
C GLU F 154 -27.61 1.06 36.78
N LYS F 155 -26.29 0.92 36.89
CA LYS F 155 -25.66 -0.39 36.97
C LYS F 155 -24.48 -0.33 37.93
N VAL F 156 -24.02 -1.50 38.34
CA VAL F 156 -22.90 -1.64 39.26
C VAL F 156 -21.80 -2.43 38.55
N GLY F 157 -20.59 -1.90 38.58
CA GLY F 157 -19.48 -2.60 37.94
C GLY F 157 -18.16 -1.92 38.21
N ARG F 158 -17.15 -2.31 37.42
CA ARG F 158 -15.82 -1.71 37.48
C ARG F 158 -15.79 -0.42 36.66
N ARG F 159 -14.69 0.30 36.79
CA ARG F 159 -14.58 1.63 36.17
C ARG F 159 -13.12 2.01 36.06
N LEU F 160 -12.67 2.31 34.84
CA LEU F 160 -11.34 2.84 34.61
C LEU F 160 -11.47 4.18 33.91
N ALA F 161 -10.80 5.20 34.45
CA ALA F 161 -10.86 6.55 33.92
C ALA F 161 -9.56 6.88 33.22
N ILE F 162 -9.66 7.36 31.98
CA ILE F 162 -8.50 7.77 31.21
C ILE F 162 -8.32 9.27 31.40
N LYS F 163 -7.16 9.68 31.90
CA LYS F 163 -6.90 11.08 32.20
C LYS F 163 -5.62 11.55 31.52
N ALA F 164 -5.16 12.74 31.86
CA ALA F 164 -3.87 13.26 31.42
C ALA F 164 -2.96 13.28 32.65
N SER F 165 -2.31 12.14 32.91
CA SER F 165 -1.49 11.98 34.10
C SER F 165 -0.24 11.20 33.75
N LYS F 166 0.80 11.39 34.55
CA LYS F 166 2.09 10.76 34.34
C LYS F 166 2.15 9.44 35.10
N PHE F 167 2.55 8.37 34.40
CA PHE F 167 2.54 7.04 35.00
C PHE F 167 3.84 6.74 35.75
N SER F 168 4.98 6.80 35.06
CA SER F 168 6.29 6.59 35.66
C SER F 168 6.37 5.27 36.41
N GLU F 169 6.19 4.18 35.67
CA GLU F 169 6.39 2.84 36.18
C GLU F 169 7.21 2.05 35.17
N ARG F 170 8.10 1.19 35.67
CA ARG F 170 9.10 0.55 34.82
C ARG F 170 8.96 -0.96 34.90
N TYR F 171 9.37 -1.64 33.82
CA TYR F 171 9.22 -3.09 33.71
C TYR F 171 10.48 -3.67 33.06
N GLU F 172 10.61 -4.99 33.21
CA GLU F 172 11.58 -5.80 32.47
C GLU F 172 10.80 -6.82 31.64
N VAL F 173 11.14 -6.92 30.36
CA VAL F 173 10.37 -7.72 29.41
C VAL F 173 11.25 -8.81 28.83
N GLU F 174 10.67 -9.99 28.64
CA GLU F 174 11.38 -11.11 28.03
C GLU F 174 10.48 -11.81 27.02
N TYR F 175 11.01 -12.07 25.83
CA TYR F 175 10.34 -12.84 24.79
C TYR F 175 11.06 -14.16 24.61
N ARG F 176 10.30 -15.25 24.44
CA ARG F 176 10.86 -16.57 24.18
C ARG F 176 10.16 -17.21 22.99
N THR F 177 10.95 -17.80 22.09
CA THR F 177 10.42 -18.53 20.95
C THR F 177 11.31 -19.71 20.64
N ILE F 178 10.86 -20.57 19.73
CA ILE F 178 11.60 -21.76 19.35
C ILE F 178 11.98 -21.66 17.88
N ALA F 179 13.06 -22.37 17.52
CA ALA F 179 13.61 -22.31 16.18
C ALA F 179 14.05 -23.71 15.75
N TYR F 180 13.57 -24.14 14.59
CA TYR F 180 13.76 -25.49 14.09
C TYR F 180 15.00 -25.57 13.20
N ASN F 181 15.44 -26.81 12.99
CA ASN F 181 16.52 -27.15 12.06
C ASN F 181 15.95 -27.48 10.70
N PRO F 182 16.35 -26.77 9.63
CA PRO F 182 15.63 -26.90 8.36
C PRO F 182 15.87 -28.21 7.64
N ASP F 183 16.95 -28.93 7.92
CA ASP F 183 17.24 -30.17 7.22
C ASP F 183 17.03 -31.42 8.07
N THR F 184 16.45 -31.28 9.26
CA THR F 184 16.12 -32.43 10.08
C THR F 184 14.74 -32.34 10.72
N GLU F 185 14.08 -31.18 10.65
CA GLU F 185 12.74 -30.97 11.23
C GLU F 185 12.68 -31.36 12.70
N GLU F 186 13.69 -30.94 13.45
CA GLU F 186 13.68 -31.02 14.90
C GLU F 186 13.98 -29.66 15.50
N VAL F 187 13.48 -29.46 16.72
CA VAL F 187 13.70 -28.19 17.41
C VAL F 187 15.18 -28.06 17.74
N TYR F 188 15.80 -26.97 17.29
CA TYR F 188 17.22 -26.76 17.45
C TYR F 188 17.57 -25.73 18.52
N SER F 189 16.86 -24.61 18.58
CA SER F 189 17.27 -23.55 19.49
C SER F 189 16.05 -22.91 20.15
N ASP F 190 16.31 -22.29 21.30
CA ASP F 190 15.36 -21.40 21.96
C ASP F 190 15.94 -20.00 21.92
N ILE F 191 15.16 -19.06 21.41
CA ILE F 191 15.60 -17.68 21.21
C ILE F 191 14.91 -16.80 22.23
N TYR F 192 15.71 -16.11 23.03
CA TYR F 192 15.24 -15.16 24.03
C TYR F 192 15.64 -13.75 23.65
N ILE F 193 14.76 -12.80 23.89
CA ILE F 193 15.05 -11.38 23.74
C ILE F 193 14.72 -10.68 25.04
N GLN F 194 15.69 -9.94 25.59
CA GLN F 194 15.55 -9.34 26.90
C GLN F 194 15.61 -7.81 26.79
N PHE F 195 14.64 -7.14 27.38
CA PHE F 195 14.61 -5.68 27.46
C PHE F 195 14.57 -5.26 28.91
N PRO F 196 15.65 -4.71 29.45
CA PRO F 196 15.58 -4.04 30.75
C PRO F 196 15.28 -2.56 30.61
N ASN F 197 14.63 -2.03 31.65
CA ASN F 197 14.28 -0.60 31.75
C ASN F 197 13.39 -0.17 30.59
N VAL F 198 12.17 -0.73 30.56
CA VAL F 198 11.16 -0.34 29.60
C VAL F 198 10.12 0.52 30.29
N SER F 199 9.38 1.30 29.50
CA SER F 199 8.35 2.20 30.00
C SER F 199 7.10 2.07 29.14
N PRO F 200 5.93 2.26 29.72
CA PRO F 200 4.68 2.09 28.96
C PRO F 200 4.27 3.33 28.18
N SER F 201 4.83 3.51 26.99
CA SER F 201 4.43 4.62 26.14
C SER F 201 2.97 4.47 25.72
N GLY F 202 2.27 5.59 25.63
CA GLY F 202 0.85 5.56 25.33
C GLY F 202 0.51 5.80 23.87
N GLU F 203 0.25 4.72 23.14
CA GLU F 203 -0.24 4.77 21.77
C GLU F 203 -1.35 3.73 21.58
N PHE F 204 -2.29 3.70 22.52
CA PHE F 204 -3.36 2.73 22.51
C PHE F 204 -4.21 2.85 21.27
N GLU F 205 -4.72 1.71 20.79
CA GLU F 205 -5.58 1.67 19.61
C GLU F 205 -6.56 0.52 19.79
N MET F 206 -7.86 0.83 19.74
CA MET F 206 -8.91 -0.15 19.97
C MET F 206 -9.94 -0.02 18.86
N SER F 207 -10.15 -1.11 18.10
CA SER F 207 -11.06 -1.12 16.98
C SER F 207 -12.00 -2.31 17.11
N LEU F 208 -13.30 -2.04 17.20
CA LEU F 208 -14.31 -3.09 17.26
C LEU F 208 -14.99 -3.19 15.90
N GLU F 209 -14.89 -4.35 15.28
CA GLU F 209 -15.37 -4.56 13.92
C GLU F 209 -16.58 -5.50 13.93
N ASN F 210 -17.13 -5.71 12.74
CA ASN F 210 -18.35 -6.51 12.57
C ASN F 210 -17.94 -7.98 12.46
N GLY F 211 -18.13 -8.72 13.55
CA GLY F 211 -17.79 -10.13 13.57
C GLY F 211 -16.32 -10.40 13.37
N ASN F 212 -15.50 -9.98 14.34
CA ASN F 212 -14.06 -10.17 14.25
C ASN F 212 -13.47 -10.16 15.65
N ALA F 213 -12.34 -10.85 15.81
CA ALA F 213 -11.66 -10.87 17.09
C ALA F 213 -11.06 -9.51 17.42
N LEU F 214 -10.92 -9.23 18.71
CA LEU F 214 -10.46 -7.90 19.13
C LEU F 214 -8.94 -7.80 19.13
N ALA F 215 -8.27 -8.73 19.82
CA ALA F 215 -6.81 -8.73 19.94
C ALA F 215 -6.30 -7.40 20.47
N PRO F 216 -6.46 -7.12 21.76
CA PRO F 216 -5.99 -5.83 22.29
C PRO F 216 -4.48 -5.67 22.14
N GLU F 217 -4.07 -4.42 21.95
CA GLU F 217 -2.70 -4.04 21.64
C GLU F 217 -2.14 -3.12 22.71
N ILE F 218 -0.93 -3.41 23.19
CA ILE F 218 -0.22 -2.53 24.11
C ILE F 218 1.20 -2.31 23.61
N LYS F 219 1.66 -1.06 23.67
CA LYS F 219 2.96 -0.66 23.18
C LYS F 219 3.85 -0.19 24.32
N PHE F 220 5.15 -0.37 24.16
CA PHE F 220 6.14 0.02 25.15
C PHE F 220 7.33 0.67 24.45
N GLU F 221 8.09 1.45 25.21
CA GLU F 221 9.32 2.06 24.72
C GLU F 221 10.47 1.66 25.64
N ALA F 222 11.54 1.13 25.06
CA ALA F 222 12.66 0.63 25.85
C ALA F 222 13.72 1.71 25.97
N LEU F 223 14.25 1.87 27.18
CA LEU F 223 15.25 2.89 27.46
C LEU F 223 16.53 2.24 27.96
N ALA F 224 17.64 2.96 27.81
CA ALA F 224 18.96 2.41 28.08
C ALA F 224 19.15 2.14 29.56
N ASP F 225 19.83 1.04 29.85
CA ASP F 225 20.18 0.73 31.24
C ASP F 225 21.33 1.62 31.69
N THR F 226 21.26 2.08 32.94
CA THR F 226 22.25 2.99 33.50
C THR F 226 23.42 2.25 34.16
N ASP F 227 23.63 0.99 33.82
CA ASP F 227 24.73 0.21 34.37
C ASP F 227 25.61 -0.41 33.31
N THR F 228 25.01 -0.86 32.19
CA THR F 228 25.78 -1.49 31.12
C THR F 228 25.32 -1.01 29.75
N ASP F 229 24.78 0.20 29.69
CA ASP F 229 24.38 0.92 28.47
C ASP F 229 23.70 0.03 27.42
N GLU F 230 22.97 -0.97 27.89
CA GLU F 230 22.24 -1.87 27.00
C GLU F 230 20.78 -1.48 26.91
N MET F 231 20.18 -1.78 25.76
CA MET F 231 18.77 -1.57 25.54
C MET F 231 18.01 -2.85 25.24
N ALA F 232 18.68 -3.88 24.74
CA ALA F 232 18.09 -5.18 24.49
C ALA F 232 19.22 -6.18 24.22
N VAL F 233 19.04 -7.41 24.67
CA VAL F 233 20.00 -8.47 24.39
C VAL F 233 19.28 -9.62 23.70
N VAL F 234 20.01 -10.33 22.85
CA VAL F 234 19.48 -11.45 22.07
C VAL F 234 20.30 -12.67 22.41
N ILE F 235 19.62 -13.76 22.76
CA ILE F 235 20.25 -14.97 23.26
C ILE F 235 19.72 -16.15 22.48
N GLU F 236 20.60 -17.05 22.05
CA GLU F 236 20.20 -18.27 21.36
C GLU F 236 20.80 -19.45 22.11
N ALA F 237 19.93 -20.28 22.68
CA ALA F 237 20.35 -21.42 23.48
C ALA F 237 20.05 -22.71 22.72
N SER F 238 21.08 -23.50 22.45
CA SER F 238 20.93 -24.78 21.78
C SER F 238 20.65 -25.88 22.80
N ARG F 239 19.77 -26.81 22.43
CA ARG F 239 19.39 -27.87 23.35
C ARG F 239 20.46 -28.93 23.52
N ASP F 240 21.49 -28.95 22.68
CA ASP F 240 22.63 -29.81 22.89
C ASP F 240 23.71 -29.15 23.73
N GLU F 241 23.54 -27.87 24.05
CA GLU F 241 24.48 -27.11 24.88
C GLU F 241 25.92 -27.20 24.36
N MET G 1 44.59 14.49 8.63
CA MET G 1 43.75 13.84 7.64
C MET G 1 42.33 14.39 7.71
N LYS G 2 41.56 14.18 6.65
CA LYS G 2 40.17 14.62 6.62
C LYS G 2 39.34 13.85 7.63
N THR G 3 38.58 14.58 8.45
CA THR G 3 37.75 14.00 9.48
C THR G 3 36.43 14.75 9.55
N VAL G 4 35.43 14.12 10.17
CA VAL G 4 34.10 14.69 10.32
C VAL G 4 33.87 15.00 11.79
N ILE G 5 33.53 16.26 12.07
CA ILE G 5 33.16 16.69 13.41
C ILE G 5 31.65 16.90 13.43
N GLN G 6 30.99 16.34 14.43
CA GLN G 6 29.55 16.18 14.38
C GLN G 6 28.82 16.83 15.54
N ASP G 7 29.36 16.79 16.76
CA ASP G 7 28.62 17.15 17.95
C ASP G 7 29.25 18.33 18.69
N THR G 8 28.74 18.60 19.89
CA THR G 8 29.15 19.72 20.73
C THR G 8 30.47 19.42 21.42
N ALA G 9 30.79 20.17 22.47
CA ALA G 9 32.01 19.96 23.21
C ALA G 9 31.74 20.02 24.71
N ASP G 10 32.53 19.24 25.47
CA ASP G 10 32.52 19.37 26.91
C ASP G 10 33.33 20.59 27.30
N VAL G 11 32.78 21.41 28.20
CA VAL G 11 33.37 22.70 28.54
C VAL G 11 33.88 22.65 29.97
N TYR G 12 35.15 22.97 30.15
CA TYR G 12 35.79 23.01 31.45
C TYR G 12 36.24 24.43 31.76
N PHE G 13 35.97 24.89 32.98
CA PHE G 13 36.41 26.19 33.46
C PHE G 13 37.23 25.99 34.72
N LYS G 14 38.38 26.66 34.79
CA LYS G 14 39.18 26.73 36.01
C LYS G 14 39.36 28.18 36.41
N ARG G 15 39.24 28.46 37.70
CA ARG G 15 39.14 29.82 38.21
C ARG G 15 40.49 30.52 38.35
N LYS G 16 41.58 29.77 38.54
CA LYS G 16 42.90 30.34 38.75
C LYS G 16 42.87 31.28 39.97
N SER G 17 42.60 30.66 41.11
CA SER G 17 42.57 31.33 42.41
C SER G 17 42.55 30.28 43.51
N ASP G 18 41.36 29.83 43.90
CA ASP G 18 41.23 28.71 44.82
C ASP G 18 41.39 27.37 44.13
N GLY G 19 41.15 27.29 42.82
CA GLY G 19 41.34 26.06 42.09
C GLY G 19 40.07 25.28 41.84
N LYS G 20 38.97 25.98 41.56
CA LYS G 20 37.71 25.32 41.27
C LYS G 20 37.63 24.94 39.79
N LEU G 21 37.17 23.72 39.54
CA LEU G 21 36.98 23.22 38.18
C LEU G 21 35.49 22.99 37.97
N VAL G 22 34.85 23.90 37.25
CA VAL G 22 33.44 23.76 36.92
C VAL G 22 33.31 23.19 35.53
N PHE G 23 32.60 22.09 35.40
CA PHE G 23 32.52 21.38 34.13
C PHE G 23 31.07 21.23 33.70
N THR G 24 30.86 21.24 32.39
CA THR G 24 29.55 20.96 31.82
C THR G 24 29.72 20.06 30.61
N ALA G 25 29.02 18.92 30.63
CA ALA G 25 28.94 18.03 29.49
C ALA G 25 27.57 18.06 28.85
N GLU G 26 26.70 18.97 29.32
CA GLU G 26 25.34 19.04 28.82
C GLU G 26 25.18 20.20 27.84
N ALA G 27 26.30 20.76 27.37
CA ALA G 27 26.29 21.99 26.58
C ALA G 27 25.57 21.80 25.26
N GLN G 28 24.90 22.85 24.81
CA GLN G 28 24.23 22.85 23.52
C GLN G 28 25.16 23.32 22.41
N THR G 29 25.76 24.50 22.57
CA THR G 29 26.72 24.99 21.60
C THR G 29 27.94 25.59 22.29
N ALA G 30 29.08 25.47 21.62
CA ALA G 30 30.33 26.08 22.07
C ALA G 30 31.06 26.61 20.85
N SER G 31 31.58 27.83 20.95
CA SER G 31 32.17 28.46 19.77
C SER G 31 33.25 29.44 20.21
N PHE G 32 34.18 29.70 19.29
CA PHE G 32 35.14 30.78 19.45
C PHE G 32 35.32 31.48 18.11
N SER G 33 35.43 32.80 18.16
CA SER G 33 35.53 33.64 16.97
C SER G 33 36.77 34.51 17.05
N GLN G 34 37.30 34.85 15.88
CA GLN G 34 38.53 35.61 15.77
C GLN G 34 38.32 36.76 14.79
N ALA G 35 38.84 37.94 15.14
CA ALA G 35 38.70 39.11 14.28
C ALA G 35 39.92 40.01 14.44
N ILE G 36 40.14 40.86 13.44
CA ILE G 36 41.21 41.86 13.50
C ILE G 36 40.63 43.24 13.24
N GLU G 56 46.66 43.69 15.54
CA GLU G 56 45.91 43.27 16.72
C GLU G 56 45.11 42.00 16.43
N LYS G 57 44.56 41.40 17.48
CA LYS G 57 43.83 40.15 17.34
C LYS G 57 42.85 40.02 18.49
N GLU G 58 41.57 39.85 18.17
CA GLU G 58 40.52 39.68 19.16
C GLU G 58 39.97 38.27 19.07
N ILE G 59 39.97 37.55 20.19
CA ILE G 59 39.45 36.20 20.27
C ILE G 59 38.34 36.18 21.32
N ASN G 60 37.15 35.78 20.91
CA ASN G 60 35.99 35.71 21.78
C ASN G 60 35.47 34.28 21.87
N LEU G 61 34.83 33.98 23.01
CA LEU G 61 34.31 32.65 23.30
C LEU G 61 32.84 32.77 23.67
N THR G 62 32.04 31.80 23.25
CA THR G 62 30.61 31.79 23.53
C THR G 62 30.16 30.37 23.83
N VAL G 63 29.58 30.16 24.99
CA VAL G 63 29.07 28.86 25.40
C VAL G 63 27.60 29.00 25.75
N LYS G 64 26.77 28.17 25.13
CA LYS G 64 25.33 28.15 25.41
C LYS G 64 24.96 26.76 25.91
N ASN G 65 24.51 26.70 27.16
CA ASN G 65 24.20 25.47 27.86
C ASN G 65 22.72 25.12 27.66
N ALA G 66 22.23 24.16 28.45
CA ALA G 66 20.84 23.73 28.36
C ALA G 66 20.01 24.10 29.58
N PHE G 67 20.60 24.09 30.78
CA PHE G 67 19.89 24.41 32.00
C PHE G 67 20.27 25.79 32.50
N PHE G 68 19.52 26.27 33.49
CA PHE G 68 19.73 27.57 34.11
C PHE G 68 20.06 27.40 35.58
N ASP G 69 21.13 28.06 36.03
CA ASP G 69 21.45 28.12 37.44
C ASP G 69 22.15 29.44 37.73
N LEU G 70 21.88 30.00 38.90
CA LEU G 70 22.38 31.33 39.23
C LEU G 70 23.90 31.39 39.39
N GLU G 71 24.54 30.25 39.67
CA GLU G 71 25.99 30.25 39.79
C GLU G 71 26.68 30.61 38.48
N TRP G 72 26.18 30.08 37.35
CA TRP G 72 26.76 30.42 36.06
C TRP G 72 26.56 31.89 35.71
N LEU G 73 25.45 32.49 36.17
CA LEU G 73 25.22 33.90 35.95
C LEU G 73 26.21 34.76 36.72
N ALA G 74 26.70 34.26 37.85
CA ALA G 74 27.65 35.01 38.67
C ALA G 74 29.05 35.07 38.06
N MET G 75 29.37 34.20 37.09
CA MET G 75 30.68 34.25 36.45
C MET G 75 30.78 35.36 35.43
N THR G 76 29.65 35.91 34.97
CA THR G 76 29.64 37.01 34.02
C THR G 76 29.53 38.36 34.70
N GLN G 77 28.52 38.53 35.55
CA GLN G 77 28.38 39.74 36.34
C GLN G 77 29.09 39.55 37.68
N GLY G 78 29.91 40.52 38.05
CA GLY G 78 30.75 40.37 39.23
C GLY G 78 30.07 40.79 40.51
N GLU G 79 29.58 39.80 41.26
CA GLU G 79 28.96 40.02 42.56
C GLU G 79 28.90 38.68 43.28
N THR G 80 28.19 38.64 44.40
CA THR G 80 28.04 37.42 45.18
C THR G 80 26.56 37.21 45.47
N ILE G 81 26.11 35.96 45.37
CA ILE G 81 24.71 35.62 45.60
C ILE G 81 24.41 35.66 47.08
N GLN G 82 23.74 36.73 47.53
CA GLN G 82 23.27 36.78 48.91
C GLN G 82 22.16 35.78 49.12
N GLU G 83 22.17 35.12 50.28
CA GLU G 83 21.25 34.03 50.56
C GLU G 83 20.23 34.45 51.61
N GLU G 84 18.99 34.00 51.42
CA GLU G 84 17.90 34.17 52.38
C GLU G 84 17.66 35.65 52.69
N THR G 85 17.24 36.36 51.65
CA THR G 85 16.89 37.78 51.74
C THR G 85 15.41 37.96 51.49
N LYS G 86 14.79 38.87 52.25
CA LYS G 86 13.38 39.19 52.08
C LYS G 86 13.22 40.26 51.01
N VAL G 87 12.26 40.06 50.11
CA VAL G 87 12.01 40.96 49.00
C VAL G 87 10.51 41.10 48.78
N LYS G 88 10.15 42.10 47.97
CA LYS G 88 8.77 42.38 47.63
C LYS G 88 8.51 42.05 46.16
N VAL G 89 7.35 41.47 45.88
CA VAL G 89 6.96 41.08 44.53
C VAL G 89 5.50 41.46 44.32
N PHE G 90 5.10 41.49 43.05
CA PHE G 90 3.72 41.79 42.68
C PHE G 90 2.96 40.48 42.49
N ASP G 91 1.74 40.42 43.02
CA ASP G 91 0.88 39.26 42.91
C ASP G 91 -0.51 39.69 42.47
N ARG G 92 -1.24 38.74 41.89
CA ARG G 92 -2.55 38.99 41.30
C ARG G 92 -3.55 37.97 41.79
N GLU G 93 -4.76 38.43 42.09
CA GLU G 93 -5.89 37.58 42.39
C GLU G 93 -7.00 37.82 41.37
N HIS G 94 -7.55 36.73 40.85
CA HIS G 94 -8.49 36.77 39.73
C HIS G 94 -9.89 36.39 40.20
N GLY G 95 -10.87 37.07 39.61
CA GLY G 95 -12.27 36.71 39.81
C GLY G 95 -12.77 36.85 41.24
N LEU G 96 -12.74 38.08 41.77
CA LEU G 96 -13.29 38.34 43.09
C LEU G 96 -14.79 38.59 42.95
N ILE G 97 -15.56 37.54 43.21
CA ILE G 97 -17.01 37.62 43.14
C ILE G 97 -17.52 38.62 44.16
N VAL G 98 -18.14 39.69 43.70
CA VAL G 98 -18.64 40.73 44.58
C VAL G 98 -19.94 40.28 45.22
N ASP G 99 -20.10 40.61 46.50
CA ASP G 99 -21.30 40.24 47.25
C ASP G 99 -22.39 41.29 47.04
N ASP G 100 -23.44 41.25 47.86
CA ASP G 100 -24.55 42.17 47.71
C ASP G 100 -24.07 43.61 47.80
N THR G 101 -23.48 43.99 48.93
CA THR G 101 -22.95 45.33 49.08
C THR G 101 -21.65 45.48 48.30
N ASN G 102 -21.14 46.71 48.26
CA ASN G 102 -19.92 47.01 47.51
C ASN G 102 -18.71 46.82 48.42
N LYS G 103 -18.34 45.55 48.59
CA LYS G 103 -17.14 45.20 49.34
C LYS G 103 -16.73 43.79 48.96
N VAL G 104 -15.40 43.57 48.92
CA VAL G 104 -14.86 42.28 48.54
C VAL G 104 -13.87 41.81 49.60
N THR G 105 -13.30 40.63 49.40
CA THR G 105 -12.31 40.06 50.33
C THR G 105 -11.06 39.68 49.53
N LEU G 106 -9.94 40.33 49.84
CA LEU G 106 -8.66 40.02 49.19
C LEU G 106 -7.86 39.08 50.08
N LYS G 107 -8.07 37.79 49.85
CA LYS G 107 -7.34 36.77 50.58
C LYS G 107 -5.86 36.85 50.27
N GLY G 108 -5.08 37.30 51.26
CA GLY G 108 -3.66 37.49 51.05
C GLY G 108 -3.09 38.57 51.95
N LYS G 109 -1.90 39.06 51.61
CA LYS G 109 -1.21 40.06 52.43
C LYS G 109 -0.94 41.31 51.59
N PRO G 110 -1.87 42.26 51.55
CA PRO G 110 -1.62 43.51 50.82
C PRO G 110 -0.65 44.42 51.54
N VAL G 111 0.65 44.23 51.33
CA VAL G 111 1.66 45.00 52.06
C VAL G 111 1.86 46.36 51.40
N SER G 112 1.03 46.69 50.42
CA SER G 112 1.10 47.99 49.76
C SER G 112 -0.30 48.34 49.24
N ASP G 113 -0.38 49.41 48.47
CA ASP G 113 -1.65 49.83 47.90
C ASP G 113 -2.12 48.81 46.86
N VAL G 114 -3.44 48.68 46.75
CA VAL G 114 -4.06 47.69 45.86
C VAL G 114 -4.66 48.40 44.65
N THR G 115 -4.56 47.73 43.50
CA THR G 115 -5.13 48.20 42.26
C THR G 115 -6.21 47.24 41.81
N PHE G 116 -7.41 47.76 41.60
CA PHE G 116 -8.55 46.98 41.14
C PHE G 116 -8.85 47.28 39.68
N TYR G 117 -9.09 46.23 38.92
CA TYR G 117 -9.41 46.32 37.49
C TYR G 117 -10.74 45.63 37.24
N ASN G 118 -11.63 46.32 36.52
CA ASN G 118 -12.93 45.79 36.16
C ASN G 118 -12.85 45.10 34.80
N LYS G 119 -14.00 44.78 34.22
CA LYS G 119 -14.08 44.11 32.93
C LYS G 119 -14.21 45.09 31.78
N LYS G 120 -13.75 46.34 31.96
CA LYS G 120 -13.81 47.33 30.91
C LYS G 120 -12.56 48.19 30.79
N GLY G 121 -11.51 47.92 31.57
CA GLY G 121 -10.27 48.64 31.44
C GLY G 121 -10.10 49.83 32.35
N LEU G 122 -11.06 50.11 33.24
CA LEU G 122 -10.90 51.19 34.21
C LEU G 122 -9.98 50.76 35.34
N THR G 123 -9.47 51.75 36.07
CA THR G 123 -8.47 51.53 37.12
C THR G 123 -8.98 52.12 38.42
N TYR G 124 -8.77 51.40 39.52
CA TYR G 124 -9.05 51.91 40.86
C TYR G 124 -7.82 51.70 41.72
N LYS G 125 -7.35 52.75 42.38
CA LYS G 125 -6.22 52.67 43.30
C LYS G 125 -6.71 52.99 44.70
N ILE G 126 -6.53 52.05 45.63
CA ILE G 126 -6.97 52.28 47.00
C ILE G 126 -5.92 51.74 47.98
N ALA G 127 -5.94 52.29 49.19
CA ALA G 127 -4.96 51.97 50.21
C ALA G 127 -5.27 50.62 50.84
N VAL G 128 -4.34 50.15 51.67
CA VAL G 128 -4.46 48.84 52.30
C VAL G 128 -5.50 48.91 53.41
N SER G 129 -6.36 47.89 53.48
CA SER G 129 -7.31 47.73 54.57
C SER G 129 -6.92 46.51 55.38
N THR G 130 -6.77 46.69 56.68
CA THR G 130 -6.29 45.61 57.55
C THR G 130 -7.30 44.47 57.68
N ASP G 131 -8.60 44.76 57.59
CA ASP G 131 -9.60 43.72 57.73
C ASP G 131 -9.72 42.85 56.48
N GLY G 132 -9.21 43.32 55.35
CA GLY G 132 -9.35 42.61 54.09
C GLY G 132 -10.61 42.92 53.32
N THR G 133 -11.51 43.71 53.91
CA THR G 133 -12.76 44.10 53.25
C THR G 133 -12.56 45.49 52.65
N TYR G 134 -12.54 45.54 51.32
CA TYR G 134 -12.29 46.79 50.59
C TYR G 134 -13.58 47.21 49.90
N THR G 135 -13.98 48.45 50.13
CA THR G 135 -15.19 48.99 49.52
C THR G 135 -14.87 49.68 48.20
N ILE G 136 -15.87 49.72 47.32
CA ILE G 136 -15.70 50.31 45.99
C ILE G 136 -16.94 51.12 45.65
N PRO G 137 -16.76 52.16 44.83
CA PRO G 137 -17.91 52.96 44.39
C PRO G 137 -18.82 52.16 43.48
N THR G 138 -20.09 52.58 43.45
CA THR G 138 -21.09 51.87 42.66
C THR G 138 -20.84 51.98 41.16
N ALA G 139 -20.19 53.05 40.70
CA ALA G 139 -19.94 53.21 39.28
C ALA G 139 -18.98 52.16 38.74
N PHE G 140 -18.09 51.62 39.57
CA PHE G 140 -17.19 50.57 39.12
C PHE G 140 -17.96 49.30 38.79
N ALA G 141 -18.92 48.92 39.64
CA ALA G 141 -19.73 47.74 39.42
C ALA G 141 -20.96 47.84 40.30
N ALA G 142 -22.09 47.34 39.79
CA ALA G 142 -23.33 47.39 40.55
C ALA G 142 -23.41 46.26 41.56
N ALA G 143 -23.42 45.02 41.08
CA ALA G 143 -23.52 43.84 41.94
C ALA G 143 -23.26 42.60 41.12
N LYS G 144 -22.56 41.63 41.72
CA LYS G 144 -22.30 40.33 41.10
C LYS G 144 -21.53 40.46 39.79
N ASP G 145 -20.57 41.37 39.75
CA ASP G 145 -19.65 41.47 38.63
C ASP G 145 -18.34 40.78 38.98
N LYS G 146 -17.36 40.90 38.09
CA LYS G 146 -16.05 40.27 38.28
C LYS G 146 -14.99 41.36 38.39
N LEU G 147 -14.19 41.29 39.45
CA LEU G 147 -13.11 42.23 39.69
C LEU G 147 -11.79 41.48 39.78
N THR G 148 -10.70 42.17 39.46
CA THR G 148 -9.37 41.61 39.54
C THR G 148 -8.51 42.50 40.41
N ALA G 149 -7.68 41.91 41.26
CA ALA G 149 -6.87 42.66 42.21
C ALA G 149 -5.39 42.41 41.96
N VAL G 150 -4.60 43.49 42.02
CA VAL G 150 -3.15 43.40 41.92
C VAL G 150 -2.56 44.12 43.13
N TYR G 151 -1.62 43.47 43.80
CA TYR G 151 -1.01 44.03 44.99
C TYR G 151 0.43 43.53 45.10
N GLN G 152 1.04 43.75 46.26
CA GLN G 152 2.40 43.31 46.54
C GLN G 152 2.42 42.42 47.76
N ILE G 153 3.38 41.49 47.78
CA ILE G 153 3.58 40.57 48.88
C ILE G 153 5.07 40.43 49.14
N GLU G 154 5.41 39.79 50.26
CA GLU G 154 6.78 39.61 50.69
C GLU G 154 7.16 38.14 50.62
N LYS G 155 8.39 37.87 50.19
CA LYS G 155 8.86 36.51 50.04
C LYS G 155 10.36 36.46 50.30
N VAL G 156 10.83 35.31 50.79
CA VAL G 156 12.24 35.10 51.10
C VAL G 156 12.87 34.30 49.97
N GLY G 157 14.02 34.77 49.47
CA GLY G 157 14.68 34.09 48.39
C GLY G 157 16.11 34.56 48.20
N ARG G 158 16.75 34.02 47.18
CA ARG G 158 18.12 34.38 46.83
C ARG G 158 18.14 35.72 46.09
N ARG G 159 19.35 36.23 45.85
CA ARG G 159 19.49 37.56 45.28
C ARG G 159 20.80 37.66 44.51
N LEU G 160 20.75 38.35 43.38
CA LEU G 160 21.93 38.71 42.61
C LEU G 160 21.82 40.17 42.22
N ALA G 161 22.95 40.88 42.27
CA ALA G 161 22.97 42.32 42.04
C ALA G 161 23.71 42.65 40.76
N ILE G 162 23.33 43.77 40.16
CA ILE G 162 23.96 44.30 38.96
C ILE G 162 24.52 45.67 39.30
N LYS G 163 25.82 45.84 39.10
CA LYS G 163 26.50 47.07 39.50
C LYS G 163 27.44 47.51 38.40
N ALA G 164 27.72 48.80 38.37
CA ALA G 164 28.72 49.36 37.45
C ALA G 164 30.09 49.39 38.13
N SER G 165 30.49 48.23 38.63
CA SER G 165 31.71 48.12 39.42
C SER G 165 32.30 46.72 39.21
N LYS G 166 33.19 46.32 40.12
CA LYS G 166 33.86 45.02 40.12
C LYS G 166 34.89 44.93 39.00
N PHE G 167 36.10 44.51 39.33
CA PHE G 167 37.19 44.58 38.36
C PHE G 167 37.22 43.41 37.36
N SER G 168 37.52 42.18 37.82
CA SER G 168 37.57 41.01 36.95
C SER G 168 37.97 39.79 37.75
N GLU G 169 37.85 38.62 37.13
CA GLU G 169 38.55 37.41 37.52
C GLU G 169 38.99 36.69 36.25
N ARG G 170 40.11 35.98 36.36
CA ARG G 170 40.68 35.25 35.24
C ARG G 170 40.21 33.80 35.25
N TYR G 171 40.35 33.14 34.10
CA TYR G 171 39.90 31.75 33.96
C TYR G 171 40.75 31.04 32.92
N GLU G 172 40.67 29.71 32.94
CA GLU G 172 41.21 28.85 31.91
C GLU G 172 40.08 27.98 31.38
N VAL G 173 39.93 27.93 30.06
CA VAL G 173 38.77 27.29 29.44
C VAL G 173 39.26 26.17 28.53
N GLU G 174 38.55 25.05 28.52
CA GLU G 174 38.89 23.94 27.64
C GLU G 174 37.66 23.38 26.97
N TYR G 175 37.77 23.14 25.66
CA TYR G 175 36.76 22.45 24.87
C TYR G 175 37.33 21.13 24.38
N ARG G 176 36.51 20.08 24.39
CA ARG G 176 36.92 18.78 23.89
C ARG G 176 35.82 18.20 23.01
N THR G 177 36.19 17.77 21.81
CA THR G 177 35.23 17.19 20.87
C THR G 177 35.85 15.96 20.22
N ILE G 178 35.01 15.18 19.56
CA ILE G 178 35.45 13.95 18.90
C ILE G 178 35.30 14.12 17.39
N ALA G 179 36.03 13.29 16.65
CA ALA G 179 36.00 13.30 15.20
C ALA G 179 35.86 11.88 14.66
N TYR G 180 35.33 11.77 13.45
CA TYR G 180 35.07 10.49 12.81
C TYR G 180 35.89 10.36 11.53
N ASN G 181 36.23 9.11 11.20
CA ASN G 181 36.90 8.82 9.93
C ASN G 181 35.85 8.66 8.83
N PRO G 182 35.98 9.39 7.72
CA PRO G 182 34.91 9.38 6.71
C PRO G 182 34.85 8.11 5.88
N ASP G 183 35.77 7.17 6.05
CA ASP G 183 35.79 5.95 5.25
C ASP G 183 35.35 4.70 5.99
N THR G 184 35.56 4.65 7.31
CA THR G 184 35.26 3.45 8.08
C THR G 184 34.24 3.65 9.19
N GLU G 185 33.75 4.87 9.38
CA GLU G 185 32.76 5.18 10.42
C GLU G 185 33.23 4.73 11.80
N GLU G 186 34.50 5.00 12.10
CA GLU G 186 35.07 4.74 13.41
C GLU G 186 35.66 6.03 13.97
N VAL G 187 35.56 6.20 15.29
CA VAL G 187 36.11 7.38 15.93
C VAL G 187 37.63 7.38 15.77
N TYR G 188 38.17 8.49 15.32
CA TYR G 188 39.58 8.57 14.96
C TYR G 188 40.40 9.46 15.89
N SER G 189 39.87 10.59 16.34
CA SER G 189 40.67 11.54 17.07
C SER G 189 39.80 12.38 17.99
N ASP G 190 40.45 13.02 18.95
CA ASP G 190 39.81 13.98 19.85
C ASP G 190 40.49 15.32 19.69
N ILE G 191 39.69 16.36 19.45
CA ILE G 191 40.19 17.72 19.25
C ILE G 191 40.04 18.49 20.55
N TYR G 192 41.13 19.08 21.02
CA TYR G 192 41.16 19.87 22.24
C TYR G 192 41.46 21.32 21.90
N ILE G 193 40.66 22.24 22.42
CA ILE G 193 40.89 23.67 22.25
C ILE G 193 41.10 24.27 23.63
N GLN G 194 42.25 24.91 23.82
CA GLN G 194 42.65 25.46 25.11
C GLN G 194 42.71 26.98 25.03
N PHE G 195 42.11 27.64 26.03
CA PHE G 195 42.13 29.09 26.16
C PHE G 195 42.64 29.45 27.55
N PRO G 196 43.94 29.68 27.69
CA PRO G 196 44.45 30.23 28.93
C PRO G 196 44.37 31.75 28.97
N ASN G 197 44.22 32.27 30.18
CA ASN G 197 44.13 33.71 30.43
C ASN G 197 42.94 34.27 29.64
N VAL G 198 41.74 33.92 30.13
CA VAL G 198 40.49 34.43 29.58
C VAL G 198 39.77 35.22 30.67
N SER G 199 38.91 36.14 30.24
CA SER G 199 38.19 36.99 31.18
C SER G 199 36.74 37.18 30.74
N PRO G 200 35.82 37.27 31.68
CA PRO G 200 34.42 37.52 31.31
C PRO G 200 34.19 38.96 30.90
N SER G 201 33.16 39.16 30.08
CA SER G 201 32.82 40.46 29.55
C SER G 201 31.31 40.62 29.57
N GLY G 202 30.86 41.87 29.45
CA GLY G 202 29.43 42.13 29.47
C GLY G 202 28.80 42.04 28.09
N GLU G 203 28.24 40.88 27.78
CA GLU G 203 27.53 40.65 26.53
C GLU G 203 26.29 39.80 26.79
N PHE G 204 25.65 40.00 27.93
CA PHE G 204 24.55 39.15 28.34
C PHE G 204 23.29 39.44 27.53
N GLU G 205 22.56 38.37 27.20
CA GLU G 205 21.30 38.48 26.47
C GLU G 205 20.38 37.38 26.99
N MET G 206 19.24 37.78 27.56
CA MET G 206 18.27 36.84 28.09
C MET G 206 16.91 37.15 27.47
N SER G 207 16.25 36.12 26.94
CA SER G 207 14.96 36.28 26.30
C SER G 207 14.05 35.14 26.69
N LEU G 208 12.79 35.46 26.97
CA LEU G 208 11.79 34.47 27.37
C LEU G 208 10.67 34.49 26.34
N GLU G 209 10.69 33.52 25.44
CA GLU G 209 9.70 33.40 24.38
C GLU G 209 8.54 32.53 24.87
N ASN G 210 7.71 32.06 23.95
CA ASN G 210 6.41 31.47 24.29
C ASN G 210 6.36 29.98 24.01
N GLY G 211 7.35 29.24 24.47
CA GLY G 211 7.34 27.80 24.29
C GLY G 211 8.63 27.18 23.80
N ASN G 212 9.76 27.88 23.99
CA ASN G 212 11.06 27.32 23.69
C ASN G 212 11.95 27.40 24.92
N ALA G 213 12.97 26.56 24.94
CA ALA G 213 13.95 26.59 26.03
C ALA G 213 14.81 27.86 25.93
N LEU G 214 15.53 28.13 27.01
CA LEU G 214 16.28 29.39 27.11
C LEU G 214 17.69 29.26 26.57
N ALA G 215 18.45 28.27 27.05
CA ALA G 215 19.85 28.10 26.69
C ALA G 215 20.64 29.37 26.94
N PRO G 216 20.93 29.70 28.20
CA PRO G 216 21.55 30.99 28.51
C PRO G 216 22.92 31.14 27.88
N GLU G 217 23.25 32.38 27.54
CA GLU G 217 24.52 32.68 26.89
C GLU G 217 25.59 32.94 27.94
N ILE G 218 26.82 32.53 27.64
CA ILE G 218 27.99 32.90 28.44
C ILE G 218 29.06 33.35 27.46
N LYS G 219 29.60 34.55 27.68
CA LYS G 219 30.56 35.15 26.76
C LYS G 219 31.88 35.42 27.48
N PHE G 220 32.97 35.33 26.73
CA PHE G 220 34.31 35.51 27.28
C PHE G 220 35.20 36.15 26.22
N GLU G 221 36.29 36.76 26.68
CA GLU G 221 37.31 37.34 25.80
C GLU G 221 38.67 36.83 26.23
N ALA G 222 39.45 36.34 25.28
CA ALA G 222 40.77 35.79 25.56
C ALA G 222 41.85 36.85 25.38
N LEU G 223 42.94 36.69 26.10
CA LEU G 223 44.08 37.60 26.04
C LEU G 223 45.36 36.80 25.96
N ALA G 224 46.44 37.47 25.56
CA ALA G 224 47.71 36.81 25.34
C ALA G 224 48.31 36.35 26.67
N ASP G 225 49.15 35.31 26.57
CA ASP G 225 49.82 34.79 27.75
C ASP G 225 50.87 35.77 28.25
N THR G 226 51.22 35.64 29.53
CA THR G 226 52.19 36.54 30.14
C THR G 226 53.57 36.38 29.51
N ASP G 227 53.99 35.14 29.25
CA ASP G 227 55.33 34.88 28.73
C ASP G 227 55.33 34.19 27.38
N THR G 228 54.53 33.13 27.21
CA THR G 228 54.58 32.36 25.98
C THR G 228 53.87 33.07 24.83
N ASP G 229 53.01 34.04 25.14
CA ASP G 229 52.24 34.77 24.14
C ASP G 229 51.34 33.83 23.33
N GLU G 230 50.44 33.16 24.05
CA GLU G 230 49.49 32.23 23.45
C GLU G 230 48.08 32.59 23.89
N MET G 231 47.14 32.51 22.95
CA MET G 231 45.73 32.70 23.27
C MET G 231 44.94 31.39 23.28
N ALA G 232 45.02 30.63 22.19
CA ALA G 232 44.35 29.34 22.09
C ALA G 232 45.31 28.33 21.48
N VAL G 233 45.22 27.09 21.94
CA VAL G 233 46.03 26.00 21.43
C VAL G 233 45.10 24.88 20.99
N VAL G 234 45.30 24.40 19.76
CA VAL G 234 44.49 23.32 19.20
C VAL G 234 45.35 22.07 19.14
N ILE G 235 44.86 20.99 19.72
CA ILE G 235 45.59 19.72 19.81
C ILE G 235 44.72 18.63 19.19
N GLU G 236 45.31 17.84 18.30
CA GLU G 236 44.65 16.71 17.69
C GLU G 236 45.31 15.43 18.20
N ALA G 237 44.53 14.60 18.88
CA ALA G 237 45.04 13.35 19.44
C ALA G 237 44.82 12.21 18.43
N SER G 238 45.04 10.98 18.87
CA SER G 238 44.76 9.81 18.06
C SER G 238 44.26 8.71 18.97
N ARG G 239 43.23 7.99 18.52
CA ARG G 239 42.57 7.01 19.37
C ARG G 239 43.46 5.80 19.65
N ASP G 240 44.49 5.57 18.83
CA ASP G 240 45.41 4.47 19.06
C ASP G 240 46.48 4.80 20.10
N GLU G 241 46.54 6.03 20.58
CA GLU G 241 47.52 6.40 21.60
C GLU G 241 46.84 7.01 22.82
N MET H 1 -11.47 -11.66 35.21
CA MET H 1 -11.42 -12.89 34.42
C MET H 1 -11.30 -12.57 32.94
N LYS H 2 -10.39 -13.28 32.27
CA LYS H 2 -10.18 -13.07 30.84
C LYS H 2 -11.43 -13.42 30.04
N THR H 3 -11.76 -12.59 29.07
CA THR H 3 -12.93 -12.79 28.21
C THR H 3 -12.53 -12.56 26.77
N VAL H 4 -13.43 -12.93 25.86
CA VAL H 4 -13.23 -12.70 24.43
C VAL H 4 -14.29 -11.74 23.91
N ILE H 5 -13.95 -11.02 22.85
CA ILE H 5 -14.85 -10.08 22.21
C ILE H 5 -14.88 -10.40 20.72
N GLN H 6 -16.09 -10.58 20.17
CA GLN H 6 -16.21 -11.01 18.79
C GLN H 6 -17.32 -10.30 18.03
N ASP H 7 -17.67 -9.08 18.41
CA ASP H 7 -18.70 -8.34 17.68
C ASP H 7 -18.51 -6.85 17.91
N THR H 8 -19.20 -6.07 17.07
CA THR H 8 -19.11 -4.62 17.13
C THR H 8 -19.97 -4.10 18.29
N ALA H 9 -20.18 -2.79 18.34
CA ALA H 9 -20.80 -2.14 19.48
C ALA H 9 -21.96 -1.26 19.03
N ASP H 10 -23.03 -1.27 19.83
CA ASP H 10 -24.10 -0.30 19.65
C ASP H 10 -23.61 1.07 20.06
N VAL H 11 -23.96 2.09 19.29
CA VAL H 11 -23.46 3.45 19.47
C VAL H 11 -24.64 4.35 19.79
N TYR H 12 -24.48 5.15 20.85
CA TYR H 12 -25.48 6.13 21.25
C TYR H 12 -24.85 7.50 21.31
N PHE H 13 -25.56 8.50 20.79
CA PHE H 13 -25.14 9.89 20.84
C PHE H 13 -26.13 10.71 21.66
N LYS H 14 -25.65 11.84 22.17
CA LYS H 14 -26.50 12.78 22.88
C LYS H 14 -25.89 14.17 22.75
N ARG H 15 -26.75 15.18 22.67
CA ARG H 15 -26.32 16.54 22.40
C ARG H 15 -26.32 17.32 23.71
N LYS H 16 -25.23 18.04 23.99
CA LYS H 16 -25.11 18.69 25.30
C LYS H 16 -25.63 20.13 25.29
N SER H 17 -26.81 20.31 24.71
CA SER H 17 -27.69 21.43 25.00
C SER H 17 -29.14 21.01 25.13
N ASP H 18 -29.46 19.78 24.74
CA ASP H 18 -30.77 19.15 24.77
C ASP H 18 -30.55 17.67 24.96
N GLY H 19 -31.49 16.85 24.51
CA GLY H 19 -31.28 15.43 24.37
C GLY H 19 -31.05 15.03 22.92
N LYS H 20 -32.11 14.59 22.25
CA LYS H 20 -32.13 14.12 20.86
C LYS H 20 -31.00 13.13 20.58
N LEU H 21 -31.12 12.00 21.26
CA LEU H 21 -30.25 10.87 21.01
C LEU H 21 -30.45 10.34 19.59
N VAL H 22 -29.37 9.83 19.02
CA VAL H 22 -29.40 9.16 17.71
C VAL H 22 -28.84 7.77 17.92
N PHE H 23 -29.71 6.80 18.19
CA PHE H 23 -29.27 5.44 18.46
C PHE H 23 -28.97 4.70 17.17
N THR H 24 -28.11 3.70 17.27
CA THR H 24 -27.73 2.90 16.10
C THR H 24 -27.48 1.47 16.54
N ALA H 25 -28.29 0.55 16.03
CA ALA H 25 -28.08 -0.87 16.29
C ALA H 25 -27.37 -1.58 15.15
N GLU H 26 -27.42 -1.03 13.94
CA GLU H 26 -26.71 -1.57 12.78
C GLU H 26 -25.43 -0.77 12.59
N ALA H 27 -24.31 -1.35 13.03
CA ALA H 27 -23.00 -0.73 12.96
C ALA H 27 -21.97 -1.72 12.45
N GLN H 28 -20.88 -1.21 11.90
CA GLN H 28 -19.84 -2.05 11.33
C GLN H 28 -18.44 -1.75 11.85
N THR H 29 -18.21 -0.58 12.45
CA THR H 29 -16.89 -0.23 12.98
C THR H 29 -17.05 0.86 14.01
N ALA H 30 -16.55 0.62 15.21
CA ALA H 30 -16.52 1.61 16.29
C ALA H 30 -15.09 1.67 16.84
N SER H 31 -14.33 2.67 16.40
CA SER H 31 -12.91 2.76 16.70
C SER H 31 -12.63 3.89 17.67
N PHE H 32 -11.68 3.63 18.58
CA PHE H 32 -11.31 4.57 19.64
C PHE H 32 -9.80 4.51 19.79
N SER H 33 -9.13 5.62 19.54
CA SER H 33 -7.68 5.67 19.51
C SER H 33 -7.14 6.76 20.43
N GLN H 34 -5.93 6.55 20.93
CA GLN H 34 -5.26 7.49 21.82
C GLN H 34 -3.82 7.67 21.37
N ALA H 35 -3.34 8.90 21.41
CA ALA H 35 -1.97 9.22 21.05
C ALA H 35 -1.41 10.27 21.98
N ILE H 36 -0.09 10.30 22.11
CA ILE H 36 0.62 11.25 22.96
C ILE H 36 1.71 11.92 22.15
N SER H 37 1.78 13.24 22.23
CA SER H 37 2.80 14.02 21.55
C SER H 37 3.91 14.38 22.52
N GLU H 38 5.15 14.40 22.03
CA GLU H 38 6.32 14.56 22.88
C GLU H 38 7.29 15.57 22.27
N GLU H 39 7.72 16.53 23.07
CA GLU H 39 8.80 17.45 22.72
C GLU H 39 9.96 17.23 23.66
N LYS H 40 11.19 17.31 23.14
CA LYS H 40 12.34 16.75 23.81
C LYS H 40 13.44 17.79 23.89
N LEU H 41 14.31 17.66 24.89
CA LEU H 41 15.46 18.54 25.04
C LEU H 41 16.75 17.72 25.00
N ARG H 42 17.73 18.18 24.23
CA ARG H 42 18.89 17.38 23.88
C ARG H 42 20.18 18.19 24.03
N GLY H 43 21.30 17.48 24.20
CA GLY H 43 22.61 18.10 24.23
C GLY H 43 23.70 17.20 24.78
N GLY H 44 24.88 17.20 24.18
CA GLY H 44 26.00 16.43 24.68
C GLY H 44 26.97 16.01 23.59
N ILE H 45 28.16 15.59 24.02
CA ILE H 45 29.21 15.13 23.11
C ILE H 45 28.86 13.79 22.45
N GLY H 46 28.39 12.81 23.21
CA GLY H 46 28.18 11.49 22.63
C GLY H 46 27.08 11.49 21.59
N ASN H 47 25.99 12.21 21.87
CA ASN H 47 24.83 12.26 21.00
C ASN H 47 23.90 13.35 21.49
N LYS H 48 22.69 13.39 20.98
CA LYS H 48 21.62 14.15 21.60
C LYS H 48 20.79 13.23 22.50
N PRO H 49 21.05 13.22 23.82
CA PRO H 49 20.69 12.05 24.62
C PRO H 49 19.29 12.03 25.20
N LEU H 50 18.49 13.09 25.04
CA LEU H 50 17.24 13.26 25.80
C LEU H 50 17.49 13.71 27.24
N TYR H 51 16.92 14.86 27.62
CA TYR H 51 17.08 15.38 28.97
C TYR H 51 15.75 15.46 29.70
N ILE H 52 14.80 16.21 29.13
CA ILE H 52 13.50 16.43 29.77
C ILE H 52 12.42 16.25 28.72
N LEU H 53 11.16 16.17 29.13
CA LEU H 53 10.06 15.86 28.23
C LEU H 53 8.95 16.89 28.37
N LYS H 54 8.18 17.04 27.30
CA LYS H 54 6.89 17.73 27.32
C LYS H 54 5.88 16.85 26.60
N SER H 55 4.63 16.89 27.05
CA SER H 55 3.67 15.88 26.62
C SER H 55 2.28 16.49 26.50
N GLU H 56 1.43 15.83 25.72
CA GLU H 56 0.01 16.13 25.60
C GLU H 56 -0.73 14.93 25.02
N LYS H 57 -1.99 14.75 25.41
CA LYS H 57 -2.77 13.57 25.07
C LYS H 57 -3.94 13.94 24.18
N GLU H 58 -4.32 13.02 23.29
CA GLU H 58 -5.44 13.20 22.38
C GLU H 58 -6.24 11.90 22.28
N ILE H 59 -7.55 12.03 22.06
CA ILE H 59 -8.45 10.90 21.92
C ILE H 59 -9.30 11.11 20.67
N ASN H 60 -9.36 10.09 19.82
CA ASN H 60 -10.12 10.15 18.59
C ASN H 60 -11.12 9.02 18.51
N LEU H 61 -12.28 9.31 17.91
CA LEU H 61 -13.38 8.36 17.76
C LEU H 61 -13.80 8.28 16.30
N THR H 62 -14.22 7.09 15.88
CA THR H 62 -14.68 6.88 14.50
C THR H 62 -15.83 5.90 14.51
N VAL H 63 -16.90 6.22 13.78
CA VAL H 63 -18.08 5.35 13.69
C VAL H 63 -18.41 5.15 12.22
N LYS H 64 -18.57 3.89 11.82
CA LYS H 64 -18.97 3.53 10.47
C LYS H 64 -20.30 2.81 10.52
N ASN H 65 -21.23 3.20 9.64
CA ASN H 65 -22.59 2.71 9.63
C ASN H 65 -22.81 1.79 8.43
N ALA H 66 -23.97 1.13 8.42
CA ALA H 66 -24.39 0.30 7.31
C ALA H 66 -25.57 0.88 6.54
N PHE H 67 -26.34 1.77 7.15
CA PHE H 67 -27.43 2.47 6.51
C PHE H 67 -27.06 3.94 6.32
N PHE H 68 -27.88 4.65 5.56
CA PHE H 68 -27.71 6.08 5.34
C PHE H 68 -28.79 6.85 6.07
N ASP H 69 -28.39 7.78 6.93
CA ASP H 69 -29.32 8.65 7.63
C ASP H 69 -28.83 10.08 7.52
N LEU H 70 -29.73 10.99 7.16
CA LEU H 70 -29.35 12.38 6.99
C LEU H 70 -29.00 13.07 8.30
N GLU H 71 -29.45 12.53 9.43
CA GLU H 71 -29.07 13.10 10.72
C GLU H 71 -27.59 12.94 11.01
N TRP H 72 -26.95 11.90 10.46
CA TRP H 72 -25.50 11.77 10.60
C TRP H 72 -24.77 12.85 9.83
N LEU H 73 -25.37 13.33 8.73
CA LEU H 73 -24.79 14.46 8.01
C LEU H 73 -24.88 15.76 8.80
N ALA H 74 -25.97 15.93 9.55
CA ALA H 74 -26.17 17.17 10.31
C ALA H 74 -25.23 17.31 11.49
N MET H 75 -24.54 16.24 11.90
CA MET H 75 -23.62 16.32 13.00
C MET H 75 -22.32 17.03 12.61
N THR H 76 -21.80 16.73 11.43
CA THR H 76 -20.51 17.24 11.00
C THR H 76 -20.59 18.63 10.37
N GLN H 77 -21.78 19.10 10.02
CA GLN H 77 -22.00 20.39 9.37
C GLN H 77 -23.14 21.12 10.07
N GLY H 78 -23.02 21.25 11.39
CA GLY H 78 -24.17 21.52 12.24
C GLY H 78 -25.12 22.60 11.80
N GLU H 79 -26.30 22.18 11.37
CA GLU H 79 -27.39 23.04 10.92
C GLU H 79 -28.69 22.31 11.24
N THR H 80 -29.78 22.73 10.60
CA THR H 80 -31.07 22.10 10.79
C THR H 80 -31.62 21.64 9.45
N ILE H 81 -32.10 20.40 9.41
CA ILE H 81 -32.76 19.87 8.22
C ILE H 81 -34.11 20.55 8.08
N GLN H 82 -34.21 21.47 7.12
CA GLN H 82 -35.42 22.27 6.95
C GLN H 82 -36.45 21.45 6.18
N GLU H 83 -37.52 21.05 6.86
CA GLU H 83 -38.55 20.22 6.25
C GLU H 83 -39.49 21.05 5.40
N GLU H 84 -40.12 20.39 4.43
CA GLU H 84 -41.10 21.01 3.52
C GLU H 84 -40.50 22.23 2.82
N THR H 85 -39.46 21.96 2.04
CA THR H 85 -38.81 22.99 1.22
C THR H 85 -39.01 22.65 -0.24
N LYS H 86 -39.41 23.65 -1.02
CA LYS H 86 -39.56 23.48 -2.46
C LYS H 86 -38.21 23.67 -3.13
N VAL H 87 -37.85 22.73 -4.01
CA VAL H 87 -36.54 22.69 -4.62
C VAL H 87 -36.65 22.45 -6.11
N LYS H 88 -35.56 22.77 -6.80
CA LYS H 88 -35.44 22.86 -8.25
C LYS H 88 -34.36 21.90 -8.71
N VAL H 89 -34.74 20.90 -9.50
CA VAL H 89 -33.85 19.81 -9.88
C VAL H 89 -34.04 19.49 -11.36
N PHE H 90 -33.34 18.48 -11.83
CA PHE H 90 -33.38 18.08 -13.24
C PHE H 90 -34.14 16.77 -13.42
N ASP H 91 -34.55 16.52 -14.67
CA ASP H 91 -35.29 15.32 -15.03
C ASP H 91 -35.10 15.07 -16.52
N ARG H 92 -35.46 13.86 -16.95
CA ARG H 92 -35.28 13.48 -18.34
C ARG H 92 -36.42 12.60 -18.83
N GLU H 93 -36.58 12.57 -20.14
CA GLU H 93 -37.43 11.63 -20.83
C GLU H 93 -36.74 11.20 -22.11
N HIS H 94 -36.86 9.92 -22.47
CA HIS H 94 -36.09 9.35 -23.55
C HIS H 94 -37.03 8.78 -24.62
N GLY H 95 -37.50 9.64 -25.52
CA GLY H 95 -38.29 9.20 -26.64
C GLY H 95 -39.76 9.02 -26.29
N LEU H 96 -40.65 9.74 -26.97
CA LEU H 96 -42.08 9.55 -26.74
C LEU H 96 -42.83 9.18 -28.01
N ILE H 97 -42.65 9.92 -29.11
CA ILE H 97 -43.34 9.64 -30.35
C ILE H 97 -42.37 9.76 -31.51
N VAL H 98 -42.88 9.60 -32.74
CA VAL H 98 -42.01 9.61 -33.91
C VAL H 98 -41.35 10.98 -34.08
N ASP H 99 -40.19 10.98 -34.72
CA ASP H 99 -39.37 12.17 -34.83
C ASP H 99 -39.77 13.08 -35.98
N ASP H 100 -40.35 12.55 -37.05
CA ASP H 100 -40.71 13.34 -38.22
C ASP H 100 -42.21 13.59 -38.22
N THR H 101 -42.62 14.61 -37.45
CA THR H 101 -44.02 15.03 -37.42
C THR H 101 -44.20 16.55 -37.44
N ASN H 102 -43.16 17.34 -37.15
CA ASN H 102 -43.26 18.78 -36.95
C ASN H 102 -44.18 19.11 -35.77
N LYS H 103 -44.32 18.16 -34.84
CA LYS H 103 -45.00 18.39 -33.58
C LYS H 103 -44.69 17.23 -32.64
N VAL H 104 -44.24 17.55 -31.43
CA VAL H 104 -43.93 16.53 -30.42
C VAL H 104 -44.57 16.96 -29.11
N THR H 105 -44.84 15.99 -28.26
CA THR H 105 -45.51 16.23 -26.99
C THR H 105 -44.63 15.75 -25.84
N LEU H 106 -44.92 16.28 -24.65
CA LEU H 106 -44.19 15.95 -23.43
C LEU H 106 -45.19 15.84 -22.29
N LYS H 107 -44.72 15.39 -21.12
CA LYS H 107 -45.66 15.13 -20.04
C LYS H 107 -45.12 15.55 -18.68
N GLY H 108 -45.90 16.42 -18.02
CA GLY H 108 -45.89 16.60 -16.58
C GLY H 108 -45.56 17.98 -16.03
N LYS H 109 -44.44 18.59 -16.45
CA LYS H 109 -44.22 20.03 -16.26
C LYS H 109 -42.96 20.49 -16.99
N PRO H 110 -43.03 21.54 -17.78
CA PRO H 110 -41.82 22.15 -18.32
C PRO H 110 -41.39 23.39 -17.54
N VAL H 111 -40.08 23.59 -17.37
CA VAL H 111 -39.51 24.87 -16.98
C VAL H 111 -38.27 25.06 -17.83
N SER H 112 -38.38 25.84 -18.90
CA SER H 112 -37.30 26.04 -19.88
C SER H 112 -36.82 24.70 -20.43
N ASP H 113 -37.73 24.03 -21.12
CA ASP H 113 -37.45 22.71 -21.68
C ASP H 113 -36.47 22.85 -22.84
N VAL H 114 -35.18 22.70 -22.54
CA VAL H 114 -34.12 22.99 -23.49
C VAL H 114 -33.22 21.76 -23.62
N THR H 115 -32.19 21.91 -24.45
CA THR H 115 -31.20 20.86 -24.72
C THR H 115 -31.90 19.55 -25.09
N PHE H 116 -32.63 19.63 -26.22
CA PHE H 116 -33.43 18.48 -26.65
C PHE H 116 -32.57 17.28 -27.04
N TYR H 117 -31.29 17.49 -27.37
CA TYR H 117 -30.33 16.39 -27.52
C TYR H 117 -30.83 15.30 -28.45
N ASN H 118 -31.49 15.71 -29.54
CA ASN H 118 -32.11 14.75 -30.43
C ASN H 118 -31.06 14.02 -31.26
N LYS H 119 -31.51 12.99 -31.97
CA LYS H 119 -30.68 12.18 -32.86
C LYS H 119 -29.60 11.43 -32.09
N LYS H 120 -28.76 10.68 -32.81
CA LYS H 120 -27.68 9.95 -32.16
C LYS H 120 -26.57 10.88 -31.70
N GLY H 121 -26.51 12.10 -32.24
CA GLY H 121 -25.52 13.07 -31.83
C GLY H 121 -26.11 14.47 -31.83
N LEU H 122 -25.31 15.42 -31.32
CA LEU H 122 -25.66 16.84 -31.29
C LEU H 122 -26.79 17.13 -30.31
N THR H 123 -26.73 18.29 -29.66
CA THR H 123 -27.80 18.72 -28.77
C THR H 123 -28.85 19.45 -29.60
N TYR H 124 -29.80 20.12 -28.93
CA TYR H 124 -30.67 21.04 -29.65
C TYR H 124 -29.88 22.23 -30.19
N LYS H 125 -28.92 22.72 -29.40
CA LYS H 125 -28.09 23.88 -29.75
C LYS H 125 -28.95 25.12 -30.01
N ILE H 126 -30.21 25.08 -29.61
CA ILE H 126 -31.16 26.17 -29.84
C ILE H 126 -31.71 26.61 -28.49
N ALA H 127 -32.07 25.65 -27.63
CA ALA H 127 -32.62 25.91 -26.32
C ALA H 127 -33.91 26.74 -26.41
N VAL H 128 -34.93 26.09 -26.98
CA VAL H 128 -36.18 26.76 -27.32
C VAL H 128 -36.76 27.55 -26.16
N SER H 129 -36.56 27.09 -24.92
CA SER H 129 -36.99 27.79 -23.71
C SER H 129 -38.48 28.15 -23.76
N THR H 130 -39.28 27.31 -24.40
CA THR H 130 -40.70 27.56 -24.57
C THR H 130 -41.50 26.48 -23.86
N ASP H 131 -42.44 26.90 -23.03
CA ASP H 131 -43.29 25.98 -22.25
C ASP H 131 -44.74 26.34 -22.51
N GLY H 132 -45.32 25.76 -23.57
CA GLY H 132 -46.73 25.90 -23.83
C GLY H 132 -47.49 24.66 -23.38
N THR H 133 -48.03 23.92 -24.35
CA THR H 133 -48.61 22.61 -24.08
C THR H 133 -47.89 21.51 -24.84
N TYR H 134 -47.68 21.69 -26.14
CA TYR H 134 -46.87 20.79 -26.95
C TYR H 134 -45.83 21.63 -27.68
N THR H 135 -44.57 21.25 -27.57
CA THR H 135 -43.46 22.01 -28.13
C THR H 135 -43.19 21.50 -29.55
N ILE H 136 -43.00 22.43 -30.48
CA ILE H 136 -42.81 22.11 -31.89
C ILE H 136 -41.32 22.14 -32.20
N PRO H 137 -40.74 21.06 -32.69
CA PRO H 137 -39.35 21.09 -33.17
C PRO H 137 -39.29 21.79 -34.52
N THR H 138 -38.08 21.98 -35.02
CA THR H 138 -37.90 22.76 -36.24
C THR H 138 -36.77 22.13 -37.06
N ALA H 139 -36.45 22.76 -38.18
CA ALA H 139 -35.36 22.36 -39.07
C ALA H 139 -35.64 20.96 -39.61
N PHE H 140 -34.59 20.21 -39.93
CA PHE H 140 -34.74 18.85 -40.43
C PHE H 140 -35.26 17.93 -39.32
N ALA H 141 -35.47 16.66 -39.68
CA ALA H 141 -36.05 15.69 -38.77
C ALA H 141 -35.02 14.69 -38.25
N ALA H 142 -34.29 14.01 -39.13
CA ALA H 142 -33.40 12.91 -38.76
C ALA H 142 -34.16 11.91 -37.89
N ALA H 143 -35.14 11.27 -38.52
CA ALA H 143 -36.18 10.57 -37.81
C ALA H 143 -35.67 9.29 -37.15
N LYS H 144 -36.42 8.85 -36.13
CA LYS H 144 -36.33 7.50 -35.57
C LYS H 144 -35.00 7.26 -34.85
N ASP H 145 -34.60 8.23 -34.02
CA ASP H 145 -33.50 8.00 -33.10
C ASP H 145 -33.96 8.09 -31.65
N LYS H 146 -34.50 9.23 -31.21
CA LYS H 146 -34.91 9.45 -29.82
C LYS H 146 -35.51 10.84 -29.73
N LEU H 147 -35.98 11.20 -28.54
CA LEU H 147 -36.34 12.58 -28.23
C LEU H 147 -35.40 13.17 -27.19
N THR H 148 -35.21 12.50 -26.04
CA THR H 148 -34.22 12.85 -25.03
C THR H 148 -34.42 14.30 -24.56
N ALA H 149 -35.61 14.55 -24.03
CA ALA H 149 -35.94 15.85 -23.47
C ALA H 149 -35.39 15.96 -22.05
N VAL H 150 -34.76 17.10 -21.77
CA VAL H 150 -34.22 17.38 -20.44
C VAL H 150 -35.01 18.53 -19.85
N TYR H 151 -35.55 18.31 -18.66
CA TYR H 151 -36.52 19.19 -18.02
C TYR H 151 -35.85 20.09 -16.99
N GLN H 152 -36.68 20.79 -16.23
CA GLN H 152 -36.21 21.31 -14.96
C GLN H 152 -37.44 21.40 -14.07
N ILE H 153 -37.48 20.60 -13.02
CA ILE H 153 -38.71 20.30 -12.31
C ILE H 153 -38.61 20.77 -10.86
N GLU H 154 -39.71 21.32 -10.35
CA GLU H 154 -39.79 21.78 -8.97
C GLU H 154 -40.60 20.77 -8.15
N LYS H 155 -40.02 20.29 -7.06
CA LYS H 155 -40.69 19.35 -6.17
C LYS H 155 -40.48 19.81 -4.73
N VAL H 156 -40.83 18.95 -3.78
CA VAL H 156 -40.75 19.31 -2.36
C VAL H 156 -39.97 18.24 -1.62
N GLY H 157 -39.35 18.63 -0.52
CA GLY H 157 -38.59 17.69 0.28
C GLY H 157 -37.73 18.41 1.30
N ARG H 158 -36.87 17.64 1.95
CA ARG H 158 -35.98 18.18 2.97
C ARG H 158 -34.78 18.87 2.33
N ARG H 159 -33.94 19.45 3.19
CA ARG H 159 -32.79 20.22 2.72
C ARG H 159 -31.75 20.27 3.83
N LEU H 160 -30.49 20.50 3.42
CA LEU H 160 -29.39 20.66 4.36
C LEU H 160 -28.28 21.40 3.63
N ALA H 161 -28.00 22.64 4.03
CA ALA H 161 -27.01 23.47 3.39
C ALA H 161 -25.68 23.37 4.13
N ILE H 162 -24.59 23.38 3.38
CA ILE H 162 -23.24 23.30 3.93
C ILE H 162 -22.58 24.65 3.75
N LYS H 163 -22.30 25.32 4.87
CA LYS H 163 -21.65 26.62 4.85
C LYS H 163 -20.55 26.66 5.91
N ALA H 164 -19.62 27.59 5.74
CA ALA H 164 -18.57 27.80 6.73
C ALA H 164 -19.14 28.50 7.95
N SER H 165 -19.63 27.75 8.93
CA SER H 165 -20.41 28.30 10.03
C SER H 165 -19.73 28.17 11.39
N LYS H 166 -18.69 27.33 11.51
CA LYS H 166 -17.96 27.15 12.76
C LYS H 166 -18.92 26.65 13.86
N PHE H 167 -19.36 25.41 13.66
CA PHE H 167 -20.20 24.76 14.66
C PHE H 167 -19.48 24.68 15.99
N SER H 168 -20.22 24.95 17.07
CA SER H 168 -19.65 25.04 18.40
C SER H 168 -20.51 24.30 19.41
N GLU H 169 -20.87 23.06 19.07
CA GLU H 169 -21.84 22.35 19.87
C GLU H 169 -21.33 20.94 20.13
N ARG H 170 -21.40 20.48 21.39
CA ARG H 170 -20.70 19.30 21.85
C ARG H 170 -21.61 18.07 21.88
N TYR H 171 -21.05 16.94 22.31
CA TYR H 171 -21.75 15.66 22.28
C TYR H 171 -21.23 14.75 23.38
N GLU H 172 -22.07 13.78 23.74
CA GLU H 172 -21.70 12.65 24.60
C GLU H 172 -21.94 11.37 23.82
N VAL H 173 -21.01 10.43 23.90
CA VAL H 173 -21.06 9.21 23.10
C VAL H 173 -20.96 8.00 24.03
N GLU H 174 -21.58 6.90 23.63
CA GLU H 174 -21.52 5.65 24.38
C GLU H 174 -21.42 4.47 23.43
N TYR H 175 -20.47 3.58 23.69
CA TYR H 175 -20.31 2.32 22.97
C TYR H 175 -20.67 1.19 23.91
N ARG H 176 -21.43 0.21 23.41
CA ARG H 176 -21.82 -0.95 24.20
C ARG H 176 -21.53 -2.23 23.44
N THR H 177 -20.85 -3.18 24.10
CA THR H 177 -20.56 -4.47 23.50
C THR H 177 -20.62 -5.55 24.58
N ILE H 178 -20.48 -6.81 24.16
CA ILE H 178 -20.56 -7.93 25.08
C ILE H 178 -19.23 -8.67 25.09
N ALA H 179 -18.97 -9.38 26.19
CA ALA H 179 -17.80 -10.22 26.34
C ALA H 179 -18.23 -11.62 26.75
N TYR H 180 -17.46 -12.61 26.33
CA TYR H 180 -17.81 -14.01 26.52
C TYR H 180 -16.81 -14.66 27.46
N ASN H 181 -17.31 -15.48 28.38
CA ASN H 181 -16.44 -16.27 29.25
C ASN H 181 -15.96 -17.51 28.50
N PRO H 182 -14.65 -17.68 28.31
CA PRO H 182 -14.20 -18.74 27.40
C PRO H 182 -14.08 -20.09 28.07
N ASP H 183 -15.05 -20.44 28.88
CA ASP H 183 -15.14 -21.77 29.49
C ASP H 183 -16.50 -22.41 29.29
N THR H 184 -17.57 -21.62 29.36
CA THR H 184 -18.92 -22.14 29.19
C THR H 184 -19.61 -21.57 27.95
N GLU H 185 -18.94 -20.71 27.19
CA GLU H 185 -19.51 -20.07 26.00
C GLU H 185 -20.78 -19.30 26.32
N GLU H 186 -20.81 -18.66 27.49
CA GLU H 186 -21.88 -17.75 27.86
C GLU H 186 -21.30 -16.35 28.08
N VAL H 187 -22.18 -15.37 28.04
CA VAL H 187 -21.78 -13.98 28.24
C VAL H 187 -21.45 -13.75 29.72
N TYR H 188 -20.47 -12.91 29.96
CA TYR H 188 -20.05 -12.59 31.32
C TYR H 188 -20.19 -11.11 31.63
N SER H 189 -19.78 -10.23 30.71
CA SER H 189 -19.73 -8.81 31.01
C SER H 189 -20.27 -8.00 29.83
N ASP H 190 -20.85 -6.86 30.17
CA ASP H 190 -21.19 -5.82 29.20
C ASP H 190 -20.11 -4.75 29.31
N ILE H 191 -19.45 -4.45 28.19
CA ILE H 191 -18.38 -3.47 28.15
C ILE H 191 -18.93 -2.18 27.57
N TYR H 192 -18.89 -1.12 28.36
CA TYR H 192 -19.32 0.20 27.94
C TYR H 192 -18.11 1.12 27.86
N ILE H 193 -18.12 2.00 26.88
CA ILE H 193 -17.14 3.08 26.77
C ILE H 193 -17.89 4.39 26.67
N GLN H 194 -17.67 5.28 27.64
CA GLN H 194 -18.38 6.54 27.72
C GLN H 194 -17.44 7.69 27.43
N PHE H 195 -17.82 8.54 26.48
CA PHE H 195 -17.06 9.73 26.12
C PHE H 195 -17.88 10.96 26.47
N PRO H 196 -17.53 11.69 27.51
CA PRO H 196 -18.17 12.99 27.76
C PRO H 196 -17.36 14.13 27.15
N ASN H 197 -18.09 15.13 26.68
CA ASN H 197 -17.50 16.32 26.07
C ASN H 197 -16.63 15.97 24.86
N VAL H 198 -17.27 15.41 23.85
CA VAL H 198 -16.62 15.14 22.57
C VAL H 198 -17.05 16.22 21.58
N SER H 199 -16.29 16.35 20.49
CA SER H 199 -16.58 17.35 19.48
C SER H 199 -16.57 16.71 18.10
N PRO H 200 -17.42 17.18 17.19
CA PRO H 200 -17.45 16.60 15.84
C PRO H 200 -16.39 17.21 14.95
N SER H 201 -15.61 16.36 14.30
CA SER H 201 -14.55 16.82 13.40
C SER H 201 -15.11 17.07 12.01
N GLY H 202 -14.39 17.90 11.26
CA GLY H 202 -14.83 18.28 9.93
C GLY H 202 -14.45 17.34 8.82
N GLU H 203 -13.66 16.30 9.11
CA GLU H 203 -13.27 15.36 8.07
C GLU H 203 -14.47 14.52 7.65
N PHE H 204 -14.67 14.40 6.34
CA PHE H 204 -15.80 13.67 5.79
C PHE H 204 -15.43 13.19 4.40
N GLU H 205 -16.11 12.13 3.96
CA GLU H 205 -15.91 11.61 2.62
C GLU H 205 -17.12 10.75 2.29
N MET H 206 -17.78 11.05 1.17
CA MET H 206 -18.96 10.32 0.74
C MET H 206 -18.80 9.98 -0.73
N SER H 207 -18.58 8.70 -1.03
CA SER H 207 -18.39 8.23 -2.40
C SER H 207 -19.46 7.20 -2.75
N LEU H 208 -20.13 7.42 -3.87
CA LEU H 208 -21.14 6.50 -4.38
C LEU H 208 -20.51 5.73 -5.52
N GLU H 209 -20.04 4.52 -5.24
CA GLU H 209 -19.36 3.70 -6.23
C GLU H 209 -20.38 2.99 -7.11
N ASN H 210 -19.92 2.02 -7.90
CA ASN H 210 -20.80 1.37 -8.89
C ASN H 210 -21.78 0.42 -8.20
N GLY H 211 -21.26 -0.66 -7.62
CA GLY H 211 -22.09 -1.49 -6.77
C GLY H 211 -21.46 -1.77 -5.42
N ASN H 212 -22.04 -1.21 -4.37
CA ASN H 212 -21.59 -1.43 -3.00
C ASN H 212 -22.49 -0.63 -2.07
N ALA H 213 -22.46 -0.98 -0.79
CA ALA H 213 -23.12 -0.18 0.22
C ALA H 213 -22.33 1.10 0.46
N LEU H 214 -23.05 2.18 0.76
CA LEU H 214 -22.39 3.48 0.95
C LEU H 214 -21.50 3.47 2.18
N ALA H 215 -21.99 2.89 3.29
CA ALA H 215 -21.26 2.80 4.55
C ALA H 215 -20.76 4.15 5.02
N PRO H 216 -21.64 5.04 5.48
CA PRO H 216 -21.19 6.34 5.97
C PRO H 216 -20.27 6.22 7.16
N GLU H 217 -19.28 7.11 7.23
CA GLU H 217 -18.28 7.12 8.29
C GLU H 217 -18.13 8.54 8.82
N ILE H 218 -18.17 8.69 10.14
CA ILE H 218 -18.01 9.98 10.79
C ILE H 218 -16.92 9.86 11.85
N LYS H 219 -16.30 11.00 12.15
CA LYS H 219 -15.17 11.08 13.07
C LYS H 219 -15.44 12.14 14.12
N PHE H 220 -14.82 11.95 15.29
CA PHE H 220 -14.97 12.86 16.43
C PHE H 220 -13.61 13.09 17.07
N GLU H 221 -13.61 13.88 18.14
CA GLU H 221 -12.39 14.19 18.87
C GLU H 221 -12.77 14.51 20.30
N ALA H 222 -12.20 13.79 21.27
CA ALA H 222 -12.62 13.88 22.66
C ALA H 222 -11.74 14.86 23.42
N LEU H 223 -12.37 15.80 24.12
CA LEU H 223 -11.69 16.76 24.97
C LEU H 223 -12.06 16.50 26.43
N ALA H 224 -11.22 17.00 27.32
CA ALA H 224 -11.39 16.76 28.74
C ALA H 224 -12.61 17.49 29.27
N ASP H 225 -13.36 16.82 30.14
CA ASP H 225 -14.47 17.47 30.82
C ASP H 225 -13.95 18.53 31.79
N THR H 226 -14.70 19.63 31.90
CA THR H 226 -14.25 20.78 32.67
C THR H 226 -14.19 20.47 34.17
N ASP H 227 -15.22 19.83 34.71
CA ASP H 227 -15.27 19.60 36.15
C ASP H 227 -14.32 18.48 36.57
N THR H 228 -14.54 17.27 36.07
CA THR H 228 -13.66 16.14 36.32
C THR H 228 -12.85 15.88 35.05
N ASP H 229 -11.53 15.99 35.16
CA ASP H 229 -10.65 15.97 33.99
C ASP H 229 -10.55 14.55 33.44
N GLU H 230 -11.65 14.10 32.83
CA GLU H 230 -11.72 12.80 32.19
C GLU H 230 -11.96 12.96 30.69
N MET H 231 -11.52 11.97 29.93
CA MET H 231 -11.71 11.93 28.49
C MET H 231 -12.52 10.74 28.03
N ALA H 232 -12.32 9.57 28.63
CA ALA H 232 -13.05 8.37 28.26
C ALA H 232 -13.06 7.43 29.46
N VAL H 233 -14.16 6.72 29.65
CA VAL H 233 -14.34 5.81 30.78
C VAL H 233 -14.70 4.44 30.24
N VAL H 234 -13.97 3.41 30.69
CA VAL H 234 -14.23 2.03 30.32
C VAL H 234 -14.87 1.32 31.51
N ILE H 235 -15.98 0.65 31.28
CA ILE H 235 -16.79 0.06 32.34
C ILE H 235 -17.10 -1.38 31.97
N GLU H 236 -16.91 -2.29 32.93
CA GLU H 236 -17.12 -3.72 32.73
C GLU H 236 -18.19 -4.19 33.71
N ALA H 237 -19.45 -4.10 33.30
CA ALA H 237 -20.55 -4.50 34.15
C ALA H 237 -20.78 -6.00 34.07
N SER H 238 -21.14 -6.60 35.19
CA SER H 238 -21.37 -8.03 35.26
C SER H 238 -22.86 -8.33 35.23
N ARG H 239 -23.19 -9.53 34.73
CA ARG H 239 -24.58 -9.94 34.58
C ARG H 239 -25.07 -10.81 35.72
N ASP H 240 -24.26 -11.00 36.76
CA ASP H 240 -24.69 -11.68 37.97
C ASP H 240 -25.00 -10.73 39.11
N GLU H 241 -24.99 -9.42 38.84
CA GLU H 241 -25.25 -8.43 39.87
C GLU H 241 -26.00 -7.22 39.31
N MET I 1 20.39 25.02 42.38
CA MET I 1 20.35 23.75 41.66
C MET I 1 19.89 24.00 40.22
N LYS I 2 20.32 23.13 39.31
CA LYS I 2 19.96 23.26 37.91
C LYS I 2 18.45 23.12 37.73
N THR I 3 17.89 23.94 36.85
CA THR I 3 16.47 23.92 36.56
C THR I 3 16.27 24.22 35.09
N VAL I 4 15.06 24.00 34.59
CA VAL I 4 14.76 24.32 33.20
C VAL I 4 13.78 25.48 33.16
N ILE I 5 13.95 26.34 32.15
CA ILE I 5 13.09 27.49 31.94
C ILE I 5 12.42 27.34 30.59
N GLN I 6 11.08 27.46 30.58
CA GLN I 6 10.28 27.17 29.40
C GLN I 6 9.54 28.37 28.86
N ASP I 7 8.83 29.10 29.71
CA ASP I 7 7.72 29.93 29.29
C ASP I 7 8.11 31.41 29.27
N THR I 8 7.12 32.27 29.02
CA THR I 8 7.34 33.70 28.94
C THR I 8 7.46 34.30 30.34
N ALA I 9 7.44 35.62 30.43
CA ALA I 9 7.45 36.32 31.71
C ALA I 9 6.32 37.33 31.73
N ASP I 10 5.47 37.25 32.74
CA ASP I 10 4.50 38.30 32.98
C ASP I 10 5.22 39.57 33.41
N VAL I 11 4.86 40.69 32.79
CA VAL I 11 5.51 41.96 33.04
C VAL I 11 4.56 42.88 33.79
N TYR I 12 5.11 43.57 34.79
CA TYR I 12 4.38 44.52 35.61
C TYR I 12 5.06 45.87 35.51
N PHE I 13 4.27 46.92 35.26
CA PHE I 13 4.76 48.28 35.10
C PHE I 13 4.18 49.16 36.20
N LYS I 14 5.00 50.06 36.73
CA LYS I 14 4.54 50.95 37.79
C LYS I 14 5.29 52.27 37.71
N ARG I 15 4.56 53.37 37.61
CA ARG I 15 5.17 54.69 37.56
C ARG I 15 5.67 55.10 38.94
N LYS I 16 6.72 55.92 38.96
CA LYS I 16 7.24 56.46 40.20
C LYS I 16 6.62 57.80 40.59
N SER I 17 5.75 58.39 39.78
CA SER I 17 5.08 59.62 40.20
C SER I 17 3.92 59.27 41.14
N ASP I 18 2.93 58.59 40.63
CA ASP I 18 1.91 57.94 41.46
C ASP I 18 1.76 56.47 41.13
N GLY I 19 1.73 56.11 39.85
CA GLY I 19 1.81 54.73 39.42
C GLY I 19 0.47 54.02 39.31
N LYS I 20 0.11 53.55 38.13
CA LYS I 20 -0.96 52.57 38.01
C LYS I 20 -0.34 51.24 37.59
N LEU I 21 -0.87 50.16 38.16
CA LEU I 21 -0.28 48.84 37.94
C LEU I 21 -0.83 48.24 36.65
N VAL I 22 -0.37 48.79 35.53
CA VAL I 22 -0.67 48.22 34.24
C VAL I 22 0.14 46.94 34.05
N PHE I 23 -0.54 45.83 33.86
CA PHE I 23 0.08 44.52 33.90
C PHE I 23 -0.24 43.74 32.63
N THR I 24 0.37 42.56 32.52
CA THR I 24 0.20 41.69 31.36
C THR I 24 0.12 40.25 31.81
N ALA I 25 -0.87 39.52 31.30
CA ALA I 25 -0.95 38.08 31.49
C ALA I 25 -0.63 37.30 30.23
N GLU I 26 -0.68 37.94 29.06
CA GLU I 26 -0.43 37.30 27.77
C GLU I 26 0.55 38.16 27.00
N ALA I 27 1.84 37.81 27.10
CA ALA I 27 2.89 38.47 26.35
C ALA I 27 3.70 37.43 25.59
N GLN I 28 4.20 37.83 24.43
CA GLN I 28 4.95 36.91 23.57
C GLN I 28 6.46 37.00 23.76
N THR I 29 6.98 38.13 24.23
CA THR I 29 8.42 38.26 24.40
C THR I 29 8.73 39.23 25.53
N ALA I 30 9.65 38.86 26.40
CA ALA I 30 10.17 39.74 27.44
C ALA I 30 11.68 39.57 27.49
N SER I 31 12.41 40.44 26.79
CA SER I 31 13.85 40.33 26.66
C SER I 31 14.55 41.26 27.65
N PHE I 32 15.86 41.09 27.74
CA PHE I 32 16.68 41.84 28.69
C PHE I 32 18.13 41.79 28.24
N SER I 33 18.80 42.94 28.25
CA SER I 33 20.22 42.97 27.93
C SER I 33 20.98 43.84 28.92
N LYS I 57 28.24 50.68 31.37
CA LYS I 57 27.35 49.53 31.30
C LYS I 57 25.89 49.99 31.30
N GLU I 58 25.12 49.46 30.35
CA GLU I 58 23.72 49.83 30.20
C GLU I 58 22.88 48.58 29.96
N ILE I 59 21.60 48.68 30.31
CA ILE I 59 20.66 47.58 30.20
C ILE I 59 19.43 48.03 29.44
N ASN I 60 19.01 47.25 28.45
CA ASN I 60 17.84 47.55 27.64
C ASN I 60 16.78 46.46 27.85
N LEU I 61 15.52 46.87 27.68
CA LEU I 61 14.38 45.98 27.87
C LEU I 61 13.43 46.10 26.70
N THR I 62 12.93 44.97 26.21
CA THR I 62 11.91 44.93 25.17
C THR I 62 10.77 44.03 25.62
N VAL I 63 9.54 44.49 25.44
CA VAL I 63 8.35 43.71 25.77
C VAL I 63 7.43 43.71 24.57
N LYS I 64 7.11 42.52 24.07
CA LYS I 64 6.22 42.35 22.92
C LYS I 64 5.00 41.56 23.36
N ASN I 65 3.83 42.16 23.19
CA ASN I 65 2.57 41.63 23.67
C ASN I 65 1.85 40.85 22.57
N ALA I 66 0.66 40.36 22.88
CA ALA I 66 -0.18 39.67 21.91
C ALA I 66 -1.53 40.34 21.68
N PHE I 67 -1.94 41.23 22.58
CA PHE I 67 -3.16 42.00 22.45
C PHE I 67 -2.81 43.46 22.17
N PHE I 68 -3.83 44.31 22.15
CA PHE I 68 -3.65 45.74 21.92
C PHE I 68 -4.41 46.51 22.98
N ASP I 69 -3.69 47.30 23.77
CA ASP I 69 -4.29 48.25 24.68
C ASP I 69 -3.60 49.59 24.52
N LEU I 70 -4.38 50.66 24.56
CA LEU I 70 -3.89 52.00 24.26
C LEU I 70 -2.87 52.51 25.28
N GLU I 71 -2.77 51.88 26.44
CA GLU I 71 -1.86 52.37 27.47
C GLU I 71 -0.41 52.05 27.16
N TRP I 72 -0.12 51.04 26.33
CA TRP I 72 1.26 50.75 25.98
C TRP I 72 1.90 51.90 25.22
N LEU I 73 1.16 52.49 24.28
CA LEU I 73 1.62 53.66 23.56
C LEU I 73 1.37 54.96 24.31
N ALA I 74 0.78 54.87 25.50
CA ALA I 74 0.69 56.01 26.40
C ALA I 74 1.92 56.16 27.27
N MET I 75 2.84 55.20 27.23
CA MET I 75 4.07 55.26 28.01
C MET I 75 5.26 55.76 27.19
N THR I 76 5.38 55.31 25.94
CA THR I 76 6.46 55.79 25.09
C THR I 76 6.33 57.27 24.78
N GLN I 77 5.11 57.80 24.74
CA GLN I 77 4.88 59.22 24.60
C GLN I 77 4.39 59.77 25.93
N GLY I 78 4.96 60.89 26.36
CA GLY I 78 4.50 61.48 27.60
C GLY I 78 3.33 62.40 27.36
N GLU I 79 2.12 61.87 27.49
CA GLU I 79 0.88 62.62 27.34
C GLU I 79 -0.25 61.69 27.72
N THR I 80 -1.20 62.18 28.50
CA THR I 80 -2.23 61.34 29.07
C THR I 80 -3.36 61.08 28.08
N ILE I 81 -4.15 60.06 28.37
CA ILE I 81 -5.34 59.76 27.59
C ILE I 81 -6.46 60.70 28.02
N GLN I 82 -7.12 61.32 27.05
CA GLN I 82 -8.19 62.27 27.31
C GLN I 82 -9.53 61.61 26.94
N GLU I 83 -10.22 61.12 27.95
CA GLU I 83 -11.47 60.39 27.75
C GLU I 83 -12.63 61.38 27.56
N GLU I 84 -13.62 60.98 26.75
CA GLU I 84 -14.75 61.81 26.32
C GLU I 84 -14.27 63.07 25.60
N THR I 85 -13.69 62.86 24.42
CA THR I 85 -13.37 63.93 23.50
C THR I 85 -14.43 63.99 22.39
N LYS I 86 -14.23 64.90 21.44
CA LYS I 86 -15.11 65.04 20.28
C LYS I 86 -14.24 65.25 19.06
N VAL I 87 -14.28 64.29 18.12
CA VAL I 87 -13.31 64.23 17.05
C VAL I 87 -14.02 64.14 15.69
N LYS I 88 -13.23 64.22 14.63
CA LYS I 88 -13.73 64.17 13.26
C LYS I 88 -13.19 62.93 12.57
N VAL I 89 -14.04 62.24 11.82
CA VAL I 89 -13.64 61.03 11.11
C VAL I 89 -14.39 60.95 9.79
N PHE I 90 -13.79 60.24 8.83
CA PHE I 90 -14.39 60.02 7.53
C PHE I 90 -15.29 58.79 7.55
N ASP I 91 -16.20 58.73 6.57
CA ASP I 91 -17.07 57.57 6.40
C ASP I 91 -17.68 57.62 5.00
N ARG I 92 -17.93 56.43 4.46
CA ARG I 92 -18.49 56.24 3.14
C ARG I 92 -19.83 55.51 3.24
N GLU I 93 -20.50 55.37 2.09
CA GLU I 93 -21.77 54.67 2.02
C GLU I 93 -21.88 53.81 0.76
N HIS I 94 -20.73 53.44 0.18
CA HIS I 94 -20.65 52.79 -1.13
C HIS I 94 -21.76 51.76 -1.35
N GLY I 95 -22.40 51.84 -2.50
CA GLY I 95 -23.45 50.91 -2.85
C GLY I 95 -24.80 51.57 -3.11
N LEU I 96 -24.77 52.83 -3.54
CA LEU I 96 -25.99 53.60 -3.78
C LEU I 96 -26.19 53.82 -5.27
N ILE I 97 -27.45 53.68 -5.70
CA ILE I 97 -27.85 53.86 -7.08
C ILE I 97 -29.01 54.85 -7.12
N VAL I 98 -28.98 55.74 -8.11
CA VAL I 98 -30.06 56.72 -8.26
C VAL I 98 -31.37 55.99 -8.47
N ASP I 99 -32.37 56.34 -7.68
CA ASP I 99 -33.69 55.71 -7.78
C ASP I 99 -34.33 55.98 -9.13
N ASP I 100 -34.59 57.24 -9.44
CA ASP I 100 -35.19 57.64 -10.70
C ASP I 100 -34.94 59.12 -10.91
N THR I 101 -35.62 59.69 -11.91
CA THR I 101 -35.54 61.12 -12.23
C THR I 101 -34.09 61.59 -12.42
N ASN I 102 -33.55 62.27 -11.42
CA ASN I 102 -32.26 62.94 -11.55
C ASN I 102 -31.19 62.37 -10.62
N LYS I 103 -31.47 62.30 -9.32
CA LYS I 103 -30.43 61.95 -8.34
C LYS I 103 -31.03 61.08 -7.25
N VAL I 104 -30.22 60.85 -6.20
CA VAL I 104 -30.55 60.00 -5.08
C VAL I 104 -30.21 60.74 -3.80
N THR I 105 -30.71 60.21 -2.68
CA THR I 105 -30.53 60.82 -1.37
C THR I 105 -29.70 59.91 -0.48
N LEU I 106 -28.97 60.51 0.46
CA LEU I 106 -28.19 59.77 1.43
C LEU I 106 -29.02 59.34 2.62
N LYS I 107 -28.39 58.60 3.53
CA LYS I 107 -28.97 58.24 4.80
C LYS I 107 -28.07 58.58 5.98
N GLY I 108 -26.87 59.11 5.74
CA GLY I 108 -25.97 59.50 6.80
C GLY I 108 -26.26 60.90 7.33
N LYS I 109 -25.39 61.33 8.26
CA LYS I 109 -25.51 62.63 8.92
C LYS I 109 -24.19 63.35 8.71
N PRO I 110 -23.94 63.89 7.52
CA PRO I 110 -22.65 64.52 7.24
C PRO I 110 -22.48 65.84 7.96
N VAL I 111 -21.22 66.18 8.21
CA VAL I 111 -20.85 67.44 8.84
C VAL I 111 -20.22 68.40 7.83
N SER I 112 -19.14 67.97 7.17
CA SER I 112 -18.49 68.77 6.15
C SER I 112 -19.12 68.47 4.78
N ASP I 113 -18.47 68.92 3.72
CA ASP I 113 -19.00 68.70 2.38
C ASP I 113 -18.94 67.22 2.01
N VAL I 114 -19.62 66.89 0.91
CA VAL I 114 -19.69 65.53 0.41
C VAL I 114 -18.93 65.44 -0.90
N THR I 115 -18.46 64.23 -1.22
CA THR I 115 -17.70 63.98 -2.44
C THR I 115 -18.30 62.75 -3.14
N PHE I 116 -19.18 63.00 -4.10
CA PHE I 116 -19.88 61.93 -4.81
C PHE I 116 -19.14 61.74 -6.13
N TYR I 117 -18.72 60.50 -6.42
CA TYR I 117 -17.99 60.24 -7.65
C TYR I 117 -17.81 58.76 -7.85
N ASN I 118 -17.81 58.32 -9.11
CA ASN I 118 -17.78 56.88 -9.36
C ASN I 118 -17.42 56.64 -10.83
N LYS I 119 -16.89 55.43 -11.12
CA LYS I 119 -16.70 54.77 -12.42
C LYS I 119 -15.74 55.43 -13.41
N LYS I 120 -15.22 56.62 -13.12
CA LYS I 120 -14.36 57.27 -14.10
C LYS I 120 -13.16 57.97 -13.50
N GLY I 121 -13.00 57.96 -12.17
CA GLY I 121 -11.90 58.64 -11.54
C GLY I 121 -11.95 60.15 -11.69
N LEU I 122 -13.17 60.70 -11.65
CA LEU I 122 -13.34 62.15 -11.65
C LEU I 122 -14.39 62.50 -10.60
N THR I 123 -14.22 63.67 -9.99
CA THR I 123 -14.97 64.04 -8.80
C THR I 123 -15.86 65.25 -9.06
N TYR I 124 -16.88 65.39 -8.21
CA TYR I 124 -17.74 66.56 -8.19
C TYR I 124 -17.96 66.94 -6.74
N LYS I 125 -17.53 68.15 -6.37
CA LYS I 125 -17.56 68.60 -4.98
C LYS I 125 -18.75 69.51 -4.75
N ILE I 126 -19.49 69.27 -3.68
CA ILE I 126 -20.65 70.08 -3.32
C ILE I 126 -20.89 69.95 -1.82
N ALA I 127 -21.62 70.92 -1.27
CA ALA I 127 -22.02 70.90 0.13
C ALA I 127 -23.53 70.72 0.17
N VAL I 128 -23.97 69.52 0.55
CA VAL I 128 -25.39 69.17 0.54
C VAL I 128 -26.06 69.74 1.78
N SER I 129 -27.18 70.42 1.59
CA SER I 129 -27.96 70.92 2.71
C SER I 129 -28.83 69.81 3.30
N THR I 130 -29.72 69.23 2.50
CA THR I 130 -30.55 68.14 2.96
C THR I 130 -30.47 66.94 2.01
N ASP I 131 -30.32 67.20 0.71
CA ASP I 131 -30.28 66.15 -0.29
C ASP I 131 -29.42 66.61 -1.47
N GLY I 132 -28.92 65.65 -2.23
CA GLY I 132 -28.07 65.91 -3.36
C GLY I 132 -28.81 65.71 -4.67
N THR I 133 -28.71 66.70 -5.56
CA THR I 133 -29.46 66.69 -6.83
C THR I 133 -28.65 67.45 -7.89
N TYR I 134 -28.21 66.72 -8.92
CA TYR I 134 -27.51 67.29 -10.05
C TYR I 134 -27.36 66.23 -11.12
N THR I 135 -27.32 66.65 -12.38
CA THR I 135 -27.25 65.68 -13.47
C THR I 135 -25.80 65.42 -13.87
N ILE I 136 -25.55 64.18 -14.27
CA ILE I 136 -24.29 63.78 -14.89
C ILE I 136 -24.51 63.75 -16.40
N PRO I 137 -23.80 64.60 -17.18
CA PRO I 137 -24.11 64.82 -18.61
C PRO I 137 -25.13 63.91 -19.28
N THR I 138 -26.37 63.94 -18.77
CA THR I 138 -27.51 63.24 -19.37
C THR I 138 -27.24 61.75 -19.57
N ALA I 139 -26.58 61.41 -20.67
CA ALA I 139 -26.35 60.03 -21.05
C ALA I 139 -25.15 59.40 -20.34
N PHE I 140 -24.40 60.16 -19.54
CA PHE I 140 -23.29 59.60 -18.80
C PHE I 140 -23.78 58.78 -17.61
N ALA I 141 -24.56 59.41 -16.73
CA ALA I 141 -25.16 58.74 -15.59
C ALA I 141 -26.50 59.40 -15.28
N ALA I 142 -27.59 58.70 -15.61
CA ALA I 142 -28.93 59.21 -15.35
C ALA I 142 -29.67 58.37 -14.31
N ALA I 143 -29.82 57.07 -14.56
CA ALA I 143 -30.47 56.19 -13.60
C ALA I 143 -29.80 54.83 -13.44
N LYS I 144 -28.74 54.55 -14.19
CA LYS I 144 -28.12 53.22 -14.17
C LYS I 144 -26.73 53.22 -13.57
N ASP I 145 -25.92 54.23 -13.85
CA ASP I 145 -24.57 54.29 -13.29
C ASP I 145 -24.64 54.71 -11.82
N LYS I 146 -24.26 53.81 -10.93
CA LYS I 146 -24.29 54.09 -9.49
C LYS I 146 -23.12 54.99 -9.11
N LEU I 147 -23.34 55.81 -8.10
CA LEU I 147 -22.33 56.72 -7.58
C LEU I 147 -21.92 56.27 -6.19
N THR I 148 -20.68 56.61 -5.80
CA THR I 148 -20.19 56.26 -4.46
C THR I 148 -19.65 57.53 -3.81
N ALA I 149 -20.06 57.78 -2.57
CA ALA I 149 -19.80 59.03 -1.90
C ALA I 149 -18.98 58.81 -0.62
N VAL I 150 -18.48 59.91 -0.08
CA VAL I 150 -17.70 59.89 1.16
C VAL I 150 -17.80 61.27 1.79
N TYR I 151 -17.74 61.31 3.12
CA TYR I 151 -17.85 62.57 3.85
C TYR I 151 -17.25 62.38 5.24
N GLN I 152 -17.48 63.34 6.12
CA GLN I 152 -17.02 63.27 7.50
C GLN I 152 -18.19 63.36 8.46
N ILE I 153 -18.01 62.78 9.64
CA ILE I 153 -19.07 62.75 10.66
C ILE I 153 -18.48 63.12 12.02
N GLU I 154 -19.32 63.10 13.04
CA GLU I 154 -18.94 63.43 14.41
C GLU I 154 -19.06 62.18 15.29
N LYS I 155 -18.05 61.93 16.12
CA LYS I 155 -18.04 60.74 16.94
C LYS I 155 -17.35 61.02 18.26
N VAL I 156 -17.58 60.14 19.24
CA VAL I 156 -17.05 60.25 20.59
C VAL I 156 -16.10 59.09 20.84
N GLY I 157 -15.26 59.25 21.86
CA GLY I 157 -14.30 58.21 22.21
C GLY I 157 -13.13 58.78 23.00
N ARG I 158 -11.98 58.13 22.87
CA ARG I 158 -10.75 58.52 23.54
C ARG I 158 -9.85 59.26 22.56
N ARG I 159 -8.65 59.59 23.02
CA ARG I 159 -7.71 60.37 22.21
C ARG I 159 -6.34 60.37 22.86
N LEU I 160 -5.30 60.25 22.03
CA LEU I 160 -3.93 60.52 22.44
C LEU I 160 -3.27 61.38 21.38
N ALA I 161 -2.53 62.39 21.81
CA ALA I 161 -1.83 63.30 20.91
C ALA I 161 -0.33 63.10 21.06
N ILE I 162 0.36 62.97 19.93
CA ILE I 162 1.79 62.73 19.92
C ILE I 162 2.47 64.08 19.64
N LYS I 163 2.82 64.79 20.71
CA LYS I 163 3.49 66.07 20.60
C LYS I 163 5.00 65.86 20.63
N ALA I 164 5.75 66.94 20.79
CA ALA I 164 7.21 66.89 20.87
C ALA I 164 7.70 67.49 22.19
N SER I 165 7.05 67.13 23.29
CA SER I 165 7.42 67.64 24.61
C SER I 165 7.00 66.62 25.66
N LYS I 166 7.22 66.99 26.93
CA LYS I 166 6.82 66.19 28.09
C LYS I 166 7.47 64.80 28.06
N PHE I 167 8.79 64.82 28.20
CA PHE I 167 9.60 63.61 28.22
C PHE I 167 10.28 63.40 29.57
N SER I 168 9.55 63.62 30.66
CA SER I 168 10.08 63.47 32.02
C SER I 168 9.21 62.47 32.78
N GLU I 169 9.65 61.22 32.82
CA GLU I 169 8.93 60.18 33.55
C GLU I 169 9.86 59.01 33.82
N ARG I 170 9.67 58.35 34.96
CA ARG I 170 10.45 57.21 35.38
C ARG I 170 9.51 56.06 35.70
N TYR I 171 9.96 54.82 35.47
CA TYR I 171 9.12 53.65 35.66
C TYR I 171 9.90 52.56 36.38
N GLU I 172 9.16 51.58 36.89
CA GLU I 172 9.73 50.38 37.51
C GLU I 172 8.99 49.18 36.97
N VAL I 173 9.74 48.17 36.53
CA VAL I 173 9.16 47.01 35.86
C VAL I 173 9.59 45.75 36.60
N GLU I 174 8.82 44.69 36.38
CA GLU I 174 9.12 43.39 36.99
C GLU I 174 8.70 42.27 36.05
N TYR I 175 9.58 41.28 35.90
CA TYR I 175 9.29 40.08 35.13
C TYR I 175 9.10 38.91 36.08
N ARG I 176 8.14 38.04 35.76
CA ARG I 176 7.96 36.81 36.51
C ARG I 176 7.88 35.63 35.56
N THR I 177 8.55 34.54 35.91
CA THR I 177 8.50 33.30 35.16
C THR I 177 8.66 32.13 36.13
N ILE I 178 8.48 30.92 35.61
CA ILE I 178 8.55 29.71 36.42
C ILE I 178 9.69 28.83 35.92
N ALA I 179 10.18 27.98 36.82
CA ALA I 179 11.23 27.03 36.51
C ALA I 179 10.79 25.63 36.92
N TYR I 180 11.22 24.64 36.15
CA TYR I 180 10.82 23.27 36.36
C TYR I 180 11.99 22.41 36.80
N ASN I 181 11.69 21.43 37.64
CA ASN I 181 12.68 20.48 38.11
C ASN I 181 13.12 19.57 36.96
N PRO I 182 14.43 19.39 36.76
CA PRO I 182 14.91 18.51 35.70
C PRO I 182 14.91 17.02 36.04
N ASP I 183 14.33 16.62 37.17
CA ASP I 183 14.34 15.22 37.58
C ASP I 183 12.97 14.67 37.96
N THR I 184 11.99 15.50 38.30
CA THR I 184 10.64 15.01 38.57
C THR I 184 9.54 15.81 37.89
N GLU I 185 9.85 16.97 37.31
CA GLU I 185 8.93 17.75 36.49
C GLU I 185 7.71 18.25 37.28
N GLU I 186 7.99 18.99 38.36
CA GLU I 186 7.03 19.93 38.92
C GLU I 186 7.71 21.29 39.06
N VAL I 187 6.92 22.31 39.42
CA VAL I 187 7.48 23.63 39.62
C VAL I 187 8.40 23.62 40.84
N TYR I 188 9.48 24.37 40.74
CA TYR I 188 10.46 24.37 41.82
C TYR I 188 10.78 25.76 42.33
N SER I 189 10.84 26.76 41.47
CA SER I 189 11.23 28.08 41.90
C SER I 189 10.64 29.13 40.96
N ASP I 190 10.63 30.37 41.43
CA ASP I 190 10.16 31.52 40.68
C ASP I 190 11.33 32.44 40.42
N ILE I 191 11.44 32.92 39.19
CA ILE I 191 12.47 33.86 38.80
C ILE I 191 11.84 35.24 38.65
N TYR I 192 12.31 36.20 39.44
CA TYR I 192 11.87 37.58 39.36
C TYR I 192 13.04 38.44 38.92
N ILE I 193 12.85 39.18 37.83
CA ILE I 193 13.85 40.13 37.35
C ILE I 193 13.26 41.53 37.53
N GLN I 194 13.86 42.31 38.43
CA GLN I 194 13.35 43.62 38.79
C GLN I 194 14.28 44.71 38.28
N PHE I 195 13.70 45.73 37.66
CA PHE I 195 14.44 46.85 37.10
C PHE I 195 13.93 48.14 37.73
N PRO I 196 14.67 48.72 38.67
CA PRO I 196 14.32 50.06 39.15
C PRO I 196 14.86 51.15 38.24
N ASN I 197 14.07 52.20 38.10
CA ASN I 197 14.45 53.44 37.41
C ASN I 197 14.79 53.17 35.94
N VAL I 198 13.76 52.78 35.20
CA VAL I 198 13.84 52.63 33.75
C VAL I 198 13.13 53.80 33.10
N SER I 199 13.49 54.08 31.85
CA SER I 199 12.91 55.18 31.11
C SER I 199 12.52 54.72 29.70
N PRO I 200 11.38 55.16 29.20
CA PRO I 200 11.01 54.82 27.83
C PRO I 200 11.93 55.49 26.82
N SER I 201 12.12 54.84 25.69
CA SER I 201 13.03 55.32 24.66
C SER I 201 12.25 55.59 23.38
N GLY I 202 12.90 56.30 22.46
CA GLY I 202 12.23 56.82 21.29
C GLY I 202 12.28 55.98 20.03
N GLU I 203 11.81 54.74 20.09
CA GLU I 203 11.55 53.94 18.89
C GLU I 203 10.20 53.27 19.04
N PHE I 204 9.36 53.39 18.01
CA PHE I 204 8.01 52.85 18.03
C PHE I 204 7.59 52.56 16.60
N GLU I 205 6.91 51.44 16.39
CA GLU I 205 6.53 51.01 15.05
C GLU I 205 5.29 50.14 15.15
N MET I 206 4.15 50.66 14.68
CA MET I 206 2.93 49.89 14.58
C MET I 206 2.59 49.74 13.10
N SER I 207 2.65 48.50 12.61
CA SER I 207 2.42 48.20 11.20
C SER I 207 1.24 47.24 11.08
N LEU I 208 0.28 47.60 10.24
CA LEU I 208 -0.91 46.79 10.02
C LEU I 208 -0.83 46.17 8.64
N GLU I 209 -0.88 44.84 8.58
CA GLU I 209 -0.79 44.09 7.34
C GLU I 209 -1.88 43.03 7.33
N ASN I 210 -2.23 42.55 6.14
CA ASN I 210 -3.35 41.65 5.99
C ASN I 210 -3.04 40.27 6.55
N GLY I 211 -3.93 39.76 7.38
CA GLY I 211 -3.88 38.38 7.85
C GLY I 211 -2.98 38.11 9.02
N ASN I 212 -2.33 39.13 9.58
CA ASN I 212 -1.40 38.92 10.69
C ASN I 212 -1.75 39.85 11.84
N ALA I 213 -1.47 39.38 13.05
CA ALA I 213 -1.77 40.15 14.25
C ALA I 213 -0.81 41.33 14.39
N LEU I 214 -1.11 42.19 15.37
CA LEU I 214 -0.32 43.41 15.54
C LEU I 214 0.94 43.16 16.37
N ALA I 215 0.78 42.64 17.59
CA ALA I 215 1.87 42.38 18.51
C ALA I 215 2.73 43.62 18.73
N PRO I 216 2.23 44.61 19.47
CA PRO I 216 3.01 45.84 19.69
C PRO I 216 4.26 45.57 20.51
N GLU I 217 5.27 46.42 20.29
CA GLU I 217 6.56 46.31 20.94
C GLU I 217 6.85 47.57 21.73
N ILE I 218 7.33 47.42 22.96
CA ILE I 218 7.63 48.54 23.86
C ILE I 218 9.07 48.40 24.31
N LYS I 219 9.82 49.49 24.23
CA LYS I 219 11.25 49.48 24.53
C LYS I 219 11.56 50.45 25.67
N PHE I 220 12.48 50.03 26.54
CA PHE I 220 12.90 50.82 27.69
C PHE I 220 14.40 50.69 27.88
N GLU I 221 14.99 51.68 28.54
CA GLU I 221 16.41 51.66 28.90
C GLU I 221 16.53 51.85 30.40
N ALA I 222 17.33 51.00 31.05
CA ALA I 222 17.51 51.07 32.48
C ALA I 222 18.63 52.03 32.84
N LEU I 223 18.63 52.46 34.11
CA LEU I 223 19.64 53.37 34.60
C LEU I 223 19.90 53.06 36.07
N ALA I 224 21.06 53.50 36.55
CA ALA I 224 21.46 53.20 37.92
C ALA I 224 20.65 54.02 38.91
N ASP I 225 20.18 53.36 39.97
CA ASP I 225 19.46 54.04 41.02
C ASP I 225 20.40 54.94 41.83
N THR I 226 19.84 56.01 42.38
CA THR I 226 20.63 56.99 43.12
C THR I 226 20.83 56.63 44.58
N ASP I 227 20.25 55.52 45.05
CA ASP I 227 20.35 55.13 46.45
C ASP I 227 21.22 53.89 46.64
N THR I 228 20.89 52.79 45.97
CA THR I 228 21.62 51.54 46.13
C THR I 228 22.56 51.25 44.97
N ASP I 229 22.66 52.15 43.99
CA ASP I 229 23.56 52.00 42.85
C ASP I 229 23.28 50.72 42.06
N GLU I 230 22.06 50.21 42.15
CA GLU I 230 21.68 48.98 41.47
C GLU I 230 20.84 49.29 40.24
N MET I 231 20.97 48.44 39.23
CA MET I 231 20.23 48.58 37.98
C MET I 231 19.20 47.49 37.75
N ALA I 232 19.51 46.25 38.12
CA ALA I 232 18.56 45.16 37.98
C ALA I 232 18.94 44.07 38.98
N VAL I 233 17.92 43.35 39.46
CA VAL I 233 18.11 42.31 40.47
C VAL I 233 17.40 41.04 40.01
N VAL I 234 18.12 39.92 40.08
CA VAL I 234 17.56 38.60 39.76
C VAL I 234 17.34 37.85 41.05
N ILE I 235 16.13 37.33 41.24
CA ILE I 235 15.73 36.66 42.47
C ILE I 235 15.23 35.27 42.10
N GLU I 236 15.77 34.26 42.75
CA GLU I 236 15.33 32.86 42.58
C GLU I 236 14.70 32.43 43.90
N ALA I 237 13.37 32.46 43.96
CA ALA I 237 12.65 32.15 45.18
C ALA I 237 12.13 30.72 45.12
N SER I 238 12.56 29.90 46.06
CA SER I 238 12.18 28.49 46.07
C SER I 238 10.72 28.33 46.47
N ARG I 239 10.08 27.31 45.91
CA ARG I 239 8.68 27.04 46.22
C ARG I 239 8.51 26.43 47.61
N ASP I 240 9.40 25.53 47.99
CA ASP I 240 9.25 24.76 49.24
C ASP I 240 9.87 25.47 50.44
N GLU I 241 9.51 26.74 50.63
CA GLU I 241 9.91 27.50 51.81
C GLU I 241 9.18 28.84 51.87
N MET J 1 19.59 -8.07 -26.51
CA MET J 1 18.23 -8.38 -26.94
C MET J 1 17.32 -8.49 -25.73
N LYS J 2 16.05 -8.11 -25.90
CA LYS J 2 15.11 -8.10 -24.79
C LYS J 2 14.93 -9.50 -24.22
N THR J 3 14.74 -9.55 -22.90
CA THR J 3 14.63 -10.81 -22.17
C THR J 3 13.54 -10.68 -21.12
N VAL J 4 13.27 -11.79 -20.44
CA VAL J 4 12.28 -11.84 -19.36
C VAL J 4 12.98 -12.32 -18.09
N ILE J 5 12.83 -11.56 -17.02
CA ILE J 5 13.48 -11.84 -15.74
C ILE J 5 12.41 -12.24 -14.73
N GLN J 6 12.40 -13.51 -14.36
CA GLN J 6 11.47 -14.05 -13.37
C GLN J 6 12.24 -14.90 -12.35
N ASP J 7 12.80 -14.24 -11.35
CA ASP J 7 13.58 -14.93 -10.32
C ASP J 7 14.01 -13.91 -9.27
N THR J 8 14.63 -14.41 -8.21
CA THR J 8 15.18 -13.59 -7.14
C THR J 8 16.68 -13.81 -7.07
N ALA J 9 17.42 -12.72 -6.92
CA ALA J 9 18.87 -12.79 -6.99
C ALA J 9 19.47 -13.43 -5.74
N ASP J 10 20.57 -14.14 -5.93
CA ASP J 10 21.41 -14.54 -4.82
C ASP J 10 22.25 -13.35 -4.37
N VAL J 11 22.39 -13.19 -3.06
CA VAL J 11 23.02 -12.02 -2.48
C VAL J 11 24.34 -12.40 -1.82
N TYR J 12 25.30 -11.48 -1.87
CA TYR J 12 26.59 -11.65 -1.23
C TYR J 12 26.96 -10.37 -0.51
N PHE J 13 27.33 -10.48 0.75
CA PHE J 13 27.77 -9.37 1.59
C PHE J 13 29.22 -9.58 1.98
N LYS J 14 30.04 -8.53 1.89
CA LYS J 14 31.44 -8.62 2.31
C LYS J 14 31.81 -7.35 3.06
N ARG J 15 32.24 -7.49 4.31
CA ARG J 15 32.70 -6.34 5.07
C ARG J 15 34.02 -5.85 4.50
N LYS J 16 34.18 -4.52 4.41
CA LYS J 16 35.33 -3.93 3.75
C LYS J 16 36.57 -3.87 4.64
N SER J 17 36.44 -4.13 5.94
CA SER J 17 37.59 -4.06 6.83
C SER J 17 38.41 -5.34 6.78
N ASP J 18 37.80 -6.47 7.15
CA ASP J 18 38.49 -7.76 7.19
C ASP J 18 38.20 -8.61 5.95
N GLY J 19 36.93 -8.74 5.58
CA GLY J 19 36.56 -9.54 4.43
C GLY J 19 35.64 -10.69 4.76
N LYS J 20 34.83 -10.53 5.80
CA LYS J 20 33.89 -11.59 6.17
C LYS J 20 32.84 -11.76 5.08
N LEU J 21 32.62 -13.00 4.67
CA LEU J 21 31.71 -13.31 3.57
C LEU J 21 30.44 -13.96 4.13
N VAL J 22 29.31 -13.30 3.91
CA VAL J 22 28.01 -13.82 4.32
C VAL J 22 27.11 -13.81 3.09
N PHE J 23 26.63 -14.98 2.70
CA PHE J 23 25.82 -15.12 1.51
C PHE J 23 24.46 -15.74 1.85
N THR J 24 23.57 -15.74 0.87
CA THR J 24 22.24 -16.30 1.05
C THR J 24 21.74 -16.82 -0.29
N ALA J 25 21.43 -18.11 -0.35
CA ALA J 25 20.85 -18.74 -1.53
C ALA J 25 19.39 -19.12 -1.30
N GLU J 26 18.73 -18.38 -0.40
CA GLU J 26 17.38 -18.71 0.05
C GLU J 26 16.52 -17.46 0.10
N ALA J 27 16.91 -16.41 -0.61
CA ALA J 27 16.27 -15.11 -0.52
C ALA J 27 14.88 -15.13 -1.16
N GLN J 28 14.00 -14.29 -0.64
CA GLN J 28 12.68 -14.09 -1.22
C GLN J 28 12.56 -12.79 -1.99
N THR J 29 13.26 -11.74 -1.58
CA THR J 29 13.16 -10.44 -2.24
C THR J 29 14.52 -9.76 -2.21
N ALA J 30 14.84 -9.05 -3.29
CA ALA J 30 16.06 -8.27 -3.37
C ALA J 30 15.82 -7.12 -4.34
N SER J 31 15.75 -5.89 -3.83
CA SER J 31 15.43 -4.76 -4.68
C SER J 31 16.29 -3.55 -4.32
N PHE J 32 16.44 -2.65 -5.29
CA PHE J 32 17.11 -1.39 -5.09
C PHE J 32 16.33 -0.29 -5.81
N SER J 33 16.37 0.91 -5.24
CA SER J 33 15.56 2.02 -5.72
C SER J 33 16.39 3.30 -5.75
N GLN J 34 15.96 4.23 -6.60
CA GLN J 34 16.65 5.49 -6.83
C GLN J 34 15.72 6.66 -6.54
N ALA J 35 16.32 7.78 -6.18
CA ALA J 35 15.59 9.01 -5.93
C ALA J 35 16.46 10.20 -6.28
N ILE J 36 15.82 11.31 -6.66
CA ILE J 36 16.52 12.50 -7.12
C ILE J 36 15.77 13.73 -6.64
N SER J 37 16.45 14.88 -6.70
CA SER J 37 15.86 16.16 -6.31
C SER J 37 15.59 16.99 -7.57
N GLU J 38 14.34 17.41 -7.73
CA GLU J 38 13.88 18.10 -8.94
C GLU J 38 13.32 19.46 -8.55
N GLU J 39 13.63 20.46 -9.36
CA GLU J 39 12.95 21.75 -9.24
C GLU J 39 12.91 22.42 -10.61
N LYS J 40 12.18 23.52 -10.69
CA LYS J 40 11.98 24.22 -11.96
C LYS J 40 12.53 25.63 -11.91
N LEU J 41 13.00 26.10 -13.05
CA LEU J 41 13.40 27.49 -13.24
C LEU J 41 12.27 28.18 -14.00
N ARG J 42 11.36 28.83 -13.28
CA ARG J 42 10.08 29.26 -13.84
C ARG J 42 9.74 30.65 -13.30
N GLY J 43 8.48 31.04 -13.46
CA GLY J 43 8.00 32.30 -12.94
C GLY J 43 6.94 33.02 -13.76
N GLY J 44 6.79 32.66 -15.03
CA GLY J 44 5.78 33.29 -15.85
C GLY J 44 6.28 33.79 -17.19
N ILE J 45 5.76 34.92 -17.66
CA ILE J 45 6.17 35.43 -18.96
C ILE J 45 7.62 35.92 -18.94
N GLY J 46 8.07 36.53 -17.84
CA GLY J 46 9.43 37.00 -17.77
C GLY J 46 10.44 35.87 -17.76
N ASN J 47 10.19 34.84 -16.97
CA ASN J 47 11.06 33.67 -16.91
C ASN J 47 10.53 32.57 -17.84
N LYS J 48 10.40 32.94 -19.11
CA LYS J 48 9.94 32.00 -20.13
C LYS J 48 10.89 30.81 -20.34
N PRO J 49 12.22 30.94 -20.11
CA PRO J 49 13.05 29.73 -20.13
C PRO J 49 12.79 28.86 -18.92
N LEU J 50 12.08 27.75 -19.14
CA LEU J 50 11.82 26.78 -18.10
C LEU J 50 12.80 25.62 -18.23
N TYR J 51 13.49 25.31 -17.15
CA TYR J 51 14.53 24.29 -17.15
C TYR J 51 14.44 23.49 -15.87
N ILE J 52 14.77 22.21 -15.97
CA ILE J 52 14.66 21.29 -14.84
C ILE J 52 16.01 21.22 -14.14
N LEU J 53 16.04 21.65 -12.89
CA LEU J 53 17.25 21.54 -12.08
C LEU J 53 17.21 20.21 -11.34
N LYS J 54 18.20 19.36 -11.63
CA LYS J 54 18.35 18.04 -11.03
C LYS J 54 19.56 18.04 -10.12
N SER J 55 19.38 17.59 -8.89
CA SER J 55 20.50 17.50 -7.96
C SER J 55 20.21 16.45 -6.90
N GLU J 56 21.28 15.92 -6.31
CA GLU J 56 21.22 14.93 -5.25
C GLU J 56 20.70 13.57 -5.74
N LYS J 57 21.44 12.50 -5.46
CA LYS J 57 21.05 11.16 -5.86
C LYS J 57 21.01 10.26 -4.64
N GLU J 58 19.96 9.43 -4.56
CA GLU J 58 19.77 8.49 -3.48
C GLU J 58 19.60 7.10 -4.05
N ILE J 59 20.32 6.12 -3.49
CA ILE J 59 20.15 4.71 -3.84
C ILE J 59 19.96 3.92 -2.56
N ASN J 60 18.87 3.15 -2.51
CA ASN J 60 18.53 2.34 -1.36
C ASN J 60 18.40 0.88 -1.76
N LEU J 61 18.67 -0.02 -0.80
CA LEU J 61 18.69 -1.46 -1.03
C LEU J 61 17.87 -2.14 0.05
N THR J 62 17.13 -3.18 -0.34
CA THR J 62 16.42 -3.99 0.65
C THR J 62 16.48 -5.45 0.25
N VAL J 63 16.75 -6.32 1.23
CA VAL J 63 16.85 -7.75 1.03
C VAL J 63 15.98 -8.46 2.05
N LYS J 64 15.11 -9.36 1.58
CA LYS J 64 14.23 -10.13 2.45
C LYS J 64 14.51 -11.61 2.23
N ASN J 65 14.86 -12.31 3.31
CA ASN J 65 15.19 -13.72 3.29
C ASN J 65 13.99 -14.55 3.72
N ALA J 66 14.21 -15.85 3.85
CA ALA J 66 13.19 -16.77 4.34
C ALA J 66 13.63 -17.59 5.54
N PHE J 67 14.94 -17.75 5.76
CA PHE J 67 15.46 -18.34 6.98
C PHE J 67 15.88 -17.23 7.94
N PHE J 68 16.32 -17.63 9.13
CA PHE J 68 16.76 -16.70 10.15
C PHE J 68 18.23 -16.96 10.50
N ASP J 69 19.04 -15.92 10.44
CA ASP J 69 20.44 -15.99 10.83
C ASP J 69 20.79 -14.78 11.69
N LEU J 70 21.61 -15.00 12.71
CA LEU J 70 21.95 -13.93 13.65
C LEU J 70 23.02 -13.00 13.11
N GLU J 71 23.73 -13.39 12.05
CA GLU J 71 24.73 -12.51 11.46
C GLU J 71 24.08 -11.27 10.85
N TRP J 72 22.85 -11.40 10.34
CA TRP J 72 22.16 -10.24 9.82
C TRP J 72 21.82 -9.25 10.93
N LEU J 73 21.42 -9.75 12.10
CA LEU J 73 21.26 -8.88 13.27
C LEU J 73 22.57 -8.24 13.68
N ALA J 74 23.66 -9.01 13.68
CA ALA J 74 24.96 -8.47 14.08
C ALA J 74 25.50 -7.45 13.10
N MET J 75 25.07 -7.50 11.84
CA MET J 75 25.59 -6.55 10.85
C MET J 75 25.08 -5.14 11.10
N THR J 76 23.79 -4.98 11.37
CA THR J 76 23.19 -3.67 11.53
C THR J 76 23.53 -3.00 12.85
N GLN J 77 23.97 -3.77 13.85
CA GLN J 77 24.50 -3.21 15.09
C GLN J 77 25.91 -3.76 15.24
N GLY J 78 26.90 -2.96 14.87
CA GLY J 78 28.26 -3.45 14.84
C GLY J 78 28.73 -3.93 16.19
N GLU J 79 28.80 -5.25 16.34
CA GLU J 79 29.15 -5.89 17.60
C GLU J 79 29.41 -7.36 17.33
N THR J 80 30.53 -7.86 17.86
CA THR J 80 30.83 -9.27 17.72
C THR J 80 29.88 -10.11 18.55
N ILE J 81 29.66 -11.34 18.12
CA ILE J 81 28.73 -12.25 18.79
C ILE J 81 29.48 -13.00 19.88
N GLN J 82 29.16 -12.69 21.13
CA GLN J 82 29.71 -13.44 22.25
C GLN J 82 29.18 -14.87 22.22
N GLU J 83 30.05 -15.82 22.51
CA GLU J 83 29.70 -17.23 22.44
C GLU J 83 30.03 -17.92 23.77
N GLU J 84 29.21 -18.91 24.12
CA GLU J 84 29.33 -19.65 25.37
C GLU J 84 29.28 -18.70 26.58
N THR J 85 28.14 -18.03 26.71
CA THR J 85 27.93 -17.05 27.78
C THR J 85 26.80 -17.55 28.67
N LYS J 86 27.07 -17.61 29.97
CA LYS J 86 26.06 -18.00 30.94
C LYS J 86 25.10 -16.85 31.20
N VAL J 87 23.80 -17.12 31.13
CA VAL J 87 22.77 -16.11 31.27
C VAL J 87 21.61 -16.70 32.07
N LYS J 88 20.65 -15.84 32.41
CA LYS J 88 19.47 -16.23 33.18
C LYS J 88 18.23 -15.96 32.35
N VAL J 89 17.38 -16.97 32.21
CA VAL J 89 16.16 -16.89 31.42
C VAL J 89 15.00 -17.44 32.24
N PHE J 90 13.79 -17.09 31.82
CA PHE J 90 12.58 -17.51 32.53
C PHE J 90 12.16 -18.91 32.12
N ASP J 91 11.48 -19.59 33.05
CA ASP J 91 10.99 -20.93 32.81
C ASP J 91 9.79 -21.16 33.73
N ARG J 92 8.78 -21.83 33.21
CA ARG J 92 7.53 -22.01 33.94
C ARG J 92 7.17 -23.49 33.98
N GLU J 93 6.41 -23.85 35.01
CA GLU J 93 5.97 -25.22 35.23
C GLU J 93 4.47 -25.24 35.42
N HIS J 94 3.80 -26.23 34.82
CA HIS J 94 2.36 -26.27 34.75
C HIS J 94 1.82 -27.52 35.41
N GLY J 95 0.67 -27.39 36.06
CA GLY J 95 -0.02 -28.54 36.61
C GLY J 95 0.66 -29.21 37.79
N LEU J 96 0.71 -28.53 38.93
CA LEU J 96 1.24 -29.10 40.16
C LEU J 96 0.10 -29.33 41.14
N ILE J 97 0.19 -30.42 41.89
CA ILE J 97 -0.88 -30.89 42.77
C ILE J 97 -0.42 -30.75 44.21
N VAL J 98 -1.27 -30.14 45.04
CA VAL J 98 -0.98 -29.96 46.45
C VAL J 98 -1.24 -31.26 47.19
N ASP J 99 -0.33 -31.62 48.10
CA ASP J 99 -0.44 -32.86 48.86
C ASP J 99 -1.19 -32.60 50.16
N ASP J 100 -1.19 -33.58 51.08
CA ASP J 100 -1.95 -33.43 52.31
C ASP J 100 -1.33 -32.39 53.23
N THR J 101 -0.01 -32.37 53.37
CA THR J 101 0.67 -31.47 54.30
C THR J 101 0.98 -30.12 53.66
N ASN J 102 0.32 -29.78 52.56
CA ASN J 102 0.49 -28.50 51.89
C ASN J 102 1.96 -28.27 51.50
N LYS J 103 2.49 -29.21 50.72
CA LYS J 103 3.88 -29.15 50.29
C LYS J 103 3.97 -29.61 48.85
N VAL J 104 4.47 -28.74 47.99
CA VAL J 104 4.55 -29.00 46.55
C VAL J 104 6.00 -29.29 46.19
N THR J 105 6.18 -30.07 45.12
CA THR J 105 7.50 -30.50 44.67
C THR J 105 7.83 -29.84 43.34
N LEU J 106 9.01 -29.24 43.26
CA LEU J 106 9.50 -28.58 42.05
C LEU J 106 10.71 -29.37 41.54
N LYS J 107 10.63 -29.84 40.30
CA LYS J 107 11.71 -30.62 39.71
C LYS J 107 12.71 -29.77 38.94
N GLY J 108 12.53 -28.45 38.91
CA GLY J 108 13.47 -27.57 38.25
C GLY J 108 14.64 -27.21 39.15
N LYS J 109 15.47 -26.31 38.65
CA LYS J 109 16.63 -25.81 39.38
C LYS J 109 16.56 -24.28 39.39
N PRO J 110 15.81 -23.71 40.32
CA PRO J 110 15.63 -22.25 40.33
C PRO J 110 16.87 -21.51 40.79
N VAL J 111 16.93 -20.24 40.39
CA VAL J 111 17.99 -19.32 40.79
C VAL J 111 17.43 -18.16 41.60
N SER J 112 16.41 -17.50 41.08
CA SER J 112 15.74 -16.41 41.78
C SER J 112 14.57 -16.98 42.59
N ASP J 113 13.73 -16.08 43.11
CA ASP J 113 12.60 -16.51 43.91
C ASP J 113 11.54 -17.20 43.04
N VAL J 114 10.63 -17.91 43.71
CA VAL J 114 9.61 -18.71 43.04
C VAL J 114 8.27 -18.01 43.22
N THR J 115 7.49 -17.95 42.13
CA THR J 115 6.16 -17.37 42.13
C THR J 115 5.15 -18.47 41.82
N PHE J 116 4.09 -18.56 42.64
CA PHE J 116 3.08 -19.57 42.51
C PHE J 116 1.73 -18.93 42.18
N TYR J 117 1.06 -19.48 41.17
CA TYR J 117 -0.27 -19.04 40.76
C TYR J 117 -1.27 -20.17 40.95
N ASN J 118 -2.49 -19.80 41.33
CA ASN J 118 -3.60 -20.72 41.48
C ASN J 118 -4.56 -20.59 40.29
N LYS J 119 -5.67 -21.31 40.35
CA LYS J 119 -6.58 -21.37 39.21
C LYS J 119 -7.50 -20.16 39.13
N LYS J 120 -7.83 -19.52 40.26
CA LYS J 120 -8.63 -18.30 40.21
C LYS J 120 -7.78 -17.08 39.91
N GLY J 121 -6.52 -17.10 40.29
CA GLY J 121 -5.57 -16.05 39.95
C GLY J 121 -5.13 -15.23 41.15
N LEU J 122 -4.00 -15.63 41.73
CA LEU J 122 -3.35 -14.89 42.82
C LEU J 122 -1.85 -15.04 42.60
N THR J 123 -1.07 -14.72 43.63
CA THR J 123 0.38 -14.82 43.53
C THR J 123 0.96 -15.06 44.91
N TYR J 124 1.80 -16.07 45.05
CA TYR J 124 2.55 -16.31 46.28
C TYR J 124 4.04 -16.34 45.94
N LYS J 125 4.80 -15.46 46.57
CA LYS J 125 6.23 -15.35 46.32
C LYS J 125 6.99 -15.96 47.48
N ILE J 126 7.87 -16.91 47.18
CA ILE J 126 8.64 -17.59 48.21
C ILE J 126 10.10 -17.66 47.79
N ALA J 127 10.99 -17.80 48.77
CA ALA J 127 12.40 -17.98 48.52
C ALA J 127 12.69 -19.45 48.20
N VAL J 128 13.93 -19.71 47.81
CA VAL J 128 14.31 -21.05 47.36
C VAL J 128 14.60 -21.94 48.57
N SER J 129 14.11 -23.17 48.50
CA SER J 129 14.38 -24.19 49.50
C SER J 129 15.26 -25.27 48.89
N THR J 130 16.18 -25.79 49.70
CA THR J 130 17.22 -26.67 49.16
C THR J 130 16.65 -27.98 48.66
N ASP J 131 15.80 -28.64 49.45
CA ASP J 131 15.33 -29.98 49.10
C ASP J 131 14.40 -29.98 47.89
N GLY J 132 13.90 -28.82 47.47
CA GLY J 132 12.98 -28.78 46.36
C GLY J 132 11.53 -29.01 46.71
N THR J 133 11.17 -28.92 47.99
CA THR J 133 9.78 -29.05 48.42
C THR J 133 9.40 -27.81 49.20
N TYR J 134 8.31 -27.17 48.81
CA TYR J 134 7.90 -25.88 49.34
C TYR J 134 6.58 -26.01 50.09
N THR J 135 6.50 -25.38 51.26
CA THR J 135 5.26 -25.29 52.00
C THR J 135 4.30 -24.31 51.33
N ILE J 136 3.01 -24.53 51.56
CA ILE J 136 1.98 -23.71 50.92
C ILE J 136 0.95 -23.28 51.97
N PRO J 137 0.55 -22.02 52.01
CA PRO J 137 -0.44 -21.58 52.98
C PRO J 137 -1.80 -22.22 52.73
N THR J 138 -2.55 -22.40 53.81
CA THR J 138 -3.85 -23.05 53.72
C THR J 138 -4.87 -22.22 52.95
N ALA J 139 -4.80 -20.89 53.08
CA ALA J 139 -5.78 -20.04 52.41
C ALA J 139 -5.58 -19.99 50.90
N PHE J 140 -4.32 -19.94 50.46
CA PHE J 140 -4.04 -19.78 49.03
C PHE J 140 -4.41 -21.00 48.23
N ALA J 141 -4.18 -22.21 48.76
CA ALA J 141 -4.45 -23.42 48.02
C ALA J 141 -5.02 -24.47 48.97
N ALA J 142 -5.77 -25.41 48.40
CA ALA J 142 -6.38 -26.51 49.12
C ALA J 142 -5.80 -27.83 48.63
N ALA J 143 -6.25 -28.93 49.24
CA ALA J 143 -5.75 -30.24 48.88
C ALA J 143 -6.27 -30.67 47.51
N LYS J 144 -5.42 -31.34 46.74
CA LYS J 144 -5.77 -31.89 45.43
C LYS J 144 -6.27 -30.79 44.48
N ASP J 145 -5.65 -29.62 44.55
CA ASP J 145 -5.93 -28.54 43.62
C ASP J 145 -4.82 -28.47 42.57
N LYS J 146 -4.87 -27.45 41.72
CA LYS J 146 -3.90 -27.27 40.65
C LYS J 146 -3.21 -25.92 40.77
N LEU J 147 -1.90 -25.91 40.57
CA LEU J 147 -1.10 -24.70 40.68
C LEU J 147 -0.07 -24.66 39.57
N THR J 148 0.53 -23.49 39.36
CA THR J 148 1.64 -23.34 38.43
C THR J 148 2.73 -22.50 39.07
N ALA J 149 3.97 -22.70 38.61
CA ALA J 149 5.14 -22.09 39.22
C ALA J 149 6.01 -21.44 38.16
N VAL J 150 6.60 -20.31 38.51
CA VAL J 150 7.48 -19.55 37.61
C VAL J 150 8.74 -19.15 38.38
N TYR J 151 9.89 -19.32 37.76
CA TYR J 151 11.17 -18.96 38.34
C TYR J 151 12.14 -18.62 37.22
N GLN J 152 13.42 -18.54 37.56
CA GLN J 152 14.48 -18.29 36.59
C GLN J 152 15.51 -19.40 36.68
N ILE J 153 16.00 -19.84 35.52
CA ILE J 153 17.02 -20.89 35.47
C ILE J 153 18.26 -20.36 34.78
N GLU J 154 19.30 -21.18 34.69
CA GLU J 154 20.57 -20.80 34.10
C GLU J 154 20.80 -21.60 32.83
N LYS J 155 21.18 -20.91 31.75
CA LYS J 155 21.42 -21.54 30.47
C LYS J 155 22.62 -20.88 29.80
N VAL J 156 23.22 -21.60 28.86
CA VAL J 156 24.39 -21.11 28.13
C VAL J 156 24.04 -21.02 26.65
N GLY J 157 24.77 -20.16 25.95
CA GLY J 157 24.51 -19.94 24.54
C GLY J 157 25.12 -18.63 24.09
N ARG J 158 24.76 -18.26 22.86
CA ARG J 158 25.28 -17.05 22.23
C ARG J 158 24.61 -15.81 22.80
N ARG J 159 25.19 -14.64 22.50
CA ARG J 159 24.67 -13.38 22.99
C ARG J 159 25.05 -12.27 22.03
N LEU J 160 24.25 -11.21 22.04
CA LEU J 160 24.50 -10.04 21.21
C LEU J 160 23.76 -8.87 21.83
N ALA J 161 24.49 -7.83 22.23
CA ALA J 161 23.93 -6.71 22.98
C ALA J 161 23.67 -5.54 22.05
N ILE J 162 22.50 -4.94 22.19
CA ILE J 162 22.13 -3.74 21.43
C ILE J 162 22.41 -2.54 22.33
N LYS J 163 23.48 -1.82 22.04
CA LYS J 163 23.88 -0.65 22.82
C LYS J 163 23.42 0.62 22.12
N ALA J 164 23.63 1.75 22.78
CA ALA J 164 23.37 3.06 22.17
C ALA J 164 24.62 3.60 21.48
N SER J 165 25.22 2.77 20.65
CA SER J 165 26.40 3.14 19.85
C SER J 165 26.16 2.73 18.42
N LYS J 166 26.27 3.68 17.51
CA LYS J 166 25.97 3.43 16.11
C LYS J 166 26.97 2.45 15.51
N PHE J 167 26.52 1.69 14.51
CA PHE J 167 27.36 0.68 13.91
C PHE J 167 28.49 1.31 13.11
N SER J 168 29.37 0.44 12.61
CA SER J 168 30.49 0.88 11.79
C SER J 168 30.60 0.03 10.53
N GLU J 169 31.71 0.18 9.81
CA GLU J 169 32.10 -0.66 8.68
C GLU J 169 31.20 -0.46 7.47
N ARG J 170 31.75 -0.71 6.29
CA ARG J 170 31.02 -0.60 5.03
C ARG J 170 31.07 -1.95 4.32
N TYR J 171 30.08 -2.20 3.47
CA TYR J 171 29.90 -3.52 2.87
C TYR J 171 29.86 -3.42 1.34
N GLU J 172 30.46 -4.41 0.69
CA GLU J 172 30.28 -4.64 -0.72
C GLU J 172 29.17 -5.67 -0.91
N VAL J 173 28.20 -5.35 -1.76
CA VAL J 173 26.99 -6.17 -1.91
C VAL J 173 26.85 -6.56 -3.38
N GLU J 174 26.45 -7.81 -3.62
CA GLU J 174 26.29 -8.31 -4.97
C GLU J 174 24.99 -9.09 -5.10
N TYR J 175 24.24 -8.82 -6.17
CA TYR J 175 23.05 -9.55 -6.56
C TYR J 175 23.33 -10.30 -7.87
N ARG J 176 22.87 -11.55 -7.95
CA ARG J 176 23.03 -12.34 -9.17
C ARG J 176 21.71 -12.95 -9.57
N THR J 177 21.34 -12.79 -10.85
CA THR J 177 20.09 -13.34 -11.38
C THR J 177 20.32 -13.80 -12.82
N ILE J 178 19.28 -14.38 -13.42
CA ILE J 178 19.37 -14.92 -14.78
C ILE J 178 18.21 -14.40 -15.62
N ALA J 179 18.40 -14.38 -16.94
CA ALA J 179 17.41 -13.88 -17.87
C ALA J 179 17.12 -14.94 -18.93
N TYR J 180 15.92 -14.88 -19.51
CA TYR J 180 15.43 -15.91 -20.41
C TYR J 180 15.25 -15.37 -21.82
N ASN J 181 15.56 -16.21 -22.80
CA ASN J 181 15.32 -15.85 -24.20
C ASN J 181 13.83 -15.91 -24.50
N PRO J 182 13.24 -14.86 -25.03
CA PRO J 182 11.79 -14.83 -25.23
C PRO J 182 11.28 -15.88 -26.21
N ASP J 183 11.77 -15.86 -27.46
CA ASP J 183 11.18 -16.68 -28.50
C ASP J 183 11.33 -18.17 -28.21
N THR J 184 12.54 -18.61 -27.87
CA THR J 184 12.80 -19.97 -27.42
C THR J 184 13.22 -19.89 -25.96
N GLU J 185 12.38 -20.39 -25.06
CA GLU J 185 12.55 -20.14 -23.63
C GLU J 185 13.73 -20.93 -23.10
N GLU J 186 14.93 -20.44 -23.45
CA GLU J 186 16.19 -20.94 -22.93
C GLU J 186 16.90 -19.82 -22.19
N VAL J 187 17.88 -20.19 -21.38
CA VAL J 187 18.62 -19.22 -20.58
C VAL J 187 19.60 -18.49 -21.49
N TYR J 188 19.55 -17.16 -21.46
CA TYR J 188 20.37 -16.34 -22.34
C TYR J 188 21.58 -15.73 -21.64
N SER J 189 21.38 -15.13 -20.47
CA SER J 189 22.45 -14.38 -19.84
C SER J 189 22.25 -14.32 -18.34
N ASP J 190 23.30 -13.93 -17.64
CA ASP J 190 23.29 -13.69 -16.21
C ASP J 190 23.50 -12.20 -15.94
N ILE J 191 22.73 -11.67 -15.00
CA ILE J 191 22.74 -10.25 -14.67
C ILE J 191 23.25 -10.08 -13.25
N TYR J 192 24.29 -9.27 -13.10
CA TYR J 192 24.91 -8.98 -11.81
C TYR J 192 24.74 -7.51 -11.47
N ILE J 193 24.43 -7.23 -10.21
CA ILE J 193 24.35 -5.86 -9.71
C ILE J 193 25.32 -5.74 -8.55
N GLN J 194 26.24 -4.78 -8.63
CA GLN J 194 27.30 -4.62 -7.65
C GLN J 194 27.23 -3.26 -6.99
N PHE J 195 27.40 -3.25 -5.67
CA PHE J 195 27.43 -2.03 -4.87
C PHE J 195 28.75 -2.02 -4.10
N PRO J 196 29.68 -1.11 -4.40
CA PRO J 196 31.02 -1.19 -3.82
C PRO J 196 31.18 -0.46 -2.49
N ASN J 197 30.32 0.52 -2.21
CA ASN J 197 30.40 1.30 -0.96
C ASN J 197 28.97 1.54 -0.48
N VAL J 198 28.51 0.69 0.44
CA VAL J 198 27.13 0.70 0.90
C VAL J 198 27.13 0.52 2.41
N SER J 199 26.34 1.34 3.12
CA SER J 199 26.26 1.22 4.55
C SER J 199 24.94 0.57 4.96
N PRO J 200 24.92 -0.16 6.07
CA PRO J 200 23.66 -0.68 6.59
C PRO J 200 22.78 0.47 7.09
N SER J 201 21.56 0.13 7.48
CA SER J 201 20.70 1.13 8.09
C SER J 201 19.83 0.45 9.13
N GLY J 202 19.45 1.21 10.15
CA GLY J 202 18.62 0.67 11.20
C GLY J 202 17.14 0.82 10.90
N GLU J 203 16.54 -0.23 10.36
CA GLU J 203 15.09 -0.30 10.15
C GLU J 203 14.72 -1.77 10.36
N PHE J 204 14.34 -2.10 11.59
CA PHE J 204 14.04 -3.48 11.96
C PHE J 204 12.60 -3.60 12.44
N GLU J 205 11.94 -4.68 12.02
CA GLU J 205 10.62 -5.06 12.51
C GLU J 205 10.62 -6.58 12.62
N MET J 206 11.00 -7.08 13.79
CA MET J 206 11.05 -8.52 14.06
C MET J 206 9.73 -8.93 14.69
N SER J 207 8.72 -9.11 13.85
CA SER J 207 7.39 -9.49 14.29
C SER J 207 7.24 -10.99 14.25
N LEU J 208 6.81 -11.58 15.37
CA LEU J 208 6.61 -13.01 15.51
C LEU J 208 5.13 -13.26 15.77
N GLU J 209 4.35 -13.38 14.70
CA GLU J 209 2.92 -13.64 14.79
C GLU J 209 2.65 -15.12 14.53
N ASN J 210 1.55 -15.61 15.11
CA ASN J 210 1.25 -17.02 15.09
C ASN J 210 0.87 -17.48 13.68
N GLY J 211 1.44 -18.61 13.27
CA GLY J 211 1.11 -19.23 12.00
C GLY J 211 1.87 -18.71 10.81
N ASN J 212 2.74 -17.72 10.98
CA ASN J 212 3.45 -17.10 9.88
C ASN J 212 4.95 -17.22 10.08
N ALA J 213 5.68 -17.41 8.99
CA ALA J 213 7.13 -17.46 9.04
C ALA J 213 7.69 -16.07 9.33
N LEU J 214 8.97 -16.03 9.70
CA LEU J 214 9.58 -14.77 10.13
C LEU J 214 9.87 -13.85 8.95
N ALA J 215 10.61 -14.36 7.94
CA ALA J 215 11.00 -13.61 6.77
C ALA J 215 11.71 -12.31 7.14
N PRO J 216 12.94 -12.38 7.64
CA PRO J 216 13.64 -11.16 8.03
C PRO J 216 13.92 -10.24 6.85
N GLU J 217 13.95 -8.94 7.14
CA GLU J 217 14.20 -7.90 6.15
C GLU J 217 15.33 -7.00 6.62
N ILE J 218 16.26 -6.70 5.71
CA ILE J 218 17.42 -5.88 6.02
C ILE J 218 17.51 -4.76 4.98
N LYS J 219 17.96 -3.59 5.43
CA LYS J 219 17.97 -2.38 4.61
C LYS J 219 19.35 -1.77 4.58
N PHE J 220 19.83 -1.46 3.38
CA PHE J 220 21.11 -0.82 3.14
C PHE J 220 20.89 0.45 2.36
N GLU J 221 21.91 1.31 2.32
CA GLU J 221 21.79 2.54 1.57
C GLU J 221 23.17 2.97 1.10
N ALA J 222 23.24 3.45 -0.14
CA ALA J 222 24.49 3.51 -0.90
C ALA J 222 25.11 4.89 -0.85
N LEU J 223 26.44 4.92 -0.88
CA LEU J 223 27.22 6.14 -0.92
C LEU J 223 28.26 6.03 -2.03
N ALA J 224 28.65 7.18 -2.57
CA ALA J 224 29.51 7.23 -3.74
C ALA J 224 30.91 6.73 -3.43
N ASP J 225 31.48 5.96 -4.36
CA ASP J 225 32.87 5.55 -4.25
C ASP J 225 33.77 6.76 -4.45
N THR J 226 34.86 6.81 -3.68
CA THR J 226 35.71 8.00 -3.67
C THR J 226 36.62 8.09 -4.88
N ASP J 227 36.86 7.00 -5.61
CA ASP J 227 37.69 7.03 -6.81
C ASP J 227 36.86 7.11 -8.09
N THR J 228 35.99 6.14 -8.31
CA THR J 228 35.23 6.05 -9.55
C THR J 228 33.95 6.87 -9.54
N ASP J 229 33.57 7.44 -8.39
CA ASP J 229 32.34 8.21 -8.25
C ASP J 229 31.12 7.39 -8.68
N GLU J 230 31.12 6.11 -8.33
CA GLU J 230 30.05 5.19 -8.68
C GLU J 230 29.29 4.76 -7.43
N MET J 231 28.07 4.30 -7.65
CA MET J 231 27.26 3.70 -6.60
C MET J 231 26.81 2.30 -6.91
N ALA J 232 26.62 1.95 -8.18
CA ALA J 232 26.18 0.63 -8.57
C ALA J 232 26.66 0.33 -9.97
N VAL J 233 26.89 -0.95 -10.26
CA VAL J 233 27.30 -1.41 -11.58
C VAL J 233 26.41 -2.57 -11.99
N VAL J 234 25.86 -2.48 -13.20
CA VAL J 234 24.99 -3.53 -13.74
C VAL J 234 25.72 -4.20 -14.89
N ILE J 235 25.88 -5.51 -14.81
CA ILE J 235 26.63 -6.30 -15.79
C ILE J 235 25.73 -7.37 -16.36
N GLU J 236 25.74 -7.50 -17.68
CA GLU J 236 24.94 -8.50 -18.40
C GLU J 236 25.91 -9.40 -19.16
N ALA J 237 26.18 -10.58 -18.62
CA ALA J 237 27.13 -11.51 -19.20
C ALA J 237 26.38 -12.62 -19.92
N SER J 238 26.59 -12.73 -21.22
CA SER J 238 25.95 -13.79 -22.00
C SER J 238 26.50 -15.15 -21.63
N ARG J 239 25.64 -16.16 -21.69
CA ARG J 239 26.03 -17.51 -21.33
C ARG J 239 26.79 -18.23 -22.43
N ASP J 240 26.80 -17.68 -23.65
CA ASP J 240 27.54 -18.27 -24.77
C ASP J 240 28.88 -17.60 -25.00
N GLU J 241 29.41 -16.93 -23.99
CA GLU J 241 30.70 -16.24 -24.10
C GLU J 241 31.36 -16.06 -22.74
N MET K 1 27.53 31.29 -25.50
CA MET K 1 26.08 31.18 -25.45
C MET K 1 25.61 31.07 -24.00
N LYS K 2 24.29 31.22 -23.81
CA LYS K 2 23.73 31.19 -22.46
C LYS K 2 23.73 29.77 -21.92
N THR K 3 24.09 29.62 -20.65
CA THR K 3 24.20 28.32 -20.02
C THR K 3 23.62 28.39 -18.60
N VAL K 4 23.39 27.22 -18.02
CA VAL K 4 22.85 27.10 -16.66
C VAL K 4 23.92 26.50 -15.77
N ILE K 5 24.21 27.16 -14.66
CA ILE K 5 25.22 26.73 -13.70
C ILE K 5 24.51 26.39 -12.39
N GLN K 6 24.63 25.14 -11.95
CA GLN K 6 23.93 24.69 -10.75
C GLN K 6 24.81 23.78 -9.89
N ASP K 7 26.10 24.10 -9.77
CA ASP K 7 27.05 23.26 -9.05
C ASP K 7 28.09 24.11 -8.33
N THR K 8 28.70 23.52 -7.31
CA THR K 8 29.76 24.15 -6.54
C THR K 8 31.11 23.89 -7.20
N ALA K 9 31.98 24.88 -7.14
CA ALA K 9 33.30 24.76 -7.74
C ALA K 9 34.17 23.82 -6.90
N ASP K 10 35.27 23.39 -7.50
CA ASP K 10 36.30 22.60 -6.83
C ASP K 10 37.50 23.51 -6.56
N VAL K 11 37.93 23.56 -5.32
CA VAL K 11 38.95 24.53 -4.90
C VAL K 11 40.33 23.89 -4.96
N TYR K 12 41.31 24.70 -5.33
CA TYR K 12 42.71 24.29 -5.36
C TYR K 12 43.55 25.42 -4.79
N PHE K 13 44.39 25.10 -3.81
CA PHE K 13 45.27 26.07 -3.16
C PHE K 13 46.72 25.70 -3.43
N LYS K 14 47.56 26.71 -3.64
CA LYS K 14 48.98 26.47 -3.84
C LYS K 14 49.76 27.63 -3.22
N ARG K 15 50.94 27.32 -2.69
CA ARG K 15 51.77 28.32 -2.01
C ARG K 15 52.99 28.65 -2.84
N LYS K 16 53.28 29.95 -2.96
CA LYS K 16 54.35 30.42 -3.84
C LYS K 16 55.74 30.09 -3.33
N SER K 17 55.90 29.90 -2.02
CA SER K 17 57.25 29.83 -1.45
C SER K 17 57.96 28.53 -1.81
N ASP K 18 57.42 27.39 -1.36
CA ASP K 18 58.04 26.10 -1.62
C ASP K 18 57.25 25.22 -2.58
N GLY K 19 55.96 25.44 -2.71
CA GLY K 19 55.14 24.59 -3.56
C GLY K 19 54.40 23.54 -2.77
N LYS K 20 53.09 23.71 -2.64
CA LYS K 20 52.23 22.74 -1.98
C LYS K 20 50.87 22.76 -2.65
N LEU K 21 50.12 21.68 -2.50
CA LEU K 21 48.83 21.54 -3.18
C LEU K 21 47.85 20.81 -2.29
N VAL K 22 46.76 21.49 -1.95
CA VAL K 22 45.62 20.87 -1.30
C VAL K 22 44.40 21.09 -2.18
N PHE K 23 43.45 20.18 -2.10
CA PHE K 23 42.25 20.28 -2.93
C PHE K 23 41.10 19.60 -2.23
N THR K 24 39.90 20.11 -2.48
CA THR K 24 38.66 19.50 -2.00
C THR K 24 37.68 19.38 -3.15
N ALA K 25 37.55 18.19 -3.71
CA ALA K 25 36.44 17.91 -4.61
C ALA K 25 35.12 17.87 -3.87
N GLU K 26 35.17 17.83 -2.55
CA GLU K 26 34.00 17.96 -1.68
C GLU K 26 34.02 19.37 -1.11
N ALA K 27 33.00 20.16 -1.47
CA ALA K 27 32.93 21.53 -1.03
C ALA K 27 31.47 21.96 -0.97
N GLN K 28 31.19 22.92 -0.10
CA GLN K 28 29.82 23.35 0.11
C GLN K 28 29.53 24.72 -0.47
N THR K 29 30.48 25.65 -0.45
CA THR K 29 30.30 26.91 -1.16
C THR K 29 31.63 27.58 -1.47
N ALA K 30 31.62 28.37 -2.55
CA ALA K 30 32.77 29.15 -2.99
C ALA K 30 32.27 30.46 -3.58
N SER K 31 32.54 31.57 -2.90
CA SER K 31 31.99 32.87 -3.26
C SER K 31 33.06 33.73 -3.93
N PHE K 32 32.61 34.89 -4.43
CA PHE K 32 33.45 35.79 -5.21
C PHE K 32 32.83 37.18 -5.10
N SER K 33 33.38 38.03 -4.22
CA SER K 33 32.78 39.32 -3.95
C SER K 33 33.70 40.45 -4.40
N GLN K 34 33.12 41.50 -4.94
CA GLN K 34 33.86 42.67 -5.38
C GLN K 34 33.18 43.92 -4.84
N ALA K 35 33.99 44.87 -4.36
CA ALA K 35 33.47 46.12 -3.83
C ALA K 35 34.45 47.24 -4.15
N ILE K 36 33.93 48.47 -4.16
CA ILE K 36 34.75 49.65 -4.33
C ILE K 36 34.49 50.62 -3.19
N GLU K 56 39.80 52.65 -6.00
CA GLU K 56 40.35 51.36 -5.62
C GLU K 56 39.30 50.26 -5.75
N LYS K 57 39.77 49.01 -5.81
CA LYS K 57 38.88 47.87 -5.96
C LYS K 57 39.36 46.75 -5.05
N GLU K 58 38.42 46.15 -4.32
CA GLU K 58 38.73 45.05 -3.41
C GLU K 58 37.94 43.81 -3.80
N ILE K 59 38.62 42.68 -3.83
CA ILE K 59 38.00 41.40 -4.17
C ILE K 59 38.27 40.39 -3.06
N ASN K 60 37.22 39.71 -2.62
CA ASN K 60 37.26 38.78 -1.51
C ASN K 60 36.74 37.41 -1.92
N LEU K 61 37.29 36.38 -1.28
CA LEU K 61 36.91 35.00 -1.51
C LEU K 61 36.49 34.37 -0.19
N THR K 62 35.44 33.57 -0.23
CA THR K 62 34.99 32.82 0.94
C THR K 62 34.66 31.40 0.51
N VAL K 63 35.39 30.44 1.06
CA VAL K 63 35.20 29.02 0.72
C VAL K 63 34.85 28.26 1.99
N LYS K 64 33.80 27.46 1.90
CA LYS K 64 33.32 26.65 3.01
C LYS K 64 33.24 25.20 2.57
N ASN K 65 33.94 24.33 3.29
CA ASN K 65 33.99 22.90 3.10
C ASN K 65 33.03 22.21 4.07
N ALA K 66 32.82 20.91 3.86
CA ALA K 66 31.99 20.12 4.76
C ALA K 66 32.78 19.08 5.53
N PHE K 67 34.10 19.07 5.40
CA PHE K 67 34.99 18.24 6.19
C PHE K 67 35.93 19.12 7.02
N PHE K 68 36.62 18.51 7.97
CA PHE K 68 37.56 19.21 8.83
C PHE K 68 38.97 18.72 8.58
N ASP K 69 39.92 19.66 8.56
CA ASP K 69 41.32 19.35 8.38
C ASP K 69 42.14 20.44 9.04
N LEU K 70 43.26 20.05 9.65
CA LEU K 70 44.06 21.00 10.42
C LEU K 70 44.84 21.96 9.54
N GLU K 71 45.18 21.56 8.31
CA GLU K 71 45.88 22.46 7.40
C GLU K 71 44.99 23.64 7.00
N TRP K 72 43.69 23.43 6.91
CA TRP K 72 42.78 24.53 6.59
C TRP K 72 42.81 25.59 7.68
N LEU K 73 42.94 25.16 8.94
CA LEU K 73 43.14 26.10 10.04
C LEU K 73 44.53 26.72 10.04
N ALA K 74 45.55 25.94 9.69
CA ALA K 74 46.91 26.47 9.60
C ALA K 74 47.05 27.51 8.50
N MET K 75 46.16 27.50 7.51
CA MET K 75 46.18 28.55 6.49
C MET K 75 45.97 29.93 7.11
N THR K 76 45.04 30.04 8.06
CA THR K 76 44.72 31.34 8.66
C THR K 76 45.88 31.88 9.49
N GLN K 77 46.42 31.08 10.39
CA GLN K 77 47.56 31.46 11.23
C GLN K 77 48.71 30.54 10.89
N GLY K 78 49.52 30.93 9.90
CA GLY K 78 50.58 30.05 9.46
C GLY K 78 51.90 30.24 10.16
N GLU K 79 52.16 29.44 11.19
CA GLU K 79 53.49 29.33 11.78
C GLU K 79 54.06 27.93 11.61
N THR K 80 53.38 26.91 12.14
CA THR K 80 53.80 25.52 12.08
C THR K 80 52.62 24.63 12.44
N ILE K 81 52.77 23.34 12.16
CA ILE K 81 51.81 22.33 12.59
C ILE K 81 52.53 21.21 13.31
N GLN K 82 53.61 21.55 14.01
CA GLN K 82 54.51 20.56 14.59
C GLN K 82 53.75 19.48 15.37
N GLU K 83 54.27 18.27 15.31
CA GLU K 83 53.57 17.07 15.75
C GLU K 83 54.34 16.37 16.86
N GLU K 84 53.73 15.32 17.39
CA GLU K 84 54.34 14.45 18.41
C GLU K 84 54.75 15.25 19.64
N THR K 85 53.84 16.08 20.13
CA THR K 85 54.05 16.87 21.34
C THR K 85 53.04 16.44 22.40
N LYS K 86 53.44 16.55 23.66
CA LYS K 86 52.61 16.14 24.78
C LYS K 86 51.99 17.37 25.44
N VAL K 87 50.69 17.28 25.71
CA VAL K 87 49.98 18.37 26.38
C VAL K 87 49.09 17.80 27.48
N LYS K 88 48.52 18.68 28.31
CA LYS K 88 47.66 18.27 29.40
C LYS K 88 46.20 18.48 29.00
N VAL K 89 45.39 17.45 29.20
CA VAL K 89 43.98 17.50 28.81
C VAL K 89 43.12 16.94 29.93
N PHE K 90 42.16 17.74 30.39
CA PHE K 90 41.28 17.34 31.49
C PHE K 90 40.44 16.12 31.12
N ASP K 91 40.33 15.17 32.04
CA ASP K 91 39.52 13.98 31.85
C ASP K 91 38.67 13.73 33.09
N ARG K 92 37.63 12.91 32.92
CA ARG K 92 36.65 12.67 33.96
C ARG K 92 36.31 11.19 33.99
N GLU K 93 35.73 10.77 35.12
CA GLU K 93 35.21 9.42 35.26
C GLU K 93 33.99 9.45 36.16
N HIS K 94 33.10 8.49 35.96
CA HIS K 94 31.81 8.45 36.64
C HIS K 94 31.55 7.05 37.19
N GLY K 95 30.57 6.97 38.09
CA GLY K 95 30.11 5.71 38.63
C GLY K 95 30.91 5.18 39.81
N LEU K 96 31.82 5.98 40.36
CA LEU K 96 32.63 5.55 41.49
C LEU K 96 31.76 5.24 42.70
N ILE K 97 32.05 4.13 43.36
CA ILE K 97 31.30 3.69 44.53
C ILE K 97 32.12 3.95 45.78
N VAL K 98 31.44 4.17 46.90
CA VAL K 98 32.12 4.44 48.16
C VAL K 98 32.15 3.16 49.00
N ASP K 99 33.27 2.97 49.70
CA ASP K 99 33.50 1.79 50.53
C ASP K 99 33.39 2.15 52.00
N ASP K 100 33.19 1.12 52.82
CA ASP K 100 33.07 1.32 54.27
C ASP K 100 34.36 1.90 54.85
N THR K 101 35.50 1.53 54.28
CA THR K 101 36.78 2.03 54.75
C THR K 101 36.95 3.53 54.47
N ASN K 102 36.09 4.12 53.65
CA ASN K 102 36.19 5.53 53.28
C ASN K 102 37.52 5.83 52.60
N LYS K 103 38.07 4.82 51.93
CA LYS K 103 39.34 4.92 51.21
C LYS K 103 39.11 4.32 49.83
N VAL K 104 38.88 5.17 48.84
CA VAL K 104 38.43 4.74 47.52
C VAL K 104 39.58 4.83 46.54
N THR K 105 39.80 3.78 45.77
CA THR K 105 40.87 3.73 44.78
C THR K 105 40.29 3.89 43.38
N LEU K 106 40.93 4.76 42.59
CA LEU K 106 40.49 5.03 41.23
C LEU K 106 41.05 3.95 40.29
N LYS K 107 40.86 4.14 38.99
CA LYS K 107 41.39 3.23 37.98
C LYS K 107 42.05 3.99 36.83
N GLY K 108 42.42 5.25 37.05
CA GLY K 108 43.11 6.03 36.03
C GLY K 108 44.51 6.40 36.47
N LYS K 109 45.10 7.39 35.79
CA LYS K 109 46.46 7.86 36.10
C LYS K 109 46.44 9.37 36.27
N PRO K 110 46.00 9.88 37.42
CA PRO K 110 46.03 11.33 37.64
C PRO K 110 47.44 11.88 37.58
N VAL K 111 47.55 13.13 37.10
CA VAL K 111 48.82 13.85 37.05
C VAL K 111 48.83 15.03 38.02
N SER K 112 47.70 15.69 38.20
CA SER K 112 47.57 16.84 39.09
C SER K 112 46.45 16.57 40.09
N ASP K 113 46.03 17.61 40.80
CA ASP K 113 45.04 17.47 41.85
C ASP K 113 43.74 16.86 41.32
N VAL K 114 43.15 15.99 42.13
CA VAL K 114 41.94 15.27 41.77
C VAL K 114 40.76 15.92 42.49
N THR K 115 39.64 16.06 41.79
CA THR K 115 38.44 16.67 42.35
C THR K 115 37.29 15.66 42.35
N PHE K 116 36.60 15.56 43.48
CA PHE K 116 35.45 14.68 43.65
C PHE K 116 34.18 15.50 43.74
N TYR K 117 33.13 15.05 43.06
CA TYR K 117 31.82 15.69 43.10
C TYR K 117 30.78 14.69 43.55
N ASN K 118 29.93 15.11 44.49
CA ASN K 118 28.88 14.25 45.02
C ASN K 118 27.58 14.42 44.24
N LYS K 119 26.48 13.89 44.77
CA LYS K 119 25.20 13.87 44.07
C LYS K 119 24.31 15.03 44.49
N LYS K 120 24.85 15.97 45.27
CA LYS K 120 24.11 17.16 45.66
C LYS K 120 24.86 18.42 45.24
N GLY K 121 26.14 18.25 44.90
CA GLY K 121 26.97 19.36 44.49
C GLY K 121 27.93 19.81 45.59
N LEU K 122 29.17 19.35 45.51
CA LEU K 122 30.21 19.68 46.47
C LEU K 122 31.55 19.40 45.83
N THR K 123 32.61 19.96 46.43
CA THR K 123 33.95 19.89 45.88
C THR K 123 34.88 19.26 46.90
N TYR K 124 35.20 17.98 46.74
CA TYR K 124 36.18 17.31 47.59
C TYR K 124 37.53 17.22 46.87
N LYS K 125 38.26 18.33 46.91
CA LYS K 125 39.61 18.36 46.37
C LYS K 125 40.52 17.48 47.22
N ILE K 126 41.27 16.59 46.57
CA ILE K 126 42.08 15.63 47.31
C ILE K 126 43.51 15.66 46.78
N ALA K 127 44.43 15.00 47.47
CA ALA K 127 45.82 14.89 47.07
C ALA K 127 46.01 13.60 46.28
N VAL K 128 47.19 13.48 45.67
CA VAL K 128 47.54 12.35 44.82
C VAL K 128 48.28 11.31 45.65
N SER K 129 47.93 10.04 45.45
CA SER K 129 48.55 8.93 46.16
C SER K 129 49.16 7.97 45.14
N THR K 130 50.36 7.46 45.45
CA THR K 130 51.03 6.56 44.53
C THR K 130 50.22 5.30 44.28
N ASP K 131 49.65 4.72 45.34
CA ASP K 131 48.81 3.54 45.18
C ASP K 131 47.45 3.86 44.57
N GLY K 132 47.04 5.12 44.58
CA GLY K 132 45.79 5.53 43.99
C GLY K 132 44.63 5.64 44.96
N THR K 133 44.74 5.03 46.13
CA THR K 133 43.66 5.13 47.11
C THR K 133 43.65 6.51 47.76
N TYR K 134 42.47 7.10 47.83
CA TYR K 134 42.26 8.43 48.39
C TYR K 134 41.34 8.35 49.59
N THR K 135 41.62 9.19 50.58
CA THR K 135 40.88 9.24 51.84
C THR K 135 39.62 10.07 51.65
N ILE K 136 38.49 9.51 52.08
CA ILE K 136 37.20 10.19 52.00
C ILE K 136 36.69 10.38 53.42
N PRO K 137 36.24 11.58 53.79
CA PRO K 137 35.75 11.79 55.16
C PRO K 137 34.31 11.34 55.32
N THR K 138 33.92 11.16 56.58
CA THR K 138 32.53 10.83 56.87
C THR K 138 31.62 12.03 56.67
N ALA K 139 32.18 13.25 56.72
CA ALA K 139 31.38 14.46 56.62
C ALA K 139 30.99 14.81 55.19
N PHE K 140 31.68 14.26 54.19
CA PHE K 140 31.40 14.62 52.80
C PHE K 140 30.19 13.85 52.27
N ALA K 141 30.28 12.53 52.22
CA ALA K 141 29.20 11.72 51.68
C ALA K 141 29.17 10.38 52.41
N ALA K 142 28.01 9.75 52.40
CA ALA K 142 27.84 8.47 53.06
C ALA K 142 28.39 7.34 52.19
N ALA K 143 28.43 6.14 52.76
CA ALA K 143 28.89 4.97 52.03
C ALA K 143 27.89 4.59 50.94
N LYS K 144 28.39 3.83 49.96
CA LYS K 144 27.59 3.40 48.81
C LYS K 144 27.01 4.59 48.06
N ASP K 145 27.79 5.66 47.95
CA ASP K 145 27.40 6.86 47.24
C ASP K 145 28.08 6.91 45.88
N LYS K 146 27.54 7.76 44.99
CA LYS K 146 28.04 7.90 43.63
C LYS K 146 28.66 9.28 43.49
N LEU K 147 29.99 9.32 43.42
CA LEU K 147 30.74 10.56 43.25
C LEU K 147 31.57 10.47 41.98
N THR K 148 31.49 11.50 41.14
CA THR K 148 32.30 11.54 39.93
C THR K 148 33.64 12.19 40.22
N ALA K 149 34.61 11.91 39.35
CA ALA K 149 35.98 12.38 39.56
C ALA K 149 36.47 13.11 38.33
N VAL K 150 37.31 14.12 38.56
CA VAL K 150 37.91 14.93 37.50
C VAL K 150 39.40 15.07 37.78
N TYR K 151 40.22 14.85 36.76
CA TYR K 151 41.67 14.94 36.90
C TYR K 151 42.29 15.28 35.54
N GLN K 152 43.61 15.14 35.46
CA GLN K 152 44.37 15.49 34.26
C GLN K 152 45.27 14.33 33.85
N ILE K 153 45.37 14.11 32.54
CA ILE K 153 46.31 13.16 31.96
C ILE K 153 47.00 13.81 30.76
N GLU K 154 48.29 13.56 30.63
CA GLU K 154 49.03 14.05 29.47
C GLU K 154 48.80 13.12 28.28
N LYS K 155 48.75 13.72 27.10
CA LYS K 155 48.49 12.97 25.88
C LYS K 155 49.36 13.52 24.75
N VAL K 156 49.67 12.66 23.80
CA VAL K 156 50.61 12.95 22.71
C VAL K 156 49.83 13.15 21.42
N GLY K 157 50.16 14.20 20.68
CA GLY K 157 49.47 14.49 19.44
C GLY K 157 50.04 15.73 18.78
N ARG K 158 49.31 16.22 17.78
CA ARG K 158 49.72 17.41 17.05
C ARG K 158 49.48 18.66 17.88
N ARG K 159 49.97 19.79 17.38
CA ARG K 159 49.87 21.04 18.13
C ARG K 159 49.95 22.23 17.18
N LEU K 160 49.10 23.23 17.41
CA LEU K 160 49.15 24.50 16.71
C LEU K 160 48.78 25.60 17.69
N ALA K 161 49.51 26.71 17.63
CA ALA K 161 49.33 27.82 18.57
C ALA K 161 48.92 29.08 17.81
N ILE K 162 48.10 29.89 18.44
CA ILE K 162 47.58 31.11 17.85
C ILE K 162 48.26 32.30 18.54
N LYS K 163 49.10 33.01 17.79
CA LYS K 163 49.79 34.19 18.28
C LYS K 163 49.11 35.45 17.75
N ALA K 164 49.74 36.59 17.97
CA ALA K 164 49.23 37.89 17.52
C ALA K 164 50.25 38.62 16.66
N SER K 165 50.87 37.91 15.72
CA SER K 165 51.91 38.51 14.91
C SER K 165 52.03 37.77 13.58
N LYS K 166 52.70 38.43 12.63
CA LYS K 166 53.21 37.91 11.36
C LYS K 166 52.12 37.45 10.40
N PHE K 167 52.41 37.51 9.10
CA PHE K 167 51.50 37.05 8.07
C PHE K 167 52.29 36.94 6.77
N SER K 168 52.27 35.76 6.16
CA SER K 168 53.09 35.50 4.99
C SER K 168 52.41 34.43 4.13
N GLU K 169 53.18 33.82 3.24
CA GLU K 169 52.76 32.68 2.43
C GLU K 169 51.59 33.05 1.51
N ARG K 170 51.91 33.93 0.56
CA ARG K 170 50.97 34.26 -0.51
C ARG K 170 50.62 33.03 -1.32
N TYR K 171 49.37 32.97 -1.78
CA TYR K 171 48.81 31.78 -2.41
C TYR K 171 48.31 32.10 -3.81
N GLU K 172 48.13 31.03 -4.59
CA GLU K 172 47.28 31.05 -5.78
C GLU K 172 46.15 30.06 -5.60
N VAL K 173 44.94 30.49 -5.91
CA VAL K 173 43.72 29.72 -5.70
C VAL K 173 43.00 29.57 -7.04
N GLU K 174 42.41 28.39 -7.26
CA GLU K 174 41.70 28.09 -8.49
C GLU K 174 40.36 27.44 -8.19
N TYR K 175 39.32 27.88 -8.89
CA TYR K 175 38.01 27.26 -8.85
C TYR K 175 37.72 26.59 -10.19
N ARG K 176 36.68 25.75 -10.20
CA ARG K 176 36.29 25.07 -11.44
C ARG K 176 34.88 24.54 -11.30
N THR K 177 33.99 24.94 -12.20
CA THR K 177 32.61 24.46 -12.23
C THR K 177 32.26 24.06 -13.67
N ILE K 178 31.00 23.66 -13.87
CA ILE K 178 30.54 23.20 -15.17
C ILE K 178 29.28 23.96 -15.56
N ALA K 179 29.03 24.01 -16.88
CA ALA K 179 27.90 24.70 -17.45
C ALA K 179 27.11 23.76 -18.35
N TYR K 180 25.80 24.01 -18.44
CA TYR K 180 24.89 23.09 -19.11
C TYR K 180 24.15 23.79 -20.24
N ASN K 181 23.89 23.04 -21.31
CA ASN K 181 23.08 23.51 -22.42
C ASN K 181 21.60 23.43 -22.05
N PRO K 182 20.85 24.54 -22.09
CA PRO K 182 19.46 24.50 -21.64
C PRO K 182 18.49 23.79 -22.56
N ASP K 183 18.83 23.61 -23.84
CA ASP K 183 17.91 22.99 -24.79
C ASP K 183 18.14 21.51 -24.97
N THR K 184 19.32 20.99 -24.64
CA THR K 184 19.63 19.58 -24.78
C THR K 184 20.10 18.91 -23.49
N GLU K 185 20.29 19.68 -22.42
CA GLU K 185 20.69 19.16 -21.10
C GLU K 185 22.01 18.41 -21.16
N GLU K 186 22.92 18.85 -22.02
CA GLU K 186 24.27 18.31 -22.08
C GLU K 186 25.27 19.30 -21.49
N VAL K 187 26.35 18.76 -20.93
CA VAL K 187 27.40 19.62 -20.42
C VAL K 187 28.10 20.29 -21.59
N TYR K 188 28.18 21.62 -21.53
CA TYR K 188 28.63 22.41 -22.67
C TYR K 188 30.02 22.99 -22.50
N SER K 189 30.36 23.49 -21.32
CA SER K 189 31.64 24.17 -21.14
C SER K 189 32.08 24.06 -19.69
N ASP K 190 33.37 24.26 -19.48
CA ASP K 190 33.97 24.35 -18.16
C ASP K 190 34.26 25.81 -17.84
N ILE K 191 33.84 26.23 -16.65
CA ILE K 191 33.99 27.61 -16.20
C ILE K 191 35.03 27.63 -15.09
N TYR K 192 36.06 28.44 -15.25
CA TYR K 192 37.13 28.60 -14.28
C TYR K 192 37.17 30.03 -13.77
N ILE K 193 37.37 30.19 -12.47
CA ILE K 193 37.65 31.48 -11.87
C ILE K 193 38.93 31.31 -11.06
N GLN K 194 40.01 31.90 -11.53
CA GLN K 194 41.32 31.68 -10.94
C GLN K 194 41.90 33.00 -10.42
N PHE K 195 42.75 32.89 -9.40
CA PHE K 195 43.22 34.02 -8.62
C PHE K 195 44.72 33.97 -8.40
N PRO K 196 45.48 34.92 -8.95
CA PRO K 196 46.89 35.04 -8.59
C PRO K 196 47.11 36.06 -7.48
N ASN K 197 48.12 35.77 -6.64
CA ASN K 197 48.55 36.66 -5.57
C ASN K 197 47.39 36.96 -4.60
N VAL K 198 46.94 35.90 -3.93
CA VAL K 198 45.85 35.97 -2.96
C VAL K 198 46.41 35.71 -1.58
N SER K 199 46.04 36.60 -0.61
CA SER K 199 46.51 36.50 0.77
C SER K 199 45.38 36.06 1.69
N PRO K 200 45.70 35.44 2.82
CA PRO K 200 44.66 35.04 3.78
C PRO K 200 44.18 36.23 4.58
N SER K 201 43.20 35.98 5.44
CA SER K 201 42.65 37.03 6.29
C SER K 201 42.28 36.44 7.64
N GLY K 202 42.40 37.26 8.67
CA GLY K 202 42.15 36.80 10.02
C GLY K 202 40.69 36.92 10.45
N GLU K 203 39.79 36.37 9.65
CA GLU K 203 38.36 36.34 9.96
C GLU K 203 37.95 34.87 10.01
N PHE K 204 37.94 34.32 11.22
CA PHE K 204 37.58 32.93 11.44
C PHE K 204 36.43 32.85 12.42
N GLU K 205 35.55 31.89 12.20
CA GLU K 205 34.43 31.61 13.11
C GLU K 205 34.29 30.09 13.13
N MET K 206 34.46 29.51 14.32
CA MET K 206 34.25 28.09 14.55
C MET K 206 33.17 27.92 15.61
N SER K 207 32.13 27.16 15.27
CA SER K 207 31.02 26.90 16.18
C SER K 207 30.64 25.43 16.14
N LEU K 208 30.68 24.78 17.29
CA LEU K 208 30.29 23.39 17.42
C LEU K 208 28.89 23.36 18.04
N GLU K 209 27.88 23.29 17.18
CA GLU K 209 26.49 23.28 17.63
C GLU K 209 26.09 21.87 18.03
N ASN K 210 24.80 21.67 18.27
CA ASN K 210 24.27 20.38 18.71
C ASN K 210 23.63 19.69 17.52
N GLY K 211 24.23 18.59 17.09
CA GLY K 211 23.68 17.83 15.98
C GLY K 211 23.88 18.45 14.61
N ASN K 212 24.90 19.29 14.44
CA ASN K 212 25.15 19.95 13.17
C ASN K 212 26.61 19.74 12.77
N ALA K 213 26.82 19.58 11.46
CA ALA K 213 28.17 19.48 10.94
C ALA K 213 28.90 20.80 11.09
N LEU K 214 30.23 20.72 11.25
CA LEU K 214 31.01 21.91 11.57
C LEU K 214 31.06 22.89 10.40
N ALA K 215 31.36 22.39 9.19
CA ALA K 215 31.44 23.20 7.98
C ALA K 215 32.37 24.39 8.15
N PRO K 216 33.68 24.18 8.16
CA PRO K 216 34.61 25.30 8.37
C PRO K 216 34.55 26.33 7.26
N GLU K 217 34.86 27.57 7.64
CA GLU K 217 34.87 28.71 6.75
C GLU K 217 36.28 29.24 6.59
N ILE K 218 36.55 29.82 5.43
CA ILE K 218 37.87 30.35 5.11
C ILE K 218 37.70 31.58 4.22
N LYS K 219 38.39 32.67 4.56
CA LYS K 219 38.22 33.96 3.90
C LYS K 219 39.57 34.49 3.46
N PHE K 220 39.72 34.75 2.16
CA PHE K 220 40.91 35.33 1.54
C PHE K 220 40.60 36.65 0.84
N GLU K 221 41.67 37.38 0.55
CA GLU K 221 41.59 38.64 -0.18
C GLU K 221 42.54 38.58 -1.37
N ALA K 222 42.24 39.37 -2.40
CA ALA K 222 43.01 39.35 -3.63
C ALA K 222 43.74 40.67 -3.86
N LEU K 223 44.89 40.60 -4.51
CA LEU K 223 45.70 41.78 -4.82
C LEU K 223 46.38 41.58 -6.17
N ALA K 224 46.98 42.66 -6.68
CA ALA K 224 47.64 42.62 -7.98
C ALA K 224 48.85 41.69 -7.93
N ASP K 225 49.16 41.07 -9.07
CA ASP K 225 50.08 39.94 -9.00
C ASP K 225 51.55 40.37 -8.96
N THR K 226 52.14 40.73 -10.11
CA THR K 226 53.36 41.53 -10.08
C THR K 226 53.50 42.42 -11.31
N ASP K 227 52.97 41.97 -12.45
CA ASP K 227 53.24 42.62 -13.71
C ASP K 227 52.05 42.69 -14.66
N THR K 228 50.92 42.08 -14.32
CA THR K 228 49.76 42.08 -15.19
C THR K 228 48.58 42.85 -14.61
N ASP K 229 48.64 43.25 -13.35
CA ASP K 229 47.55 43.99 -12.70
C ASP K 229 46.24 43.20 -12.76
N GLU K 230 46.36 41.88 -12.71
CA GLU K 230 45.20 40.99 -12.74
C GLU K 230 44.98 40.40 -11.35
N MET K 231 43.75 40.52 -10.86
CA MET K 231 43.39 39.96 -9.56
C MET K 231 42.46 38.76 -9.66
N ALA K 232 41.77 38.59 -10.78
CA ALA K 232 40.89 37.44 -10.98
C ALA K 232 40.67 37.26 -12.47
N VAL K 233 40.76 36.00 -12.93
CA VAL K 233 40.59 35.68 -14.34
C VAL K 233 39.43 34.69 -14.48
N VAL K 234 38.50 35.00 -15.38
CA VAL K 234 37.36 34.14 -15.66
C VAL K 234 37.55 33.53 -17.04
N ILE K 235 37.33 32.23 -17.13
CA ILE K 235 37.65 31.45 -18.34
C ILE K 235 36.49 30.54 -18.64
N GLU K 236 36.09 30.47 -19.91
CA GLU K 236 35.09 29.51 -20.37
C GLU K 236 35.68 28.70 -21.51
N ALA K 237 35.74 27.38 -21.33
CA ALA K 237 36.32 26.49 -22.34
C ALA K 237 35.28 25.46 -22.74
N SER K 238 34.87 25.49 -24.00
CA SER K 238 33.84 24.57 -24.48
C SER K 238 34.38 23.15 -24.58
N ARG K 239 33.47 22.18 -24.53
CA ARG K 239 33.82 20.77 -24.59
C ARG K 239 33.93 20.25 -26.02
N ASP K 240 33.70 21.10 -27.02
CA ASP K 240 33.80 20.71 -28.42
C ASP K 240 35.10 21.17 -29.07
N GLU K 241 36.03 21.69 -28.28
CA GLU K 241 37.34 22.06 -28.79
C GLU K 241 38.39 22.04 -27.68
N MET L 1 -18.33 11.87 -30.35
CA MET L 1 -18.85 10.50 -30.28
C MET L 1 -18.15 9.74 -29.16
N LYS L 2 -18.94 9.17 -28.27
CA LYS L 2 -18.39 8.41 -27.15
C LYS L 2 -17.73 7.14 -27.64
N THR L 3 -16.56 6.84 -27.09
CA THR L 3 -15.79 5.65 -27.47
C THR L 3 -15.49 4.83 -26.22
N VAL L 4 -14.86 3.67 -26.45
CA VAL L 4 -14.41 2.79 -25.38
C VAL L 4 -12.96 2.42 -25.66
N ILE L 5 -12.08 2.74 -24.72
CA ILE L 5 -10.66 2.43 -24.84
C ILE L 5 -10.33 1.26 -23.93
N GLN L 6 -9.64 0.26 -24.47
CA GLN L 6 -9.39 -0.96 -23.72
C GLN L 6 -7.98 -1.50 -23.88
N ASP L 7 -7.11 -0.87 -24.67
CA ASP L 7 -5.74 -1.34 -24.85
C ASP L 7 -4.76 -0.33 -24.25
N THR L 8 -3.49 -0.72 -24.27
CA THR L 8 -2.39 0.16 -23.92
C THR L 8 -1.99 0.96 -25.15
N ALA L 9 -0.87 1.67 -25.06
CA ALA L 9 -0.40 2.50 -26.15
C ALA L 9 0.95 2.01 -26.67
N ASP L 10 1.17 2.21 -27.96
CA ASP L 10 2.48 2.09 -28.56
C ASP L 10 3.24 3.39 -28.30
N VAL L 11 4.46 3.26 -27.78
CA VAL L 11 5.23 4.39 -27.27
C VAL L 11 6.46 4.57 -28.14
N TYR L 12 6.67 5.79 -28.60
CA TYR L 12 7.82 6.14 -29.44
C TYR L 12 8.65 7.21 -28.73
N PHE L 13 9.95 6.95 -28.61
CA PHE L 13 10.89 7.86 -27.98
C PHE L 13 11.86 8.41 -29.02
N LYS L 14 12.21 9.69 -28.88
CA LYS L 14 13.19 10.32 -29.74
C LYS L 14 14.12 11.18 -28.89
N ARG L 15 15.40 11.18 -29.24
CA ARG L 15 16.40 11.95 -28.51
C ARG L 15 16.71 13.23 -29.26
N LYS L 16 16.60 14.36 -28.57
CA LYS L 16 16.86 15.66 -29.20
C LYS L 16 18.32 16.07 -29.05
N SER L 17 19.22 15.15 -29.35
CA SER L 17 20.65 15.44 -29.44
C SER L 17 21.27 14.87 -30.71
N ASP L 18 20.86 13.68 -31.12
CA ASP L 18 21.38 13.03 -32.32
C ASP L 18 20.29 12.56 -33.27
N GLY L 19 19.16 12.09 -32.76
CA GLY L 19 18.07 11.64 -33.61
C GLY L 19 17.77 10.16 -33.50
N LYS L 20 18.02 9.58 -32.33
CA LYS L 20 17.74 8.17 -32.13
C LYS L 20 16.25 7.91 -32.00
N LEU L 21 15.85 6.68 -32.30
CA LEU L 21 14.46 6.26 -32.20
C LEU L 21 14.41 4.95 -31.43
N VAL L 22 13.69 4.94 -30.31
CA VAL L 22 13.48 3.76 -29.50
C VAL L 22 11.99 3.54 -29.39
N PHE L 23 11.52 2.36 -29.79
CA PHE L 23 10.10 2.07 -29.85
C PHE L 23 9.79 0.80 -29.07
N THR L 24 8.55 0.72 -28.61
CA THR L 24 8.09 -0.42 -27.82
C THR L 24 6.69 -0.79 -28.26
N ALA L 25 6.50 -2.06 -28.62
CA ALA L 25 5.20 -2.58 -29.04
C ALA L 25 4.61 -3.56 -28.03
N GLU L 26 5.24 -3.74 -26.89
CA GLU L 26 4.80 -4.67 -25.86
C GLU L 26 4.61 -3.94 -24.53
N ALA L 27 4.03 -2.75 -24.58
CA ALA L 27 3.84 -1.95 -23.38
C ALA L 27 2.80 -2.58 -22.47
N GLN L 28 2.89 -2.25 -21.18
CA GLN L 28 1.95 -2.77 -20.19
C GLN L 28 1.23 -1.64 -19.49
N THR L 29 1.83 -0.45 -19.46
CA THR L 29 1.18 0.70 -18.86
C THR L 29 1.71 1.97 -19.50
N ALA L 30 0.81 2.84 -19.94
CA ALA L 30 1.17 4.15 -20.46
C ALA L 30 0.23 5.18 -19.87
N SER L 31 0.76 6.09 -19.04
CA SER L 31 -0.08 7.02 -18.31
C SER L 31 0.51 8.41 -18.37
N PHE L 32 -0.37 9.41 -18.30
CA PHE L 32 0.04 10.80 -18.17
C PHE L 32 -0.93 11.52 -17.25
N SER L 33 -0.37 12.36 -16.39
CA SER L 33 -1.13 13.05 -15.36
C SER L 33 -0.84 14.54 -15.41
N GLN L 34 -1.81 15.33 -14.96
CA GLN L 34 -1.75 16.78 -14.97
C GLN L 34 -1.89 17.31 -13.56
N ALA L 35 -1.44 18.55 -13.35
CA ALA L 35 -1.63 19.22 -12.07
C ALA L 35 -1.59 20.71 -12.28
N ILE L 36 -2.51 21.42 -11.64
CA ILE L 36 -2.63 22.87 -11.76
C ILE L 36 -2.83 23.47 -10.38
N SER L 37 -2.16 24.60 -10.13
CA SER L 37 -2.38 25.35 -8.91
C SER L 37 -2.46 26.83 -9.23
N GLU L 38 -3.26 27.55 -8.43
CA GLU L 38 -3.52 28.96 -8.61
C GLU L 38 -3.29 29.70 -7.30
N GLU L 39 -3.12 31.02 -7.41
CA GLU L 39 -2.99 31.90 -6.26
C GLU L 39 -4.00 33.03 -6.37
N LYS L 40 -4.47 33.51 -5.23
CA LYS L 40 -5.46 34.56 -5.17
C LYS L 40 -4.92 35.76 -4.39
N LEU L 41 -5.36 36.94 -4.80
CA LEU L 41 -4.94 38.19 -4.19
C LEU L 41 -6.06 38.72 -3.30
N ARG L 42 -5.70 39.19 -2.10
CA ARG L 42 -6.66 39.65 -1.12
C ARG L 42 -6.12 40.88 -0.41
N GLY L 43 -7.03 41.66 0.15
CA GLY L 43 -6.64 42.87 0.87
C GLY L 43 -7.84 43.53 1.50
N GLY L 44 -7.54 44.56 2.30
CA GLY L 44 -8.58 45.33 2.95
C GLY L 44 -9.05 44.74 4.26
N ILE L 45 -9.99 45.44 4.89
CA ILE L 45 -10.56 44.98 6.15
C ILE L 45 -11.39 43.73 5.85
N GLY L 46 -10.85 42.58 6.23
CA GLY L 46 -11.37 41.32 5.76
C GLY L 46 -10.65 40.95 4.48
N ASN L 47 -9.85 39.89 4.51
CA ASN L 47 -9.01 39.54 3.37
C ASN L 47 -9.85 38.86 2.29
N LYS L 48 -10.80 39.62 1.75
CA LYS L 48 -11.63 39.14 0.67
C LYS L 48 -10.80 39.03 -0.61
N PRO L 49 -11.03 37.99 -1.41
CA PRO L 49 -10.30 37.88 -2.68
C PRO L 49 -10.69 39.01 -3.63
N LEU L 50 -9.68 39.57 -4.29
CA LEU L 50 -9.88 40.64 -5.26
C LEU L 50 -9.51 40.27 -6.68
N TYR L 51 -8.74 39.20 -6.88
CA TYR L 51 -8.27 38.84 -8.21
C TYR L 51 -7.84 37.39 -8.20
N ILE L 52 -7.83 36.79 -9.38
CA ILE L 52 -7.36 35.42 -9.58
C ILE L 52 -6.12 35.50 -10.47
N LEU L 53 -4.97 35.12 -9.91
CA LEU L 53 -3.70 35.22 -10.62
C LEU L 53 -3.58 34.09 -11.64
N LYS L 54 -2.47 34.04 -12.35
CA LYS L 54 -2.26 33.02 -13.36
C LYS L 54 -2.15 31.64 -12.73
N SER L 55 -2.70 30.64 -13.41
CA SER L 55 -2.64 29.26 -12.95
C SER L 55 -1.48 28.55 -13.62
N GLU L 56 -0.65 27.87 -12.84
CA GLU L 56 0.49 27.18 -13.42
C GLU L 56 0.12 25.73 -13.69
N LYS L 57 0.98 25.03 -14.43
CA LYS L 57 0.65 23.69 -14.90
C LYS L 57 1.88 22.80 -14.87
N GLU L 58 1.65 21.51 -14.67
CA GLU L 58 2.72 20.53 -14.76
C GLU L 58 2.14 19.20 -15.25
N ILE L 59 2.92 18.48 -16.04
CA ILE L 59 2.49 17.21 -16.63
C ILE L 59 3.57 16.17 -16.41
N ASN L 60 3.15 14.97 -16.00
CA ASN L 60 4.05 13.85 -15.76
C ASN L 60 3.65 12.66 -16.62
N LEU L 61 4.62 11.84 -16.99
CA LEU L 61 4.42 10.67 -17.83
C LEU L 61 5.04 9.46 -17.18
N THR L 62 4.35 8.31 -17.27
CA THR L 62 4.86 7.05 -16.76
C THR L 62 4.67 5.96 -17.81
N VAL L 63 5.73 5.18 -18.04
CA VAL L 63 5.71 4.10 -19.02
C VAL L 63 6.27 2.84 -18.38
N LYS L 64 5.55 1.73 -18.51
CA LYS L 64 5.94 0.44 -17.96
C LYS L 64 5.84 -0.62 -19.04
N ASN L 65 6.96 -1.30 -19.30
CA ASN L 65 7.06 -2.33 -20.32
C ASN L 65 6.90 -3.72 -19.68
N ALA L 66 6.92 -4.74 -20.54
CA ALA L 66 6.78 -6.12 -20.11
C ALA L 66 8.05 -6.94 -20.32
N PHE L 67 9.08 -6.34 -20.90
CA PHE L 67 10.36 -6.99 -21.17
C PHE L 67 11.44 -6.28 -20.37
N PHE L 68 12.70 -6.65 -20.63
CA PHE L 68 13.83 -5.99 -20.03
C PHE L 68 14.93 -5.79 -21.07
N ASP L 69 15.50 -4.59 -21.10
CA ASP L 69 16.66 -4.31 -21.91
C ASP L 69 17.46 -3.20 -21.25
N LEU L 70 18.77 -3.22 -21.47
CA LEU L 70 19.66 -2.25 -20.84
C LEU L 70 19.47 -0.84 -21.39
N GLU L 71 18.79 -0.69 -22.54
CA GLU L 71 18.58 0.64 -23.09
C GLU L 71 17.65 1.48 -22.21
N TRP L 72 16.62 0.86 -21.63
CA TRP L 72 15.72 1.60 -20.75
C TRP L 72 16.45 2.10 -19.51
N LEU L 73 17.43 1.34 -19.02
CA LEU L 73 18.27 1.81 -17.92
C LEU L 73 19.27 2.88 -18.35
N ALA L 74 19.85 2.74 -19.55
CA ALA L 74 20.75 3.77 -20.04
C ALA L 74 20.04 5.09 -20.27
N MET L 75 18.73 5.04 -20.57
CA MET L 75 17.98 6.27 -20.79
C MET L 75 17.88 7.11 -19.51
N THR L 76 17.66 6.47 -18.37
CA THR L 76 17.43 7.20 -17.13
C THR L 76 18.71 7.70 -16.47
N GLN L 77 19.87 7.28 -16.94
CA GLN L 77 21.14 7.73 -16.38
C GLN L 77 21.96 8.58 -17.34
N GLY L 78 21.82 8.37 -18.64
CA GLY L 78 22.60 9.13 -19.60
C GLY L 78 24.01 8.66 -19.78
N GLU L 79 24.34 7.44 -19.35
CA GLU L 79 25.68 6.89 -19.48
C GLU L 79 25.66 5.74 -20.46
N THR L 80 26.65 5.71 -21.35
CA THR L 80 26.69 4.72 -22.42
C THR L 80 27.18 3.37 -21.91
N ILE L 81 26.54 2.31 -22.39
CA ILE L 81 26.99 0.96 -22.06
C ILE L 81 28.33 0.69 -22.73
N GLN L 82 29.18 -0.07 -22.06
CA GLN L 82 30.52 -0.36 -22.53
C GLN L 82 30.62 -1.85 -22.84
N GLU L 83 30.87 -2.18 -24.11
CA GLU L 83 30.92 -3.56 -24.53
C GLU L 83 32.28 -4.18 -24.24
N GLU L 84 32.26 -5.47 -23.91
CA GLU L 84 33.46 -6.27 -23.65
C GLU L 84 34.25 -5.64 -22.49
N THR L 85 33.68 -5.81 -21.30
CA THR L 85 34.34 -5.43 -20.07
C THR L 85 34.67 -6.68 -19.25
N LYS L 86 35.82 -6.64 -18.58
CA LYS L 86 36.30 -7.71 -17.72
C LYS L 86 35.93 -7.37 -16.28
N VAL L 87 35.02 -8.12 -15.69
CA VAL L 87 34.49 -7.84 -14.37
C VAL L 87 34.85 -9.00 -13.43
N LYS L 88 34.76 -8.73 -12.13
CA LYS L 88 35.03 -9.70 -11.08
C LYS L 88 33.72 -9.98 -10.34
N VAL L 89 33.25 -11.22 -10.42
CA VAL L 89 31.98 -11.60 -9.83
C VAL L 89 32.23 -12.73 -8.82
N PHE L 90 31.16 -13.09 -8.12
CA PHE L 90 31.21 -14.11 -7.07
C PHE L 90 30.78 -15.47 -7.62
N ASP L 91 31.26 -16.53 -6.98
CA ASP L 91 30.87 -17.88 -7.34
C ASP L 91 30.95 -18.78 -6.12
N ARG L 92 30.22 -19.88 -6.19
CA ARG L 92 30.01 -20.76 -5.05
C ARG L 92 29.96 -22.20 -5.54
N GLU L 93 30.70 -23.08 -4.87
CA GLU L 93 30.69 -24.51 -5.14
C GLU L 93 30.14 -25.25 -3.93
N HIS L 94 29.29 -26.23 -4.17
CA HIS L 94 28.55 -26.95 -3.14
C HIS L 94 28.93 -28.42 -3.13
N GLY L 95 28.82 -29.02 -1.95
CA GLY L 95 29.01 -30.45 -1.81
C GLY L 95 30.42 -30.94 -2.11
N LEU L 96 31.38 -30.56 -1.27
CA LEU L 96 32.77 -30.96 -1.42
C LEU L 96 33.12 -31.95 -0.32
N ILE L 97 33.70 -33.09 -0.70
CA ILE L 97 33.99 -34.18 0.23
C ILE L 97 35.47 -34.16 0.55
N VAL L 98 35.79 -34.10 1.85
CA VAL L 98 37.17 -34.18 2.28
C VAL L 98 37.65 -35.62 2.24
N ASP L 99 38.96 -35.80 2.15
CA ASP L 99 39.57 -37.12 2.20
C ASP L 99 40.15 -37.35 3.58
N ASP L 100 40.73 -38.53 3.79
CA ASP L 100 41.33 -38.87 5.07
C ASP L 100 42.57 -38.03 5.37
N THR L 101 43.13 -37.37 4.37
CA THR L 101 44.29 -36.49 4.54
C THR L 101 43.88 -35.05 4.79
N ASN L 102 42.58 -34.77 4.89
CA ASN L 102 42.04 -33.43 5.12
C ASN L 102 42.41 -32.49 3.97
N LYS L 103 42.02 -32.90 2.76
CA LYS L 103 42.26 -32.12 1.55
C LYS L 103 41.01 -32.13 0.68
N VAL L 104 40.73 -30.99 0.06
CA VAL L 104 39.64 -30.88 -0.91
C VAL L 104 40.22 -30.38 -2.23
N THR L 105 39.50 -30.68 -3.30
CA THR L 105 39.87 -30.25 -4.64
C THR L 105 38.83 -29.28 -5.17
N LEU L 106 39.30 -28.16 -5.72
CA LEU L 106 38.45 -27.13 -6.28
C LEU L 106 38.52 -27.19 -7.79
N LYS L 107 37.36 -27.29 -8.45
CA LYS L 107 37.31 -27.38 -9.90
C LYS L 107 37.33 -26.03 -10.58
N GLY L 108 37.21 -24.94 -9.84
CA GLY L 108 37.19 -23.62 -10.42
C GLY L 108 38.57 -22.97 -10.46
N LYS L 109 38.56 -21.67 -10.71
CA LYS L 109 39.77 -20.85 -10.81
C LYS L 109 39.64 -19.72 -9.80
N PRO L 110 39.86 -19.99 -8.51
CA PRO L 110 39.69 -18.96 -7.48
C PRO L 110 40.66 -17.82 -7.68
N VAL L 111 40.20 -16.61 -7.40
CA VAL L 111 41.01 -15.39 -7.58
C VAL L 111 41.25 -14.70 -6.25
N SER L 112 40.20 -14.47 -5.47
CA SER L 112 40.33 -13.82 -4.18
C SER L 112 40.54 -14.88 -3.10
N ASP L 113 40.45 -14.46 -1.84
CA ASP L 113 40.63 -15.36 -0.70
C ASP L 113 39.39 -16.23 -0.56
N VAL L 114 39.59 -17.55 -0.46
CA VAL L 114 38.51 -18.52 -0.49
C VAL L 114 37.91 -18.65 0.91
N THR L 115 36.59 -18.83 0.95
CA THR L 115 35.88 -19.00 2.21
C THR L 115 35.20 -20.37 2.23
N PHE L 116 35.35 -21.10 3.33
CA PHE L 116 34.79 -22.42 3.51
C PHE L 116 33.76 -22.41 4.63
N TYR L 117 32.61 -23.04 4.37
CA TYR L 117 31.57 -23.20 5.36
C TYR L 117 31.27 -24.69 5.53
N ASN L 118 30.90 -25.06 6.74
CA ASN L 118 30.55 -26.42 7.11
C ASN L 118 29.09 -26.49 7.54
N LYS L 119 28.68 -27.64 8.05
CA LYS L 119 27.29 -27.91 8.38
C LYS L 119 26.84 -27.27 9.69
N LYS L 120 27.76 -26.67 10.45
CA LYS L 120 27.40 -26.01 11.70
C LYS L 120 27.32 -24.50 11.58
N GLY L 121 27.81 -23.92 10.50
CA GLY L 121 27.85 -22.49 10.35
C GLY L 121 29.20 -21.83 10.62
N LEU L 122 30.24 -22.62 10.86
CA LEU L 122 31.57 -22.08 11.09
C LEU L 122 32.21 -21.67 9.77
N THR L 123 33.19 -20.77 9.86
CA THR L 123 33.83 -20.20 8.68
C THR L 123 35.33 -20.42 8.75
N TYR L 124 35.92 -20.71 7.58
CA TYR L 124 37.36 -20.75 7.41
C TYR L 124 37.73 -19.84 6.24
N LYS L 125 38.88 -19.18 6.35
CA LYS L 125 39.28 -18.14 5.39
C LYS L 125 40.71 -18.45 4.94
N ILE L 126 40.85 -19.07 3.78
CA ILE L 126 42.13 -19.59 3.33
C ILE L 126 42.45 -19.03 1.95
N ALA L 127 43.69 -18.57 1.77
CA ALA L 127 44.12 -17.98 0.51
C ALA L 127 44.15 -19.03 -0.59
N VAL L 128 44.44 -18.58 -1.81
CA VAL L 128 44.38 -19.44 -2.98
C VAL L 128 45.59 -20.37 -3.01
N SER L 129 45.34 -21.66 -3.19
CA SER L 129 46.39 -22.64 -3.34
C SER L 129 46.69 -22.86 -4.82
N THR L 130 47.96 -23.15 -5.12
CA THR L 130 48.38 -23.28 -6.51
C THR L 130 47.81 -24.54 -7.15
N ASP L 131 47.89 -25.67 -6.47
CA ASP L 131 47.55 -26.96 -7.07
C ASP L 131 46.09 -27.34 -6.92
N GLY L 132 45.28 -26.48 -6.31
CA GLY L 132 43.87 -26.76 -6.14
C GLY L 132 43.52 -27.62 -4.95
N THR L 133 44.49 -28.06 -4.18
CA THR L 133 44.27 -28.85 -2.97
C THR L 133 44.64 -28.03 -1.75
N TYR L 134 43.77 -28.02 -0.75
CA TYR L 134 43.94 -27.22 0.45
C TYR L 134 44.11 -28.12 1.66
N THR L 135 44.49 -27.51 2.78
CA THR L 135 44.61 -28.20 4.05
C THR L 135 43.59 -27.62 5.02
N ILE L 136 42.76 -28.49 5.59
CA ILE L 136 41.65 -28.09 6.45
C ILE L 136 41.94 -28.61 7.85
N PRO L 137 41.87 -27.76 8.88
CA PRO L 137 42.17 -28.24 10.24
C PRO L 137 41.19 -29.30 10.70
N THR L 138 41.69 -30.22 11.52
CA THR L 138 40.86 -31.30 12.03
C THR L 138 39.71 -30.81 12.89
N ALA L 139 39.85 -29.63 13.50
CA ALA L 139 38.77 -29.10 14.33
C ALA L 139 37.62 -28.54 13.49
N PHE L 140 37.86 -28.25 12.22
CA PHE L 140 36.80 -27.72 11.37
C PHE L 140 35.85 -28.82 10.93
N ALA L 141 36.37 -29.82 10.22
CA ALA L 141 35.57 -30.94 9.75
C ALA L 141 36.42 -32.20 9.75
N ALA L 142 35.78 -33.32 10.07
CA ALA L 142 36.46 -34.60 10.08
C ALA L 142 36.40 -35.21 8.68
N ALA L 143 37.03 -36.36 8.50
CA ALA L 143 37.07 -36.99 7.20
C ALA L 143 35.67 -37.48 6.79
N LYS L 144 35.45 -37.52 5.48
CA LYS L 144 34.14 -37.84 4.90
C LYS L 144 33.07 -36.88 5.41
N ASP L 145 33.23 -35.61 5.05
CA ASP L 145 32.30 -34.55 5.44
C ASP L 145 31.94 -33.73 4.21
N LYS L 146 31.03 -32.77 4.40
CA LYS L 146 30.53 -31.92 3.34
C LYS L 146 30.87 -30.47 3.66
N LEU L 147 31.52 -29.79 2.70
CA LEU L 147 31.91 -28.40 2.85
C LEU L 147 31.46 -27.63 1.60
N THR L 148 31.29 -26.32 1.76
CA THR L 148 30.96 -25.45 0.64
C THR L 148 31.97 -24.31 0.55
N ALA L 149 32.24 -23.86 -0.67
CA ALA L 149 33.30 -22.89 -0.93
C ALA L 149 32.73 -21.69 -1.67
N VAL L 150 33.20 -20.50 -1.31
CA VAL L 150 32.83 -19.26 -1.97
C VAL L 150 34.11 -18.51 -2.36
N TYR L 151 34.14 -18.01 -3.59
CA TYR L 151 35.30 -17.29 -4.10
C TYR L 151 34.84 -16.32 -5.19
N GLN L 152 35.80 -15.78 -5.93
CA GLN L 152 35.53 -14.82 -7.00
C GLN L 152 36.19 -15.27 -8.29
N ILE L 153 35.58 -14.89 -9.42
CA ILE L 153 36.09 -15.23 -10.75
C ILE L 153 36.04 -13.99 -11.63
N GLU L 154 36.72 -14.08 -12.77
CA GLU L 154 36.65 -13.07 -13.82
C GLU L 154 35.68 -13.51 -14.91
N LYS L 155 34.89 -12.55 -15.40
CA LYS L 155 33.95 -12.80 -16.47
C LYS L 155 34.00 -11.63 -17.45
N VAL L 156 33.38 -11.81 -18.60
CA VAL L 156 33.31 -10.78 -19.62
C VAL L 156 31.85 -10.44 -19.88
N GLY L 157 31.60 -9.17 -20.19
CA GLY L 157 30.23 -8.75 -20.46
C GLY L 157 30.06 -7.30 -20.86
N ARG L 158 28.91 -6.73 -20.52
CA ARG L 158 28.60 -5.33 -20.74
C ARG L 158 28.43 -4.63 -19.41
N ARG L 159 28.71 -3.33 -19.38
CA ARG L 159 28.78 -2.59 -18.13
C ARG L 159 27.98 -1.30 -18.23
N LEU L 160 27.17 -1.04 -17.20
CA LEU L 160 26.48 0.23 -17.04
C LEU L 160 26.77 0.77 -15.65
N ALA L 161 27.20 2.02 -15.58
CA ALA L 161 27.63 2.63 -14.33
C ALA L 161 26.62 3.69 -13.91
N ILE L 162 26.13 3.57 -12.68
CA ILE L 162 25.21 4.55 -12.11
C ILE L 162 26.04 5.47 -11.23
N LYS L 163 26.46 6.61 -11.79
CA LYS L 163 27.30 7.55 -11.08
C LYS L 163 26.43 8.56 -10.33
N ALA L 164 27.08 9.52 -9.66
CA ALA L 164 26.37 10.52 -8.89
C ALA L 164 26.37 11.89 -9.55
N SER L 165 27.04 12.05 -10.69
CA SER L 165 27.14 13.33 -11.38
C SER L 165 26.78 13.22 -12.85
N LYS L 166 25.73 12.45 -13.17
CA LYS L 166 25.33 12.28 -14.55
C LYS L 166 23.81 12.17 -14.62
N PHE L 167 23.16 13.30 -14.89
CA PHE L 167 21.75 13.36 -15.24
C PHE L 167 21.65 14.14 -16.53
N SER L 168 21.17 13.49 -17.61
CA SER L 168 21.39 14.06 -18.93
C SER L 168 20.22 13.76 -19.86
N GLU L 169 20.29 14.39 -21.04
CA GLU L 169 19.47 14.12 -22.21
C GLU L 169 18.05 14.65 -22.12
N ARG L 170 17.48 15.02 -23.27
CA ARG L 170 16.12 15.53 -23.40
C ARG L 170 15.45 14.77 -24.54
N TYR L 171 14.18 14.43 -24.38
CA TYR L 171 13.51 13.51 -25.29
C TYR L 171 12.19 14.08 -25.79
N GLU L 172 11.56 13.34 -26.69
CA GLU L 172 10.24 13.65 -27.25
C GLU L 172 9.48 12.35 -27.41
N VAL L 173 8.23 12.31 -26.95
CA VAL L 173 7.49 11.07 -26.78
C VAL L 173 6.17 11.11 -27.53
N GLU L 174 5.73 9.94 -28.01
CA GLU L 174 4.41 9.78 -28.63
C GLU L 174 3.74 8.51 -28.14
N TYR L 175 2.42 8.60 -27.93
CA TYR L 175 1.56 7.47 -27.56
C TYR L 175 0.52 7.26 -28.64
N ARG L 176 0.24 6.00 -28.96
CA ARG L 176 -0.82 5.66 -29.92
C ARG L 176 -1.73 4.59 -29.32
N THR L 177 -3.04 4.74 -29.50
CA THR L 177 -4.00 3.76 -29.03
C THR L 177 -5.23 3.78 -29.95
N ILE L 178 -6.15 2.83 -29.71
CA ILE L 178 -7.35 2.69 -30.52
C ILE L 178 -8.57 2.92 -29.65
N ALA L 179 -9.69 3.26 -30.31
CA ALA L 179 -10.94 3.54 -29.64
C ALA L 179 -12.09 2.95 -30.44
N TYR L 180 -13.00 2.26 -29.74
CA TYR L 180 -14.06 1.48 -30.36
C TYR L 180 -15.38 2.23 -30.32
N ASN L 181 -16.23 1.95 -31.30
CA ASN L 181 -17.62 2.39 -31.31
C ASN L 181 -18.42 1.54 -30.33
N PRO L 182 -19.25 2.14 -29.48
CA PRO L 182 -19.99 1.37 -28.48
C PRO L 182 -21.34 0.83 -28.94
N ASP L 183 -21.66 0.89 -30.23
CA ASP L 183 -22.89 0.34 -30.77
C ASP L 183 -22.67 -0.82 -31.73
N THR L 184 -21.72 -0.69 -32.65
CA THR L 184 -21.48 -1.73 -33.65
C THR L 184 -20.20 -2.53 -33.39
N GLU L 185 -19.50 -2.26 -32.29
CA GLU L 185 -18.37 -3.06 -31.83
C GLU L 185 -17.16 -2.98 -32.76
N GLU L 186 -17.13 -2.05 -33.69
CA GLU L 186 -15.99 -1.92 -34.58
C GLU L 186 -15.02 -0.84 -34.09
N VAL L 187 -13.77 -0.96 -34.53
CA VAL L 187 -12.78 0.05 -34.19
C VAL L 187 -13.10 1.33 -34.96
N TYR L 188 -13.20 2.44 -34.22
CA TYR L 188 -13.70 3.69 -34.78
C TYR L 188 -12.64 4.76 -34.93
N SER L 189 -11.71 4.89 -33.99
CA SER L 189 -10.78 6.01 -34.03
C SER L 189 -9.40 5.58 -33.56
N ASP L 190 -8.40 6.34 -33.99
CA ASP L 190 -7.03 6.20 -33.50
C ASP L 190 -6.65 7.46 -32.73
N ILE L 191 -6.16 7.29 -31.51
CA ILE L 191 -5.87 8.39 -30.61
C ILE L 191 -4.36 8.50 -30.45
N TYR L 192 -3.83 9.68 -30.75
CA TYR L 192 -2.40 9.96 -30.63
C TYR L 192 -2.21 11.04 -29.57
N ILE L 193 -1.19 10.88 -28.73
CA ILE L 193 -0.84 11.86 -27.71
C ILE L 193 0.62 12.20 -27.89
N GLN L 194 0.92 13.48 -28.10
CA GLN L 194 2.28 13.92 -28.40
C GLN L 194 2.80 14.83 -27.29
N PHE L 195 3.99 14.50 -26.79
CA PHE L 195 4.69 15.29 -25.79
C PHE L 195 6.04 15.75 -26.32
N PRO L 196 6.19 17.02 -26.68
CA PRO L 196 7.54 17.54 -26.98
C PRO L 196 8.19 18.14 -25.75
N ASN L 197 9.53 18.10 -25.75
CA ASN L 197 10.36 18.69 -24.70
C ASN L 197 10.04 18.08 -23.33
N VAL L 198 10.34 16.79 -23.20
CA VAL L 198 10.22 16.08 -21.94
C VAL L 198 11.61 15.86 -21.36
N SER L 199 11.67 15.66 -20.05
CA SER L 199 12.93 15.41 -19.35
C SER L 199 12.77 14.19 -18.46
N PRO L 200 13.71 13.24 -18.51
CA PRO L 200 13.58 12.01 -17.72
C PRO L 200 13.84 12.28 -16.24
N SER L 201 12.84 12.03 -15.42
CA SER L 201 12.98 12.19 -13.98
C SER L 201 13.62 10.94 -13.39
N GLY L 202 14.40 11.13 -12.32
CA GLY L 202 15.04 9.97 -11.72
C GLY L 202 14.18 9.33 -10.65
N GLU L 203 13.40 8.33 -11.05
CA GLU L 203 12.55 7.55 -10.16
C GLU L 203 12.59 6.12 -10.69
N PHE L 204 13.43 5.29 -10.10
CA PHE L 204 13.72 3.96 -10.61
C PHE L 204 13.45 2.95 -9.52
N GLU L 205 12.87 1.82 -9.89
CA GLU L 205 12.66 0.72 -8.93
C GLU L 205 12.79 -0.60 -9.65
N MET L 206 13.77 -1.41 -9.24
CA MET L 206 13.96 -2.77 -9.75
C MET L 206 13.69 -3.73 -8.60
N SER L 207 12.52 -4.36 -8.60
CA SER L 207 12.12 -5.30 -7.56
C SER L 207 12.20 -6.71 -8.13
N LEU L 208 13.20 -7.47 -7.69
CA LEU L 208 13.37 -8.86 -8.11
C LEU L 208 12.55 -9.75 -7.18
N GLU L 209 11.26 -9.83 -7.47
CA GLU L 209 10.32 -10.55 -6.64
C GLU L 209 10.50 -12.07 -6.78
N ASN L 210 9.92 -12.80 -5.83
CA ASN L 210 9.85 -14.25 -5.92
C ASN L 210 8.82 -14.61 -6.98
N GLY L 211 9.26 -15.23 -8.07
CA GLY L 211 8.37 -15.36 -9.21
C GLY L 211 8.18 -14.02 -9.87
N ASN L 212 6.94 -13.77 -10.32
CA ASN L 212 6.56 -12.48 -10.89
C ASN L 212 7.41 -12.10 -12.10
N ALA L 213 7.31 -10.86 -12.55
CA ALA L 213 8.10 -10.31 -13.63
C ALA L 213 8.80 -9.05 -13.15
N LEU L 214 9.59 -8.44 -14.05
CA LEU L 214 10.34 -7.26 -13.67
C LEU L 214 9.51 -5.99 -13.88
N ALA L 215 9.04 -5.77 -15.12
CA ALA L 215 8.22 -4.63 -15.48
C ALA L 215 8.86 -3.31 -15.06
N PRO L 216 9.92 -2.88 -15.76
CA PRO L 216 10.59 -1.64 -15.35
C PRO L 216 9.71 -0.41 -15.57
N GLU L 217 9.98 0.62 -14.77
CA GLU L 217 9.29 1.90 -14.82
C GLU L 217 10.21 2.96 -15.41
N ILE L 218 9.64 3.86 -16.20
CA ILE L 218 10.37 5.03 -16.65
C ILE L 218 9.44 6.24 -16.56
N LYS L 219 9.95 7.35 -16.02
CA LYS L 219 9.14 8.51 -15.69
C LYS L 219 9.71 9.77 -16.33
N PHE L 220 8.82 10.60 -16.88
CA PHE L 220 9.20 11.83 -17.56
C PHE L 220 8.41 13.00 -17.00
N GLU L 221 8.96 14.20 -17.14
CA GLU L 221 8.26 15.40 -16.73
C GLU L 221 8.27 16.35 -17.93
N ALA L 222 7.12 16.91 -18.25
CA ALA L 222 6.93 17.64 -19.50
C ALA L 222 7.22 19.13 -19.33
N LEU L 223 7.81 19.71 -20.37
CA LEU L 223 8.10 21.14 -20.42
C LEU L 223 7.33 21.75 -21.59
N ALA L 224 7.62 23.01 -21.87
CA ALA L 224 6.91 23.75 -22.92
C ALA L 224 7.82 23.97 -24.12
N ASP L 225 7.28 23.73 -25.31
CA ASP L 225 8.03 23.99 -26.53
C ASP L 225 8.27 25.49 -26.69
N THR L 226 9.46 25.83 -27.18
CA THR L 226 9.85 27.23 -27.27
C THR L 226 9.14 27.97 -28.39
N ASP L 227 8.96 27.31 -29.55
CA ASP L 227 8.35 27.98 -30.70
C ASP L 227 6.87 28.23 -30.45
N THR L 228 6.10 27.16 -30.27
CA THR L 228 4.69 27.24 -29.93
C THR L 228 4.53 26.74 -28.50
N ASP L 229 3.92 27.56 -27.65
CA ASP L 229 3.83 27.23 -26.24
C ASP L 229 2.83 26.12 -25.99
N GLU L 230 3.24 24.87 -26.22
CA GLU L 230 2.39 23.71 -26.01
C GLU L 230 3.16 22.67 -25.22
N MET L 231 2.44 21.93 -24.39
CA MET L 231 3.04 20.89 -23.57
C MET L 231 2.62 19.48 -23.96
N ALA L 232 1.42 19.30 -24.50
CA ALA L 232 0.95 18.01 -24.95
C ALA L 232 -0.25 18.23 -25.86
N VAL L 233 -0.33 17.46 -26.95
CA VAL L 233 -1.45 17.56 -27.87
C VAL L 233 -2.12 16.21 -28.01
N VAL L 234 -3.45 16.22 -28.10
CA VAL L 234 -4.26 15.01 -28.24
C VAL L 234 -4.96 15.08 -29.58
N ILE L 235 -4.75 14.07 -30.41
CA ILE L 235 -5.31 14.00 -31.75
C ILE L 235 -6.23 12.78 -31.82
N GLU L 236 -7.48 13.00 -32.17
CA GLU L 236 -8.45 11.93 -32.34
C GLU L 236 -8.79 11.83 -33.82
N ALA L 237 -8.09 10.94 -34.51
CA ALA L 237 -8.36 10.69 -35.92
C ALA L 237 -9.58 9.80 -36.05
N SER L 238 -9.85 9.32 -37.27
CA SER L 238 -10.98 8.44 -37.51
C SER L 238 -10.65 7.55 -38.70
N ARG L 239 -11.41 6.47 -38.83
CA ARG L 239 -11.26 5.58 -39.98
C ARG L 239 -12.01 6.13 -41.19
N ASP L 240 -11.72 7.39 -41.51
CA ASP L 240 -12.25 8.09 -42.67
C ASP L 240 -11.13 8.82 -43.39
N GLU L 241 -9.97 8.18 -43.46
CA GLU L 241 -8.80 8.75 -44.12
C GLU L 241 -8.42 7.95 -45.36
N MET M 1 -6.97 53.94 -15.24
CA MET M 1 -7.80 52.94 -14.58
C MET M 1 -6.83 52.00 -13.86
N LYS M 2 -7.22 51.57 -12.66
CA LYS M 2 -6.35 50.75 -11.83
C LYS M 2 -6.08 49.39 -12.46
N THR M 3 -4.84 48.92 -12.35
CA THR M 3 -4.41 47.69 -13.00
C THR M 3 -3.76 46.76 -11.99
N VAL M 4 -3.45 45.55 -12.46
CA VAL M 4 -2.75 44.54 -11.68
C VAL M 4 -1.52 44.10 -12.48
N ILE M 5 -0.37 44.06 -11.81
CA ILE M 5 0.88 43.63 -12.43
C ILE M 5 1.37 42.37 -11.70
N GLN M 6 1.64 41.32 -12.46
CA GLN M 6 2.01 40.02 -11.89
C GLN M 6 3.35 39.49 -12.38
N ASP M 7 4.03 40.20 -13.28
CA ASP M 7 5.16 39.61 -13.99
C ASP M 7 6.34 40.58 -14.00
N THR M 8 7.44 40.11 -14.56
CA THR M 8 8.71 40.81 -14.55
C THR M 8 8.83 41.69 -15.79
N ALA M 9 10.05 42.16 -16.06
CA ALA M 9 10.32 43.02 -17.19
C ALA M 9 10.94 42.22 -18.33
N ASP M 10 11.23 42.94 -19.43
CA ASP M 10 11.89 42.41 -20.62
C ASP M 10 13.11 43.26 -20.94
N VAL M 11 13.95 43.47 -19.93
CA VAL M 11 14.92 44.56 -19.91
C VAL M 11 15.82 44.52 -21.13
N TYR M 12 16.05 45.68 -21.73
CA TYR M 12 17.00 45.88 -22.81
C TYR M 12 18.04 46.92 -22.41
N PHE M 13 19.29 46.70 -22.81
CA PHE M 13 20.37 47.65 -22.64
C PHE M 13 20.92 48.06 -23.99
N LYS M 14 21.32 49.33 -24.10
CA LYS M 14 22.01 49.77 -25.30
C LYS M 14 23.17 50.68 -24.91
N ARG M 15 24.22 50.65 -25.71
CA ARG M 15 25.39 51.47 -25.44
C ARG M 15 25.30 52.80 -26.17
N LYS M 16 26.31 53.65 -25.96
CA LYS M 16 26.35 54.96 -26.59
C LYS M 16 27.59 55.18 -27.44
N SER M 17 28.71 54.53 -27.15
CA SER M 17 29.89 54.68 -27.98
C SER M 17 29.66 54.10 -29.38
N ASP M 18 29.08 52.91 -29.44
CA ASP M 18 28.75 52.29 -30.73
C ASP M 18 27.28 51.90 -30.74
N GLY M 19 26.74 51.57 -29.58
CA GLY M 19 25.33 51.26 -29.45
C GLY M 19 24.96 49.86 -29.93
N LYS M 20 25.54 48.84 -29.31
CA LYS M 20 25.23 47.46 -29.66
C LYS M 20 24.16 46.93 -28.72
N LEU M 21 23.16 46.26 -29.27
CA LEU M 21 22.05 45.71 -28.50
C LEU M 21 22.43 44.30 -28.06
N VAL M 22 23.14 44.24 -26.94
CA VAL M 22 23.60 42.98 -26.38
C VAL M 22 22.81 42.60 -25.13
N PHE M 23 21.56 43.03 -25.04
CA PHE M 23 20.73 42.75 -23.88
C PHE M 23 19.30 42.48 -24.34
N THR M 24 18.97 41.20 -24.49
CA THR M 24 17.59 40.74 -24.70
C THR M 24 17.38 39.64 -23.67
N ALA M 25 16.97 40.02 -22.47
CA ALA M 25 17.02 39.15 -21.32
C ALA M 25 15.64 38.66 -20.91
N GLU M 26 15.62 37.47 -20.31
CA GLU M 26 14.44 36.90 -19.66
C GLU M 26 14.77 36.82 -18.17
N ALA M 27 14.56 37.91 -17.47
CA ALA M 27 15.11 38.08 -16.13
C ALA M 27 14.15 37.57 -15.06
N GLN M 28 14.69 37.40 -13.85
CA GLN M 28 13.90 37.05 -12.68
C GLN M 28 13.59 38.25 -11.80
N THR M 29 14.39 39.31 -11.87
CA THR M 29 14.15 40.51 -11.08
C THR M 29 14.61 41.71 -11.86
N ALA M 30 13.85 42.80 -11.81
CA ALA M 30 14.24 44.07 -12.43
C ALA M 30 13.64 45.18 -11.58
N SER M 31 14.43 45.72 -10.65
CA SER M 31 13.90 46.65 -9.66
C SER M 31 14.65 47.98 -9.70
N PHE M 32 13.90 49.03 -9.38
CA PHE M 32 14.33 50.42 -9.48
C PHE M 32 14.07 51.11 -8.15
N SER M 33 15.09 51.75 -7.59
CA SER M 33 15.00 52.36 -6.28
C SER M 33 15.42 53.82 -6.35
N GLN M 34 14.85 54.63 -5.47
CA GLN M 34 15.11 56.07 -5.42
C GLN M 34 15.37 56.47 -3.97
N ALA M 35 16.38 57.32 -3.77
CA ALA M 35 16.70 57.78 -2.43
C ALA M 35 17.09 59.26 -2.44
N LYS M 57 19.41 63.59 -4.89
CA LYS M 57 18.46 62.64 -5.45
C LYS M 57 19.16 61.58 -6.29
N GLU M 58 19.27 60.38 -5.75
CA GLU M 58 19.95 59.28 -6.42
C GLU M 58 18.95 58.20 -6.83
N ILE M 59 19.21 57.60 -7.98
CA ILE M 59 18.38 56.53 -8.52
C ILE M 59 19.28 55.34 -8.83
N ASN M 60 18.90 54.17 -8.34
CA ASN M 60 19.66 52.94 -8.54
C ASN M 60 18.81 51.90 -9.25
N LEU M 61 19.47 51.06 -10.03
CA LEU M 61 18.83 49.95 -10.72
C LEU M 61 19.51 48.65 -10.33
N THR M 62 18.74 47.57 -10.33
CA THR M 62 19.32 46.25 -10.08
C THR M 62 18.50 45.18 -10.80
N VAL M 63 19.19 44.37 -11.59
CA VAL M 63 18.55 43.37 -12.45
C VAL M 63 19.21 42.01 -12.23
N LYS M 64 18.39 40.98 -12.06
CA LYS M 64 18.84 39.62 -11.85
C LYS M 64 18.24 38.73 -12.93
N ASN M 65 19.09 38.13 -13.74
CA ASN M 65 18.70 37.14 -14.74
C ASN M 65 18.73 35.74 -14.13
N ALA M 66 18.25 34.76 -14.89
CA ALA M 66 18.41 33.36 -14.54
C ALA M 66 18.99 32.63 -15.75
N PHE M 67 20.29 32.79 -15.92
CA PHE M 67 21.10 32.14 -16.95
C PHE M 67 22.54 32.57 -16.69
N PHE M 68 23.44 32.18 -17.57
CA PHE M 68 24.81 32.65 -17.48
C PHE M 68 25.33 33.05 -18.85
N ASP M 69 25.76 34.30 -18.96
CA ASP M 69 26.41 34.80 -20.16
C ASP M 69 27.67 35.56 -19.75
N LEU M 70 28.78 35.30 -20.45
CA LEU M 70 30.00 36.04 -20.19
C LEU M 70 29.90 37.50 -20.63
N GLU M 71 28.94 37.84 -21.48
CA GLU M 71 28.69 39.22 -21.86
C GLU M 71 27.88 39.98 -20.81
N TRP M 72 27.26 39.28 -19.86
CA TRP M 72 26.68 39.96 -18.70
C TRP M 72 27.79 40.61 -17.89
N LEU M 73 28.89 39.91 -17.69
CA LEU M 73 30.12 40.52 -17.20
C LEU M 73 30.78 41.29 -18.34
N ALA M 74 31.98 41.81 -18.09
CA ALA M 74 32.64 42.74 -19.00
C ALA M 74 31.79 43.99 -19.23
N MET M 75 30.76 44.15 -18.39
CA MET M 75 29.96 45.36 -18.32
C MET M 75 30.12 46.05 -16.97
N THR M 76 30.00 45.30 -15.87
CA THR M 76 30.41 45.83 -14.57
C THR M 76 31.91 46.09 -14.57
N GLN M 77 32.70 45.17 -15.11
CA GLN M 77 34.11 45.39 -15.36
C GLN M 77 34.28 46.12 -16.70
N GLY M 78 35.52 46.33 -17.09
CA GLY M 78 35.85 46.88 -18.38
C GLY M 78 36.34 45.80 -19.33
N GLU M 79 37.23 46.20 -20.23
CA GLU M 79 37.90 45.29 -21.15
C GLU M 79 36.90 44.55 -22.05
N THR M 80 37.39 43.54 -22.77
CA THR M 80 36.56 42.74 -23.65
C THR M 80 36.97 41.27 -23.52
N ILE M 81 36.09 40.40 -23.99
CA ILE M 81 36.33 38.96 -23.92
C ILE M 81 37.34 38.61 -25.01
N GLN M 82 38.55 38.24 -24.60
CA GLN M 82 39.57 37.79 -25.53
C GLN M 82 39.18 36.44 -26.13
N GLU M 83 39.60 36.22 -27.38
CA GLU M 83 39.16 35.07 -28.16
C GLU M 83 40.32 34.14 -28.43
N GLU M 84 40.13 32.85 -28.14
CA GLU M 84 41.06 31.78 -28.52
C GLU M 84 42.46 32.04 -27.95
N THR M 85 42.55 32.03 -26.62
CA THR M 85 43.81 32.27 -25.92
C THR M 85 44.20 31.01 -25.16
N LYS M 86 45.46 30.61 -25.30
CA LYS M 86 45.96 29.42 -24.61
C LYS M 86 46.05 29.68 -23.12
N VAL M 87 45.57 28.74 -22.32
CA VAL M 87 45.54 28.89 -20.86
C VAL M 87 46.17 27.67 -20.19
N LYS M 88 46.19 27.66 -18.86
CA LYS M 88 46.77 26.58 -18.08
C LYS M 88 45.89 26.35 -16.86
N VAL M 89 45.34 25.13 -16.72
CA VAL M 89 44.40 24.82 -15.67
C VAL M 89 44.79 23.49 -15.03
N PHE M 90 44.18 23.21 -13.88
CA PHE M 90 44.44 22.02 -13.10
C PHE M 90 43.54 20.87 -13.53
N ASP M 91 44.01 19.65 -13.27
CA ASP M 91 43.26 18.44 -13.61
C ASP M 91 43.72 17.33 -12.67
N ARG M 92 42.79 16.44 -12.33
CA ARG M 92 43.06 15.35 -11.40
C ARG M 92 42.71 14.00 -12.03
N GLU M 93 43.60 13.03 -11.85
CA GLU M 93 43.32 11.64 -12.17
C GLU M 93 43.23 10.85 -10.88
N HIS M 94 42.09 10.21 -10.66
CA HIS M 94 41.75 9.64 -9.36
C HIS M 94 41.73 8.13 -9.46
N GLY M 95 42.49 7.47 -8.60
CA GLY M 95 42.47 6.02 -8.53
C GLY M 95 43.51 5.32 -9.39
N LEU M 96 44.78 5.72 -9.26
CA LEU M 96 45.87 5.08 -9.98
C LEU M 96 46.39 3.90 -9.17
N ILE M 97 46.60 2.78 -9.85
CA ILE M 97 47.05 1.54 -9.23
C ILE M 97 48.54 1.37 -9.48
N VAL M 98 49.30 1.12 -8.42
CA VAL M 98 50.73 0.94 -8.53
C VAL M 98 51.03 -0.55 -8.76
N ASP M 99 51.93 -0.82 -9.70
CA ASP M 99 52.26 -2.20 -10.06
C ASP M 99 53.25 -2.78 -9.04
N ASP M 100 53.77 -3.97 -9.34
CA ASP M 100 54.62 -4.68 -8.38
C ASP M 100 56.02 -4.06 -8.28
N THR M 101 56.55 -3.52 -9.36
CA THR M 101 57.91 -2.98 -9.38
C THR M 101 57.95 -1.53 -8.92
N ASN M 102 56.97 -1.07 -8.15
CA ASN M 102 56.92 0.28 -7.60
C ASN M 102 56.93 1.32 -8.72
N LYS M 103 55.98 1.18 -9.65
CA LYS M 103 55.84 2.10 -10.77
C LYS M 103 54.38 2.52 -10.91
N VAL M 104 54.18 3.80 -11.20
CA VAL M 104 52.85 4.36 -11.43
C VAL M 104 52.83 4.96 -12.82
N THR M 105 51.79 4.63 -13.59
CA THR M 105 51.65 5.08 -14.97
C THR M 105 50.49 6.05 -15.08
N LEU M 106 50.74 7.21 -15.69
CA LEU M 106 49.72 8.22 -15.92
C LEU M 106 49.19 8.14 -17.34
N LYS M 107 48.14 8.91 -17.61
CA LYS M 107 47.52 8.94 -18.93
C LYS M 107 47.57 10.32 -19.57
N GLY M 108 47.23 11.37 -18.82
CA GLY M 108 47.19 12.71 -19.36
C GLY M 108 48.57 13.30 -19.57
N LYS M 109 48.58 14.48 -20.19
CA LYS M 109 49.84 15.16 -20.51
C LYS M 109 50.02 16.36 -19.60
N PRO M 110 50.93 16.30 -18.63
CA PRO M 110 51.19 17.46 -17.78
C PRO M 110 52.29 18.34 -18.34
N VAL M 111 52.38 19.55 -17.77
CA VAL M 111 53.40 20.50 -18.19
C VAL M 111 54.14 21.17 -17.03
N SER M 112 53.67 21.09 -15.79
CA SER M 112 54.32 21.81 -14.70
C SER M 112 54.97 20.89 -13.69
N ASP M 113 54.20 20.00 -13.06
CA ASP M 113 54.66 19.05 -12.05
C ASP M 113 53.54 18.04 -11.81
N VAL M 114 53.91 16.93 -11.17
CA VAL M 114 52.96 15.90 -10.78
C VAL M 114 53.02 15.75 -9.26
N THR M 115 51.86 15.84 -8.61
CA THR M 115 51.76 15.69 -7.17
C THR M 115 50.87 14.50 -6.83
N PHE M 116 51.37 13.60 -5.99
CA PHE M 116 50.71 12.37 -5.63
C PHE M 116 50.22 12.43 -4.18
N TYR M 117 49.02 11.92 -3.95
CA TYR M 117 48.46 11.75 -2.62
C TYR M 117 48.09 10.30 -2.39
N ASN M 118 48.39 9.80 -1.20
CA ASN M 118 48.02 8.47 -0.76
C ASN M 118 46.74 8.55 0.06
N LYS M 119 46.37 7.44 0.69
CA LYS M 119 45.15 7.38 1.49
C LYS M 119 45.39 7.72 2.96
N LYS M 120 46.62 8.03 3.35
CA LYS M 120 46.94 8.36 4.72
C LYS M 120 47.10 9.85 4.99
N GLY M 121 47.02 10.68 3.96
CA GLY M 121 47.13 12.11 4.11
C GLY M 121 48.51 12.69 3.87
N LEU M 122 49.33 12.05 3.04
CA LEU M 122 50.67 12.52 2.74
C LEU M 122 50.74 13.05 1.31
N THR M 123 51.86 13.71 0.99
CA THR M 123 52.06 14.32 -0.30
C THR M 123 53.44 13.96 -0.84
N TYR M 124 53.51 13.70 -2.14
CA TYR M 124 54.77 13.43 -2.82
C TYR M 124 54.80 14.22 -4.12
N LYS M 125 56.00 14.56 -4.59
CA LYS M 125 56.16 15.39 -5.77
C LYS M 125 57.14 14.77 -6.74
N ILE M 126 56.93 15.02 -8.04
CA ILE M 126 57.92 14.68 -9.06
C ILE M 126 57.70 15.56 -10.27
N ALA M 127 58.77 15.78 -11.03
CA ALA M 127 58.70 16.58 -12.24
C ALA M 127 58.27 15.71 -13.42
N VAL M 128 58.27 16.30 -14.61
CA VAL M 128 57.85 15.60 -15.81
C VAL M 128 58.98 14.70 -16.29
N SER M 129 58.63 13.47 -16.66
CA SER M 129 59.58 12.50 -17.20
C SER M 129 59.21 12.21 -18.65
N THR M 130 60.07 11.44 -19.32
CA THR M 130 59.82 11.10 -20.72
C THR M 130 58.57 10.26 -20.88
N ASP M 131 58.34 9.32 -19.97
CA ASP M 131 57.17 8.45 -20.00
C ASP M 131 56.37 8.63 -18.71
N GLY M 132 55.11 8.22 -18.76
CA GLY M 132 54.25 8.31 -17.60
C GLY M 132 54.67 7.44 -16.44
N THR M 133 55.56 6.47 -16.69
CA THR M 133 56.04 5.61 -15.61
C THR M 133 56.89 6.40 -14.64
N TYR M 134 56.60 6.26 -13.35
CA TYR M 134 57.34 6.91 -12.29
C TYR M 134 57.89 5.86 -11.32
N THR M 135 58.71 6.31 -10.37
CA THR M 135 59.34 5.45 -9.38
C THR M 135 58.91 5.93 -8.00
N ILE M 136 57.84 5.33 -7.48
CA ILE M 136 57.35 5.69 -6.14
C ILE M 136 58.33 5.17 -5.10
N PRO M 137 58.73 5.98 -4.12
CA PRO M 137 59.61 5.49 -3.07
C PRO M 137 58.94 4.40 -2.25
N THR M 138 59.77 3.48 -1.74
CA THR M 138 59.26 2.33 -1.00
C THR M 138 58.56 2.73 0.28
N ALA M 139 58.95 3.84 0.90
CA ALA M 139 58.32 4.26 2.14
C ALA M 139 56.93 4.86 1.93
N PHE M 140 56.62 5.32 0.72
CA PHE M 140 55.33 5.96 0.48
C PHE M 140 54.19 4.94 0.44
N ALA M 141 54.25 4.00 -0.48
CA ALA M 141 53.20 3.00 -0.61
C ALA M 141 53.80 1.70 -1.14
N ALA M 142 53.10 0.61 -0.87
CA ALA M 142 53.52 -0.71 -1.33
C ALA M 142 52.79 -1.06 -2.63
N ALA M 143 52.95 -2.29 -3.08
CA ALA M 143 52.32 -2.73 -4.31
C ALA M 143 50.82 -2.91 -4.13
N LYS M 144 50.08 -2.84 -5.24
CA LYS M 144 48.64 -3.01 -5.25
C LYS M 144 47.95 -2.00 -4.33
N ASP M 145 48.37 -0.75 -4.42
CA ASP M 145 47.80 0.35 -3.67
C ASP M 145 47.10 1.32 -4.64
N LYS M 146 46.51 2.37 -4.06
CA LYS M 146 45.79 3.37 -4.84
C LYS M 146 46.30 4.76 -4.48
N LEU M 147 46.56 5.57 -5.49
CA LEU M 147 47.01 6.94 -5.32
C LEU M 147 46.16 7.87 -6.16
N THR M 148 46.31 9.18 -5.93
CA THR M 148 45.69 10.19 -6.77
C THR M 148 46.75 11.19 -7.20
N ALA M 149 46.55 11.79 -8.37
CA ALA M 149 47.55 12.66 -8.96
C ALA M 149 46.91 13.96 -9.44
N VAL M 150 47.66 15.05 -9.29
CA VAL M 150 47.23 16.36 -9.76
C VAL M 150 48.38 16.99 -10.55
N TYR M 151 48.03 17.67 -11.63
CA TYR M 151 48.99 18.31 -12.51
C TYR M 151 48.29 19.46 -13.23
N GLN M 152 48.93 19.98 -14.28
CA GLN M 152 48.40 21.08 -15.07
C GLN M 152 48.37 20.70 -16.55
N ILE M 153 47.31 21.14 -17.24
CA ILE M 153 47.12 20.87 -18.65
C ILE M 153 46.88 22.19 -19.39
N GLU M 154 46.88 22.11 -20.72
CA GLU M 154 46.68 23.27 -21.58
C GLU M 154 45.30 23.21 -22.20
N LYS M 155 44.62 24.35 -22.24
CA LYS M 155 43.29 24.45 -22.83
C LYS M 155 43.19 25.76 -23.60
N VAL M 156 42.19 25.83 -24.48
CA VAL M 156 41.93 27.02 -25.27
C VAL M 156 40.50 27.45 -25.07
N GLY M 157 40.28 28.74 -24.93
CA GLY M 157 38.95 29.26 -24.70
C GLY M 157 38.98 30.74 -24.41
N ARG M 158 37.81 31.27 -24.08
CA ARG M 158 37.66 32.69 -23.81
C ARG M 158 38.32 33.06 -22.49
N ARG M 159 38.59 34.35 -22.32
CA ARG M 159 39.33 34.83 -21.15
C ARG M 159 38.92 36.26 -20.86
N LEU M 160 38.51 36.52 -19.63
CA LEU M 160 38.17 37.85 -19.15
C LEU M 160 39.09 38.20 -17.99
N ALA M 161 39.69 39.38 -18.04
CA ALA M 161 40.63 39.83 -17.02
C ALA M 161 40.00 40.94 -16.19
N ILE M 162 40.06 40.81 -14.88
CA ILE M 162 39.53 41.80 -13.95
C ILE M 162 40.69 42.66 -13.50
N LYS M 163 40.82 43.84 -14.11
CA LYS M 163 41.92 44.75 -13.82
C LYS M 163 41.51 45.67 -12.66
N ALA M 164 42.28 46.72 -12.44
CA ALA M 164 42.03 47.66 -11.35
C ALA M 164 41.53 48.99 -11.89
N SER M 165 40.38 49.43 -11.39
CA SER M 165 39.80 50.75 -11.68
C SER M 165 39.47 50.83 -13.18
N LYS M 166 39.49 52.06 -13.72
CA LYS M 166 39.27 52.36 -15.14
C LYS M 166 37.81 52.20 -15.54
N PHE M 167 37.31 53.14 -16.33
CA PHE M 167 35.92 53.14 -16.77
C PHE M 167 35.79 54.00 -18.02
N SER M 168 35.07 53.50 -19.03
CA SER M 168 34.92 54.26 -20.28
C SER M 168 33.55 54.13 -20.93
N GLU M 169 32.55 53.55 -20.26
CA GLU M 169 31.30 53.19 -20.91
C GLU M 169 30.10 53.75 -20.17
N ARG M 170 29.05 54.08 -20.94
CA ARG M 170 27.75 54.46 -20.43
C ARG M 170 26.67 53.64 -21.14
N TYR M 171 25.42 53.79 -20.72
CA TYR M 171 24.36 52.92 -21.21
C TYR M 171 23.00 53.59 -21.10
N GLU M 172 22.02 52.99 -21.78
CA GLU M 172 20.61 53.32 -21.62
C GLU M 172 19.83 52.04 -21.40
N VAL M 173 18.75 52.14 -20.62
CA VAL M 173 18.06 50.98 -20.07
C VAL M 173 16.57 51.07 -20.37
N GLU M 174 15.94 49.91 -20.61
CA GLU M 174 14.53 49.83 -20.97
C GLU M 174 13.89 48.68 -20.23
N TYR M 175 12.80 48.96 -19.50
CA TYR M 175 12.04 47.96 -18.76
C TYR M 175 10.62 47.90 -19.32
N ARG M 176 10.13 46.71 -19.65
CA ARG M 176 8.80 46.56 -20.22
C ARG M 176 8.01 45.52 -19.45
N THR M 177 6.80 45.88 -19.02
CA THR M 177 5.91 44.94 -18.35
C THR M 177 4.49 45.14 -18.87
N ILE M 178 3.61 44.20 -18.53
CA ILE M 178 2.23 44.20 -19.01
C ILE M 178 1.28 44.26 -17.83
N ALA M 179 0.26 45.10 -17.95
CA ALA M 179 -0.75 45.28 -16.93
C ALA M 179 -2.01 44.47 -17.26
N TYR M 180 -2.93 44.40 -16.30
CA TYR M 180 -4.16 43.64 -16.44
C TYR M 180 -5.32 44.44 -15.90
N ASN M 181 -6.48 44.29 -16.53
CA ASN M 181 -7.71 44.86 -16.01
C ASN M 181 -8.30 43.93 -14.95
N PRO M 182 -8.47 44.40 -13.71
CA PRO M 182 -8.94 43.48 -12.64
C PRO M 182 -10.31 42.89 -12.90
N ASP M 183 -11.14 43.51 -13.72
CA ASP M 183 -12.49 43.01 -13.95
C ASP M 183 -12.59 42.14 -15.19
N THR M 184 -11.74 42.35 -16.18
CA THR M 184 -11.84 41.66 -17.46
C THR M 184 -10.78 40.60 -17.68
N GLU M 185 -9.70 40.61 -16.89
CA GLU M 185 -8.63 39.62 -17.00
C GLU M 185 -7.96 39.62 -18.37
N GLU M 186 -7.88 40.78 -19.01
CA GLU M 186 -7.15 40.94 -20.25
C GLU M 186 -6.06 41.98 -20.08
N VAL M 187 -5.21 42.10 -21.09
CA VAL M 187 -4.11 43.06 -21.06
C VAL M 187 -4.66 44.43 -21.41
N TYR M 188 -4.44 45.40 -20.52
CA TYR M 188 -4.92 46.76 -20.70
C TYR M 188 -3.82 47.71 -21.17
N SER M 189 -2.68 47.69 -20.49
CA SER M 189 -1.63 48.66 -20.77
C SER M 189 -0.28 47.96 -20.73
N ASP M 190 0.68 48.53 -21.45
CA ASP M 190 2.07 48.13 -21.37
C ASP M 190 2.87 49.25 -20.71
N ILE M 191 3.55 48.93 -19.62
CA ILE M 191 4.29 49.91 -18.86
C ILE M 191 5.75 49.85 -19.28
N TYR M 192 6.30 51.00 -19.68
CA TYR M 192 7.68 51.13 -20.09
C TYR M 192 8.39 52.07 -19.13
N ILE M 193 9.56 51.67 -18.66
CA ILE M 193 10.41 52.52 -17.84
C ILE M 193 11.72 52.72 -18.58
N GLN M 194 12.01 53.97 -18.93
CA GLN M 194 13.20 54.33 -19.67
C GLN M 194 14.20 55.00 -18.73
N PHE M 195 15.44 54.53 -18.78
CA PHE M 195 16.54 55.14 -18.05
C PHE M 195 17.54 55.70 -19.05
N PRO M 196 17.59 57.02 -19.21
CA PRO M 196 18.71 57.65 -19.93
C PRO M 196 19.97 57.57 -19.09
N ASN M 197 21.03 58.28 -19.48
CA ASN M 197 22.41 57.91 -19.17
C ASN M 197 22.61 57.23 -17.80
N VAL M 198 23.17 56.02 -17.84
CA VAL M 198 23.42 55.20 -16.66
C VAL M 198 24.85 54.69 -16.75
N SER M 199 25.53 54.60 -15.60
CA SER M 199 26.89 54.09 -15.60
C SER M 199 26.97 52.81 -14.77
N PRO M 200 27.78 51.84 -15.20
CA PRO M 200 27.95 50.61 -14.41
C PRO M 200 28.58 50.90 -13.06
N SER M 201 28.15 50.16 -12.05
CA SER M 201 28.71 50.28 -10.71
C SER M 201 29.84 49.27 -10.54
N GLY M 202 30.31 49.11 -9.31
CA GLY M 202 31.39 48.18 -9.04
C GLY M 202 31.01 47.10 -8.05
N GLU M 203 29.72 46.91 -7.84
CA GLU M 203 29.22 45.93 -6.90
C GLU M 203 28.97 44.61 -7.62
N PHE M 204 29.46 43.51 -7.05
CA PHE M 204 29.39 42.21 -7.68
C PHE M 204 29.49 41.13 -6.62
N GLU M 205 28.68 40.08 -6.76
CA GLU M 205 28.70 38.96 -5.82
C GLU M 205 28.40 37.69 -6.60
N MET M 206 29.42 36.86 -6.79
CA MET M 206 29.32 35.62 -7.57
C MET M 206 29.54 34.45 -6.61
N SER M 207 28.45 33.91 -6.07
CA SER M 207 28.52 32.83 -5.10
C SER M 207 28.02 31.55 -5.76
N LEU M 208 28.83 30.49 -5.67
CA LEU M 208 28.51 29.19 -6.25
C LEU M 208 28.21 28.24 -5.10
N GLU M 209 26.96 28.22 -4.66
CA GLU M 209 26.57 27.38 -3.54
C GLU M 209 26.35 25.95 -4.02
N ASN M 210 25.82 25.11 -3.14
CA ASN M 210 25.65 23.69 -3.41
C ASN M 210 24.20 23.41 -3.76
N GLY M 211 23.97 22.92 -4.97
CA GLY M 211 22.62 22.60 -5.43
C GLY M 211 21.70 23.80 -5.56
N ASN M 212 22.20 24.89 -6.13
CA ASN M 212 21.40 26.09 -6.32
C ASN M 212 21.81 26.78 -7.60
N ALA M 213 20.88 27.53 -8.18
CA ALA M 213 21.15 28.28 -9.40
C ALA M 213 22.01 29.50 -9.08
N LEU M 214 22.56 30.10 -10.14
CA LEU M 214 23.47 31.22 -9.95
C LEU M 214 22.72 32.55 -9.85
N ALA M 215 21.89 32.85 -10.85
CA ALA M 215 21.14 34.11 -10.92
C ALA M 215 22.06 35.30 -10.78
N PRO M 216 22.85 35.62 -11.81
CA PRO M 216 23.79 36.75 -11.70
C PRO M 216 23.08 38.07 -11.50
N GLU M 217 23.75 38.98 -10.82
CA GLU M 217 23.21 40.26 -10.39
C GLU M 217 23.96 41.39 -11.05
N ILE M 218 23.24 42.39 -11.56
CA ILE M 218 23.83 43.56 -12.20
C ILE M 218 23.27 44.80 -11.53
N LYS M 219 24.16 45.66 -11.05
CA LYS M 219 23.80 46.94 -10.45
C LYS M 219 24.37 48.09 -11.28
N PHE M 220 23.72 49.25 -11.18
CA PHE M 220 24.05 50.40 -12.00
C PHE M 220 23.98 51.65 -11.12
N GLU M 221 24.18 52.82 -11.76
CA GLU M 221 23.98 54.09 -11.10
C GLU M 221 23.45 55.07 -12.14
N ALA M 222 22.28 55.64 -11.86
CA ALA M 222 21.58 56.49 -12.82
C ALA M 222 21.77 57.95 -12.45
N LEU M 223 22.22 58.74 -13.40
CA LEU M 223 22.43 60.16 -13.23
C LEU M 223 21.41 60.94 -14.05
N ALA M 224 21.40 62.26 -13.86
CA ALA M 224 20.48 63.11 -14.59
C ALA M 224 20.91 63.20 -16.06
N ASP M 225 19.92 63.48 -16.92
CA ASP M 225 20.21 63.63 -18.33
C ASP M 225 21.07 64.87 -18.57
N THR M 226 22.08 64.71 -19.43
CA THR M 226 22.97 65.82 -19.74
C THR M 226 22.31 66.86 -20.63
N ASP M 227 21.20 66.52 -21.28
CA ASP M 227 20.50 67.44 -22.16
C ASP M 227 19.11 67.79 -21.66
N THR M 228 18.27 66.79 -21.40
CA THR M 228 16.88 67.03 -21.02
C THR M 228 16.67 67.15 -19.52
N ASP M 229 17.70 66.88 -18.71
CA ASP M 229 17.62 67.00 -17.25
C ASP M 229 16.51 66.14 -16.68
N GLU M 230 16.45 64.88 -17.12
CA GLU M 230 15.53 63.89 -16.57
C GLU M 230 16.30 62.66 -16.14
N MET M 231 15.82 62.01 -15.07
CA MET M 231 16.46 60.80 -14.57
C MET M 231 15.80 59.54 -15.12
N ALA M 232 14.50 59.40 -14.91
CA ALA M 232 13.76 58.22 -15.35
C ALA M 232 12.43 58.65 -15.95
N VAL M 233 11.94 57.84 -16.89
CA VAL M 233 10.68 58.11 -17.57
C VAL M 233 9.77 56.91 -17.39
N VAL M 234 8.51 57.17 -17.06
CA VAL M 234 7.49 56.13 -16.90
C VAL M 234 6.39 56.40 -17.93
N ILE M 235 6.07 55.38 -18.73
CA ILE M 235 5.12 55.49 -19.83
C ILE M 235 4.09 54.38 -19.69
N GLU M 236 2.82 54.74 -19.83
CA GLU M 236 1.73 53.77 -19.84
C GLU M 236 1.02 53.85 -21.19
N ALA M 237 1.30 52.88 -22.06
CA ALA M 237 0.64 52.78 -23.34
C ALA M 237 -0.76 52.17 -23.13
N SER M 238 -1.42 51.81 -24.23
CA SER M 238 -2.75 51.22 -24.11
C SER M 238 -3.00 50.30 -25.30
N ARG M 239 -3.90 49.35 -25.09
CA ARG M 239 -4.35 48.44 -26.13
C ARG M 239 -5.56 48.98 -26.88
N ASP M 240 -6.09 50.13 -26.47
CA ASP M 240 -7.21 50.77 -27.12
C ASP M 240 -6.78 51.84 -28.13
N GLU M 241 -5.50 51.83 -28.51
CA GLU M 241 -4.93 52.75 -29.48
C GLU M 241 -5.80 52.92 -30.73
N MET N 1 -36.42 8.10 7.03
CA MET N 1 -36.17 6.74 7.50
C MET N 1 -34.85 6.22 6.95
N LYS N 2 -34.12 5.47 7.78
CA LYS N 2 -32.83 4.93 7.36
C LYS N 2 -33.01 4.03 6.13
N THR N 3 -32.16 4.22 5.14
CA THR N 3 -32.30 3.58 3.84
C THR N 3 -30.97 2.98 3.42
N VAL N 4 -30.96 2.40 2.22
CA VAL N 4 -29.78 1.74 1.66
C VAL N 4 -29.53 2.30 0.26
N ILE N 5 -28.29 2.69 0.00
CA ILE N 5 -27.88 3.20 -1.32
C ILE N 5 -26.87 2.22 -1.89
N GLN N 6 -27.11 1.80 -3.15
CA GLN N 6 -26.25 0.80 -3.79
C GLN N 6 -26.00 1.12 -5.25
N ASP N 7 -25.94 2.40 -5.62
CA ASP N 7 -25.77 2.75 -7.02
C ASP N 7 -25.10 4.11 -7.14
N THR N 8 -24.59 4.40 -8.34
CA THR N 8 -23.88 5.64 -8.64
C THR N 8 -24.89 6.73 -8.96
N ALA N 9 -24.44 7.86 -9.50
CA ALA N 9 -25.31 9.00 -9.68
C ALA N 9 -25.09 9.64 -11.05
N ASP N 10 -26.11 10.36 -11.52
CA ASP N 10 -25.98 11.17 -12.72
C ASP N 10 -25.35 12.52 -12.39
N VAL N 11 -24.55 13.03 -13.32
CA VAL N 11 -23.61 14.10 -13.01
C VAL N 11 -23.86 15.34 -13.88
N TYR N 12 -25.13 15.67 -14.12
CA TYR N 12 -25.49 16.83 -14.92
C TYR N 12 -24.57 18.03 -14.66
N PHE N 13 -24.14 18.68 -15.73
CA PHE N 13 -23.41 19.95 -15.65
C PHE N 13 -24.22 21.04 -16.34
N LYS N 14 -23.85 22.30 -16.07
CA LYS N 14 -24.44 23.45 -16.76
C LYS N 14 -23.51 24.64 -16.57
N ARG N 15 -23.04 25.20 -17.68
CA ARG N 15 -22.22 26.41 -17.59
C ARG N 15 -23.12 27.61 -17.30
N LYS N 16 -22.55 28.62 -16.63
CA LYS N 16 -23.35 29.78 -16.25
C LYS N 16 -23.45 30.80 -17.36
N SER N 17 -22.36 31.00 -18.13
CA SER N 17 -22.34 32.01 -19.17
C SER N 17 -23.44 31.75 -20.20
N ASP N 18 -23.35 30.64 -20.90
CA ASP N 18 -24.40 30.19 -21.81
C ASP N 18 -24.81 28.78 -21.43
N GLY N 19 -26.11 28.51 -21.52
CA GLY N 19 -26.62 27.21 -21.15
C GLY N 19 -26.12 26.11 -22.07
N LYS N 20 -25.20 25.29 -21.56
CA LYS N 20 -24.77 24.07 -22.24
C LYS N 20 -24.89 22.92 -21.23
N LEU N 21 -26.05 22.28 -21.21
CA LEU N 21 -26.28 21.21 -20.27
C LEU N 21 -25.54 19.96 -20.75
N VAL N 22 -24.44 19.64 -20.11
CA VAL N 22 -23.64 18.47 -20.45
C VAL N 22 -24.15 17.29 -19.64
N PHE N 23 -24.34 16.17 -20.31
CA PHE N 23 -25.05 15.02 -19.78
C PHE N 23 -24.13 13.81 -19.63
N THR N 24 -24.36 13.05 -18.56
CA THR N 24 -23.76 11.72 -18.40
C THR N 24 -24.60 10.87 -17.45
N ALA N 25 -25.06 9.71 -17.94
CA ALA N 25 -25.85 8.78 -17.15
C ALA N 25 -25.21 7.41 -17.05
N GLU N 26 -23.95 7.28 -17.46
CA GLU N 26 -23.23 6.00 -17.42
C GLU N 26 -21.99 6.15 -16.54
N ALA N 27 -22.16 6.79 -15.39
CA ALA N 27 -21.05 7.09 -14.51
C ALA N 27 -20.58 5.83 -13.77
N GLN N 28 -19.39 5.92 -13.18
CA GLN N 28 -18.86 4.82 -12.37
C GLN N 28 -18.52 5.25 -10.96
N THR N 29 -18.30 6.55 -10.72
CA THR N 29 -17.98 7.01 -9.38
C THR N 29 -18.28 8.51 -9.22
N ALA N 30 -18.90 8.89 -8.11
CA ALA N 30 -19.17 10.29 -7.83
C ALA N 30 -18.96 10.52 -6.35
N SER N 31 -17.94 11.31 -6.00
CA SER N 31 -17.53 11.45 -4.61
C SER N 31 -17.40 12.93 -4.24
N PHE N 32 -17.64 13.20 -2.97
CA PHE N 32 -17.64 14.55 -2.41
C PHE N 32 -16.94 14.52 -1.05
N SER N 33 -16.03 15.47 -0.85
CA SER N 33 -15.22 15.46 0.36
C SER N 33 -15.12 16.87 0.93
N GLN N 34 -14.90 16.93 2.24
CA GLN N 34 -14.83 18.20 2.97
C GLN N 34 -13.71 18.13 4.01
N ALA N 35 -12.95 19.22 4.14
CA ALA N 35 -11.87 19.33 5.12
C ALA N 35 -11.93 20.70 5.76
N ILE N 36 -11.50 20.79 7.03
CA ILE N 36 -11.55 22.02 7.81
C ILE N 36 -10.18 22.24 8.45
N SER N 37 -9.67 23.45 8.33
CA SER N 37 -8.40 23.84 8.94
C SER N 37 -8.61 25.09 9.77
N GLU N 38 -7.74 25.28 10.77
CA GLU N 38 -7.92 26.30 11.78
C GLU N 38 -6.58 26.78 12.33
N GLU N 39 -6.54 28.05 12.74
CA GLU N 39 -5.37 28.66 13.32
C GLU N 39 -5.72 29.33 14.65
N LYS N 40 -4.69 29.55 15.47
CA LYS N 40 -4.89 30.08 16.82
C LYS N 40 -3.78 31.07 17.18
N LEU N 41 -4.02 31.83 18.24
CA LEU N 41 -3.07 32.79 18.78
C LEU N 41 -2.59 32.32 20.14
N ARG N 42 -1.28 32.39 20.38
CA ARG N 42 -0.70 31.91 21.63
C ARG N 42 -0.56 33.05 22.64
N GLY N 43 -0.14 32.73 23.86
CA GLY N 43 -0.18 33.71 24.93
C GLY N 43 0.97 33.73 25.91
N GLY N 44 0.65 33.81 27.21
CA GLY N 44 1.61 34.12 28.24
C GLY N 44 2.30 32.93 28.87
N ILE N 45 2.12 32.74 30.18
CA ILE N 45 2.81 31.69 30.92
C ILE N 45 2.49 30.35 30.29
N GLY N 46 1.22 29.95 30.35
CA GLY N 46 0.81 28.78 29.61
C GLY N 46 0.59 29.14 28.15
N ASN N 47 1.14 28.32 27.25
CA ASN N 47 0.99 28.59 25.83
C ASN N 47 -0.39 28.16 25.37
N LYS N 48 -1.42 28.61 26.09
CA LYS N 48 -2.78 28.26 25.77
C LYS N 48 -3.32 29.18 24.68
N PRO N 49 -4.18 28.66 23.81
CA PRO N 49 -4.82 29.54 22.81
C PRO N 49 -5.71 30.56 23.48
N LEU N 50 -5.73 31.76 22.93
CA LEU N 50 -6.55 32.83 23.50
C LEU N 50 -7.87 32.95 22.73
N TYR N 51 -7.79 33.16 21.42
CA TYR N 51 -8.97 33.32 20.60
C TYR N 51 -8.74 32.76 19.20
N ILE N 52 -9.84 32.45 18.52
CA ILE N 52 -9.82 31.72 17.25
C ILE N 52 -9.66 32.76 16.14
N LEU N 53 -8.99 32.35 15.06
CA LEU N 53 -8.86 33.17 13.86
C LEU N 53 -8.58 32.26 12.67
N LYS N 54 -9.05 32.67 11.49
CA LYS N 54 -8.73 32.04 10.21
C LYS N 54 -9.12 30.55 10.18
N SER N 55 -10.41 30.27 10.25
CA SER N 55 -10.91 28.91 10.05
C SER N 55 -11.56 28.84 8.68
N GLU N 56 -11.22 27.80 7.91
CA GLU N 56 -11.64 27.70 6.52
C GLU N 56 -12.21 26.33 6.22
N LYS N 57 -13.07 26.27 5.20
CA LYS N 57 -13.59 25.02 4.66
C LYS N 57 -13.14 24.85 3.22
N GLU N 58 -13.25 23.61 2.73
CA GLU N 58 -12.89 23.30 1.34
C GLU N 58 -13.64 22.03 0.93
N ILE N 59 -14.36 22.11 -0.18
CA ILE N 59 -15.16 20.99 -0.68
C ILE N 59 -14.61 20.56 -2.04
N ASN N 60 -14.35 19.27 -2.19
CA ASN N 60 -13.75 18.71 -3.40
C ASN N 60 -14.70 17.70 -4.02
N LEU N 61 -14.77 17.71 -5.36
CA LEU N 61 -15.62 16.81 -6.14
C LEU N 61 -14.79 15.92 -7.04
N THR N 62 -15.22 14.67 -7.18
CA THR N 62 -14.51 13.72 -8.04
C THR N 62 -15.54 12.94 -8.84
N VAL N 63 -15.38 12.90 -10.16
CA VAL N 63 -16.30 12.19 -11.05
C VAL N 63 -15.48 11.26 -11.94
N LYS N 64 -15.93 10.01 -12.05
CA LYS N 64 -15.29 9.00 -12.87
C LYS N 64 -16.37 8.36 -13.75
N ASN N 65 -16.24 8.51 -15.06
CA ASN N 65 -17.19 7.96 -16.02
C ASN N 65 -16.70 6.60 -16.51
N ALA N 66 -17.37 6.05 -17.52
CA ALA N 66 -16.99 4.77 -18.10
C ALA N 66 -16.71 4.83 -19.59
N PHE N 67 -17.27 5.79 -20.29
CA PHE N 67 -17.04 5.98 -21.73
C PHE N 67 -15.89 6.97 -21.89
N PHE N 68 -15.58 7.45 -23.10
CA PHE N 68 -14.53 8.45 -23.27
C PHE N 68 -14.95 9.49 -24.31
N ASP N 69 -14.80 10.76 -23.98
CA ASP N 69 -15.13 11.85 -24.89
C ASP N 69 -14.05 12.91 -24.83
N LEU N 70 -13.82 13.57 -25.95
CA LEU N 70 -12.86 14.67 -26.03
C LEU N 70 -13.46 15.97 -25.51
N GLU N 71 -14.77 16.02 -25.28
CA GLU N 71 -15.42 17.17 -24.67
C GLU N 71 -15.47 17.02 -23.15
N TRP N 72 -14.92 15.92 -22.64
CA TRP N 72 -14.72 15.73 -21.21
C TRP N 72 -13.34 16.12 -20.74
N LEU N 73 -12.36 16.20 -21.64
CA LEU N 73 -11.04 16.69 -21.32
C LEU N 73 -10.87 18.16 -21.65
N ALA N 74 -11.77 18.72 -22.47
CA ALA N 74 -11.75 20.14 -22.77
C ALA N 74 -12.33 20.99 -21.65
N MET N 75 -12.95 20.37 -20.65
CA MET N 75 -13.43 21.09 -19.47
C MET N 75 -12.31 21.46 -18.51
N THR N 76 -11.34 20.57 -18.31
CA THR N 76 -10.20 20.91 -17.46
C THR N 76 -9.38 22.04 -18.06
N GLN N 77 -9.19 22.00 -19.38
CA GLN N 77 -8.47 23.05 -20.07
C GLN N 77 -9.43 24.19 -20.41
N GLY N 78 -8.90 25.20 -21.10
CA GLY N 78 -9.71 26.33 -21.51
C GLY N 78 -9.67 26.54 -23.01
N GLU N 79 -9.00 25.65 -23.73
CA GLU N 79 -8.88 25.76 -25.17
C GLU N 79 -10.09 25.15 -25.87
N THR N 80 -10.02 25.01 -27.19
CA THR N 80 -11.14 24.52 -27.98
C THR N 80 -10.65 23.44 -28.92
N ILE N 81 -11.54 22.50 -29.24
CA ILE N 81 -11.22 21.39 -30.14
C ILE N 81 -11.30 21.92 -31.56
N GLN N 82 -10.15 22.00 -32.22
CA GLN N 82 -10.08 22.54 -33.58
C GLN N 82 -10.30 21.40 -34.57
N GLU N 83 -11.41 21.44 -35.29
CA GLU N 83 -11.74 20.42 -36.26
C GLU N 83 -10.85 20.54 -37.49
N GLU N 84 -10.72 19.42 -38.21
CA GLU N 84 -10.09 19.39 -39.53
C GLU N 84 -8.69 19.97 -39.55
N THR N 85 -7.76 19.34 -38.84
CA THR N 85 -6.38 19.80 -38.78
C THR N 85 -5.46 18.70 -39.32
N LYS N 86 -4.51 19.08 -40.16
CA LYS N 86 -3.54 18.16 -40.71
C LYS N 86 -2.36 18.02 -39.75
N VAL N 87 -2.06 16.79 -39.36
CA VAL N 87 -1.06 16.51 -38.33
C VAL N 87 -0.07 15.47 -38.85
N LYS N 88 1.01 15.29 -38.09
CA LYS N 88 2.07 14.34 -38.41
C LYS N 88 2.17 13.31 -37.29
N VAL N 89 2.14 12.03 -37.65
CA VAL N 89 2.21 10.93 -36.69
C VAL N 89 3.21 9.90 -37.19
N PHE N 90 3.64 9.03 -36.27
CA PHE N 90 4.52 7.92 -36.61
C PHE N 90 3.73 6.74 -37.18
N ASP N 91 4.42 5.90 -37.93
CA ASP N 91 3.82 4.71 -38.52
C ASP N 91 4.88 3.63 -38.56
N ARG N 92 4.44 2.37 -38.57
CA ARG N 92 5.33 1.23 -38.47
C ARG N 92 4.84 0.11 -39.36
N GLU N 93 5.77 -0.52 -40.08
CA GLU N 93 5.46 -1.63 -40.99
C GLU N 93 6.40 -2.78 -40.67
N HIS N 94 5.85 -3.91 -40.26
CA HIS N 94 6.64 -5.06 -39.82
C HIS N 94 6.85 -6.05 -40.94
N GLY N 95 8.01 -6.69 -40.93
CA GLY N 95 8.28 -7.81 -41.82
C GLY N 95 8.53 -7.47 -43.26
N LEU N 96 9.62 -6.77 -43.56
CA LEU N 96 10.02 -6.48 -44.92
C LEU N 96 11.17 -7.40 -45.32
N ILE N 97 11.07 -7.99 -46.51
CA ILE N 97 12.05 -8.95 -47.01
C ILE N 97 12.98 -8.25 -47.98
N VAL N 98 14.28 -8.43 -47.78
CA VAL N 98 15.29 -7.85 -48.66
C VAL N 98 15.55 -8.82 -49.81
N ASP N 99 15.45 -8.32 -51.04
CA ASP N 99 15.59 -9.17 -52.20
C ASP N 99 17.06 -9.44 -52.50
N ASP N 100 17.31 -10.12 -53.61
CA ASP N 100 18.68 -10.47 -53.99
C ASP N 100 19.53 -9.24 -54.24
N THR N 101 18.99 -8.23 -54.93
CA THR N 101 19.76 -7.02 -55.18
C THR N 101 19.54 -6.00 -54.07
N ASN N 102 19.66 -6.46 -52.82
CA ASN N 102 19.66 -5.63 -51.61
C ASN N 102 18.72 -4.44 -51.67
N LYS N 103 17.45 -4.68 -51.96
CA LYS N 103 16.46 -3.62 -52.01
C LYS N 103 15.20 -4.05 -51.27
N VAL N 104 14.49 -3.06 -50.74
CA VAL N 104 13.23 -3.29 -50.05
C VAL N 104 12.16 -2.40 -50.67
N THR N 105 10.94 -2.94 -50.75
CA THR N 105 9.81 -2.24 -51.33
C THR N 105 8.95 -1.67 -50.20
N LEU N 106 8.58 -0.40 -50.34
CA LEU N 106 7.84 0.31 -49.30
C LEU N 106 6.42 0.55 -49.76
N LYS N 107 5.45 0.20 -48.91
CA LYS N 107 4.04 0.34 -49.25
C LYS N 107 3.42 1.64 -48.72
N GLY N 108 4.09 2.35 -47.81
CA GLY N 108 3.54 3.56 -47.25
C GLY N 108 3.94 4.80 -48.02
N LYS N 109 3.54 5.95 -47.49
CA LYS N 109 3.87 7.25 -48.06
C LYS N 109 4.53 8.13 -47.01
N PRO N 110 5.85 8.02 -46.83
CA PRO N 110 6.51 8.81 -45.78
C PRO N 110 6.52 10.30 -46.10
N VAL N 111 6.61 11.10 -45.05
CA VAL N 111 6.83 12.53 -45.18
C VAL N 111 8.05 12.91 -44.36
N SER N 112 8.92 11.94 -44.10
CA SER N 112 10.14 12.15 -43.35
C SER N 112 11.14 11.03 -43.60
N ASP N 113 12.19 10.96 -42.80
CA ASP N 113 13.18 9.91 -42.95
C ASP N 113 12.59 8.56 -42.53
N VAL N 114 13.20 7.49 -43.04
CA VAL N 114 12.78 6.12 -42.77
C VAL N 114 13.86 5.45 -41.95
N THR N 115 13.46 4.85 -40.83
CA THR N 115 14.40 4.16 -39.94
C THR N 115 14.19 2.66 -40.04
N PHE N 116 15.27 1.92 -40.21
CA PHE N 116 15.24 0.48 -40.39
C PHE N 116 15.85 -0.24 -39.20
N TYR N 117 15.22 -1.32 -38.78
CA TYR N 117 15.65 -2.13 -37.64
C TYR N 117 15.85 -3.56 -38.11
N ASN N 118 16.98 -4.15 -37.74
CA ASN N 118 17.29 -5.53 -38.05
C ASN N 118 16.86 -6.45 -36.90
N LYS N 119 17.29 -7.71 -36.96
CA LYS N 119 16.81 -8.74 -36.05
C LYS N 119 17.55 -8.77 -34.72
N LYS N 120 18.62 -8.02 -34.55
CA LYS N 120 19.33 -7.99 -33.28
C LYS N 120 19.21 -6.61 -32.65
N GLY N 121 19.24 -5.57 -33.49
CA GLY N 121 19.09 -4.20 -33.05
C GLY N 121 20.15 -3.32 -33.66
N LEU N 122 19.71 -2.31 -34.42
CA LEU N 122 20.58 -1.37 -35.10
C LEU N 122 19.74 -0.27 -35.72
N THR N 123 20.37 0.64 -36.45
CA THR N 123 19.65 1.74 -37.08
C THR N 123 20.24 1.99 -38.45
N TYR N 124 19.43 2.60 -39.32
CA TYR N 124 19.88 3.11 -40.61
C TYR N 124 18.97 4.22 -41.08
N LYS N 125 19.52 5.42 -41.26
CA LYS N 125 18.74 6.61 -41.60
C LYS N 125 18.93 6.90 -43.08
N ILE N 126 17.85 6.79 -43.85
CA ILE N 126 17.86 7.11 -45.27
C ILE N 126 16.74 8.10 -45.55
N ALA N 127 16.84 8.82 -46.67
CA ALA N 127 15.86 9.83 -47.04
C ALA N 127 14.83 9.21 -47.98
N VAL N 128 13.73 9.93 -48.17
CA VAL N 128 12.63 9.45 -48.99
C VAL N 128 13.12 9.24 -50.43
N SER N 129 12.88 8.05 -50.96
CA SER N 129 13.23 7.74 -52.34
C SER N 129 11.94 7.75 -53.15
N THR N 130 11.86 8.64 -54.14
CA THR N 130 10.61 8.83 -54.87
C THR N 130 10.21 7.60 -55.68
N ASP N 131 11.17 6.72 -56.01
CA ASP N 131 10.83 5.52 -56.76
C ASP N 131 9.98 4.57 -55.93
N GLY N 132 10.25 4.49 -54.64
CA GLY N 132 9.51 3.64 -53.73
C GLY N 132 10.32 2.52 -53.11
N THR N 133 11.46 2.18 -53.70
CA THR N 133 12.33 1.14 -53.17
C THR N 133 13.57 1.77 -52.53
N TYR N 134 14.21 1.00 -51.66
CA TYR N 134 15.37 1.48 -50.91
C TYR N 134 16.48 0.45 -50.96
N THR N 135 17.71 0.94 -51.08
CA THR N 135 18.89 0.07 -51.18
C THR N 135 19.56 -0.06 -49.81
N ILE N 136 19.27 -1.18 -49.14
CA ILE N 136 19.91 -1.49 -47.86
C ILE N 136 21.36 -1.89 -48.11
N PRO N 137 22.32 -1.42 -47.30
CA PRO N 137 23.71 -1.83 -47.51
C PRO N 137 23.96 -3.31 -47.26
N THR N 138 25.19 -3.76 -47.52
CA THR N 138 25.56 -5.15 -47.39
C THR N 138 25.85 -5.58 -45.96
N ALA N 139 26.44 -4.71 -45.14
CA ALA N 139 26.79 -5.06 -43.78
C ALA N 139 25.59 -5.07 -42.83
N PHE N 140 24.42 -4.63 -43.29
CA PHE N 140 23.23 -4.59 -42.44
C PHE N 140 22.44 -5.90 -42.53
N ALA N 141 22.01 -6.25 -43.73
CA ALA N 141 21.31 -7.51 -43.97
C ALA N 141 21.63 -7.99 -45.38
N ALA N 142 21.96 -9.28 -45.49
CA ALA N 142 22.45 -9.81 -46.75
C ALA N 142 21.30 -10.14 -47.71
N ALA N 143 20.47 -11.11 -47.35
CA ALA N 143 19.37 -11.55 -48.18
C ALA N 143 18.45 -12.46 -47.38
N LYS N 144 17.19 -12.51 -47.81
CA LYS N 144 16.16 -13.32 -47.14
C LYS N 144 16.08 -12.99 -45.65
N ASP N 145 16.19 -11.70 -45.32
CA ASP N 145 16.14 -11.24 -43.94
C ASP N 145 14.89 -10.39 -43.72
N LYS N 146 14.47 -10.33 -42.46
CA LYS N 146 13.28 -9.60 -42.07
C LYS N 146 13.69 -8.31 -41.37
N LEU N 147 13.17 -7.18 -41.87
CA LEU N 147 13.49 -5.86 -41.36
C LEU N 147 12.20 -5.15 -40.95
N THR N 148 12.35 -4.11 -40.13
CA THR N 148 11.23 -3.28 -39.67
C THR N 148 11.48 -1.83 -40.05
N ALA N 149 10.44 -1.14 -40.52
CA ALA N 149 10.55 0.24 -40.98
C ALA N 149 9.64 1.15 -40.17
N VAL N 150 10.16 2.32 -39.81
CA VAL N 150 9.41 3.32 -39.06
C VAL N 150 9.50 4.65 -39.82
N TYR N 151 8.35 5.31 -40.00
CA TYR N 151 8.25 6.52 -40.81
C TYR N 151 7.70 7.66 -39.97
N GLN N 152 7.37 8.77 -40.64
CA GLN N 152 6.38 9.72 -40.17
C GLN N 152 5.43 10.00 -41.33
N ILE N 153 4.12 10.04 -41.03
CA ILE N 153 3.12 10.22 -42.08
C ILE N 153 2.18 11.36 -41.71
N GLU N 154 1.16 11.59 -42.55
CA GLU N 154 0.23 12.69 -42.38
C GLU N 154 -1.19 12.16 -42.21
N LYS N 155 -1.99 12.87 -41.43
CA LYS N 155 -3.37 12.48 -41.15
C LYS N 155 -4.18 13.73 -40.82
N VAL N 156 -5.49 13.60 -40.90
CA VAL N 156 -6.42 14.70 -40.63
C VAL N 156 -7.39 14.26 -39.53
N GLY N 157 -7.56 15.11 -38.53
CA GLY N 157 -8.47 14.79 -37.45
C GLY N 157 -8.52 15.92 -36.44
N ARG N 158 -9.33 15.71 -35.40
CA ARG N 158 -9.48 16.71 -34.35
C ARG N 158 -8.18 16.83 -33.56
N ARG N 159 -7.93 18.04 -33.04
CA ARG N 159 -6.63 18.35 -32.44
C ARG N 159 -6.85 19.30 -31.26
N LEU N 160 -6.67 18.77 -30.06
CA LEU N 160 -6.67 19.60 -28.86
C LEU N 160 -5.25 20.10 -28.59
N ALA N 161 -5.15 21.08 -27.69
CA ALA N 161 -3.85 21.64 -27.33
C ALA N 161 -3.86 21.96 -25.83
N ILE N 162 -3.03 21.27 -25.07
CA ILE N 162 -2.96 21.47 -23.62
C ILE N 162 -1.90 22.55 -23.37
N LYS N 163 -2.36 23.76 -23.08
CA LYS N 163 -1.51 24.92 -22.86
C LYS N 163 -1.58 25.33 -21.40
N ALA N 164 -0.87 26.41 -21.07
CA ALA N 164 -1.01 27.08 -19.78
C ALA N 164 -1.88 28.31 -20.00
N SER N 165 -3.20 28.14 -19.89
CA SER N 165 -4.15 29.18 -20.25
C SER N 165 -5.13 29.39 -19.11
N LYS N 166 -6.02 30.38 -19.30
CA LYS N 166 -6.95 30.81 -18.27
C LYS N 166 -8.21 29.95 -18.21
N PHE N 167 -8.44 29.31 -17.07
CA PHE N 167 -9.70 28.60 -16.85
C PHE N 167 -10.64 29.47 -16.01
N SER N 168 -11.78 29.81 -16.60
CA SER N 168 -12.68 30.78 -15.99
C SER N 168 -14.06 30.21 -15.72
N GLU N 169 -14.63 29.52 -16.71
CA GLU N 169 -16.05 29.15 -16.67
C GLU N 169 -16.40 28.30 -15.45
N ARG N 170 -17.47 28.68 -14.76
CA ARG N 170 -17.94 27.95 -13.59
C ARG N 170 -19.20 27.16 -13.93
N TYR N 171 -19.43 26.08 -13.20
CA TYR N 171 -20.50 25.14 -13.51
C TYR N 171 -21.41 24.94 -12.31
N GLU N 172 -22.52 24.22 -12.55
CA GLU N 172 -23.50 23.87 -11.53
C GLU N 172 -23.73 22.37 -11.61
N VAL N 173 -23.03 21.62 -10.75
CA VAL N 173 -23.14 20.16 -10.78
C VAL N 173 -24.32 19.70 -9.93
N GLU N 174 -24.87 18.54 -10.30
CA GLU N 174 -25.98 17.97 -9.53
C GLU N 174 -25.93 16.46 -9.66
N TYR N 175 -26.04 15.76 -8.54
CA TYR N 175 -26.06 14.30 -8.50
C TYR N 175 -27.47 13.81 -8.23
N ARG N 176 -27.75 12.56 -8.59
CA ARG N 176 -29.02 11.93 -8.29
C ARG N 176 -28.84 10.44 -8.06
N THR N 177 -29.33 9.95 -6.92
CA THR N 177 -29.31 8.53 -6.62
C THR N 177 -30.56 8.19 -5.83
N ILE N 178 -30.95 6.91 -5.88
CA ILE N 178 -32.18 6.46 -5.25
C ILE N 178 -31.83 5.59 -4.05
N ALA N 179 -32.73 5.58 -3.07
CA ALA N 179 -32.54 4.83 -1.83
C ALA N 179 -33.67 3.84 -1.66
N TYR N 180 -33.37 2.71 -1.03
CA TYR N 180 -34.29 1.60 -0.87
C TYR N 180 -34.70 1.44 0.58
N ASN N 181 -35.88 0.87 0.79
CA ASN N 181 -36.39 0.60 2.13
C ASN N 181 -35.93 -0.77 2.60
N PRO N 182 -35.20 -0.85 3.72
CA PRO N 182 -34.68 -2.15 4.17
C PRO N 182 -35.75 -3.20 4.44
N ASP N 183 -36.91 -2.81 4.96
CA ASP N 183 -37.92 -3.79 5.35
C ASP N 183 -38.56 -4.45 4.13
N THR N 184 -39.23 -3.66 3.31
CA THR N 184 -39.76 -4.12 2.03
C THR N 184 -39.09 -3.36 0.91
N GLU N 185 -38.78 -4.05 -0.18
CA GLU N 185 -37.79 -3.57 -1.16
C GLU N 185 -38.49 -2.82 -2.29
N GLU N 186 -38.63 -1.52 -2.10
CA GLU N 186 -38.91 -0.60 -3.20
C GLU N 186 -38.27 0.74 -2.85
N VAL N 187 -38.13 1.59 -3.85
CA VAL N 187 -37.48 2.88 -3.67
C VAL N 187 -38.32 3.74 -2.74
N TYR N 188 -37.65 4.51 -1.89
CA TYR N 188 -38.31 5.38 -0.93
C TYR N 188 -38.12 6.85 -1.23
N SER N 189 -36.93 7.25 -1.69
CA SER N 189 -36.66 8.66 -1.94
C SER N 189 -35.51 8.80 -2.92
N ASP N 190 -35.38 9.99 -3.48
CA ASP N 190 -34.28 10.36 -4.35
C ASP N 190 -33.38 11.35 -3.62
N ILE N 191 -32.08 11.21 -3.83
CA ILE N 191 -31.08 12.01 -3.16
C ILE N 191 -30.38 12.87 -4.19
N TYR N 192 -30.39 14.19 -3.97
CA TYR N 192 -29.75 15.14 -4.87
C TYR N 192 -28.66 15.88 -4.10
N ILE N 193 -27.52 16.11 -4.72
CA ILE N 193 -26.41 16.84 -4.08
C ILE N 193 -25.97 17.94 -5.03
N GLN N 194 -26.63 19.09 -4.99
CA GLN N 194 -26.38 20.22 -5.92
C GLN N 194 -25.27 21.18 -5.47
N PHE N 195 -24.14 21.25 -6.16
CA PHE N 195 -23.06 22.23 -5.86
C PHE N 195 -23.40 23.46 -6.65
N PRO N 196 -23.35 24.70 -6.12
CA PRO N 196 -23.89 25.90 -6.80
C PRO N 196 -22.86 26.80 -7.48
N ASN N 197 -21.56 26.70 -7.22
CA ASN N 197 -20.49 27.43 -7.96
C ASN N 197 -19.23 26.59 -7.88
N VAL N 198 -18.85 25.90 -8.96
CA VAL N 198 -17.66 25.00 -8.99
C VAL N 198 -16.58 25.49 -9.96
N SER N 199 -15.31 25.24 -9.68
CA SER N 199 -14.23 25.77 -10.51
C SER N 199 -13.28 24.65 -10.92
N PRO N 200 -13.05 24.44 -12.21
CA PRO N 200 -12.13 23.39 -12.66
C PRO N 200 -10.73 23.51 -12.09
N SER N 201 -10.31 22.48 -11.35
CA SER N 201 -8.98 22.43 -10.74
C SER N 201 -8.68 21.03 -10.23
N GLY N 202 -7.60 20.89 -9.48
CA GLY N 202 -7.21 19.59 -8.98
C GLY N 202 -6.21 18.91 -9.89
N GLU N 203 -6.65 17.85 -10.58
CA GLU N 203 -5.77 17.15 -11.52
C GLU N 203 -6.56 16.23 -12.45
N PHE N 204 -5.84 15.61 -13.38
CA PHE N 204 -6.41 14.66 -14.32
C PHE N 204 -5.50 13.43 -14.35
N GLU N 205 -6.04 12.30 -14.80
CA GLU N 205 -5.24 11.08 -14.89
C GLU N 205 -5.80 10.14 -15.94
N MET N 206 -4.99 9.84 -16.96
CA MET N 206 -5.34 8.88 -18.01
C MET N 206 -4.37 7.72 -17.96
N SER N 207 -4.83 6.59 -17.43
CA SER N 207 -4.01 5.40 -17.21
C SER N 207 -4.44 4.33 -18.20
N LEU N 208 -3.64 4.13 -19.25
CA LEU N 208 -3.93 3.14 -20.29
C LEU N 208 -3.23 1.84 -19.91
N GLU N 209 -3.99 0.92 -19.32
CA GLU N 209 -3.46 -0.37 -18.92
C GLU N 209 -4.07 -1.48 -19.76
N ASN N 210 -3.35 -2.60 -19.85
CA ASN N 210 -3.61 -3.63 -20.84
C ASN N 210 -4.82 -4.49 -20.52
N GLY N 211 -5.67 -4.04 -19.61
CA GLY N 211 -6.93 -4.71 -19.34
C GLY N 211 -8.06 -4.02 -20.04
N ASN N 212 -8.79 -3.16 -19.33
CA ASN N 212 -9.89 -2.42 -19.93
C ASN N 212 -10.23 -1.25 -19.01
N ALA N 213 -11.37 -0.62 -19.29
CA ALA N 213 -11.97 0.37 -18.40
C ALA N 213 -11.02 1.54 -18.13
N LEU N 214 -10.77 2.31 -19.20
CA LEU N 214 -9.94 3.51 -19.08
C LEU N 214 -10.44 4.41 -17.96
N ALA N 215 -11.76 4.58 -17.86
CA ALA N 215 -12.41 5.29 -16.76
C ALA N 215 -11.82 6.68 -16.59
N PRO N 216 -12.12 7.63 -17.46
CA PRO N 216 -11.59 8.99 -17.31
C PRO N 216 -12.01 9.60 -15.98
N GLU N 217 -11.08 10.32 -15.37
CA GLU N 217 -11.24 10.85 -14.03
C GLU N 217 -11.11 12.36 -14.04
N ILE N 218 -12.06 13.06 -13.43
CA ILE N 218 -12.07 14.52 -13.40
C ILE N 218 -12.36 14.96 -11.97
N LYS N 219 -11.78 16.09 -11.57
CA LYS N 219 -12.00 16.65 -10.25
C LYS N 219 -12.32 18.15 -10.34
N PHE N 220 -13.02 18.64 -9.32
CA PHE N 220 -13.40 20.03 -9.21
C PHE N 220 -13.30 20.47 -7.76
N GLU N 221 -13.27 21.78 -7.55
CA GLU N 221 -13.33 22.36 -6.21
C GLU N 221 -14.51 23.32 -6.13
N ALA N 222 -15.28 23.20 -5.07
CA ALA N 222 -16.47 24.02 -4.89
C ALA N 222 -16.16 25.22 -4.00
N LEU N 223 -16.50 26.40 -4.46
CA LEU N 223 -16.29 27.64 -3.72
C LEU N 223 -17.63 28.17 -3.24
N ALA N 224 -17.57 29.05 -2.24
CA ALA N 224 -18.77 29.59 -1.63
C ALA N 224 -19.53 30.47 -2.62
N ASP N 225 -20.84 30.31 -2.64
CA ASP N 225 -21.68 31.16 -3.47
C ASP N 225 -21.68 32.59 -2.93
N THR N 226 -21.89 33.54 -3.82
CA THR N 226 -21.83 34.95 -3.43
C THR N 226 -23.13 35.41 -2.76
N ASP N 227 -24.26 35.12 -3.38
CA ASP N 227 -25.53 35.64 -2.87
C ASP N 227 -25.98 34.93 -1.60
N THR N 228 -25.89 33.60 -1.57
CA THR N 228 -26.44 32.82 -0.46
C THR N 228 -25.40 32.24 0.48
N ASP N 229 -24.10 32.43 0.19
CA ASP N 229 -23.02 31.94 1.05
C ASP N 229 -23.11 30.44 1.29
N GLU N 230 -23.47 29.70 0.24
CA GLU N 230 -23.59 28.25 0.31
C GLU N 230 -22.47 27.59 -0.49
N MET N 231 -22.27 26.32 -0.21
CA MET N 231 -21.27 25.52 -0.94
C MET N 231 -21.85 24.25 -1.52
N ALA N 232 -22.77 23.59 -0.81
CA ALA N 232 -23.36 22.34 -1.27
C ALA N 232 -24.67 22.13 -0.54
N VAL N 233 -25.65 21.57 -1.24
CA VAL N 233 -26.99 21.34 -0.71
C VAL N 233 -27.35 19.88 -0.92
N VAL N 234 -27.80 19.22 0.15
CA VAL N 234 -28.21 17.82 0.10
C VAL N 234 -29.73 17.79 0.25
N ILE N 235 -30.40 17.16 -0.70
CA ILE N 235 -31.86 17.15 -0.78
C ILE N 235 -32.34 15.71 -0.81
N GLU N 236 -33.35 15.40 0.00
CA GLU N 236 -34.00 14.11 0.01
C GLU N 236 -35.47 14.31 -0.35
N ALA N 237 -35.86 13.87 -1.54
CA ALA N 237 -37.23 14.02 -2.02
C ALA N 237 -37.92 12.67 -1.97
N SER N 238 -38.94 12.56 -1.13
CA SER N 238 -39.67 11.30 -1.00
C SER N 238 -40.51 11.04 -2.24
N ARG N 239 -40.79 9.77 -2.50
CA ARG N 239 -41.59 9.37 -3.65
C ARG N 239 -43.09 9.42 -3.38
N ASP N 240 -43.49 9.78 -2.17
CA ASP N 240 -44.90 9.92 -1.83
C ASP N 240 -45.40 11.35 -1.94
N GLU N 241 -44.60 12.25 -2.52
CA GLU N 241 -44.99 13.63 -2.70
C GLU N 241 -44.32 14.24 -3.91
N MET O 1 -9.03 48.89 25.89
CA MET O 1 -9.06 47.67 26.68
C MET O 1 -8.42 46.53 25.90
N LYS O 2 -8.41 45.33 26.48
CA LYS O 2 -7.71 44.20 25.85
C LYS O 2 -8.46 43.76 24.61
N THR O 3 -8.08 44.31 23.46
CA THR O 3 -8.68 44.00 22.18
C THR O 3 -7.60 43.55 21.21
N VAL O 4 -8.02 42.87 20.14
CA VAL O 4 -7.10 42.26 19.19
C VAL O 4 -7.32 42.89 17.81
N ILE O 5 -6.21 43.18 17.12
CA ILE O 5 -6.24 43.72 15.77
C ILE O 5 -5.84 42.62 14.81
N GLN O 6 -6.60 42.47 13.73
CA GLN O 6 -6.46 41.31 12.85
C GLN O 6 -6.19 41.64 11.39
N ASP O 7 -6.44 42.87 10.94
CA ASP O 7 -6.44 43.16 9.51
C ASP O 7 -5.79 44.53 9.27
N THR O 8 -5.96 45.03 8.05
CA THR O 8 -5.31 46.26 7.60
C THR O 8 -6.13 47.47 8.00
N ALA O 9 -5.79 48.62 7.42
CA ALA O 9 -6.46 49.88 7.69
C ALA O 9 -6.89 50.53 6.39
N ASP O 10 -8.16 50.92 6.31
CA ASP O 10 -8.63 51.74 5.21
C ASP O 10 -7.93 53.10 5.28
N VAL O 11 -7.50 53.59 4.12
CA VAL O 11 -6.69 54.80 4.02
C VAL O 11 -7.51 55.88 3.31
N TYR O 12 -7.40 57.11 3.82
CA TYR O 12 -8.04 58.27 3.22
C TYR O 12 -7.02 59.38 3.10
N PHE O 13 -7.05 60.10 1.98
CA PHE O 13 -6.14 61.18 1.68
C PHE O 13 -6.92 62.49 1.51
N LYS O 14 -6.25 63.60 1.78
CA LYS O 14 -6.81 64.93 1.56
C LYS O 14 -5.68 65.88 1.19
N ARG O 15 -5.97 66.80 0.28
CA ARG O 15 -4.99 67.80 -0.12
C ARG O 15 -5.24 69.09 0.65
N LYS O 16 -4.16 69.70 1.15
CA LYS O 16 -4.28 70.94 1.89
C LYS O 16 -4.81 72.09 1.04
N SER O 17 -4.36 72.20 -0.21
CA SER O 17 -4.62 73.41 -0.99
C SER O 17 -6.08 73.53 -1.41
N ASP O 18 -6.58 72.59 -2.19
CA ASP O 18 -7.95 72.64 -2.69
C ASP O 18 -8.87 71.64 -2.01
N GLY O 19 -8.39 70.43 -1.76
CA GLY O 19 -9.22 69.40 -1.17
C GLY O 19 -9.70 68.40 -2.20
N LYS O 20 -9.02 67.26 -2.27
CA LYS O 20 -9.39 66.20 -3.22
C LYS O 20 -9.07 64.87 -2.56
N LEU O 21 -10.09 64.11 -2.21
CA LEU O 21 -9.92 62.83 -1.53
C LEU O 21 -9.68 61.76 -2.59
N VAL O 22 -8.43 61.29 -2.69
CA VAL O 22 -8.20 60.12 -3.53
C VAL O 22 -7.78 58.96 -2.64
N PHE O 23 -8.77 58.32 -2.03
CA PHE O 23 -8.77 56.93 -1.56
C PHE O 23 -10.14 56.62 -1.00
N THR O 24 -10.73 55.51 -1.39
CA THR O 24 -12.00 55.05 -0.83
C THR O 24 -12.05 53.55 -0.62
N ALA O 25 -10.95 52.83 -0.84
CA ALA O 25 -10.99 51.38 -0.94
C ALA O 25 -9.94 50.69 -0.09
N GLU O 26 -9.77 49.40 -0.32
CA GLU O 26 -8.89 48.54 0.46
C GLU O 26 -7.43 49.00 0.38
N ALA O 27 -6.59 48.35 1.19
CA ALA O 27 -5.15 48.57 1.19
C ALA O 27 -4.48 47.25 1.52
N GLN O 28 -3.15 47.26 1.60
CA GLN O 28 -2.41 46.05 1.93
C GLN O 28 -1.48 46.26 3.12
N THR O 29 -0.91 47.46 3.25
CA THR O 29 0.00 47.74 4.35
C THR O 29 -0.16 49.19 4.78
N ALA O 30 -0.38 49.42 6.06
CA ALA O 30 -0.40 50.75 6.63
C ALA O 30 0.47 50.75 7.88
N SER O 31 1.41 51.69 7.95
CA SER O 31 2.35 51.71 9.06
C SER O 31 2.83 53.12 9.32
N PHE O 32 3.22 53.37 10.58
CA PHE O 32 3.85 54.62 10.95
C PHE O 32 4.86 54.35 12.06
N SER O 33 5.98 55.06 11.99
CA SER O 33 7.13 54.80 12.85
C SER O 33 7.62 56.10 13.48
N GLN O 34 8.15 55.97 14.69
CA GLN O 34 8.70 57.08 15.45
C GLN O 34 10.17 56.81 15.73
N ALA O 35 11.02 57.82 15.50
CA ALA O 35 12.44 57.66 15.70
C ALA O 35 13.06 58.99 16.13
N ILE O 36 14.04 58.91 17.01
CA ILE O 36 14.72 60.11 17.48
C ILE O 36 16.15 60.15 16.95
N LYS O 57 12.48 64.52 17.22
CA LYS O 57 11.52 63.45 17.00
C LYS O 57 10.99 63.47 15.57
N GLU O 58 10.99 62.31 14.91
CA GLU O 58 10.55 62.17 13.54
C GLU O 58 9.53 61.04 13.42
N ILE O 59 8.50 61.27 12.61
CA ILE O 59 7.46 60.28 12.34
C ILE O 59 7.40 60.05 10.83
N ASN O 60 7.41 58.77 10.45
CA ASN O 60 7.34 58.37 9.05
C ASN O 60 6.12 57.50 8.83
N LEU O 61 5.62 57.52 7.59
CA LEU O 61 4.42 56.78 7.21
C LEU O 61 4.70 55.93 5.98
N THR O 62 4.05 54.78 5.92
CA THR O 62 4.24 53.82 4.83
C THR O 62 2.88 53.25 4.45
N VAL O 63 2.54 53.34 3.16
CA VAL O 63 1.28 52.80 2.64
C VAL O 63 1.58 51.97 1.40
N LYS O 64 1.14 50.72 1.40
CA LYS O 64 1.26 49.82 0.26
C LYS O 64 -0.14 49.38 -0.17
N ASN O 65 -0.54 49.77 -1.38
CA ASN O 65 -1.82 49.39 -1.95
C ASN O 65 -1.69 48.07 -2.69
N ALA O 66 -2.79 47.62 -3.27
CA ALA O 66 -2.81 46.35 -4.00
C ALA O 66 -2.83 46.52 -5.51
N PHE O 67 -3.23 47.69 -6.00
CA PHE O 67 -3.35 47.94 -7.42
C PHE O 67 -2.43 49.08 -7.82
N PHE O 68 -1.83 48.97 -9.01
CA PHE O 68 -0.99 50.03 -9.53
C PHE O 68 -1.84 51.07 -10.24
N ASP O 69 -1.63 52.33 -9.89
CA ASP O 69 -2.35 53.43 -10.49
C ASP O 69 -1.45 54.66 -10.51
N LEU O 70 -1.31 55.27 -11.68
CA LEU O 70 -0.31 56.32 -11.86
C LEU O 70 -0.63 57.59 -11.09
N GLU O 71 -1.85 57.74 -10.56
CA GLU O 71 -2.14 58.89 -9.72
C GLU O 71 -1.38 58.81 -8.39
N TRP O 72 -1.10 57.60 -7.89
CA TRP O 72 -0.28 57.48 -6.70
C TRP O 72 1.14 57.95 -6.94
N LEU O 73 1.73 57.62 -8.10
CA LEU O 73 3.07 58.06 -8.42
C LEU O 73 3.16 59.54 -8.75
N ALA O 74 2.02 60.20 -8.97
CA ALA O 74 2.00 61.64 -9.14
C ALA O 74 2.05 62.38 -7.81
N MET O 75 1.83 61.67 -6.69
CA MET O 75 1.90 62.29 -5.37
C MET O 75 3.30 62.28 -4.81
N THR O 76 4.03 61.17 -4.94
CA THR O 76 5.39 61.07 -4.42
C THR O 76 6.39 61.84 -5.26
N GLN O 77 6.02 62.27 -6.45
CA GLN O 77 6.90 63.02 -7.34
C GLN O 77 6.24 64.32 -7.74
N GLY O 78 7.00 65.41 -7.72
CA GLY O 78 6.45 66.69 -8.10
C GLY O 78 6.57 66.91 -9.59
N GLU O 79 5.51 66.55 -10.31
CA GLU O 79 5.43 66.72 -11.75
C GLU O 79 4.00 66.36 -12.18
N THR O 80 3.42 67.18 -13.03
CA THR O 80 2.12 66.87 -13.58
C THR O 80 2.24 65.70 -14.55
N ILE O 81 1.32 64.74 -14.44
CA ILE O 81 1.35 63.58 -15.32
C ILE O 81 1.03 64.04 -16.74
N GLN O 82 2.05 64.01 -17.61
CA GLN O 82 1.87 64.45 -18.98
C GLN O 82 0.91 63.53 -19.72
N GLU O 83 0.02 64.14 -20.49
CA GLU O 83 -1.01 63.38 -21.20
C GLU O 83 -0.45 62.93 -22.55
N GLU O 84 -1.33 62.49 -23.45
CA GLU O 84 -0.96 61.87 -24.72
C GLU O 84 0.14 62.61 -25.45
N THR O 85 1.26 61.94 -25.70
CA THR O 85 2.37 62.48 -26.47
C THR O 85 2.92 61.41 -27.41
N LYS O 86 4.05 61.68 -28.04
CA LYS O 86 4.73 60.72 -28.89
C LYS O 86 5.98 60.23 -28.17
N VAL O 87 6.10 58.93 -28.00
CA VAL O 87 7.19 58.32 -27.24
C VAL O 87 7.87 57.26 -28.09
N LYS O 88 9.08 56.90 -27.70
CA LYS O 88 9.88 55.89 -28.38
C LYS O 88 10.02 54.69 -27.45
N VAL O 89 9.61 53.51 -27.94
CA VAL O 89 9.64 52.28 -27.17
C VAL O 89 10.35 51.21 -27.97
N PHE O 90 10.37 49.99 -27.42
CA PHE O 90 11.07 48.87 -28.02
C PHE O 90 10.09 47.75 -28.35
N ASP O 91 10.37 47.04 -29.44
CA ASP O 91 9.56 45.92 -29.87
C ASP O 91 10.48 44.80 -30.36
N ARG O 92 10.05 43.55 -30.16
CA ARG O 92 10.85 42.39 -30.50
C ARG O 92 10.02 41.43 -31.33
N GLU O 93 10.58 40.99 -32.46
CA GLU O 93 9.92 40.03 -33.35
C GLU O 93 10.65 38.71 -33.24
N HIS O 94 9.92 37.65 -32.88
CA HIS O 94 10.50 36.35 -32.58
C HIS O 94 10.23 35.40 -33.73
N GLY O 95 11.29 34.93 -34.38
CA GLY O 95 11.17 33.91 -35.41
C GLY O 95 11.11 34.45 -36.82
N LEU O 96 12.22 34.34 -37.55
CA LEU O 96 12.26 34.72 -38.96
C LEU O 96 13.07 33.69 -39.72
N ILE O 97 12.56 33.29 -40.88
CA ILE O 97 13.18 32.26 -41.71
C ILE O 97 13.91 32.93 -42.85
N VAL O 98 15.19 32.59 -43.03
CA VAL O 98 15.99 33.14 -44.12
C VAL O 98 15.62 32.43 -45.40
N ASP O 99 15.31 33.19 -46.44
CA ASP O 99 14.86 32.64 -47.71
C ASP O 99 16.06 32.26 -48.58
N ASP O 100 15.81 31.91 -49.84
CA ASP O 100 16.88 31.52 -50.75
C ASP O 100 17.81 32.69 -51.05
N THR O 101 17.25 33.88 -51.26
CA THR O 101 18.02 35.07 -51.61
C THR O 101 18.51 35.83 -50.39
N ASN O 102 18.42 35.24 -49.19
CA ASN O 102 18.86 35.86 -47.95
C ASN O 102 18.12 37.17 -47.69
N LYS O 103 16.89 37.29 -48.19
CA LYS O 103 16.08 38.50 -48.07
C LYS O 103 14.98 38.23 -47.06
N VAL O 104 15.11 38.80 -45.87
CA VAL O 104 14.15 38.64 -44.79
C VAL O 104 13.27 39.87 -44.72
N THR O 105 11.96 39.67 -44.59
CA THR O 105 11.01 40.75 -44.46
C THR O 105 10.62 40.96 -43.01
N LEU O 106 10.04 42.12 -42.73
CA LEU O 106 9.61 42.49 -41.38
C LEU O 106 8.15 42.92 -41.40
N LYS O 107 7.41 42.56 -40.35
CA LYS O 107 6.02 42.94 -40.22
C LYS O 107 5.84 44.26 -39.47
N GLY O 108 6.93 44.87 -38.99
CA GLY O 108 6.85 46.11 -38.25
C GLY O 108 7.28 47.32 -39.07
N LYS O 109 7.49 48.42 -38.36
CA LYS O 109 7.88 49.69 -38.97
C LYS O 109 9.09 50.24 -38.22
N PRO O 110 10.29 49.74 -38.54
CA PRO O 110 11.49 50.20 -37.84
C PRO O 110 11.78 51.67 -38.13
N VAL O 111 12.38 52.32 -37.13
CA VAL O 111 12.74 53.72 -37.22
C VAL O 111 14.25 53.92 -37.22
N SER O 112 14.97 53.13 -36.43
CA SER O 112 16.42 53.21 -36.31
C SER O 112 17.04 51.90 -36.79
N ASP O 113 18.33 51.75 -36.53
CA ASP O 113 19.05 50.55 -36.95
C ASP O 113 18.40 49.30 -36.37
N VAL O 114 18.16 48.32 -37.22
CA VAL O 114 17.56 47.05 -36.82
C VAL O 114 18.66 46.06 -36.46
N THR O 115 18.43 45.29 -35.41
CA THR O 115 19.40 44.35 -34.87
C THR O 115 18.91 42.92 -35.06
N PHE O 116 19.82 42.04 -35.47
CA PHE O 116 19.52 40.66 -35.77
C PHE O 116 20.41 39.74 -34.93
N TYR O 117 19.81 38.69 -34.38
CA TYR O 117 20.51 37.68 -33.60
C TYR O 117 20.28 36.31 -34.22
N ASN O 118 21.34 35.50 -34.23
CA ASN O 118 21.30 34.13 -34.70
C ASN O 118 21.22 33.18 -33.51
N LYS O 119 21.31 31.88 -33.79
CA LYS O 119 21.24 30.89 -32.72
C LYS O 119 22.53 30.85 -31.91
N LYS O 120 23.68 31.01 -32.55
CA LYS O 120 24.95 30.98 -31.83
C LYS O 120 25.08 32.15 -30.87
N GLY O 121 24.67 33.34 -31.29
CA GLY O 121 24.71 34.50 -30.41
C GLY O 121 25.37 35.72 -31.01
N LEU O 122 25.70 35.66 -32.30
CA LEU O 122 26.32 36.79 -32.95
C LEU O 122 25.27 37.87 -33.24
N THR O 123 25.75 39.08 -33.53
CA THR O 123 24.90 40.25 -33.65
C THR O 123 25.14 40.94 -34.98
N TYR O 124 24.06 41.39 -35.62
CA TYR O 124 24.13 42.18 -36.84
C TYR O 124 23.32 43.45 -36.69
N LYS O 125 23.80 44.54 -37.26
CA LYS O 125 23.13 45.84 -37.18
C LYS O 125 23.06 46.44 -38.58
N ILE O 126 21.84 46.65 -39.08
CA ILE O 126 21.61 47.12 -40.44
C ILE O 126 20.60 48.25 -40.41
N ALA O 127 20.88 49.31 -41.17
CA ALA O 127 19.97 50.45 -41.24
C ALA O 127 18.65 50.05 -41.88
N VAL O 128 17.63 50.87 -41.65
CA VAL O 128 16.27 50.55 -42.10
C VAL O 128 16.22 50.62 -43.63
N SER O 129 15.32 49.84 -44.21
CA SER O 129 15.08 49.83 -45.64
C SER O 129 13.60 50.07 -45.90
N THR O 130 13.29 51.01 -46.80
CA THR O 130 11.91 51.35 -47.10
C THR O 130 11.20 50.25 -47.88
N ASP O 131 11.94 49.42 -48.62
CA ASP O 131 11.30 48.35 -49.38
C ASP O 131 10.70 47.30 -48.45
N GLY O 132 11.37 47.01 -47.34
CA GLY O 132 10.92 46.01 -46.40
C GLY O 132 11.66 44.69 -46.43
N THR O 133 12.75 44.59 -47.21
CA THR O 133 13.55 43.38 -47.30
C THR O 133 14.99 43.69 -46.93
N TYR O 134 15.60 42.79 -46.16
CA TYR O 134 16.97 42.96 -45.71
C TYR O 134 17.80 41.76 -46.16
N THR O 135 18.95 42.04 -46.76
CA THR O 135 19.87 40.99 -47.18
C THR O 135 20.64 40.44 -45.98
N ILE O 136 20.98 39.17 -46.05
CA ILE O 136 21.68 38.47 -44.98
C ILE O 136 23.02 37.98 -45.53
N PRO O 137 24.14 38.38 -44.93
CA PRO O 137 25.44 37.86 -45.37
C PRO O 137 25.58 36.38 -45.07
N THR O 138 26.38 35.70 -45.89
CA THR O 138 26.54 34.26 -45.76
C THR O 138 27.28 33.86 -44.49
N ALA O 139 27.95 34.80 -43.84
CA ALA O 139 28.71 34.46 -42.63
C ALA O 139 27.78 34.17 -41.45
N PHE O 140 26.58 34.75 -41.44
CA PHE O 140 25.68 34.56 -40.31
C PHE O 140 24.90 33.25 -40.41
N ALA O 141 24.08 33.13 -41.46
CA ALA O 141 23.20 31.98 -41.57
C ALA O 141 22.94 31.67 -43.03
N ALA O 142 22.51 30.43 -43.29
CA ALA O 142 22.17 29.97 -44.62
C ALA O 142 20.66 30.09 -44.83
N ALA O 143 20.16 29.53 -45.93
CA ALA O 143 18.72 29.55 -46.18
C ALA O 143 17.99 28.66 -45.19
N LYS O 144 16.71 28.98 -44.98
CA LYS O 144 15.85 28.26 -44.03
C LYS O 144 16.47 28.24 -42.63
N ASP O 145 16.94 29.40 -42.19
CA ASP O 145 17.56 29.55 -40.89
C ASP O 145 16.73 30.48 -40.01
N LYS O 146 16.75 30.24 -38.71
CA LYS O 146 15.94 30.97 -37.75
C LYS O 146 16.74 32.13 -37.16
N LEU O 147 16.15 33.32 -37.20
CA LEU O 147 16.77 34.52 -36.66
C LEU O 147 15.75 35.29 -35.83
N THR O 148 16.26 36.18 -34.97
CA THR O 148 15.43 37.06 -34.17
C THR O 148 15.80 38.50 -34.48
N ALA O 149 14.81 39.40 -34.48
CA ALA O 149 15.03 40.78 -34.86
C ALA O 149 14.41 41.72 -33.83
N VAL O 150 15.09 42.85 -33.61
CA VAL O 150 14.61 43.90 -32.73
C VAL O 150 14.84 45.25 -33.38
N TYR O 151 13.98 46.22 -33.03
CA TYR O 151 14.01 47.53 -33.64
C TYR O 151 13.25 48.51 -32.74
N GLN O 152 13.31 49.78 -33.11
CA GLN O 152 12.63 50.83 -32.38
C GLN O 152 11.25 51.09 -32.99
N ILE O 153 10.32 51.55 -32.15
CA ILE O 153 8.94 51.78 -32.54
C ILE O 153 8.40 52.98 -31.76
N GLU O 154 7.69 53.86 -32.45
CA GLU O 154 7.01 54.97 -31.78
C GLU O 154 5.62 54.55 -31.34
N LYS O 155 5.13 55.19 -30.27
CA LYS O 155 3.87 54.77 -29.67
C LYS O 155 3.16 56.00 -29.09
N VAL O 156 1.93 55.78 -28.65
CA VAL O 156 1.06 56.83 -28.14
C VAL O 156 0.52 56.39 -26.78
N GLY O 157 0.57 57.28 -25.80
CA GLY O 157 0.06 56.98 -24.48
C GLY O 157 0.42 58.06 -23.49
N ARG O 158 0.18 57.77 -22.22
CA ARG O 158 0.50 58.69 -21.14
C ARG O 158 2.00 58.73 -20.90
N ARG O 159 2.42 59.57 -19.95
CA ARG O 159 3.83 59.77 -19.65
C ARG O 159 3.99 60.46 -18.31
N LEU O 160 4.97 60.00 -17.54
CA LEU O 160 5.39 60.67 -16.32
C LEU O 160 6.91 60.75 -16.30
N ALA O 161 7.43 61.84 -15.73
CA ALA O 161 8.85 62.09 -15.69
C ALA O 161 9.29 62.36 -14.26
N ILE O 162 10.50 61.91 -13.94
CA ILE O 162 11.08 62.11 -12.61
C ILE O 162 12.15 63.19 -12.74
N LYS O 163 11.95 64.29 -12.03
CA LYS O 163 12.86 65.42 -12.05
C LYS O 163 13.70 65.42 -10.79
N ALA O 164 14.46 66.49 -10.57
CA ALA O 164 15.49 66.51 -9.53
C ALA O 164 15.01 67.06 -8.20
N SER O 165 14.01 67.93 -8.18
CA SER O 165 13.69 68.66 -6.94
C SER O 165 12.24 69.14 -7.00
N LYS O 166 11.91 70.10 -6.13
CA LYS O 166 10.62 70.79 -6.09
C LYS O 166 9.49 69.84 -5.69
N PHE O 167 9.61 69.32 -4.47
CA PHE O 167 8.49 68.67 -3.78
C PHE O 167 7.77 69.73 -2.96
N SER O 168 6.60 70.14 -3.41
CA SER O 168 5.94 71.32 -2.85
C SER O 168 4.44 71.07 -2.62
N GLU O 169 4.11 69.96 -1.97
CA GLU O 169 2.73 69.67 -1.63
C GLU O 169 2.65 69.00 -0.27
N ARG O 170 1.51 69.19 0.41
CA ARG O 170 1.28 68.64 1.74
C ARG O 170 -0.09 67.98 1.78
N TYR O 171 -0.25 67.02 2.69
CA TYR O 171 -1.44 66.17 2.69
C TYR O 171 -1.92 65.93 4.11
N GLU O 172 -3.17 65.47 4.21
CA GLU O 172 -3.75 64.95 5.43
C GLU O 172 -4.08 63.48 5.21
N VAL O 173 -3.72 62.64 6.17
CA VAL O 173 -3.87 61.20 6.00
C VAL O 173 -4.71 60.64 7.14
N GLU O 174 -5.45 59.57 6.87
CA GLU O 174 -6.25 58.92 7.89
C GLU O 174 -6.28 57.41 7.68
N TYR O 175 -6.03 56.66 8.76
CA TYR O 175 -6.14 55.21 8.77
C TYR O 175 -7.28 54.78 9.69
N ARG O 176 -7.99 53.73 9.27
CA ARG O 176 -9.09 53.20 10.05
C ARG O 176 -8.97 51.68 10.15
N THR O 177 -9.22 51.13 11.34
CA THR O 177 -9.07 49.71 11.58
C THR O 177 -10.14 49.24 12.56
N ILE O 178 -10.52 47.97 12.47
CA ILE O 178 -11.51 47.36 13.35
C ILE O 178 -10.79 46.47 14.36
N ALA O 179 -11.15 46.62 15.63
CA ALA O 179 -10.53 45.87 16.72
C ALA O 179 -11.58 45.03 17.43
N TYR O 180 -11.27 43.74 17.59
CA TYR O 180 -12.19 42.72 18.08
C TYR O 180 -12.04 42.51 19.58
N ASN O 181 -13.14 42.10 20.21
CA ASN O 181 -13.17 41.73 21.62
C ASN O 181 -12.99 40.22 21.73
N PRO O 182 -11.94 39.72 22.39
CA PRO O 182 -11.66 38.29 22.35
C PRO O 182 -12.61 37.42 23.16
N ASP O 183 -13.45 38.00 24.02
CA ASP O 183 -14.31 37.18 24.86
C ASP O 183 -15.58 36.75 24.14
N THR O 184 -16.25 37.67 23.46
CA THR O 184 -17.53 37.38 22.82
C THR O 184 -17.46 37.34 21.30
N GLU O 185 -16.36 37.82 20.68
CA GLU O 185 -16.19 37.83 19.23
C GLU O 185 -17.25 38.68 18.53
N GLU O 186 -17.41 39.92 19.00
CA GLU O 186 -18.08 40.97 18.26
C GLU O 186 -17.14 42.17 18.19
N VAL O 187 -17.30 42.95 17.12
CA VAL O 187 -16.44 44.10 16.89
C VAL O 187 -16.64 45.11 18.01
N TYR O 188 -15.56 45.54 18.64
CA TYR O 188 -15.62 46.48 19.74
C TYR O 188 -15.19 47.88 19.36
N SER O 189 -14.01 48.04 18.76
CA SER O 189 -13.42 49.36 18.56
C SER O 189 -13.21 49.65 17.09
N ASP O 190 -13.31 50.94 16.75
CA ASP O 190 -12.97 51.45 15.42
C ASP O 190 -11.83 52.45 15.61
N ILE O 191 -10.61 51.96 15.52
CA ILE O 191 -9.44 52.79 15.77
C ILE O 191 -9.13 53.63 14.54
N TYR O 192 -8.80 54.89 14.77
CA TYR O 192 -8.41 55.82 13.72
C TYR O 192 -7.05 56.42 14.06
N ILE O 193 -6.27 56.69 13.03
CA ILE O 193 -5.00 57.39 13.17
C ILE O 193 -5.00 58.54 12.18
N GLN O 194 -4.87 59.76 12.68
CA GLN O 194 -4.95 60.96 11.87
C GLN O 194 -3.60 61.65 11.80
N PHE O 195 -3.22 62.08 10.59
CA PHE O 195 -1.92 62.67 10.30
C PHE O 195 -2.11 64.01 9.60
N PRO O 196 -2.03 65.13 10.31
CA PRO O 196 -2.01 66.43 9.65
C PRO O 196 -0.61 66.91 9.34
N ASN O 197 -0.50 67.68 8.25
CA ASN O 197 0.75 68.27 7.78
C ASN O 197 1.80 67.19 7.51
N VAL O 198 1.49 66.36 6.52
CA VAL O 198 2.38 65.30 6.07
C VAL O 198 2.86 65.60 4.65
N SER O 199 4.15 65.37 4.40
CA SER O 199 4.73 65.67 3.11
C SER O 199 5.33 64.41 2.48
N PRO O 200 5.24 64.27 1.17
CA PRO O 200 5.87 63.11 0.52
C PRO O 200 7.38 63.23 0.55
N SER O 201 8.04 62.12 0.86
CA SER O 201 9.48 62.10 0.99
C SER O 201 10.13 61.75 -0.35
N GLY O 202 11.44 61.54 -0.34
CA GLY O 202 12.17 61.13 -1.52
C GLY O 202 12.51 59.66 -1.60
N GLU O 203 11.87 58.82 -0.79
CA GLU O 203 12.14 57.40 -0.77
C GLU O 203 11.13 56.68 -1.66
N PHE O 204 11.62 55.81 -2.53
CA PHE O 204 10.77 55.06 -3.44
C PHE O 204 11.48 53.79 -3.88
N GLU O 205 10.86 52.64 -3.62
CA GLU O 205 11.37 51.35 -4.05
C GLU O 205 10.28 50.65 -4.84
N MET O 206 10.65 50.16 -6.03
CA MET O 206 9.70 49.50 -6.93
C MET O 206 10.38 48.26 -7.50
N SER O 207 9.97 47.09 -7.00
CA SER O 207 10.58 45.83 -7.38
C SER O 207 9.61 45.02 -8.22
N LEU O 208 10.01 44.69 -9.45
CA LEU O 208 9.20 43.87 -10.35
C LEU O 208 9.74 42.45 -10.29
N GLU O 209 9.33 41.73 -9.26
CA GLU O 209 9.82 40.38 -9.00
C GLU O 209 9.10 39.39 -9.93
N ASN O 210 9.32 38.11 -9.70
CA ASN O 210 8.80 37.05 -10.55
C ASN O 210 7.59 36.41 -9.89
N GLY O 211 6.46 36.42 -10.58
CA GLY O 211 5.27 35.75 -10.09
C GLY O 211 4.70 36.28 -8.78
N ASN O 212 4.64 37.60 -8.62
CA ASN O 212 4.04 38.19 -7.43
C ASN O 212 3.56 39.60 -7.75
N ALA O 213 2.62 40.07 -6.95
CA ALA O 213 2.06 41.40 -7.14
C ALA O 213 3.08 42.47 -6.77
N LEU O 214 2.94 43.64 -7.40
CA LEU O 214 3.91 44.71 -7.19
C LEU O 214 3.74 45.35 -5.81
N ALA O 215 2.49 45.60 -5.42
CA ALA O 215 2.16 46.28 -4.16
C ALA O 215 2.93 47.59 -4.04
N PRO O 216 2.52 48.63 -4.77
CA PRO O 216 3.31 49.87 -4.81
C PRO O 216 3.40 50.53 -3.45
N GLU O 217 4.53 51.21 -3.22
CA GLU O 217 4.88 51.76 -1.91
C GLU O 217 4.88 53.28 -1.97
N ILE O 218 4.25 53.91 -0.98
CA ILE O 218 4.25 55.36 -0.83
C ILE O 218 4.74 55.69 0.57
N LYS O 219 5.76 56.54 0.66
CA LYS O 219 6.37 56.91 1.92
C LYS O 219 6.14 58.39 2.21
N PHE O 220 5.95 58.72 3.48
CA PHE O 220 5.60 60.07 3.90
C PHE O 220 6.39 60.43 5.15
N GLU O 221 6.57 61.74 5.35
CA GLU O 221 7.20 62.27 6.55
C GLU O 221 6.25 63.26 7.21
N ALA O 222 6.03 63.09 8.51
CA ALA O 222 5.06 63.91 9.23
C ALA O 222 5.76 65.07 9.93
N LEU O 223 5.05 66.18 10.02
CA LEU O 223 5.55 67.37 10.70
C LEU O 223 4.41 68.00 11.51
N ALA O 224 4.80 68.71 12.56
CA ALA O 224 3.83 69.32 13.46
C ALA O 224 3.09 70.47 12.77
N ASP O 225 1.82 70.61 13.10
CA ASP O 225 1.03 71.72 12.60
C ASP O 225 1.25 72.95 13.47
N THR O 226 0.60 74.06 13.09
CA THR O 226 0.78 75.33 13.78
C THR O 226 -0.33 75.64 14.78
N ASP O 227 -1.58 75.31 14.45
CA ASP O 227 -2.70 75.66 15.32
C ASP O 227 -2.74 74.79 16.57
N THR O 228 -2.50 73.49 16.42
CA THR O 228 -2.62 72.55 17.54
C THR O 228 -1.31 71.86 17.91
N ASP O 229 -0.29 71.90 17.06
CA ASP O 229 1.01 71.29 17.33
C ASP O 229 0.89 69.80 17.62
N GLU O 230 0.02 69.12 16.87
CA GLU O 230 -0.16 67.68 16.98
C GLU O 230 0.43 67.01 15.74
N MET O 231 1.49 66.24 15.92
CA MET O 231 2.16 65.60 14.80
C MET O 231 1.34 64.44 14.25
N ALA O 232 0.69 63.68 15.13
CA ALA O 232 -0.18 62.58 14.74
C ALA O 232 -1.03 62.20 15.93
N VAL O 233 -2.31 61.92 15.69
CA VAL O 233 -3.20 61.58 16.79
C VAL O 233 -3.75 60.17 16.58
N VAL O 234 -3.96 59.49 17.69
CA VAL O 234 -4.52 58.13 17.71
C VAL O 234 -5.82 58.19 18.50
N ILE O 235 -6.89 57.69 17.90
CA ILE O 235 -8.23 57.83 18.43
C ILE O 235 -8.86 56.45 18.52
N GLU O 236 -9.46 56.14 19.66
CA GLU O 236 -10.16 54.88 19.86
C GLU O 236 -11.61 55.19 20.18
N ALA O 237 -12.52 54.57 19.43
CA ALA O 237 -13.94 54.76 19.61
C ALA O 237 -14.58 53.42 19.98
N SER O 238 -15.91 53.41 20.05
CA SER O 238 -16.63 52.20 20.42
C SER O 238 -17.83 51.98 19.51
N ARG O 239 -18.64 50.97 19.80
CA ARG O 239 -19.85 50.70 19.05
C ARG O 239 -21.12 51.05 19.80
N ASP O 240 -21.04 51.24 21.12
CA ASP O 240 -22.18 51.72 21.90
C ASP O 240 -22.11 53.24 22.03
N GLU O 241 -22.08 53.91 20.89
CA GLU O 241 -22.01 55.36 20.84
C GLU O 241 -22.47 55.87 19.47
#